data_4LCJ
#
_entry.id   4LCJ
#
_cell.length_a   86.151
_cell.length_b   140.605
_cell.length_c   135.126
_cell.angle_alpha   90.000
_cell.angle_beta   97.870
_cell.angle_gamma   90.000
#
_symmetry.space_group_name_H-M   'P 1 21 1'
#
loop_
_entity.id
_entity.type
_entity.pdbx_description
1 polymer 'C-terminal-binding protein 2'
2 non-polymer NICOTINAMIDE-ADENINE-DINUCLEOTIDE
3 non-polymer '4-(METHYLSULFANYL)-2-OXOBUTANOIC ACID'
4 water water
#
_entity_poly.entity_id   1
_entity_poly.type   'polypeptide(L)'
_entity_poly.pdbx_seq_one_letter_code
;GSHMASMTGGQQMGRGSHPRPLVALLDGRDCTVEMPILKDLATVAFCDAQSTQEIHEKVLNEAVGAMMYHTITLTREDLE
KFKALRVIVRIGSGYDNVDIKAAGELGIAVCNIPSAAVEETADSTICHILNLYRRNTWLYQALREGTRVQSVEQIREVAS
GAARIRGETLGLIGFGRTGQAVAVRAKAFGFSVIFYDPYLQDGIERSLGVQRVYTLQDLLYQSDCVSLHCNLNEHNHHLI
NDFTIKQMRQGAFLVNAARGGLVDEKALAQALKEGRIRGAALDVHESEPFSFAQGPLKDAPNLICTPHTAWYSEQASLEM
REAAATEIRRAITGRIPESLRNCVNKEFF
;
_entity_poly.pdbx_strand_id   A,B,C,D,E,F,G,H
#
loop_
_chem_comp.id
_chem_comp.type
_chem_comp.name
_chem_comp.formula
KMT non-polymer '4-(METHYLSULFANYL)-2-OXOBUTANOIC ACID' 'C5 H8 O3 S'
NAD non-polymer NICOTINAMIDE-ADENINE-DINUCLEOTIDE 'C21 H27 N7 O14 P2'
#
# COMPACT_ATOMS: atom_id res chain seq x y z
N ARG A 20 20.42 7.06 -15.06
CA ARG A 20 19.30 6.26 -14.53
C ARG A 20 19.28 4.84 -15.15
N PRO A 21 19.47 3.81 -14.30
CA PRO A 21 19.59 2.40 -14.70
C PRO A 21 18.46 1.99 -15.62
N LEU A 22 18.79 1.12 -16.57
CA LEU A 22 17.85 0.77 -17.62
C LEU A 22 17.02 -0.47 -17.29
N VAL A 23 15.71 -0.32 -17.47
CA VAL A 23 14.76 -1.41 -17.33
C VAL A 23 14.08 -1.59 -18.68
N ALA A 24 14.22 -2.79 -19.26
CA ALA A 24 13.80 -3.02 -20.62
C ALA A 24 12.57 -3.92 -20.66
N LEU A 25 11.60 -3.51 -21.47
CA LEU A 25 10.42 -4.32 -21.74
C LEU A 25 10.64 -5.14 -23.01
N LEU A 26 10.92 -6.43 -22.88
CA LEU A 26 11.43 -7.19 -24.02
C LEU A 26 10.43 -7.34 -25.15
N ASP A 27 9.25 -7.89 -24.87
CA ASP A 27 8.31 -8.19 -25.93
C ASP A 27 7.02 -7.38 -25.86
N GLY A 28 7.16 -6.07 -25.69
CA GLY A 28 6.01 -5.19 -25.71
C GLY A 28 6.36 -3.80 -26.25
N ARG A 29 5.33 -3.07 -26.68
CA ARG A 29 5.50 -1.73 -27.20
C ARG A 29 5.04 -0.73 -26.13
N ASP A 30 3.84 -0.95 -25.60
CA ASP A 30 3.27 -0.08 -24.58
C ASP A 30 4.19 -0.19 -23.36
N CYS A 31 4.44 0.93 -22.69
CA CYS A 31 5.33 0.92 -21.53
C CYS A 31 4.79 1.91 -20.52
N THR A 32 3.52 2.26 -20.71
CA THR A 32 2.92 3.42 -20.08
C THR A 32 2.44 3.22 -18.66
N VAL A 33 2.17 1.99 -18.27
CA VAL A 33 1.71 1.77 -16.90
C VAL A 33 2.95 1.74 -16.02
N GLU A 34 4.05 1.26 -16.58
CA GLU A 34 5.24 0.95 -15.81
C GLU A 34 6.10 2.21 -15.66
N MET A 35 6.10 3.05 -16.70
CA MET A 35 6.96 4.23 -16.72
C MET A 35 6.77 5.08 -15.47
N PRO A 36 5.56 5.62 -15.25
CA PRO A 36 5.37 6.52 -14.12
C PRO A 36 5.81 5.90 -12.80
N ILE A 37 5.73 4.59 -12.70
CA ILE A 37 6.05 3.89 -11.46
C ILE A 37 7.57 3.86 -11.27
N LEU A 38 8.31 3.97 -12.38
CA LEU A 38 9.77 3.85 -12.34
C LEU A 38 10.56 5.08 -12.82
N LYS A 39 9.88 6.05 -13.44
CA LYS A 39 10.53 7.21 -14.06
C LYS A 39 11.61 7.79 -13.16
N ASP A 40 11.28 7.94 -11.88
CA ASP A 40 12.16 8.60 -10.93
C ASP A 40 13.40 7.77 -10.54
N LEU A 41 13.44 6.50 -10.93
CA LEU A 41 14.52 5.59 -10.56
C LEU A 41 15.22 4.93 -11.73
N ALA A 42 14.55 4.89 -12.87
CA ALA A 42 15.11 4.20 -14.00
C ALA A 42 14.64 4.75 -15.32
N THR A 43 15.46 4.54 -16.34
CA THR A 43 15.06 4.78 -17.70
C THR A 43 14.33 3.52 -18.18
N VAL A 44 13.11 3.72 -18.66
CA VAL A 44 12.30 2.59 -19.10
C VAL A 44 12.21 2.61 -20.60
N ALA A 45 12.48 1.48 -21.22
CA ALA A 45 12.45 1.39 -22.66
C ALA A 45 11.81 0.08 -23.07
N PHE A 46 11.30 0.03 -24.30
CA PHE A 46 10.72 -1.19 -24.82
C PHE A 46 11.41 -1.63 -26.13
N CYS A 47 11.41 -2.93 -26.39
CA CYS A 47 12.10 -3.50 -27.54
C CYS A 47 11.15 -4.03 -28.62
N ASP A 48 9.91 -4.36 -28.23
CA ASP A 48 8.98 -5.00 -29.16
C ASP A 48 9.69 -6.15 -29.84
N ALA A 49 10.51 -6.85 -29.07
CA ALA A 49 11.30 -7.97 -29.55
C ALA A 49 10.55 -9.28 -29.36
N GLN A 50 10.50 -10.10 -30.42
CA GLN A 50 9.93 -11.45 -30.30
C GLN A 50 11.03 -12.51 -30.01
N SER A 51 12.29 -12.15 -30.20
CA SER A 51 13.37 -13.09 -29.90
C SER A 51 14.61 -12.36 -29.47
N THR A 52 15.49 -13.06 -28.77
CA THR A 52 16.75 -12.48 -28.36
C THR A 52 17.48 -11.74 -29.49
N GLN A 53 17.35 -12.24 -30.73
CA GLN A 53 18.05 -11.66 -31.89
C GLN A 53 17.64 -10.21 -32.22
N GLU A 54 16.40 -9.81 -31.87
CA GLU A 54 15.92 -8.47 -32.19
C GLU A 54 16.19 -7.49 -31.04
N ILE A 55 16.72 -8.01 -29.94
CA ILE A 55 17.05 -7.15 -28.81
C ILE A 55 18.32 -6.35 -29.13
N HIS A 56 18.20 -5.03 -29.04
CA HIS A 56 19.27 -4.09 -29.34
C HIS A 56 20.48 -4.28 -28.39
N GLU A 57 21.69 -4.07 -28.91
CA GLU A 57 22.91 -4.28 -28.14
C GLU A 57 22.96 -3.39 -26.88
N LYS A 58 22.41 -2.18 -26.97
CA LYS A 58 22.42 -1.29 -25.82
C LYS A 58 21.76 -2.00 -24.62
N VAL A 59 20.62 -2.62 -24.89
CA VAL A 59 19.83 -3.30 -23.86
C VAL A 59 20.59 -4.48 -23.29
N LEU A 60 21.19 -5.28 -24.16
CA LEU A 60 21.98 -6.41 -23.72
C LEU A 60 23.12 -6.01 -22.80
N ASN A 61 23.74 -4.86 -23.09
CA ASN A 61 24.92 -4.42 -22.34
C ASN A 61 24.56 -3.67 -21.06
N GLU A 62 23.42 -2.99 -21.07
CA GLU A 62 23.10 -2.04 -20.00
C GLU A 62 21.78 -2.25 -19.26
N ALA A 63 21.11 -3.37 -19.44
CA ALA A 63 19.82 -3.52 -18.79
C ALA A 63 20.06 -4.21 -17.47
N VAL A 64 19.61 -3.55 -16.42
CA VAL A 64 19.75 -4.08 -15.07
C VAL A 64 18.50 -4.86 -14.73
N GLY A 65 17.40 -4.47 -15.36
CA GLY A 65 16.13 -5.13 -15.14
C GLY A 65 15.36 -5.34 -16.42
N ALA A 66 14.59 -6.43 -16.47
CA ALA A 66 13.78 -6.73 -17.63
C ALA A 66 12.38 -7.17 -17.19
N MET A 67 11.40 -6.79 -18.00
CA MET A 67 10.02 -7.25 -17.85
C MET A 67 9.59 -7.89 -19.16
N MET A 68 8.86 -8.99 -19.10
CA MET A 68 8.48 -9.70 -20.32
C MET A 68 7.18 -10.47 -20.18
N TYR A 69 6.56 -10.72 -21.33
CA TYR A 69 5.36 -11.52 -21.38
C TYR A 69 5.74 -12.98 -21.70
N HIS A 70 4.85 -13.72 -22.36
CA HIS A 70 5.09 -15.12 -22.64
C HIS A 70 5.55 -15.37 -24.10
N THR A 71 5.56 -14.30 -24.90
CA THR A 71 5.74 -14.43 -26.34
C THR A 71 7.20 -14.48 -26.76
N ILE A 72 8.10 -14.36 -25.79
CA ILE A 72 9.53 -14.53 -26.02
C ILE A 72 10.10 -15.55 -25.05
N THR A 73 11.20 -16.18 -25.44
CA THR A 73 11.80 -17.19 -24.60
C THR A 73 13.26 -16.82 -24.33
N LEU A 74 13.71 -17.07 -23.11
CA LEU A 74 15.10 -16.80 -22.74
C LEU A 74 15.79 -18.09 -22.31
N THR A 75 16.60 -18.62 -23.22
CA THR A 75 17.42 -19.79 -22.96
C THR A 75 18.69 -19.41 -22.22
N ARG A 76 19.51 -20.40 -21.88
CA ARG A 76 20.77 -20.11 -21.21
C ARG A 76 21.65 -19.23 -22.09
N GLU A 77 21.78 -19.57 -23.37
CA GLU A 77 22.60 -18.76 -24.27
C GLU A 77 22.09 -17.33 -24.22
N ASP A 78 20.78 -17.16 -24.31
CA ASP A 78 20.18 -15.82 -24.31
C ASP A 78 20.49 -15.05 -23.01
N LEU A 79 20.29 -15.68 -21.86
CA LEU A 79 20.57 -15.00 -20.59
C LEU A 79 22.04 -14.61 -20.50
N GLU A 80 22.92 -15.43 -21.08
CA GLU A 80 24.35 -15.16 -21.04
C GLU A 80 24.74 -13.89 -21.81
N LYS A 81 23.92 -13.51 -22.80
CA LYS A 81 24.19 -12.30 -23.58
C LYS A 81 23.96 -11.04 -22.72
N PHE A 82 23.25 -11.17 -21.60
CA PHE A 82 22.99 -10.00 -20.76
C PHE A 82 24.17 -9.76 -19.83
N LYS A 83 24.84 -8.62 -20.00
CA LYS A 83 26.06 -8.34 -19.23
C LYS A 83 25.81 -7.63 -17.89
N ALA A 84 24.61 -7.07 -17.68
CA ALA A 84 24.29 -6.26 -16.48
C ALA A 84 23.01 -6.70 -15.74
N LEU A 85 22.20 -7.55 -16.37
CA LEU A 85 20.88 -7.91 -15.85
C LEU A 85 20.91 -8.44 -14.41
N ARG A 86 20.05 -7.90 -13.55
CA ARG A 86 19.97 -8.39 -12.16
C ARG A 86 18.61 -9.01 -11.82
N VAL A 87 17.58 -8.60 -12.54
CA VAL A 87 16.26 -9.16 -12.31
C VAL A 87 15.42 -9.25 -13.56
N ILE A 88 14.68 -10.36 -13.67
CA ILE A 88 13.67 -10.52 -14.71
C ILE A 88 12.34 -10.66 -13.99
N VAL A 89 11.33 -9.92 -14.45
CA VAL A 89 9.99 -9.99 -13.88
C VAL A 89 9.02 -10.39 -14.95
N ARG A 90 8.47 -11.58 -14.79
CA ARG A 90 7.45 -12.04 -15.70
C ARG A 90 6.15 -11.33 -15.39
N ILE A 91 5.62 -10.62 -16.38
CA ILE A 91 4.31 -10.04 -16.26
C ILE A 91 3.30 -11.13 -16.61
N GLY A 92 2.87 -11.89 -15.61
CA GLY A 92 2.09 -13.10 -15.82
C GLY A 92 2.50 -14.12 -14.77
N SER A 93 1.81 -15.25 -14.70
CA SER A 93 2.14 -16.24 -13.68
C SER A 93 3.14 -17.26 -14.21
N GLY A 94 3.06 -17.57 -15.49
CA GLY A 94 3.89 -18.63 -16.03
C GLY A 94 5.31 -18.18 -16.27
N TYR A 95 6.29 -19.02 -15.97
CA TYR A 95 7.68 -18.65 -16.21
C TYR A 95 8.46 -19.82 -16.82
N ASP A 96 7.73 -20.72 -17.46
CA ASP A 96 8.35 -21.81 -18.20
C ASP A 96 9.22 -21.26 -19.35
N ASN A 97 8.89 -20.07 -19.83
CA ASN A 97 9.59 -19.49 -20.97
C ASN A 97 10.90 -18.80 -20.58
N VAL A 98 11.29 -18.95 -19.31
CA VAL A 98 12.60 -18.48 -18.86
C VAL A 98 13.36 -19.59 -18.15
N ASP A 99 14.59 -19.85 -18.55
CA ASP A 99 15.40 -20.86 -17.87
C ASP A 99 15.85 -20.35 -16.50
N ILE A 100 15.01 -20.52 -15.49
CA ILE A 100 15.21 -19.92 -14.19
C ILE A 100 16.42 -20.43 -13.42
N LYS A 101 16.88 -21.64 -13.71
CA LYS A 101 18.07 -22.16 -13.05
C LYS A 101 19.32 -21.49 -13.64
N ALA A 102 19.35 -21.36 -14.97
CA ALA A 102 20.45 -20.67 -15.63
C ALA A 102 20.52 -19.25 -15.13
N ALA A 103 19.38 -18.57 -15.11
CA ALA A 103 19.29 -17.20 -14.62
C ALA A 103 19.87 -17.14 -13.21
N GLY A 104 19.39 -18.04 -12.37
CA GLY A 104 19.81 -18.10 -10.99
C GLY A 104 21.31 -18.30 -10.85
N GLU A 105 21.89 -19.15 -11.71
CA GLU A 105 23.33 -19.43 -11.70
C GLU A 105 24.15 -18.21 -12.11
N LEU A 106 23.61 -17.40 -13.00
CA LEU A 106 24.25 -16.18 -13.42
C LEU A 106 23.93 -14.99 -12.48
N GLY A 107 23.34 -15.25 -11.32
CA GLY A 107 23.05 -14.20 -10.35
C GLY A 107 21.90 -13.27 -10.74
N ILE A 108 20.98 -13.79 -11.55
CA ILE A 108 19.79 -13.03 -11.96
C ILE A 108 18.55 -13.60 -11.27
N ALA A 109 17.76 -12.72 -10.67
CA ALA A 109 16.56 -13.12 -9.97
C ALA A 109 15.39 -13.06 -10.95
N VAL A 110 14.51 -14.04 -10.86
CA VAL A 110 13.34 -14.08 -11.72
C VAL A 110 12.10 -14.06 -10.83
N CYS A 111 11.16 -13.19 -11.18
CA CYS A 111 9.91 -13.04 -10.46
C CYS A 111 8.73 -13.16 -11.40
N ASN A 112 7.57 -13.43 -10.83
CA ASN A 112 6.32 -13.43 -11.60
C ASN A 112 5.21 -12.66 -10.91
N ILE A 113 4.07 -12.54 -11.60
CA ILE A 113 2.86 -12.02 -10.99
C ILE A 113 1.83 -13.15 -10.90
N PRO A 114 1.73 -13.78 -9.72
CA PRO A 114 1.01 -15.05 -9.58
C PRO A 114 -0.50 -14.93 -9.29
N SER A 115 -1.03 -13.72 -9.12
CA SER A 115 -2.35 -13.58 -8.52
C SER A 115 -3.23 -12.52 -9.18
N ALA A 116 -2.93 -12.09 -10.40
CA ALA A 116 -3.69 -10.96 -10.95
C ALA A 116 -4.81 -11.40 -11.84
N ALA A 117 -4.68 -12.60 -12.38
CA ALA A 117 -5.67 -13.11 -13.31
C ALA A 117 -6.17 -14.48 -12.88
N VAL A 118 -6.11 -14.79 -11.58
CA VAL A 118 -6.55 -16.11 -11.12
C VAL A 118 -8.03 -16.33 -11.42
N GLU A 119 -8.86 -15.42 -10.95
CA GLU A 119 -10.30 -15.56 -11.11
C GLU A 119 -10.73 -15.38 -12.56
N GLU A 120 -10.08 -14.48 -13.27
CA GLU A 120 -10.31 -14.35 -14.71
C GLU A 120 -10.08 -15.67 -15.41
N THR A 121 -9.03 -16.38 -15.02
CA THR A 121 -8.67 -17.62 -15.68
C THR A 121 -9.65 -18.72 -15.25
N ALA A 122 -10.02 -18.71 -13.98
CA ALA A 122 -10.96 -19.69 -13.47
C ALA A 122 -12.29 -19.50 -14.18
N ASP A 123 -12.72 -18.26 -14.33
CA ASP A 123 -13.97 -17.96 -15.01
C ASP A 123 -13.95 -18.42 -16.46
N SER A 124 -12.86 -18.14 -17.16
CA SER A 124 -12.70 -18.57 -18.54
C SER A 124 -12.67 -20.08 -18.65
N THR A 125 -12.03 -20.72 -17.69
CA THR A 125 -11.96 -22.16 -17.70
C THR A 125 -13.38 -22.74 -17.59
N ILE A 126 -14.11 -22.31 -16.56
CA ILE A 126 -15.46 -22.77 -16.34
C ILE A 126 -16.32 -22.51 -17.55
N CYS A 127 -16.13 -21.36 -18.18
CA CYS A 127 -16.83 -21.04 -19.43
C CYS A 127 -16.50 -22.09 -20.51
N HIS A 128 -15.23 -22.45 -20.67
CA HIS A 128 -14.87 -23.50 -21.64
C HIS A 128 -15.62 -24.83 -21.33
N ILE A 129 -15.57 -25.24 -20.06
CA ILE A 129 -16.25 -26.45 -19.62
C ILE A 129 -17.76 -26.46 -19.92
N LEU A 130 -18.45 -25.37 -19.59
CA LEU A 130 -19.88 -25.27 -19.86
C LEU A 130 -20.19 -25.26 -21.35
N ASN A 131 -19.32 -24.63 -22.13
CA ASN A 131 -19.51 -24.61 -23.57
C ASN A 131 -19.48 -26.01 -24.17
N LEU A 132 -18.67 -26.86 -23.56
CA LEU A 132 -18.56 -28.27 -23.94
C LEU A 132 -19.76 -29.10 -23.51
N TYR A 133 -20.22 -28.87 -22.28
CA TYR A 133 -21.32 -29.60 -21.68
C TYR A 133 -22.68 -29.18 -22.19
N ARG A 134 -22.83 -27.90 -22.52
CA ARG A 134 -24.13 -27.40 -22.95
C ARG A 134 -24.15 -27.01 -24.41
N ARG A 135 -22.97 -26.87 -25.00
CA ARG A 135 -22.85 -26.63 -26.45
C ARG A 135 -23.31 -25.24 -26.88
N ASN A 136 -23.17 -24.27 -25.98
CA ASN A 136 -23.54 -22.89 -26.26
C ASN A 136 -22.83 -22.31 -27.49
N THR A 137 -21.51 -22.50 -27.56
CA THR A 137 -20.73 -21.98 -28.67
C THR A 137 -21.12 -22.67 -29.98
N TRP A 138 -21.23 -23.99 -29.96
CA TRP A 138 -21.55 -24.71 -31.19
C TRP A 138 -22.96 -24.39 -31.67
N LEU A 139 -23.91 -24.19 -30.76
CA LEU A 139 -25.29 -23.85 -31.12
C LEU A 139 -25.42 -22.46 -31.74
N TYR A 140 -24.68 -21.51 -31.18
CA TYR A 140 -24.59 -20.20 -31.80
C TYR A 140 -24.06 -20.35 -33.23
N GLN A 141 -22.99 -21.13 -33.39
CA GLN A 141 -22.39 -21.38 -34.70
C GLN A 141 -23.40 -22.02 -35.65
N ALA A 142 -24.15 -22.98 -35.15
CA ALA A 142 -25.16 -23.66 -35.94
C ALA A 142 -26.15 -22.65 -36.47
N LEU A 143 -26.52 -21.70 -35.62
CA LEU A 143 -27.49 -20.70 -36.02
C LEU A 143 -26.91 -19.75 -37.06
N ARG A 144 -25.65 -19.35 -36.87
CA ARG A 144 -24.95 -18.48 -37.82
C ARG A 144 -24.86 -19.17 -39.18
N GLU A 145 -24.73 -20.49 -39.14
CA GLU A 145 -24.67 -21.33 -40.35
C GLU A 145 -26.05 -21.51 -40.99
N GLY A 146 -27.08 -20.99 -40.34
CA GLY A 146 -28.41 -20.91 -40.93
C GLY A 146 -29.32 -22.08 -40.59
N THR A 147 -28.95 -22.85 -39.57
CA THR A 147 -29.76 -24.00 -39.22
C THR A 147 -31.10 -23.50 -38.66
N ARG A 148 -32.18 -24.06 -39.17
CA ARG A 148 -33.52 -23.70 -38.72
C ARG A 148 -33.98 -24.78 -37.74
N VAL A 149 -34.32 -24.35 -36.52
CA VAL A 149 -34.67 -25.28 -35.46
C VAL A 149 -36.10 -24.98 -35.00
N GLN A 150 -37.06 -25.60 -35.69
CA GLN A 150 -38.49 -25.33 -35.52
C GLN A 150 -39.21 -26.27 -34.54
N SER A 151 -39.02 -27.57 -34.74
CA SER A 151 -39.75 -28.55 -33.95
C SER A 151 -38.92 -28.97 -32.74
N VAL A 152 -39.59 -29.52 -31.75
CA VAL A 152 -38.91 -30.00 -30.56
C VAL A 152 -37.95 -31.11 -30.93
N GLU A 153 -38.37 -31.94 -31.89
CA GLU A 153 -37.54 -33.05 -32.31
C GLU A 153 -36.25 -32.47 -32.89
N GLN A 154 -36.38 -31.43 -33.69
CA GLN A 154 -35.22 -30.78 -34.27
C GLN A 154 -34.29 -30.14 -33.21
N ILE A 155 -34.89 -29.63 -32.12
CA ILE A 155 -34.10 -29.03 -31.05
C ILE A 155 -33.20 -30.08 -30.41
N ARG A 156 -33.77 -31.24 -30.12
CA ARG A 156 -32.97 -32.29 -29.52
C ARG A 156 -31.86 -32.68 -30.47
N GLU A 157 -32.14 -32.66 -31.77
CA GLU A 157 -31.13 -33.08 -32.74
C GLU A 157 -29.93 -32.13 -32.66
N VAL A 158 -30.15 -30.81 -32.79
CA VAL A 158 -29.04 -29.81 -32.76
C VAL A 158 -28.31 -29.79 -31.43
N ALA A 159 -29.04 -30.00 -30.33
CA ALA A 159 -28.41 -29.94 -29.02
C ALA A 159 -27.91 -31.30 -28.55
N SER A 160 -27.89 -32.28 -29.45
CA SER A 160 -27.42 -33.61 -29.09
C SER A 160 -26.04 -33.53 -28.44
N GLY A 161 -25.87 -34.27 -27.36
CA GLY A 161 -24.63 -34.28 -26.60
C GLY A 161 -24.69 -33.33 -25.42
N ALA A 162 -25.60 -32.37 -25.48
CA ALA A 162 -25.78 -31.46 -24.38
C ALA A 162 -26.08 -32.36 -23.20
N ALA A 163 -25.40 -32.16 -22.09
CA ALA A 163 -25.44 -33.10 -21.01
C ALA A 163 -25.91 -32.48 -19.71
N ARG A 164 -26.45 -33.34 -18.85
CA ARG A 164 -26.76 -32.98 -17.49
C ARG A 164 -25.46 -33.01 -16.71
N ILE A 165 -25.13 -31.94 -16.01
CA ILE A 165 -23.85 -31.85 -15.32
C ILE A 165 -23.85 -32.54 -13.96
N ARG A 166 -24.93 -32.45 -13.21
CA ARG A 166 -24.93 -33.02 -11.87
C ARG A 166 -24.54 -34.51 -11.89
N GLY A 167 -23.51 -34.89 -11.12
CA GLY A 167 -23.07 -36.26 -11.06
C GLY A 167 -21.77 -36.53 -11.80
N GLU A 168 -21.46 -35.66 -12.77
CA GLU A 168 -20.22 -35.79 -13.52
C GLU A 168 -19.02 -35.54 -12.63
N THR A 169 -17.90 -36.18 -12.97
CA THR A 169 -16.66 -36.00 -12.24
C THR A 169 -15.72 -35.12 -13.07
N LEU A 170 -15.28 -34.05 -12.42
CA LEU A 170 -14.35 -33.11 -12.99
C LEU A 170 -12.99 -33.33 -12.32
N GLY A 171 -12.00 -33.70 -13.12
CA GLY A 171 -10.66 -33.94 -12.63
C GLY A 171 -9.70 -32.84 -13.01
N LEU A 172 -9.10 -32.21 -12.00
CA LEU A 172 -8.15 -31.14 -12.20
C LEU A 172 -6.73 -31.61 -11.99
N ILE A 173 -5.89 -31.43 -13.01
CA ILE A 173 -4.48 -31.72 -12.92
C ILE A 173 -3.73 -30.45 -12.55
N GLY A 174 -3.31 -30.37 -11.30
CA GLY A 174 -2.77 -29.14 -10.74
C GLY A 174 -3.80 -28.47 -9.87
N PHE A 175 -3.48 -28.30 -8.59
CA PHE A 175 -4.43 -27.74 -7.64
C PHE A 175 -3.79 -26.58 -6.92
N GLY A 176 -3.35 -25.60 -7.71
CA GLY A 176 -2.83 -24.36 -7.20
C GLY A 176 -3.90 -23.27 -7.15
N ARG A 177 -3.55 -22.09 -7.65
CA ARG A 177 -4.42 -20.94 -7.56
C ARG A 177 -5.62 -21.06 -8.50
N THR A 178 -5.35 -21.37 -9.77
CA THR A 178 -6.41 -21.44 -10.76
C THR A 178 -7.25 -22.69 -10.53
N GLY A 179 -6.58 -23.79 -10.19
CA GLY A 179 -7.21 -25.05 -9.91
C GLY A 179 -8.17 -24.95 -8.75
N GLN A 180 -7.72 -24.35 -7.66
CA GLN A 180 -8.59 -24.20 -6.50
C GLN A 180 -9.77 -23.30 -6.85
N ALA A 181 -9.52 -22.22 -7.58
CA ALA A 181 -10.58 -21.28 -7.95
C ALA A 181 -11.62 -21.99 -8.81
N VAL A 182 -11.15 -22.86 -9.70
CA VAL A 182 -12.04 -23.61 -10.57
C VAL A 182 -12.87 -24.60 -9.77
N ALA A 183 -12.25 -25.26 -8.80
CA ALA A 183 -12.94 -26.22 -7.93
C ALA A 183 -14.14 -25.60 -7.24
N VAL A 184 -13.86 -24.43 -6.65
CA VAL A 184 -14.82 -23.67 -5.89
C VAL A 184 -16.05 -23.33 -6.71
N ARG A 185 -15.86 -23.06 -7.99
CA ARG A 185 -16.97 -22.66 -8.86
C ARG A 185 -17.70 -23.88 -9.37
N ALA A 186 -16.99 -24.99 -9.49
CA ALA A 186 -17.58 -26.18 -10.09
C ALA A 186 -18.60 -26.82 -9.16
N LYS A 187 -18.40 -26.69 -7.86
CA LYS A 187 -19.25 -27.41 -6.94
C LYS A 187 -20.73 -27.18 -7.14
N ALA A 188 -21.09 -25.90 -7.31
CA ALA A 188 -22.49 -25.49 -7.35
C ALA A 188 -23.20 -26.06 -8.55
N PHE A 189 -22.44 -26.46 -9.56
CA PHE A 189 -23.05 -27.06 -10.74
C PHE A 189 -23.34 -28.56 -10.54
N GLY A 190 -22.82 -29.13 -9.46
CA GLY A 190 -23.00 -30.54 -9.18
C GLY A 190 -21.84 -31.40 -9.66
N PHE A 191 -20.75 -30.77 -10.05
CA PHE A 191 -19.57 -31.53 -10.40
C PHE A 191 -19.03 -32.19 -9.14
N SER A 192 -18.59 -33.43 -9.26
CA SER A 192 -17.81 -34.04 -8.21
C SER A 192 -16.33 -33.74 -8.53
N VAL A 193 -15.64 -33.05 -7.63
CA VAL A 193 -14.31 -32.51 -7.92
C VAL A 193 -13.21 -33.38 -7.31
N ILE A 194 -12.27 -33.73 -8.17
CA ILE A 194 -11.19 -34.64 -7.85
C ILE A 194 -9.93 -33.95 -8.36
N PHE A 195 -8.80 -34.08 -7.68
CA PHE A 195 -7.61 -33.45 -8.21
C PHE A 195 -6.34 -34.26 -8.00
N TYR A 196 -5.33 -34.01 -8.84
CA TYR A 196 -4.02 -34.63 -8.68
C TYR A 196 -2.93 -33.54 -8.66
N ASP A 197 -2.14 -33.53 -7.60
CA ASP A 197 -1.07 -32.55 -7.46
C ASP A 197 0.00 -33.13 -6.56
N PRO A 198 1.05 -33.70 -7.17
CA PRO A 198 2.07 -34.45 -6.45
C PRO A 198 3.09 -33.58 -5.72
N TYR A 199 2.98 -32.26 -5.88
CA TYR A 199 3.92 -31.34 -5.22
C TYR A 199 3.25 -30.65 -4.03
N LEU A 200 1.92 -30.74 -3.98
CA LEU A 200 1.13 -30.12 -2.90
C LEU A 200 1.31 -30.82 -1.58
N GLN A 201 1.29 -30.05 -0.52
CA GLN A 201 1.30 -30.60 0.81
C GLN A 201 -0.07 -31.28 1.12
N ASP A 202 -0.07 -32.15 2.13
CA ASP A 202 -1.29 -32.79 2.56
C ASP A 202 -2.20 -31.84 3.35
N GLY A 203 -3.49 -31.93 3.09
CA GLY A 203 -4.48 -31.22 3.87
C GLY A 203 -5.43 -30.38 3.07
N ILE A 204 -4.95 -29.82 1.97
CA ILE A 204 -5.78 -28.93 1.20
C ILE A 204 -7.06 -29.61 0.72
N GLU A 205 -6.96 -30.90 0.39
CA GLU A 205 -8.11 -31.67 -0.06
C GLU A 205 -9.22 -31.60 0.99
N ARG A 206 -8.82 -31.56 2.26
CA ARG A 206 -9.77 -31.48 3.37
C ARG A 206 -10.32 -30.06 3.53
N SER A 207 -9.45 -29.06 3.51
CA SER A 207 -9.89 -27.67 3.64
C SER A 207 -11.00 -27.34 2.64
N LEU A 208 -10.79 -27.65 1.38
CA LEU A 208 -11.78 -27.32 0.34
C LEU A 208 -12.84 -28.39 0.11
N GLY A 209 -12.82 -29.46 0.90
CA GLY A 209 -13.83 -30.51 0.83
C GLY A 209 -13.97 -31.17 -0.53
N VAL A 210 -12.84 -31.56 -1.12
CA VAL A 210 -12.82 -32.28 -2.39
C VAL A 210 -11.96 -33.55 -2.28
N GLN A 211 -12.06 -34.45 -3.26
CA GLN A 211 -11.29 -35.68 -3.25
C GLN A 211 -9.93 -35.49 -3.97
N ARG A 212 -8.89 -36.09 -3.40
CA ARG A 212 -7.54 -36.05 -3.96
C ARG A 212 -7.10 -37.43 -4.38
N VAL A 213 -6.54 -37.55 -5.56
CA VAL A 213 -5.95 -38.82 -5.97
C VAL A 213 -4.44 -38.64 -6.04
N TYR A 214 -3.71 -39.74 -5.99
CA TYR A 214 -2.25 -39.69 -5.82
C TYR A 214 -1.44 -40.25 -7.03
N THR A 215 -2.14 -40.56 -8.12
CA THR A 215 -1.50 -40.87 -9.40
C THR A 215 -2.32 -40.25 -10.53
N LEU A 216 -1.63 -39.80 -11.57
CA LEU A 216 -2.29 -39.25 -12.75
C LEU A 216 -3.24 -40.28 -13.37
N GLN A 217 -2.87 -41.55 -13.33
CA GLN A 217 -3.72 -42.58 -13.92
C GLN A 217 -5.07 -42.61 -13.23
N ASP A 218 -5.07 -42.58 -11.88
CA ASP A 218 -6.35 -42.61 -11.15
C ASP A 218 -7.22 -41.43 -11.52
N LEU A 219 -6.61 -40.25 -11.67
CA LEU A 219 -7.36 -39.05 -11.98
C LEU A 219 -8.00 -39.20 -13.35
N LEU A 220 -7.26 -39.79 -14.28
CA LEU A 220 -7.77 -39.95 -15.63
C LEU A 220 -8.87 -41.01 -15.67
N TYR A 221 -8.69 -42.08 -14.89
CA TYR A 221 -9.65 -43.18 -14.89
C TYR A 221 -11.01 -42.64 -14.46
N GLN A 222 -11.00 -41.72 -13.51
CA GLN A 222 -12.24 -41.29 -12.89
C GLN A 222 -12.92 -40.06 -13.49
N SER A 223 -12.29 -39.35 -14.43
CA SER A 223 -12.82 -38.06 -14.85
C SER A 223 -13.65 -38.10 -16.14
N ASP A 224 -14.80 -37.45 -16.12
CA ASP A 224 -15.64 -37.25 -17.31
C ASP A 224 -15.15 -36.01 -18.03
N CYS A 225 -14.60 -35.08 -17.26
CA CYS A 225 -13.99 -33.90 -17.81
C CYS A 225 -12.67 -33.66 -17.12
N VAL A 226 -11.62 -33.54 -17.91
CA VAL A 226 -10.28 -33.29 -17.37
C VAL A 226 -9.86 -31.87 -17.72
N SER A 227 -9.37 -31.15 -16.72
CA SER A 227 -8.88 -29.80 -16.92
C SER A 227 -7.49 -29.60 -16.36
N LEU A 228 -6.61 -29.02 -17.18
CA LEU A 228 -5.21 -28.75 -16.80
C LEU A 228 -5.02 -27.39 -16.08
N HIS A 229 -4.37 -27.40 -14.93
CA HIS A 229 -4.07 -26.17 -14.20
C HIS A 229 -2.71 -26.25 -13.52
N CYS A 230 -1.79 -26.95 -14.16
CA CYS A 230 -0.43 -27.12 -13.64
C CYS A 230 0.52 -26.24 -14.40
N ASN A 231 1.60 -25.81 -13.75
CA ASN A 231 2.63 -25.03 -14.43
C ASN A 231 3.51 -25.96 -15.25
N LEU A 232 3.90 -25.52 -16.43
CA LEU A 232 4.72 -26.32 -17.31
C LEU A 232 6.14 -26.31 -16.81
N ASN A 233 6.68 -27.49 -16.56
CA ASN A 233 8.02 -27.62 -16.04
C ASN A 233 8.76 -28.77 -16.73
N GLU A 234 9.98 -29.00 -16.28
CA GLU A 234 10.87 -29.99 -16.86
C GLU A 234 10.23 -31.36 -16.94
N HIS A 235 9.29 -31.66 -16.05
CA HIS A 235 8.88 -33.06 -15.98
C HIS A 235 7.52 -33.35 -16.60
N ASN A 236 6.77 -32.32 -17.00
CA ASN A 236 5.40 -32.55 -17.44
C ASN A 236 5.15 -32.06 -18.85
N HIS A 237 6.20 -32.00 -19.65
CA HIS A 237 6.01 -31.69 -21.04
C HIS A 237 5.20 -32.83 -21.67
N HIS A 238 4.21 -32.49 -22.47
CA HIS A 238 3.35 -33.50 -23.05
C HIS A 238 2.81 -34.47 -22.00
N LEU A 239 2.43 -33.93 -20.83
CA LEU A 239 1.75 -34.67 -19.78
C LEU A 239 0.61 -35.50 -20.37
N ILE A 240 -0.18 -34.83 -21.20
CA ILE A 240 -1.25 -35.46 -21.96
C ILE A 240 -0.70 -35.88 -23.33
N ASN A 241 -0.49 -37.18 -23.48
CA ASN A 241 0.11 -37.73 -24.68
C ASN A 241 -0.70 -38.90 -25.16
N ASP A 242 -0.18 -39.59 -26.16
CA ASP A 242 -0.88 -40.74 -26.74
C ASP A 242 -1.18 -41.81 -25.68
N PHE A 243 -0.23 -42.00 -24.78
CA PHE A 243 -0.28 -43.02 -23.75
C PHE A 243 -1.33 -42.70 -22.68
N THR A 244 -1.27 -41.47 -22.15
CA THR A 244 -2.15 -41.05 -21.05
C THR A 244 -3.61 -40.83 -21.49
N ILE A 245 -3.79 -40.39 -22.73
CA ILE A 245 -5.10 -40.27 -23.32
C ILE A 245 -5.78 -41.64 -23.29
N LYS A 246 -5.02 -42.71 -23.48
CA LYS A 246 -5.60 -44.04 -23.45
C LYS A 246 -6.01 -44.40 -22.01
N GLN A 247 -5.52 -43.67 -21.02
CA GLN A 247 -5.97 -43.86 -19.64
C GLN A 247 -7.28 -43.08 -19.35
N MET A 248 -7.69 -42.23 -20.27
CA MET A 248 -8.93 -41.48 -20.12
C MET A 248 -10.19 -42.26 -20.55
N ARG A 249 -11.32 -41.90 -19.92
CA ARG A 249 -12.62 -42.51 -20.20
C ARG A 249 -13.11 -42.22 -21.60
N GLN A 250 -13.70 -43.21 -22.24
CA GLN A 250 -14.31 -43.03 -23.54
C GLN A 250 -15.22 -41.81 -23.53
N GLY A 251 -14.98 -40.88 -24.46
CA GLY A 251 -15.85 -39.73 -24.61
C GLY A 251 -15.66 -38.66 -23.54
N ALA A 252 -14.45 -38.58 -22.98
CA ALA A 252 -14.13 -37.57 -21.99
C ALA A 252 -13.91 -36.23 -22.66
N PHE A 253 -13.92 -35.18 -21.84
CA PHE A 253 -13.64 -33.83 -22.27
C PHE A 253 -12.27 -33.41 -21.78
N LEU A 254 -11.58 -32.62 -22.59
CA LEU A 254 -10.33 -32.03 -22.16
C LEU A 254 -10.39 -30.51 -22.29
N VAL A 255 -9.98 -29.83 -21.22
CA VAL A 255 -9.88 -28.37 -21.22
C VAL A 255 -8.48 -28.00 -20.78
N ASN A 256 -7.87 -27.11 -21.54
CA ASN A 256 -6.53 -26.66 -21.25
C ASN A 256 -6.39 -25.17 -21.37
N ALA A 257 -6.36 -24.50 -20.21
CA ALA A 257 -6.08 -23.07 -20.12
C ALA A 257 -4.78 -22.83 -19.34
N ALA A 258 -3.88 -23.82 -19.28
CA ALA A 258 -2.60 -23.63 -18.60
C ALA A 258 -1.51 -23.31 -19.62
N ARG A 259 -0.89 -24.36 -20.18
CA ARG A 259 0.15 -24.21 -21.19
C ARG A 259 -0.03 -25.27 -22.29
N GLY A 260 0.21 -24.87 -23.54
CA GLY A 260 0.00 -25.72 -24.69
C GLY A 260 1.00 -26.87 -24.76
N GLY A 261 2.14 -26.69 -24.11
CA GLY A 261 3.18 -27.69 -24.10
C GLY A 261 2.82 -28.89 -23.27
N LEU A 262 1.74 -28.76 -22.48
CA LEU A 262 1.25 -29.88 -21.67
C LEU A 262 0.60 -30.97 -22.52
N VAL A 263 0.19 -30.61 -23.74
CA VAL A 263 -0.60 -31.51 -24.60
C VAL A 263 0.06 -31.82 -25.95
N ASP A 264 0.22 -33.11 -26.28
CA ASP A 264 0.71 -33.48 -27.59
C ASP A 264 -0.48 -33.32 -28.54
N GLU A 265 -0.48 -32.23 -29.29
CA GLU A 265 -1.62 -31.92 -30.14
C GLU A 265 -1.85 -32.94 -31.23
N LYS A 266 -0.78 -33.56 -31.68
CA LYS A 266 -0.89 -34.63 -32.67
C LYS A 266 -1.71 -35.77 -32.07
N ALA A 267 -1.36 -36.15 -30.83
CA ALA A 267 -2.05 -37.22 -30.14
C ALA A 267 -3.53 -36.86 -29.95
N LEU A 268 -3.78 -35.64 -29.45
CA LEU A 268 -5.14 -35.16 -29.21
C LEU A 268 -5.97 -35.14 -30.49
N ALA A 269 -5.34 -34.74 -31.59
CA ALA A 269 -6.02 -34.71 -32.88
C ALA A 269 -6.62 -36.07 -33.22
N GLN A 270 -5.84 -37.13 -33.08
CA GLN A 270 -6.32 -38.46 -33.43
C GLN A 270 -7.46 -38.89 -32.50
N ALA A 271 -7.31 -38.60 -31.22
CA ALA A 271 -8.31 -38.97 -30.22
C ALA A 271 -9.64 -38.32 -30.54
N LEU A 272 -9.59 -37.07 -30.97
CA LEU A 272 -10.81 -36.37 -31.34
C LEU A 272 -11.44 -37.03 -32.57
N LYS A 273 -10.63 -37.25 -33.60
CA LYS A 273 -11.10 -37.86 -34.83
C LYS A 273 -11.75 -39.19 -34.57
N GLU A 274 -11.13 -39.97 -33.68
CA GLU A 274 -11.60 -41.31 -33.38
C GLU A 274 -12.76 -41.30 -32.37
N GLY A 275 -13.07 -40.12 -31.81
CA GLY A 275 -14.16 -40.00 -30.84
C GLY A 275 -13.80 -40.41 -29.42
N ARG A 276 -12.57 -40.89 -29.20
CA ARG A 276 -12.14 -41.35 -27.89
C ARG A 276 -12.26 -40.19 -26.92
N ILE A 277 -12.06 -38.99 -27.44
CA ILE A 277 -12.32 -37.74 -26.73
C ILE A 277 -13.45 -37.00 -27.43
N ARG A 278 -14.51 -36.71 -26.68
CA ARG A 278 -15.74 -36.17 -27.26
C ARG A 278 -15.58 -34.71 -27.68
N GLY A 279 -14.73 -33.97 -26.96
CA GLY A 279 -14.50 -32.59 -27.31
C GLY A 279 -13.44 -31.97 -26.44
N ALA A 280 -12.79 -30.92 -26.96
CA ALA A 280 -11.74 -30.25 -26.23
C ALA A 280 -11.91 -28.73 -26.36
N ALA A 281 -11.54 -28.01 -25.30
CA ALA A 281 -11.54 -26.54 -25.29
C ALA A 281 -10.16 -26.06 -24.87
N LEU A 282 -9.47 -25.37 -25.77
CA LEU A 282 -8.08 -24.99 -25.57
C LEU A 282 -7.84 -23.51 -25.67
N ASP A 283 -7.30 -22.95 -24.61
CA ASP A 283 -6.88 -21.55 -24.60
C ASP A 283 -5.40 -21.42 -24.92
N VAL A 284 -4.67 -22.52 -24.90
CA VAL A 284 -3.24 -22.47 -25.10
C VAL A 284 -2.73 -23.64 -25.98
N HIS A 285 -1.60 -23.43 -26.66
CA HIS A 285 -1.12 -24.35 -27.69
C HIS A 285 0.38 -24.49 -27.75
N GLU A 286 0.84 -25.62 -28.29
CA GLU A 286 2.28 -25.88 -28.46
C GLU A 286 2.96 -24.76 -29.22
N SER A 287 2.31 -24.31 -30.29
CA SER A 287 2.78 -23.19 -31.09
C SER A 287 1.74 -22.08 -31.15
N GLU A 288 2.04 -20.94 -30.53
CA GLU A 288 1.16 -19.77 -30.62
C GLU A 288 1.84 -18.68 -31.44
N PRO A 289 1.08 -17.90 -32.21
CA PRO A 289 -0.39 -17.87 -32.26
C PRO A 289 -1.01 -19.04 -33.00
N PHE A 290 -2.15 -19.46 -32.47
CA PHE A 290 -2.92 -20.58 -33.00
C PHE A 290 -3.67 -20.18 -34.26
N SER A 291 -3.76 -21.10 -35.21
CA SER A 291 -4.63 -20.89 -36.35
C SER A 291 -5.29 -22.21 -36.73
N PHE A 292 -6.56 -22.13 -37.12
CA PHE A 292 -7.30 -23.33 -37.50
C PHE A 292 -6.78 -23.86 -38.85
N ALA A 293 -6.12 -22.97 -39.60
CA ALA A 293 -5.61 -23.32 -40.91
C ALA A 293 -4.27 -24.01 -40.81
N GLN A 294 -3.66 -23.93 -39.63
CA GLN A 294 -2.30 -24.42 -39.46
C GLN A 294 -2.16 -25.33 -38.25
N GLY A 295 -1.30 -26.32 -38.37
CA GLY A 295 -0.89 -27.13 -37.24
C GLY A 295 -1.58 -28.47 -37.18
N PRO A 296 -1.27 -29.25 -36.14
CA PRO A 296 -1.72 -30.64 -35.96
C PRO A 296 -3.22 -30.77 -35.77
N LEU A 297 -3.87 -29.74 -35.23
CA LEU A 297 -5.31 -29.77 -35.02
C LEU A 297 -6.04 -29.23 -36.23
N LYS A 298 -5.32 -29.10 -37.35
CA LYS A 298 -5.86 -28.45 -38.54
C LYS A 298 -7.34 -28.74 -38.75
N ASP A 299 -7.69 -30.01 -38.95
CA ASP A 299 -9.10 -30.38 -39.16
C ASP A 299 -9.66 -31.33 -38.11
N ALA A 300 -9.30 -31.11 -36.85
CA ALA A 300 -9.77 -32.00 -35.79
C ALA A 300 -11.16 -31.54 -35.39
N PRO A 301 -12.10 -32.49 -35.22
CA PRO A 301 -13.48 -32.17 -34.89
C PRO A 301 -13.69 -31.91 -33.40
N ASN A 302 -14.84 -31.31 -33.11
CA ASN A 302 -15.27 -31.04 -31.75
C ASN A 302 -14.23 -30.30 -30.94
N LEU A 303 -13.65 -29.29 -31.60
CA LEU A 303 -12.59 -28.49 -31.02
C LEU A 303 -13.10 -27.03 -30.86
N ILE A 304 -12.82 -26.54 -29.65
CA ILE A 304 -12.92 -25.13 -29.34
C ILE A 304 -11.55 -24.57 -29.01
N CYS A 305 -11.23 -23.39 -29.54
CA CYS A 305 -9.98 -22.72 -29.21
C CYS A 305 -10.16 -21.22 -29.02
N THR A 306 -9.43 -20.68 -28.05
CA THR A 306 -9.35 -19.23 -27.88
C THR A 306 -7.87 -18.88 -27.81
N PRO A 307 -7.52 -17.66 -28.25
CA PRO A 307 -6.10 -17.29 -28.44
C PRO A 307 -5.39 -16.78 -27.18
N HIS A 308 -5.29 -17.60 -26.15
CA HIS A 308 -4.59 -17.25 -24.90
C HIS A 308 -5.20 -16.01 -24.24
N THR A 309 -6.52 -16.03 -24.02
CA THR A 309 -7.22 -14.87 -23.50
C THR A 309 -7.84 -15.13 -22.12
N ALA A 310 -7.68 -16.34 -21.60
CA ALA A 310 -8.28 -16.71 -20.31
C ALA A 310 -7.94 -15.71 -19.21
N TRP A 311 -6.72 -15.19 -19.24
CA TRP A 311 -6.20 -14.31 -18.19
C TRP A 311 -6.77 -12.92 -18.28
N TYR A 312 -7.14 -12.51 -19.49
CA TYR A 312 -7.34 -11.09 -19.78
C TYR A 312 -8.63 -10.43 -19.30
N SER A 313 -8.49 -9.29 -18.62
CA SER A 313 -9.55 -8.31 -18.39
C SER A 313 -8.83 -6.95 -18.22
N GLU A 314 -9.50 -5.82 -18.44
CA GLU A 314 -8.86 -4.50 -18.26
C GLU A 314 -8.27 -4.40 -16.86
N GLN A 315 -9.05 -4.85 -15.89
N GLN A 315 -9.06 -4.84 -15.89
CA GLN A 315 -8.69 -4.72 -14.50
CA GLN A 315 -8.71 -4.75 -14.48
C GLN A 315 -7.44 -5.57 -14.20
C GLN A 315 -7.52 -5.63 -14.10
N ALA A 316 -7.39 -6.77 -14.78
CA ALA A 316 -6.28 -7.71 -14.55
C ALA A 316 -5.00 -7.26 -15.22
N SER A 317 -5.11 -6.78 -16.45
CA SER A 317 -3.94 -6.34 -17.20
C SER A 317 -3.25 -5.21 -16.47
N LEU A 318 -4.03 -4.23 -16.03
CA LEU A 318 -3.48 -3.10 -15.29
C LEU A 318 -2.84 -3.60 -14.01
N GLU A 319 -3.53 -4.46 -13.30
CA GLU A 319 -3.04 -4.90 -12.02
C GLU A 319 -1.67 -5.52 -12.15
N MET A 320 -1.52 -6.39 -13.14
CA MET A 320 -0.27 -7.16 -13.25
C MET A 320 0.90 -6.30 -13.78
N ARG A 321 0.62 -5.34 -14.66
CA ARG A 321 1.67 -4.45 -15.11
C ARG A 321 2.20 -3.64 -13.93
N GLU A 322 1.29 -3.07 -13.15
CA GLU A 322 1.66 -2.32 -11.97
C GLU A 322 2.45 -3.13 -10.95
N ALA A 323 2.07 -4.38 -10.76
CA ALA A 323 2.74 -5.25 -9.82
C ALA A 323 4.14 -5.52 -10.32
N ALA A 324 4.27 -5.68 -11.63
CA ALA A 324 5.56 -5.98 -12.21
C ALA A 324 6.50 -4.82 -12.00
N ALA A 325 6.02 -3.62 -12.30
CA ALA A 325 6.80 -2.41 -12.12
C ALA A 325 7.22 -2.27 -10.66
N THR A 326 6.32 -2.58 -9.74
CA THR A 326 6.63 -2.43 -8.33
C THR A 326 7.72 -3.40 -7.91
N GLU A 327 7.70 -4.59 -8.50
CA GLU A 327 8.74 -5.60 -8.23
C GLU A 327 10.11 -5.09 -8.72
N ILE A 328 10.17 -4.50 -9.90
CA ILE A 328 11.39 -3.90 -10.39
C ILE A 328 11.91 -2.83 -9.42
N ARG A 329 11.00 -1.98 -8.96
CA ARG A 329 11.34 -0.91 -8.04
C ARG A 329 11.98 -1.47 -6.77
N ARG A 330 11.42 -2.56 -6.25
CA ARG A 330 11.97 -3.20 -5.06
C ARG A 330 13.36 -3.73 -5.35
N ALA A 331 13.54 -4.31 -6.53
CA ALA A 331 14.82 -4.88 -6.92
C ALA A 331 15.92 -3.81 -6.92
N ILE A 332 15.56 -2.62 -7.34
CA ILE A 332 16.52 -1.52 -7.43
C ILE A 332 16.86 -0.92 -6.07
N THR A 333 15.83 -0.65 -5.27
CA THR A 333 15.99 0.04 -3.99
C THR A 333 16.36 -0.85 -2.81
N GLY A 334 16.27 -2.17 -2.93
CA GLY A 334 16.40 -3.02 -1.74
C GLY A 334 17.40 -4.12 -1.96
N ARG A 335 17.28 -5.20 -1.20
CA ARG A 335 18.16 -6.33 -1.39
C ARG A 335 17.56 -7.38 -2.32
N ILE A 336 18.37 -7.86 -3.27
CA ILE A 336 17.97 -8.93 -4.18
C ILE A 336 18.58 -10.24 -3.67
N PRO A 337 17.75 -11.26 -3.42
CA PRO A 337 16.31 -11.38 -3.72
C PRO A 337 15.37 -11.11 -2.53
N GLU A 338 15.89 -10.70 -1.37
CA GLU A 338 15.09 -10.61 -0.14
C GLU A 338 13.92 -9.61 -0.20
N SER A 339 14.10 -8.50 -0.91
CA SER A 339 13.04 -7.48 -0.96
C SER A 339 11.93 -7.89 -1.93
N LEU A 340 12.23 -8.90 -2.75
CA LEU A 340 11.32 -9.34 -3.80
C LEU A 340 10.21 -10.21 -3.24
N ARG A 341 9.00 -9.96 -3.76
CA ARG A 341 7.76 -10.54 -3.25
C ARG A 341 7.51 -11.95 -3.78
N ASN A 342 7.72 -12.13 -5.09
CA ASN A 342 7.46 -13.38 -5.77
C ASN A 342 8.64 -13.82 -6.62
N CYS A 343 9.76 -14.10 -5.98
CA CYS A 343 10.91 -14.64 -6.69
C CYS A 343 10.75 -16.15 -6.79
N VAL A 344 10.81 -16.68 -8.01
CA VAL A 344 10.57 -18.10 -8.25
C VAL A 344 11.85 -18.92 -8.48
N ASN A 345 13.02 -18.33 -8.28
CA ASN A 345 14.27 -19.04 -8.53
C ASN A 345 15.35 -18.76 -7.48
N LYS A 346 15.07 -19.05 -6.23
CA LYS A 346 16.10 -19.06 -5.21
C LYS A 346 16.88 -20.38 -5.29
N GLU A 347 17.53 -20.51 -6.44
CA GLU A 347 18.73 -21.31 -6.63
C GLU A 347 19.67 -20.26 -7.21
N PHE A 348 19.57 -19.10 -6.54
CA PHE A 348 20.21 -17.85 -6.92
C PHE A 348 21.67 -17.76 -6.48
N PHE A 349 22.48 -17.11 -7.35
CA PHE A 349 23.94 -16.98 -7.24
C PHE A 349 24.56 -17.68 -6.04
N ARG B 20 -61.71 -46.55 -24.90
CA ARG B 20 -60.35 -46.07 -24.62
C ARG B 20 -60.24 -44.58 -24.90
N PRO B 21 -60.05 -43.77 -23.85
CA PRO B 21 -59.91 -42.33 -24.02
C PRO B 21 -58.74 -41.99 -24.95
N LEU B 22 -58.90 -40.97 -25.77
CA LEU B 22 -57.86 -40.59 -26.72
C LEU B 22 -57.01 -39.46 -26.12
N VAL B 23 -55.68 -39.65 -26.17
CA VAL B 23 -54.75 -38.61 -25.77
C VAL B 23 -53.81 -38.27 -26.91
N ALA B 24 -53.79 -37.00 -27.30
CA ALA B 24 -53.04 -36.57 -28.47
C ALA B 24 -51.84 -35.72 -28.10
N LEU B 25 -50.70 -36.05 -28.71
CA LEU B 25 -49.50 -35.25 -28.63
C LEU B 25 -49.60 -34.25 -29.76
N LEU B 26 -49.93 -33.01 -29.40
CA LEU B 26 -50.34 -32.02 -30.38
C LEU B 26 -49.22 -31.59 -31.29
N ASP B 27 -48.12 -31.11 -30.72
CA ASP B 27 -47.09 -30.53 -31.55
C ASP B 27 -45.83 -31.37 -31.51
N GLY B 28 -46.02 -32.67 -31.63
CA GLY B 28 -44.91 -33.60 -31.71
C GLY B 28 -45.29 -34.84 -32.47
N ARG B 29 -44.27 -35.58 -32.92
CA ARG B 29 -44.47 -36.85 -33.56
C ARG B 29 -44.06 -37.95 -32.60
N ASP B 30 -42.89 -37.82 -31.99
CA ASP B 30 -42.39 -38.86 -31.08
C ASP B 30 -43.30 -39.08 -29.88
N CYS B 31 -43.55 -40.36 -29.55
CA CYS B 31 -44.43 -40.75 -28.43
C CYS B 31 -43.93 -41.97 -27.67
N THR B 32 -42.63 -42.24 -27.76
CA THR B 32 -42.10 -43.52 -27.34
C THR B 32 -41.95 -43.66 -25.82
N VAL B 33 -41.85 -42.54 -25.11
CA VAL B 33 -41.73 -42.55 -23.66
C VAL B 33 -43.11 -42.65 -23.02
N GLU B 34 -44.08 -42.10 -23.71
CA GLU B 34 -45.44 -41.92 -23.20
C GLU B 34 -46.25 -43.18 -23.44
N MET B 35 -45.90 -43.89 -24.50
CA MET B 35 -46.68 -45.03 -24.93
C MET B 35 -46.89 -45.97 -23.76
N PRO B 36 -45.82 -46.61 -23.27
CA PRO B 36 -45.95 -47.64 -22.22
C PRO B 36 -46.64 -47.15 -20.95
N ILE B 37 -46.50 -45.88 -20.61
CA ILE B 37 -47.05 -45.35 -19.37
C ILE B 37 -48.57 -45.25 -19.42
N LEU B 38 -49.12 -45.14 -20.63
CA LEU B 38 -50.56 -44.98 -20.78
C LEU B 38 -51.21 -46.12 -21.59
N LYS B 39 -50.37 -46.96 -22.19
CA LYS B 39 -50.80 -47.99 -23.15
C LYS B 39 -52.06 -48.70 -22.67
N ASP B 40 -52.05 -49.11 -21.41
CA ASP B 40 -53.14 -49.92 -20.83
C ASP B 40 -54.44 -49.14 -20.52
N LEU B 41 -54.40 -47.81 -20.62
CA LEU B 41 -55.55 -46.98 -20.22
C LEU B 41 -56.06 -46.06 -21.32
N ALA B 42 -55.23 -45.76 -22.31
CA ALA B 42 -55.65 -44.81 -23.33
C ALA B 42 -55.02 -45.08 -24.68
N THR B 43 -55.71 -44.60 -25.71
CA THR B 43 -55.16 -44.54 -27.06
C THR B 43 -54.29 -43.29 -27.17
N VAL B 44 -53.04 -43.46 -27.59
CA VAL B 44 -52.11 -42.34 -27.74
C VAL B 44 -51.84 -42.09 -29.21
N ALA B 45 -51.98 -40.84 -29.63
CA ALA B 45 -51.75 -40.48 -31.03
C ALA B 45 -51.02 -39.14 -31.10
N PHE B 46 -50.37 -38.87 -32.22
CA PHE B 46 -49.69 -37.60 -32.39
C PHE B 46 -50.17 -36.86 -33.63
N CYS B 47 -50.16 -35.53 -33.58
CA CYS B 47 -50.65 -34.68 -34.66
C CYS B 47 -49.50 -33.95 -35.35
N ASP B 48 -48.39 -33.77 -34.64
CA ASP B 48 -47.25 -33.06 -35.19
C ASP B 48 -47.76 -31.78 -35.85
N ALA B 49 -48.67 -31.11 -35.16
CA ALA B 49 -49.26 -29.86 -35.63
C ALA B 49 -48.51 -28.65 -35.07
N GLN B 50 -48.17 -27.72 -35.95
CA GLN B 50 -47.57 -26.45 -35.55
C GLN B 50 -48.69 -25.42 -35.32
N SER B 51 -49.93 -25.79 -35.69
CA SER B 51 -51.12 -24.95 -35.50
C SER B 51 -52.36 -25.83 -35.32
N THR B 52 -53.36 -25.30 -34.61
CA THR B 52 -54.64 -26.00 -34.38
C THR B 52 -55.30 -26.42 -35.71
N GLN B 53 -55.03 -25.64 -36.75
CA GLN B 53 -55.60 -25.84 -38.08
C GLN B 53 -55.18 -27.19 -38.63
N GLU B 54 -54.02 -27.66 -38.17
CA GLU B 54 -53.43 -28.92 -38.63
C GLU B 54 -53.89 -30.10 -37.77
N ILE B 55 -54.67 -29.82 -36.73
CA ILE B 55 -55.23 -30.87 -35.87
C ILE B 55 -56.46 -31.55 -36.50
N HIS B 56 -56.37 -32.86 -36.70
CA HIS B 56 -57.44 -33.61 -37.34
C HIS B 56 -58.78 -33.55 -36.57
N GLU B 57 -59.86 -33.58 -37.34
CA GLU B 57 -61.22 -33.47 -36.80
C GLU B 57 -61.56 -34.55 -35.79
N LYS B 58 -61.02 -35.75 -36.00
CA LYS B 58 -61.25 -36.85 -35.07
C LYS B 58 -60.72 -36.46 -33.70
N VAL B 59 -59.53 -35.86 -33.68
CA VAL B 59 -58.86 -35.50 -32.44
C VAL B 59 -59.63 -34.40 -31.72
N LEU B 60 -60.00 -33.35 -32.44
CA LEU B 60 -60.72 -32.24 -31.82
C LEU B 60 -62.01 -32.71 -31.13
N ASN B 61 -62.69 -33.67 -31.76
CA ASN B 61 -63.98 -34.15 -31.28
C ASN B 61 -63.89 -35.24 -30.20
N GLU B 62 -62.86 -36.07 -30.21
CA GLU B 62 -62.85 -37.22 -29.32
C GLU B 62 -61.62 -37.27 -28.43
N ALA B 63 -60.85 -36.18 -28.37
CA ALA B 63 -59.64 -36.28 -27.57
C ALA B 63 -59.96 -35.74 -26.20
N VAL B 64 -59.76 -36.59 -25.19
CA VAL B 64 -60.05 -36.20 -23.82
C VAL B 64 -58.83 -35.58 -23.17
N GLY B 65 -57.66 -35.98 -23.65
CA GLY B 65 -56.43 -35.45 -23.11
C GLY B 65 -55.48 -35.04 -24.21
N ALA B 66 -54.70 -34.00 -23.93
CA ALA B 66 -53.71 -33.51 -24.87
C ALA B 66 -52.36 -33.27 -24.15
N MET B 67 -51.26 -33.53 -24.83
CA MET B 67 -49.93 -33.18 -24.33
C MET B 67 -49.29 -32.32 -25.38
N MET B 68 -48.60 -31.27 -24.95
CA MET B 68 -48.00 -30.34 -25.91
C MET B 68 -46.73 -29.67 -25.42
N TYR B 69 -45.94 -29.20 -26.39
CA TYR B 69 -44.75 -28.42 -26.13
C TYR B 69 -45.08 -26.93 -26.27
N HIS B 70 -44.08 -26.12 -26.58
CA HIS B 70 -44.24 -24.67 -26.63
C HIS B 70 -44.47 -24.16 -28.05
N THR B 71 -44.45 -25.08 -29.02
CA THR B 71 -44.50 -24.72 -30.44
C THR B 71 -45.90 -24.57 -31.04
N ILE B 72 -46.93 -24.81 -30.23
CA ILE B 72 -48.30 -24.52 -30.64
C ILE B 72 -49.00 -23.65 -29.60
N THR B 73 -50.00 -22.90 -30.03
CA THR B 73 -50.74 -22.04 -29.11
C THR B 73 -52.23 -22.39 -29.11
N LEU B 74 -52.81 -22.38 -27.91
CA LEU B 74 -54.23 -22.64 -27.75
C LEU B 74 -54.93 -21.44 -27.11
N THR B 75 -55.62 -20.69 -27.95
CA THR B 75 -56.44 -19.55 -27.53
C THR B 75 -57.81 -20.05 -27.07
N ARG B 76 -58.67 -19.13 -26.66
CA ARG B 76 -60.04 -19.51 -26.32
C ARG B 76 -60.73 -20.13 -27.53
N GLU B 77 -60.62 -19.48 -28.69
CA GLU B 77 -61.21 -19.99 -29.93
C GLU B 77 -60.68 -21.40 -30.24
N ASP B 78 -59.37 -21.57 -30.14
CA ASP B 78 -58.75 -22.84 -30.41
C ASP B 78 -59.31 -23.89 -29.45
N LEU B 79 -59.32 -23.57 -28.16
CA LEU B 79 -59.81 -24.50 -27.15
C LEU B 79 -61.28 -24.89 -27.35
N GLU B 80 -62.08 -23.94 -27.83
CA GLU B 80 -63.51 -24.19 -28.04
C GLU B 80 -63.71 -25.26 -29.11
N LYS B 81 -62.71 -25.48 -29.96
CA LYS B 81 -62.83 -26.50 -31.01
C LYS B 81 -62.79 -27.91 -30.41
N PHE B 82 -62.24 -28.04 -29.20
CA PHE B 82 -62.11 -29.37 -28.60
C PHE B 82 -63.45 -29.74 -27.93
N LYS B 83 -64.10 -30.79 -28.44
CA LYS B 83 -65.44 -31.15 -27.96
C LYS B 83 -65.41 -32.12 -26.76
N ALA B 84 -64.25 -32.75 -26.52
CA ALA B 84 -64.13 -33.78 -25.49
C ALA B 84 -62.98 -33.53 -24.52
N LEU B 85 -62.10 -32.59 -24.87
CA LEU B 85 -60.89 -32.34 -24.08
C LEU B 85 -61.24 -32.08 -22.62
N ARG B 86 -60.57 -32.81 -21.73
CA ARG B 86 -60.71 -32.60 -20.29
C ARG B 86 -59.39 -32.16 -19.63
N VAL B 87 -58.24 -32.53 -20.22
CA VAL B 87 -56.96 -32.12 -19.64
C VAL B 87 -55.87 -31.87 -20.67
N ILE B 88 -55.09 -30.81 -20.43
CA ILE B 88 -53.93 -30.47 -21.23
C ILE B 88 -52.69 -30.51 -20.35
N VAL B 89 -51.64 -31.18 -20.80
CA VAL B 89 -50.40 -31.20 -20.03
C VAL B 89 -49.23 -30.68 -20.85
N ARG B 90 -48.70 -29.55 -20.41
CA ARG B 90 -47.55 -28.98 -21.05
C ARG B 90 -46.32 -29.79 -20.67
N ILE B 91 -45.63 -30.33 -21.65
CA ILE B 91 -44.33 -30.96 -21.41
C ILE B 91 -43.26 -29.86 -21.29
N GLY B 92 -43.09 -29.33 -20.09
CA GLY B 92 -42.30 -28.14 -19.91
C GLY B 92 -42.93 -27.34 -18.80
N SER B 93 -42.25 -26.27 -18.39
CA SER B 93 -42.71 -25.45 -17.29
C SER B 93 -43.58 -24.30 -17.77
N GLY B 94 -43.32 -23.81 -18.97
CA GLY B 94 -44.05 -22.66 -19.48
C GLY B 94 -45.44 -22.99 -20.01
N TYR B 95 -46.43 -22.14 -19.74
CA TYR B 95 -47.78 -22.37 -20.26
C TYR B 95 -48.47 -21.11 -20.76
N ASP B 96 -47.67 -20.10 -21.10
CA ASP B 96 -48.12 -18.84 -21.69
C ASP B 96 -48.77 -19.05 -23.06
N ASN B 97 -48.41 -20.15 -23.70
CA ASN B 97 -48.92 -20.49 -25.02
C ASN B 97 -50.30 -21.14 -24.92
N VAL B 98 -50.84 -21.19 -23.70
CA VAL B 98 -52.21 -21.66 -23.48
C VAL B 98 -53.00 -20.63 -22.69
N ASP B 99 -54.16 -20.21 -23.21
CA ASP B 99 -55.06 -19.34 -22.46
C ASP B 99 -55.73 -20.11 -21.32
N ILE B 100 -55.06 -20.23 -20.18
CA ILE B 100 -55.51 -21.11 -19.09
C ILE B 100 -56.81 -20.68 -18.40
N LYS B 101 -57.19 -19.41 -18.50
CA LYS B 101 -58.46 -18.98 -17.91
C LYS B 101 -59.61 -19.53 -18.77
N ALA B 102 -59.48 -19.39 -20.09
CA ALA B 102 -60.45 -19.95 -21.03
C ALA B 102 -60.49 -21.46 -20.84
N ALA B 103 -59.32 -22.05 -20.73
CA ALA B 103 -59.22 -23.48 -20.49
C ALA B 103 -60.02 -23.84 -19.25
N GLY B 104 -59.80 -23.13 -18.15
CA GLY B 104 -60.49 -23.38 -16.90
C GLY B 104 -62.00 -23.22 -16.99
N GLU B 105 -62.43 -22.19 -17.71
CA GLU B 105 -63.84 -21.89 -17.90
C GLU B 105 -64.57 -22.95 -18.72
N LEU B 106 -63.89 -23.58 -19.67
CA LEU B 106 -64.51 -24.60 -20.50
C LEU B 106 -64.44 -25.99 -19.85
N GLY B 107 -64.01 -26.05 -18.60
CA GLY B 107 -63.91 -27.31 -17.88
C GLY B 107 -62.73 -28.16 -18.31
N ILE B 108 -61.66 -27.48 -18.75
CA ILE B 108 -60.40 -28.13 -19.12
C ILE B 108 -59.33 -27.77 -18.11
N ALA B 109 -58.66 -28.78 -17.56
CA ALA B 109 -57.58 -28.57 -16.60
C ALA B 109 -56.23 -28.50 -17.34
N VAL B 110 -55.35 -27.59 -16.93
CA VAL B 110 -54.04 -27.45 -17.54
C VAL B 110 -52.95 -27.70 -16.51
N CYS B 111 -51.95 -28.49 -16.88
CA CYS B 111 -50.83 -28.84 -15.99
C CYS B 111 -49.50 -28.53 -16.66
N ASN B 112 -48.43 -28.46 -15.87
CA ASN B 112 -47.07 -28.35 -16.40
C ASN B 112 -46.12 -29.31 -15.70
N ILE B 113 -44.87 -29.33 -16.15
CA ILE B 113 -43.80 -30.07 -15.49
C ILE B 113 -42.77 -29.08 -14.96
N PRO B 114 -42.81 -28.83 -13.63
CA PRO B 114 -42.10 -27.69 -13.06
C PRO B 114 -40.65 -27.95 -12.73
N SER B 115 -40.17 -29.17 -12.91
CA SER B 115 -38.92 -29.53 -12.26
C SER B 115 -37.92 -30.23 -13.15
N ALA B 116 -38.14 -30.24 -14.45
CA ALA B 116 -37.13 -30.82 -15.30
C ALA B 116 -36.44 -29.61 -15.92
N ALA B 117 -35.16 -29.80 -16.23
CA ALA B 117 -34.34 -28.77 -16.82
C ALA B 117 -34.16 -27.57 -15.90
N VAL B 118 -34.34 -27.74 -14.60
CA VAL B 118 -34.11 -26.61 -13.73
C VAL B 118 -32.61 -26.37 -13.81
N GLU B 119 -31.84 -27.39 -13.47
CA GLU B 119 -30.40 -27.25 -13.46
C GLU B 119 -29.81 -27.14 -14.87
N GLU B 120 -30.39 -27.83 -15.84
CA GLU B 120 -29.98 -27.63 -17.23
C GLU B 120 -30.08 -26.15 -17.63
N THR B 121 -31.21 -25.52 -17.31
CA THR B 121 -31.45 -24.14 -17.73
C THR B 121 -30.54 -23.21 -16.92
N ALA B 122 -30.31 -23.53 -15.66
CA ALA B 122 -29.44 -22.73 -14.84
C ALA B 122 -28.02 -22.72 -15.40
N ASP B 123 -27.52 -23.92 -15.74
CA ASP B 123 -26.17 -24.11 -16.29
C ASP B 123 -25.99 -23.39 -17.62
N SER B 124 -26.93 -23.57 -18.54
CA SER B 124 -26.86 -22.89 -19.83
C SER B 124 -26.92 -21.39 -19.66
N THR B 125 -27.74 -20.93 -18.73
CA THR B 125 -27.85 -19.49 -18.45
C THR B 125 -26.53 -18.94 -17.96
N ILE B 126 -25.92 -19.63 -16.99
CA ILE B 126 -24.60 -19.24 -16.48
C ILE B 126 -23.57 -19.21 -17.60
N CYS B 127 -23.65 -20.18 -18.48
CA CYS B 127 -22.82 -20.23 -19.66
C CYS B 127 -22.99 -18.98 -20.52
N HIS B 128 -24.23 -18.58 -20.75
CA HIS B 128 -24.51 -17.36 -21.49
C HIS B 128 -23.85 -16.18 -20.80
N ILE B 129 -24.03 -16.07 -19.49
CA ILE B 129 -23.48 -14.97 -18.73
C ILE B 129 -21.96 -14.93 -18.88
N LEU B 130 -21.30 -16.05 -18.63
CA LEU B 130 -19.85 -16.13 -18.71
C LEU B 130 -19.39 -15.87 -20.14
N ASN B 131 -20.19 -16.28 -21.11
CA ASN B 131 -19.86 -16.01 -22.50
C ASN B 131 -19.82 -14.52 -22.81
N LEU B 132 -20.71 -13.74 -22.19
CA LEU B 132 -20.69 -12.29 -22.38
C LEU B 132 -19.49 -11.62 -21.68
N TYR B 133 -19.19 -12.07 -20.47
CA TYR B 133 -18.13 -11.51 -19.63
C TYR B 133 -16.72 -11.90 -20.04
N ARG B 134 -16.54 -13.09 -20.59
CA ARG B 134 -15.20 -13.58 -20.97
C ARG B 134 -15.03 -13.68 -22.48
N ARG B 135 -16.14 -13.68 -23.21
CA ARG B 135 -16.15 -13.60 -24.68
C ARG B 135 -15.67 -14.87 -25.41
N ASN B 136 -15.77 -16.04 -24.77
CA ASN B 136 -15.31 -17.31 -25.33
C ASN B 136 -15.86 -17.58 -26.71
N THR B 137 -17.17 -17.38 -26.88
CA THR B 137 -17.78 -17.67 -28.16
C THR B 137 -17.29 -16.71 -29.25
N TRP B 138 -17.21 -15.43 -28.91
CA TRP B 138 -16.76 -14.42 -29.88
C TRP B 138 -15.28 -14.61 -30.27
N LEU B 139 -14.45 -15.03 -29.32
CA LEU B 139 -13.04 -15.27 -29.56
C LEU B 139 -12.81 -16.48 -30.47
N TYR B 140 -13.62 -17.53 -30.23
CA TYR B 140 -13.66 -18.70 -31.09
C TYR B 140 -14.05 -18.30 -32.50
N GLN B 141 -15.07 -17.48 -32.58
CA GLN B 141 -15.55 -16.96 -33.85
C GLN B 141 -14.45 -16.15 -34.56
N ALA B 142 -13.74 -15.31 -33.81
CA ALA B 142 -12.66 -14.50 -34.36
C ALA B 142 -11.58 -15.39 -34.98
N LEU B 143 -11.29 -16.50 -34.33
CA LEU B 143 -10.30 -17.42 -34.85
C LEU B 143 -10.81 -18.15 -36.10
N ARG B 144 -12.07 -18.60 -36.10
CA ARG B 144 -12.61 -19.23 -37.30
C ARG B 144 -12.56 -18.25 -38.46
N GLU B 145 -12.72 -16.97 -38.15
CA GLU B 145 -12.63 -15.92 -39.16
C GLU B 145 -11.18 -15.64 -39.63
N GLY B 146 -10.20 -16.21 -38.93
CA GLY B 146 -8.81 -16.17 -39.32
C GLY B 146 -7.98 -15.06 -38.66
N THR B 147 -8.49 -14.46 -37.60
CA THR B 147 -7.77 -13.39 -36.90
C THR B 147 -6.51 -13.96 -36.26
N ARG B 148 -5.37 -13.31 -36.47
CA ARG B 148 -4.10 -13.79 -35.92
C ARG B 148 -3.70 -12.98 -34.68
N VAL B 149 -3.48 -13.66 -33.56
CA VAL B 149 -3.21 -12.98 -32.30
C VAL B 149 -1.82 -13.27 -31.76
N GLN B 150 -0.86 -12.46 -32.17
CA GLN B 150 0.54 -12.73 -31.84
C GLN B 150 0.97 -12.00 -30.58
N SER B 151 0.76 -10.69 -30.52
CA SER B 151 1.27 -9.90 -29.40
C SER B 151 0.22 -9.75 -28.31
N VAL B 152 0.69 -9.41 -27.12
CA VAL B 152 -0.19 -9.17 -26.00
C VAL B 152 -1.14 -8.03 -26.30
N GLU B 153 -0.64 -7.05 -27.05
CA GLU B 153 -1.48 -5.93 -27.43
C GLU B 153 -2.60 -6.47 -28.30
N GLN B 154 -2.29 -7.36 -29.23
CA GLN B 154 -3.31 -7.97 -30.09
C GLN B 154 -4.32 -8.83 -29.30
N ILE B 155 -3.84 -9.46 -28.23
CA ILE B 155 -4.71 -10.22 -27.36
C ILE B 155 -5.73 -9.30 -26.67
N ARG B 156 -5.23 -8.20 -26.11
CA ARG B 156 -6.07 -7.21 -25.45
C ARG B 156 -7.05 -6.65 -26.45
N GLU B 157 -6.56 -6.52 -27.68
CA GLU B 157 -7.39 -5.97 -28.73
C GLU B 157 -8.57 -6.92 -29.01
N VAL B 158 -8.25 -8.18 -29.37
CA VAL B 158 -9.28 -9.14 -29.76
C VAL B 158 -10.24 -9.47 -28.60
N ALA B 159 -9.71 -9.51 -27.38
CA ALA B 159 -10.50 -9.86 -26.20
C ALA B 159 -11.06 -8.60 -25.52
N SER B 160 -10.97 -7.47 -26.21
CA SER B 160 -11.43 -6.22 -25.63
C SER B 160 -12.85 -6.42 -25.14
N GLY B 161 -13.12 -5.92 -23.94
CA GLY B 161 -14.42 -6.06 -23.32
C GLY B 161 -14.52 -7.21 -22.34
N ALA B 162 -13.59 -8.16 -22.41
CA ALA B 162 -13.56 -9.22 -21.42
C ALA B 162 -13.44 -8.52 -20.07
N ALA B 163 -14.31 -8.88 -19.13
CA ALA B 163 -14.43 -8.15 -17.87
C ALA B 163 -14.20 -9.04 -16.65
N ARG B 164 -13.75 -8.40 -15.58
CA ARG B 164 -13.60 -9.02 -14.27
C ARG B 164 -14.96 -9.12 -13.62
N ILE B 165 -15.33 -10.32 -13.18
CA ILE B 165 -16.66 -10.57 -12.67
C ILE B 165 -16.85 -10.19 -11.21
N ARG B 166 -15.88 -10.50 -10.35
CA ARG B 166 -16.08 -10.22 -8.93
C ARG B 166 -16.41 -8.75 -8.69
N GLY B 167 -17.56 -8.50 -8.05
CA GLY B 167 -18.03 -7.16 -7.76
C GLY B 167 -19.22 -6.72 -8.60
N GLU B 168 -19.39 -7.32 -9.76
CA GLU B 168 -20.54 -7.00 -10.62
C GLU B 168 -21.81 -7.44 -9.91
N THR B 169 -22.91 -6.77 -10.21
CA THR B 169 -24.20 -7.16 -9.65
C THR B 169 -25.05 -7.85 -10.73
N LEU B 170 -25.49 -9.04 -10.40
CA LEU B 170 -26.35 -9.79 -11.28
C LEU B 170 -27.77 -9.65 -10.76
N GLY B 171 -28.64 -9.08 -11.58
CA GLY B 171 -30.03 -8.89 -11.20
C GLY B 171 -30.93 -9.86 -11.92
N LEU B 172 -31.60 -10.69 -11.15
CA LEU B 172 -32.49 -11.70 -11.69
C LEU B 172 -33.94 -11.21 -11.60
N ILE B 173 -34.62 -11.21 -12.75
CA ILE B 173 -36.05 -10.92 -12.78
C ILE B 173 -36.85 -12.25 -12.73
N GLY B 174 -37.41 -12.54 -11.58
CA GLY B 174 -38.00 -13.84 -11.35
C GLY B 174 -37.04 -14.63 -10.50
N PHE B 175 -37.52 -15.02 -9.33
CA PHE B 175 -36.70 -15.78 -8.40
C PHE B 175 -37.45 -17.04 -8.02
N GLY B 176 -37.79 -17.82 -9.04
CA GLY B 176 -38.42 -19.09 -8.82
C GLY B 176 -37.35 -20.15 -8.82
N ARG B 177 -37.62 -21.23 -9.54
CA ARG B 177 -36.74 -22.39 -9.56
C ARG B 177 -35.46 -22.11 -10.33
N THR B 178 -35.58 -21.55 -11.52
CA THR B 178 -34.39 -21.29 -12.33
C THR B 178 -33.57 -20.13 -11.77
N GLY B 179 -34.25 -19.09 -11.31
CA GLY B 179 -33.58 -17.96 -10.72
C GLY B 179 -32.78 -18.37 -9.52
N GLN B 180 -33.38 -19.18 -8.64
CA GLN B 180 -32.67 -19.64 -7.46
C GLN B 180 -31.47 -20.49 -7.85
N ALA B 181 -31.66 -21.33 -8.87
CA ALA B 181 -30.62 -22.22 -9.37
C ALA B 181 -29.45 -21.41 -9.91
N VAL B 182 -29.75 -20.33 -10.63
CA VAL B 182 -28.73 -19.44 -11.15
C VAL B 182 -27.99 -18.69 -10.05
N ALA B 183 -28.72 -18.17 -9.08
CA ALA B 183 -28.12 -17.46 -7.95
C ALA B 183 -27.09 -18.32 -7.23
N VAL B 184 -27.48 -19.56 -6.97
CA VAL B 184 -26.66 -20.51 -6.24
C VAL B 184 -25.34 -20.76 -6.95
N ARG B 185 -25.35 -20.65 -8.28
CA ARG B 185 -24.14 -20.86 -9.06
C ARG B 185 -23.33 -19.58 -9.18
N ALA B 186 -24.04 -18.45 -9.20
CA ALA B 186 -23.47 -17.14 -9.49
C ALA B 186 -22.59 -16.69 -8.34
N LYS B 187 -22.96 -17.10 -7.14
CA LYS B 187 -22.23 -16.65 -5.99
C LYS B 187 -20.74 -16.96 -6.05
N ALA B 188 -20.36 -18.15 -6.51
CA ALA B 188 -18.96 -18.56 -6.46
C ALA B 188 -18.04 -17.75 -7.37
N PHE B 189 -18.63 -17.09 -8.39
CA PHE B 189 -17.88 -16.23 -9.30
C PHE B 189 -17.69 -14.84 -8.73
N GLY B 190 -18.33 -14.52 -7.60
CA GLY B 190 -18.15 -13.21 -6.99
C GLY B 190 -19.20 -12.19 -7.40
N PHE B 191 -20.29 -12.66 -8.01
CA PHE B 191 -21.41 -11.81 -8.31
C PHE B 191 -22.08 -11.44 -7.01
N SER B 192 -22.58 -10.21 -6.94
CA SER B 192 -23.49 -9.82 -5.88
C SER B 192 -24.85 -10.03 -6.49
N VAL B 193 -25.67 -10.88 -5.88
CA VAL B 193 -26.93 -11.28 -6.49
C VAL B 193 -28.12 -10.61 -5.83
N ILE B 194 -28.99 -10.05 -6.67
CA ILE B 194 -30.20 -9.35 -6.25
C ILE B 194 -31.36 -9.78 -7.15
N PHE B 195 -32.59 -9.72 -6.67
CA PHE B 195 -33.73 -10.10 -7.49
C PHE B 195 -35.00 -9.28 -7.29
N TYR B 196 -35.84 -9.30 -8.30
CA TYR B 196 -37.12 -8.65 -8.27
C TYR B 196 -38.16 -9.68 -8.63
N ASP B 197 -39.11 -9.91 -7.75
CA ASP B 197 -40.17 -10.86 -8.00
C ASP B 197 -41.36 -10.42 -7.15
N PRO B 198 -42.34 -9.78 -7.80
CA PRO B 198 -43.43 -9.18 -7.02
C PRO B 198 -44.49 -10.17 -6.53
N TYR B 199 -44.42 -11.43 -6.92
CA TYR B 199 -45.41 -12.41 -6.50
C TYR B 199 -44.85 -13.34 -5.43
N LEU B 200 -43.54 -13.32 -5.22
CA LEU B 200 -42.93 -14.18 -4.21
C LEU B 200 -43.31 -13.79 -2.79
N GLN B 201 -43.43 -14.81 -1.94
CA GLN B 201 -43.69 -14.61 -0.53
C GLN B 201 -42.45 -13.98 0.12
N ASP B 202 -42.64 -13.33 1.25
CA ASP B 202 -41.52 -12.77 1.98
C ASP B 202 -40.69 -13.87 2.67
N GLY B 203 -39.37 -13.77 2.58
CA GLY B 203 -38.49 -14.66 3.34
C GLY B 203 -37.47 -15.41 2.51
N ILE B 204 -37.81 -15.68 1.26
CA ILE B 204 -36.93 -16.49 0.43
C ILE B 204 -35.57 -15.82 0.27
N GLU B 205 -35.56 -14.50 0.18
CA GLU B 205 -34.34 -13.73 0.05
C GLU B 205 -33.43 -14.05 1.23
N ARG B 206 -34.04 -14.23 2.40
CA ARG B 206 -33.32 -14.49 3.64
C ARG B 206 -32.78 -15.93 3.65
N SER B 207 -33.61 -16.89 3.26
CA SER B 207 -33.18 -18.29 3.19
C SER B 207 -31.92 -18.42 2.36
N LEU B 208 -31.97 -17.91 1.15
CA LEU B 208 -30.85 -18.05 0.23
C LEU B 208 -29.77 -16.98 0.35
N GLY B 209 -29.91 -16.07 1.32
CA GLY B 209 -28.88 -15.05 1.53
C GLY B 209 -28.60 -14.18 0.33
N VAL B 210 -29.65 -13.68 -0.31
CA VAL B 210 -29.49 -12.75 -1.40
C VAL B 210 -30.30 -11.51 -1.08
N GLN B 211 -30.01 -10.43 -1.80
CA GLN B 211 -30.71 -9.17 -1.60
C GLN B 211 -31.92 -9.10 -2.52
N ARG B 212 -33.01 -8.54 -2.02
CA ARG B 212 -34.22 -8.37 -2.79
C ARG B 212 -34.54 -6.89 -2.99
N VAL B 213 -34.94 -6.52 -4.21
CA VAL B 213 -35.46 -5.18 -4.48
C VAL B 213 -36.93 -5.32 -4.85
N TYR B 214 -37.71 -4.25 -4.73
CA TYR B 214 -39.17 -4.40 -4.85
C TYR B 214 -39.77 -3.66 -6.04
N THR B 215 -38.91 -3.10 -6.89
CA THR B 215 -39.32 -2.55 -8.19
C THR B 215 -38.32 -2.95 -9.26
N LEU B 216 -38.84 -3.13 -10.46
CA LEU B 216 -38.04 -3.47 -11.62
C LEU B 216 -36.97 -2.43 -11.87
N GLN B 217 -37.33 -1.18 -11.65
CA GLN B 217 -36.45 -0.05 -11.86
C GLN B 217 -35.24 -0.12 -10.92
N ASP B 218 -35.50 -0.42 -9.65
CA ASP B 218 -34.40 -0.56 -8.70
C ASP B 218 -33.49 -1.65 -9.19
N LEU B 219 -34.08 -2.73 -9.71
CA LEU B 219 -33.28 -3.85 -10.15
C LEU B 219 -32.41 -3.47 -11.32
N LEU B 220 -32.98 -2.74 -12.28
CA LEU B 220 -32.22 -2.38 -13.46
C LEU B 220 -31.15 -1.36 -13.11
N TYR B 221 -31.47 -0.44 -12.21
CA TYR B 221 -30.53 0.60 -11.84
C TYR B 221 -29.28 -0.01 -11.24
N GLN B 222 -29.43 -1.04 -10.41
CA GLN B 222 -28.28 -1.54 -9.67
C GLN B 222 -27.50 -2.65 -10.39
N SER B 223 -28.03 -3.14 -11.51
CA SER B 223 -27.44 -4.33 -12.14
C SER B 223 -26.48 -4.09 -13.32
N ASP B 224 -25.35 -4.79 -13.28
CA ASP B 224 -24.41 -4.83 -14.39
C ASP B 224 -24.83 -5.89 -15.40
N CYS B 225 -25.47 -6.95 -14.91
CA CYS B 225 -26.00 -7.96 -15.79
C CYS B 225 -27.42 -8.30 -15.34
N VAL B 226 -28.38 -8.23 -16.26
CA VAL B 226 -29.76 -8.56 -15.93
C VAL B 226 -30.15 -9.88 -16.62
N SER B 227 -30.65 -10.84 -15.86
CA SER B 227 -31.03 -12.11 -16.45
C SER B 227 -32.46 -12.46 -16.12
N LEU B 228 -33.23 -12.75 -17.16
CA LEU B 228 -34.65 -13.03 -17.03
C LEU B 228 -34.96 -14.47 -16.64
N HIS B 229 -35.80 -14.63 -15.62
CA HIS B 229 -36.18 -15.96 -15.16
C HIS B 229 -37.62 -16.00 -14.66
N CYS B 230 -38.46 -15.15 -15.26
CA CYS B 230 -39.89 -15.10 -14.94
C CYS B 230 -40.71 -15.71 -16.05
N ASN B 231 -41.85 -16.27 -15.71
CA ASN B 231 -42.76 -16.83 -16.72
C ASN B 231 -43.55 -15.75 -17.43
N LEU B 232 -43.84 -15.96 -18.72
CA LEU B 232 -44.60 -14.97 -19.48
C LEU B 232 -46.08 -14.99 -19.10
N ASN B 233 -46.61 -13.83 -18.76
CA ASN B 233 -48.00 -13.72 -18.32
C ASN B 233 -48.66 -12.47 -18.90
N GLU B 234 -49.95 -12.26 -18.57
CA GLU B 234 -50.69 -11.12 -19.14
C GLU B 234 -50.05 -9.78 -18.83
N HIS B 235 -49.28 -9.68 -17.74
CA HIS B 235 -48.81 -8.36 -17.29
C HIS B 235 -47.36 -8.03 -17.55
N ASN B 236 -46.57 -8.97 -18.07
CA ASN B 236 -45.14 -8.66 -18.28
C ASN B 236 -44.67 -8.82 -19.72
N HIS B 237 -45.59 -8.73 -20.67
CA HIS B 237 -45.22 -8.74 -22.07
CA HIS B 237 -45.22 -8.74 -22.08
C HIS B 237 -44.39 -7.49 -22.37
N HIS B 238 -43.29 -7.67 -23.10
CA HIS B 238 -42.36 -6.58 -23.37
C HIS B 238 -41.94 -5.86 -22.07
N LEU B 239 -41.78 -6.63 -21.00
CA LEU B 239 -41.23 -6.11 -19.75
C LEU B 239 -39.98 -5.27 -20.05
N ILE B 240 -39.09 -5.83 -20.88
CA ILE B 240 -37.95 -5.10 -21.40
C ILE B 240 -38.32 -4.40 -22.70
N ASN B 241 -38.54 -3.09 -22.61
CA ASN B 241 -39.01 -2.27 -23.74
C ASN B 241 -38.13 -1.03 -23.81
N ASP B 242 -38.44 -0.09 -24.70
CA ASP B 242 -37.53 1.04 -24.89
C ASP B 242 -37.36 1.83 -23.59
N PHE B 243 -38.45 1.95 -22.86
CA PHE B 243 -38.45 2.72 -21.63
C PHE B 243 -37.62 2.05 -20.55
N THR B 244 -37.84 0.76 -20.33
CA THR B 244 -37.18 0.10 -19.22
C THR B 244 -35.70 -0.10 -19.55
N ILE B 245 -35.37 -0.30 -20.81
CA ILE B 245 -33.95 -0.41 -21.13
C ILE B 245 -33.22 0.85 -20.72
N LYS B 246 -33.87 1.99 -20.85
CA LYS B 246 -33.24 3.26 -20.51
C LYS B 246 -32.95 3.33 -19.01
N GLN B 247 -33.59 2.46 -18.24
CA GLN B 247 -33.36 2.41 -16.80
C GLN B 247 -32.14 1.57 -16.43
N MET B 248 -31.60 0.84 -17.41
CA MET B 248 -30.48 -0.03 -17.16
C MET B 248 -29.18 0.76 -17.11
N ARG B 249 -28.18 0.21 -16.45
CA ARG B 249 -26.87 0.84 -16.42
C ARG B 249 -26.31 0.90 -17.85
N GLN B 250 -25.63 1.99 -18.16
CA GLN B 250 -24.91 2.12 -19.40
C GLN B 250 -23.94 0.95 -19.54
N GLY B 251 -24.06 0.20 -20.64
CA GLY B 251 -23.17 -0.91 -20.96
C GLY B 251 -23.44 -2.18 -20.17
N ALA B 252 -24.68 -2.34 -19.71
CA ALA B 252 -25.07 -3.55 -19.00
C ALA B 252 -25.24 -4.71 -19.99
N PHE B 253 -25.32 -5.93 -19.44
CA PHE B 253 -25.58 -7.15 -20.21
C PHE B 253 -27.00 -7.56 -19.99
N LEU B 254 -27.62 -8.14 -21.01
CA LEU B 254 -28.95 -8.72 -20.85
C LEU B 254 -28.92 -10.17 -21.28
N VAL B 255 -29.46 -11.05 -20.44
CA VAL B 255 -29.58 -12.47 -20.74
C VAL B 255 -31.04 -12.89 -20.59
N ASN B 256 -31.55 -13.64 -21.55
CA ASN B 256 -32.93 -14.12 -21.51
C ASN B 256 -33.02 -15.60 -21.90
N ALA B 257 -33.14 -16.48 -20.91
CA ALA B 257 -33.40 -17.90 -21.19
C ALA B 257 -34.78 -18.29 -20.70
N ALA B 258 -35.67 -17.30 -20.55
CA ALA B 258 -37.03 -17.53 -20.06
C ALA B 258 -38.04 -17.57 -21.21
N ARG B 259 -38.57 -16.41 -21.59
CA ARG B 259 -39.52 -16.30 -22.70
C ARG B 259 -39.28 -15.12 -23.58
N GLY B 260 -39.41 -15.36 -24.88
CA GLY B 260 -39.08 -14.38 -25.90
C GLY B 260 -40.01 -13.19 -25.93
N GLY B 261 -41.21 -13.36 -25.41
CA GLY B 261 -42.18 -12.29 -25.39
C GLY B 261 -41.83 -11.24 -24.34
N LEU B 262 -40.91 -11.58 -23.44
CA LEU B 262 -40.50 -10.67 -22.38
C LEU B 262 -39.73 -9.47 -22.91
N VAL B 263 -39.16 -9.60 -24.10
CA VAL B 263 -38.28 -8.58 -24.62
C VAL B 263 -38.79 -8.04 -25.96
N ASP B 264 -38.84 -6.72 -26.05
CA ASP B 264 -39.08 -6.04 -27.31
C ASP B 264 -37.75 -6.02 -28.09
N GLU B 265 -37.63 -6.89 -29.08
CA GLU B 265 -36.39 -7.05 -29.82
C GLU B 265 -35.95 -5.81 -30.60
N LYS B 266 -36.92 -5.02 -31.08
CA LYS B 266 -36.59 -3.79 -31.80
C LYS B 266 -35.81 -2.87 -30.85
N ALA B 267 -36.29 -2.74 -29.62
CA ALA B 267 -35.64 -1.89 -28.62
C ALA B 267 -34.23 -2.40 -28.31
N LEU B 268 -34.13 -3.71 -28.07
CA LEU B 268 -32.87 -4.33 -27.75
C LEU B 268 -31.90 -4.13 -28.91
N ALA B 269 -32.43 -4.26 -30.12
CA ALA B 269 -31.64 -4.09 -31.33
C ALA B 269 -30.92 -2.75 -31.32
N GLN B 270 -31.68 -1.70 -31.04
CA GLN B 270 -31.11 -0.35 -31.03
C GLN B 270 -30.09 -0.17 -29.91
N ALA B 271 -30.42 -0.69 -28.73
CA ALA B 271 -29.55 -0.53 -27.56
C ALA B 271 -28.16 -1.12 -27.79
N LEU B 272 -28.13 -2.27 -28.45
CA LEU B 272 -26.85 -2.93 -28.79
C LEU B 272 -26.07 -2.06 -29.76
N LYS B 273 -26.75 -1.58 -30.80
CA LYS B 273 -26.15 -0.71 -31.81
C LYS B 273 -25.55 0.57 -31.18
N GLU B 274 -26.29 1.15 -30.25
CA GLU B 274 -25.90 2.40 -29.61
C GLU B 274 -24.89 2.17 -28.48
N GLY B 275 -24.62 0.90 -28.17
CA GLY B 275 -23.71 0.56 -27.10
C GLY B 275 -24.33 0.64 -25.71
N ARG B 276 -25.61 1.03 -25.63
CA ARG B 276 -26.27 1.18 -24.34
C ARG B 276 -26.28 -0.16 -23.62
N ILE B 277 -26.38 -1.24 -24.40
CA ILE B 277 -26.20 -2.58 -23.86
C ILE B 277 -24.96 -3.17 -24.51
N ARG B 278 -24.01 -3.57 -23.68
CA ARG B 278 -22.69 -4.00 -24.17
C ARG B 278 -22.82 -5.31 -24.92
N GLY B 279 -23.81 -6.13 -24.54
CA GLY B 279 -24.08 -7.41 -25.17
C GLY B 279 -25.32 -8.10 -24.63
N ALA B 280 -25.87 -9.03 -25.42
CA ALA B 280 -27.05 -9.78 -25.03
C ALA B 280 -26.90 -11.25 -25.37
N ALA B 281 -27.48 -12.13 -24.55
CA ALA B 281 -27.49 -13.57 -24.83
C ALA B 281 -28.93 -14.05 -24.79
N LEU B 282 -29.44 -14.56 -25.90
CA LEU B 282 -30.85 -14.95 -25.96
C LEU B 282 -31.04 -16.43 -26.36
N ASP B 283 -31.70 -17.20 -25.50
CA ASP B 283 -32.05 -18.59 -25.80
C ASP B 283 -33.44 -18.67 -26.38
N VAL B 284 -34.18 -17.57 -26.28
CA VAL B 284 -35.58 -17.54 -26.66
C VAL B 284 -35.97 -16.23 -27.34
N HIS B 285 -36.98 -16.27 -28.21
CA HIS B 285 -37.28 -15.12 -29.05
C HIS B 285 -38.77 -14.89 -29.31
N GLU B 286 -39.11 -13.64 -29.61
CA GLU B 286 -40.49 -13.29 -29.91
C GLU B 286 -41.10 -14.20 -30.96
N SER B 287 -40.31 -14.47 -32.00
CA SER B 287 -40.74 -15.37 -33.07
C SER B 287 -39.73 -16.49 -33.25
N GLU B 288 -40.13 -17.71 -32.91
CA GLU B 288 -39.28 -18.87 -33.12
C GLU B 288 -39.89 -19.69 -34.24
N PRO B 289 -39.06 -20.37 -35.03
CA PRO B 289 -37.61 -20.52 -34.83
C PRO B 289 -36.84 -19.27 -35.19
N PHE B 290 -35.75 -19.01 -34.47
CA PHE B 290 -34.94 -17.82 -34.69
C PHE B 290 -34.04 -17.91 -35.93
N SER B 291 -33.87 -16.81 -36.67
CA SER B 291 -32.87 -16.79 -37.73
C SER B 291 -32.16 -15.45 -37.79
N PHE B 292 -30.84 -15.48 -37.97
CA PHE B 292 -30.03 -14.25 -38.00
C PHE B 292 -30.29 -13.45 -39.28
N ALA B 293 -30.88 -14.10 -40.28
CA ALA B 293 -31.18 -13.41 -41.52
C ALA B 293 -32.53 -12.68 -41.42
N GLN B 294 -33.34 -13.01 -40.40
CA GLN B 294 -34.70 -12.48 -40.31
C GLN B 294 -35.00 -11.86 -38.94
N GLY B 295 -35.75 -10.76 -38.95
CA GLY B 295 -36.21 -10.14 -37.73
C GLY B 295 -35.42 -8.89 -37.35
N PRO B 296 -35.81 -8.26 -36.23
CA PRO B 296 -35.33 -6.97 -35.70
C PRO B 296 -33.85 -6.98 -35.28
N LEU B 297 -33.33 -8.16 -34.93
CA LEU B 297 -31.93 -8.34 -34.54
C LEU B 297 -31.02 -8.67 -35.73
N LYS B 298 -31.59 -8.57 -36.94
CA LYS B 298 -30.91 -8.99 -38.17
C LYS B 298 -29.44 -8.62 -38.18
N ASP B 299 -29.19 -7.33 -38.04
CA ASP B 299 -27.84 -6.79 -38.07
C ASP B 299 -27.45 -6.17 -36.73
N ALA B 300 -27.86 -6.79 -35.62
CA ALA B 300 -27.50 -6.29 -34.30
C ALA B 300 -26.11 -6.83 -33.89
N PRO B 301 -25.24 -5.95 -33.35
CA PRO B 301 -23.90 -6.32 -32.91
C PRO B 301 -23.86 -6.93 -31.50
N ASN B 302 -22.78 -7.64 -31.18
CA ASN B 302 -22.59 -8.21 -29.84
C ASN B 302 -23.74 -9.08 -29.37
N LEU B 303 -24.28 -9.90 -30.26
CA LEU B 303 -25.45 -10.72 -29.94
C LEU B 303 -25.13 -12.22 -29.92
N ILE B 304 -25.63 -12.90 -28.88
CA ILE B 304 -25.60 -14.35 -28.84
C ILE B 304 -27.02 -14.89 -28.89
N CYS B 305 -27.21 -15.93 -29.68
CA CYS B 305 -28.50 -16.57 -29.75
C CYS B 305 -28.35 -18.08 -29.78
N THR B 306 -29.22 -18.76 -29.05
CA THR B 306 -29.31 -20.19 -29.12
C THR B 306 -30.79 -20.52 -29.34
N PRO B 307 -31.08 -21.64 -30.03
CA PRO B 307 -32.43 -21.95 -30.49
C PRO B 307 -33.29 -22.71 -29.47
N HIS B 308 -33.51 -22.11 -28.30
CA HIS B 308 -34.36 -22.66 -27.24
C HIS B 308 -33.84 -24.03 -26.78
N THR B 309 -32.56 -24.08 -26.42
CA THR B 309 -31.93 -25.34 -26.04
C THR B 309 -31.49 -25.33 -24.58
N ALA B 310 -31.72 -24.23 -23.89
CA ALA B 310 -31.25 -24.07 -22.52
C ALA B 310 -31.66 -25.25 -21.64
N TRP B 311 -32.85 -25.79 -21.91
CA TRP B 311 -33.44 -26.89 -21.16
C TRP B 311 -32.84 -28.27 -21.48
N TYR B 312 -32.28 -28.45 -22.66
CA TYR B 312 -32.11 -29.80 -23.16
C TYR B 312 -30.99 -30.61 -22.51
N SER B 313 -31.31 -31.82 -22.05
CA SER B 313 -30.33 -32.88 -21.76
C SER B 313 -31.07 -34.22 -21.99
N GLU B 314 -30.33 -35.30 -22.20
CA GLU B 314 -30.98 -36.59 -22.38
C GLU B 314 -31.89 -36.92 -21.20
N GLN B 315 -31.38 -36.80 -19.98
CA GLN B 315 -32.15 -37.21 -18.80
C GLN B 315 -33.35 -36.29 -18.59
N ALA B 316 -33.17 -35.00 -18.85
CA ALA B 316 -34.21 -34.01 -18.63
C ALA B 316 -35.37 -34.21 -19.58
N SER B 317 -35.05 -34.47 -20.85
CA SER B 317 -36.07 -34.71 -21.87
C SER B 317 -36.90 -35.95 -21.52
N LEU B 318 -36.20 -37.01 -21.15
CA LEU B 318 -36.86 -38.25 -20.75
C LEU B 318 -37.73 -38.04 -19.51
N GLU B 319 -37.15 -37.38 -18.52
CA GLU B 319 -37.78 -37.12 -17.24
C GLU B 319 -39.08 -36.33 -17.35
N MET B 320 -39.07 -35.27 -18.16
CA MET B 320 -40.23 -34.38 -18.22
C MET B 320 -41.37 -35.06 -18.99
N ARG B 321 -41.01 -35.84 -20.01
CA ARG B 321 -41.99 -36.61 -20.77
C ARG B 321 -42.67 -37.68 -19.91
N GLU B 322 -41.86 -38.41 -19.14
CA GLU B 322 -42.39 -39.42 -18.24
C GLU B 322 -43.33 -38.82 -17.21
N ALA B 323 -42.98 -37.65 -16.68
CA ALA B 323 -43.81 -37.00 -15.68
C ALA B 323 -45.14 -36.57 -16.29
N ALA B 324 -45.09 -36.08 -17.52
CA ALA B 324 -46.28 -35.60 -18.21
C ALA B 324 -47.26 -36.74 -18.45
N ALA B 325 -46.74 -37.86 -18.94
CA ALA B 325 -47.56 -39.02 -19.16
C ALA B 325 -48.22 -39.43 -17.83
N THR B 326 -47.43 -39.35 -16.76
CA THR B 326 -47.90 -39.73 -15.43
C THR B 326 -49.03 -38.84 -14.94
N GLU B 327 -48.96 -37.55 -15.29
CA GLU B 327 -50.02 -36.63 -14.92
C GLU B 327 -51.30 -37.00 -15.66
N ILE B 328 -51.17 -37.30 -16.95
CA ILE B 328 -52.32 -37.75 -17.71
C ILE B 328 -52.96 -38.97 -17.07
N ARG B 329 -52.13 -39.94 -16.69
CA ARG B 329 -52.63 -41.17 -16.06
C ARG B 329 -53.47 -40.84 -14.83
N ARG B 330 -53.02 -39.89 -14.02
CA ARG B 330 -53.77 -39.49 -12.84
C ARG B 330 -55.09 -38.86 -13.26
N ALA B 331 -55.05 -38.07 -14.32
CA ALA B 331 -56.24 -37.38 -14.83
C ALA B 331 -57.32 -38.39 -15.19
N ILE B 332 -56.89 -39.53 -15.74
CA ILE B 332 -57.81 -40.56 -16.17
C ILE B 332 -58.39 -41.34 -15.00
N THR B 333 -57.53 -41.80 -14.11
CA THR B 333 -57.94 -42.68 -13.03
C THR B 333 -58.66 -41.95 -11.90
N GLY B 334 -58.60 -40.63 -11.92
CA GLY B 334 -59.13 -39.87 -10.80
C GLY B 334 -60.05 -38.71 -11.12
N ARG B 335 -60.20 -37.82 -10.15
CA ARG B 335 -61.04 -36.66 -10.35
C ARG B 335 -60.18 -35.50 -10.82
N ILE B 336 -60.68 -34.81 -11.82
CA ILE B 336 -60.04 -33.63 -12.38
C ILE B 336 -60.74 -32.45 -11.72
N PRO B 337 -59.98 -31.53 -11.13
CA PRO B 337 -58.52 -31.41 -11.14
C PRO B 337 -57.85 -31.93 -9.86
N GLU B 338 -58.62 -32.51 -8.94
CA GLU B 338 -58.10 -32.81 -7.60
C GLU B 338 -56.94 -33.80 -7.62
N SER B 339 -57.01 -34.79 -8.51
CA SER B 339 -56.01 -35.86 -8.54
C SER B 339 -54.71 -35.38 -9.17
N LEU B 340 -54.77 -34.22 -9.80
CA LEU B 340 -53.64 -33.73 -10.55
C LEU B 340 -52.56 -33.14 -9.65
N ARG B 341 -51.30 -33.41 -9.97
CA ARG B 341 -50.17 -32.94 -9.17
C ARG B 341 -49.75 -31.50 -9.51
N ASN B 342 -49.76 -31.14 -10.80
CA ASN B 342 -49.29 -29.81 -11.17
C ASN B 342 -50.24 -29.07 -12.11
N CYS B 343 -51.47 -28.84 -11.64
CA CYS B 343 -52.48 -28.09 -12.38
C CYS B 343 -52.29 -26.62 -12.09
N VAL B 344 -52.17 -25.81 -13.14
CA VAL B 344 -51.88 -24.39 -12.99
C VAL B 344 -53.09 -23.48 -13.18
N ASN B 345 -54.28 -24.05 -13.26
CA ASN B 345 -55.47 -23.23 -13.53
C ASN B 345 -56.73 -23.60 -12.73
N LYS B 346 -56.65 -23.49 -11.41
CA LYS B 346 -57.85 -23.57 -10.56
C LYS B 346 -58.62 -22.24 -10.64
N GLU B 347 -59.04 -21.93 -11.86
CA GLU B 347 -60.15 -21.03 -12.15
C GLU B 347 -61.01 -21.90 -13.06
N PHE B 348 -61.07 -23.16 -12.60
CA PHE B 348 -61.70 -24.30 -13.24
C PHE B 348 -63.22 -24.36 -13.12
N PHE B 349 -63.86 -25.04 -14.08
CA PHE B 349 -65.32 -25.18 -14.14
C PHE B 349 -66.06 -23.88 -13.89
N ARG C 20 -60.28 6.56 19.38
CA ARG C 20 -59.44 5.75 18.46
C ARG C 20 -59.59 4.22 18.56
N PRO C 21 -59.53 3.52 17.41
CA PRO C 21 -59.64 2.07 17.41
C PRO C 21 -58.58 1.42 18.30
N LEU C 22 -58.96 0.39 19.02
CA LEU C 22 -58.08 -0.25 19.97
C LEU C 22 -57.32 -1.41 19.33
N VAL C 23 -56.00 -1.40 19.50
CA VAL C 23 -55.16 -2.50 19.09
C VAL C 23 -54.40 -2.97 20.33
N ALA C 24 -54.61 -4.23 20.69
CA ALA C 24 -54.11 -4.72 21.97
C ALA C 24 -53.01 -5.73 21.78
N LEU C 25 -51.95 -5.58 22.56
CA LEU C 25 -50.91 -6.58 22.61
C LEU C 25 -51.24 -7.57 23.70
N LEU C 26 -51.66 -8.76 23.31
CA LEU C 26 -52.21 -9.71 24.24
C LEU C 26 -51.20 -10.27 25.24
N ASP C 27 -50.15 -10.87 24.74
CA ASP C 27 -49.20 -11.57 25.61
C ASP C 27 -47.85 -10.91 25.65
N GLY C 28 -47.86 -9.60 25.88
CA GLY C 28 -46.63 -8.84 26.02
C GLY C 28 -46.83 -7.70 27.01
N ARG C 29 -45.72 -7.10 27.44
CA ARG C 29 -45.74 -5.94 28.32
C ARG C 29 -45.35 -4.71 27.54
N ASP C 30 -44.27 -4.81 26.81
CA ASP C 30 -43.77 -3.73 25.98
C ASP C 30 -44.66 -3.43 24.76
N CYS C 31 -44.83 -2.16 24.41
CA CYS C 31 -45.51 -1.82 23.15
C CYS C 31 -44.86 -0.54 22.58
N THR C 32 -43.57 -0.36 22.89
CA THR C 32 -42.83 0.88 22.63
C THR C 32 -42.37 0.99 21.17
N VAL C 33 -42.25 -0.14 20.51
CA VAL C 33 -41.89 -0.17 19.10
C VAL C 33 -43.14 0.04 18.26
N GLU C 34 -44.26 -0.43 18.79
CA GLU C 34 -45.49 -0.49 18.02
C GLU C 34 -46.23 0.87 18.11
N MET C 35 -46.15 1.49 19.28
CA MET C 35 -46.87 2.74 19.53
C MET C 35 -46.61 3.80 18.46
N PRO C 36 -45.37 4.26 18.33
CA PRO C 36 -45.13 5.37 17.39
C PRO C 36 -45.62 5.08 15.97
N ILE C 37 -45.60 3.83 15.56
CA ILE C 37 -46.03 3.48 14.21
C ILE C 37 -47.56 3.56 14.03
N LEU C 38 -48.30 3.41 15.13
CA LEU C 38 -49.76 3.37 15.08
C LEU C 38 -50.44 4.54 15.83
N LYS C 39 -49.61 5.30 16.54
CA LYS C 39 -50.03 6.35 17.46
C LYS C 39 -51.19 7.20 16.94
N ASP C 40 -51.02 7.67 15.71
CA ASP C 40 -51.94 8.63 15.10
C ASP C 40 -53.28 8.05 14.66
N LEU C 41 -53.37 6.72 14.64
CA LEU C 41 -54.54 6.03 14.07
C LEU C 41 -55.25 5.11 15.03
N ALA C 42 -54.56 4.71 16.09
CA ALA C 42 -55.15 3.79 17.03
C ALA C 42 -54.59 4.02 18.42
N THR C 43 -55.38 3.61 19.41
CA THR C 43 -54.93 3.50 20.79
C THR C 43 -54.23 2.16 20.94
N VAL C 44 -52.99 2.18 21.40
CA VAL C 44 -52.24 0.96 21.54
C VAL C 44 -52.08 0.60 23.03
N ALA C 45 -52.38 -0.64 23.37
CA ALA C 45 -52.27 -1.10 24.76
C ALA C 45 -51.77 -2.55 24.85
N PHE C 46 -51.29 -2.93 26.03
CA PHE C 46 -50.85 -4.29 26.25
C PHE C 46 -51.56 -4.93 27.45
N CYS C 47 -51.68 -6.25 27.45
CA CYS C 47 -52.41 -6.96 28.50
C CYS C 47 -51.53 -7.74 29.45
N ASP C 48 -50.33 -8.09 29.02
CA ASP C 48 -49.46 -8.97 29.79
C ASP C 48 -50.22 -10.22 30.24
N ALA C 49 -50.97 -10.85 29.32
CA ALA C 49 -51.74 -12.03 29.68
C ALA C 49 -50.87 -13.26 29.48
N GLN C 50 -50.79 -14.08 30.52
CA GLN C 50 -50.06 -15.35 30.47
C GLN C 50 -51.04 -16.44 30.07
N SER C 51 -52.32 -16.07 30.08
CA SER C 51 -53.39 -16.99 29.68
C SER C 51 -54.50 -16.21 28.98
N THR C 52 -55.18 -16.88 28.05
CA THR C 52 -56.27 -16.26 27.33
C THR C 52 -57.35 -15.70 28.24
N GLN C 53 -57.60 -16.41 29.33
CA GLN C 53 -58.61 -16.01 30.31
C GLN C 53 -58.31 -14.66 30.96
N GLU C 54 -57.04 -14.25 30.95
CA GLU C 54 -56.65 -13.01 31.59
C GLU C 54 -56.83 -11.82 30.64
N ILE C 55 -57.30 -12.09 29.44
CA ILE C 55 -57.54 -10.99 28.51
C ILE C 55 -58.74 -10.21 29.06
N HIS C 56 -58.56 -8.91 29.26
CA HIS C 56 -59.60 -8.07 29.89
CA HIS C 56 -59.58 -8.06 29.87
C HIS C 56 -60.80 -7.84 28.97
N GLU C 57 -61.96 -7.65 29.59
CA GLU C 57 -63.24 -7.47 28.91
C GLU C 57 -63.21 -6.27 27.97
N LYS C 58 -62.45 -5.25 28.34
CA LYS C 58 -62.31 -4.06 27.49
C LYS C 58 -61.77 -4.47 26.13
N VAL C 59 -60.76 -5.34 26.16
CA VAL C 59 -60.12 -5.79 24.93
C VAL C 59 -61.13 -6.65 24.16
N LEU C 60 -61.75 -7.59 24.86
CA LEU C 60 -62.73 -8.47 24.21
C LEU C 60 -63.85 -7.67 23.57
N ASN C 61 -64.26 -6.58 24.22
CA ASN C 61 -65.38 -5.78 23.75
C ASN C 61 -65.00 -4.71 22.73
N GLU C 62 -63.80 -4.14 22.84
CA GLU C 62 -63.47 -2.99 22.02
C GLU C 62 -62.24 -3.12 21.12
N ALA C 63 -61.66 -4.30 20.97
CA ALA C 63 -60.39 -4.38 20.25
C ALA C 63 -60.64 -4.67 18.79
N VAL C 64 -60.10 -3.80 17.95
CA VAL C 64 -60.27 -3.96 16.52
C VAL C 64 -59.13 -4.79 15.96
N GLY C 65 -57.97 -4.68 16.60
CA GLY C 65 -56.80 -5.39 16.17
C GLY C 65 -56.10 -5.96 17.37
N ALA C 66 -55.44 -7.09 17.19
CA ALA C 66 -54.69 -7.70 18.27
C ALA C 66 -53.32 -8.12 17.75
N MET C 67 -52.32 -8.05 18.61
CA MET C 67 -51.01 -8.56 18.30
C MET C 67 -50.62 -9.57 19.36
N MET C 68 -50.00 -10.67 18.95
CA MET C 68 -49.69 -11.70 19.93
C MET C 68 -48.45 -12.51 19.54
N TYR C 69 -47.86 -13.11 20.57
CA TYR C 69 -46.76 -14.01 20.41
C TYR C 69 -47.24 -15.46 20.38
N HIS C 70 -46.38 -16.36 20.85
CA HIS C 70 -46.58 -17.78 20.78
C HIS C 70 -47.01 -18.36 22.12
N THR C 71 -47.01 -17.52 23.14
CA THR C 71 -47.17 -17.95 24.54
C THR C 71 -48.62 -18.10 24.99
N ILE C 72 -49.55 -17.67 24.14
CA ILE C 72 -50.96 -17.81 24.42
C ILE C 72 -51.68 -18.50 23.26
N THR C 73 -52.82 -19.13 23.55
CA THR C 73 -53.58 -19.82 22.52
C THR C 73 -55.00 -19.26 22.38
N LEU C 74 -55.44 -19.13 21.14
CA LEU C 74 -56.79 -18.69 20.84
C LEU C 74 -57.60 -19.74 20.06
N THR C 75 -58.50 -20.41 20.78
CA THR C 75 -59.42 -21.38 20.19
C THR C 75 -60.61 -20.67 19.58
N ARG C 76 -61.53 -21.43 18.99
CA ARG C 76 -62.79 -20.89 18.47
C ARG C 76 -63.59 -20.22 19.57
N GLU C 77 -63.68 -20.92 20.69
CA GLU C 77 -64.39 -20.43 21.87
C GLU C 77 -63.83 -19.04 22.21
N ASP C 78 -62.51 -18.91 22.23
CA ASP C 78 -61.87 -17.64 22.54
C ASP C 78 -62.21 -16.58 21.50
N LEU C 79 -62.04 -16.93 20.24
CA LEU C 79 -62.27 -15.97 19.17
C LEU C 79 -63.70 -15.45 19.16
N GLU C 80 -64.63 -16.32 19.54
CA GLU C 80 -66.03 -15.93 19.55
C GLU C 80 -66.32 -14.84 20.60
N LYS C 81 -65.45 -14.75 21.61
CA LYS C 81 -65.54 -13.75 22.70
C LYS C 81 -65.19 -12.34 22.22
N PHE C 82 -64.54 -12.23 21.07
CA PHE C 82 -64.18 -10.91 20.56
C PHE C 82 -65.32 -10.29 19.78
N LYS C 83 -65.86 -9.19 20.30
CA LYS C 83 -67.04 -8.55 19.71
C LYS C 83 -66.67 -7.54 18.61
N ALA C 84 -65.40 -7.11 18.55
CA ALA C 84 -65.02 -6.04 17.62
C ALA C 84 -63.83 -6.36 16.72
N LEU C 85 -63.09 -7.43 17.05
CA LEU C 85 -61.86 -7.84 16.34
C LEU C 85 -62.02 -8.12 14.84
N ARG C 86 -61.17 -7.49 14.05
CA ARG C 86 -61.17 -7.66 12.60
C ARG C 86 -59.84 -8.22 12.07
N VAL C 87 -58.76 -8.07 12.85
CA VAL C 87 -57.46 -8.65 12.48
C VAL C 87 -56.58 -9.05 13.66
N ILE C 88 -55.92 -10.20 13.53
CA ILE C 88 -54.91 -10.62 14.50
C ILE C 88 -53.56 -10.78 13.80
N VAL C 89 -52.50 -10.25 14.41
CA VAL C 89 -51.16 -10.40 13.83
C VAL C 89 -50.21 -11.13 14.80
N ARG C 90 -49.73 -12.28 14.36
CA ARG C 90 -48.72 -13.00 15.12
C ARG C 90 -47.35 -12.35 14.91
N ILE C 91 -46.71 -11.91 15.99
CA ILE C 91 -45.35 -11.41 15.94
C ILE C 91 -44.38 -12.59 15.94
N GLY C 92 -44.08 -13.11 14.76
CA GLY C 92 -43.39 -14.39 14.67
C GLY C 92 -43.93 -15.14 13.47
N SER C 93 -43.35 -16.29 13.14
CA SER C 93 -43.77 -17.04 11.96
C SER C 93 -44.85 -18.09 12.25
N GLY C 94 -44.84 -18.68 13.44
CA GLY C 94 -45.78 -19.74 13.75
C GLY C 94 -47.18 -19.25 14.11
N TYR C 95 -48.22 -19.92 13.63
CA TYR C 95 -49.58 -19.48 13.92
C TYR C 95 -50.48 -20.65 14.29
N ASP C 96 -49.85 -21.72 14.74
CA ASP C 96 -50.51 -22.90 15.26
C ASP C 96 -51.29 -22.60 16.53
N ASN C 97 -50.92 -21.56 17.25
CA ASN C 97 -51.58 -21.22 18.49
C ASN C 97 -52.86 -20.40 18.26
N VAL C 98 -53.22 -20.18 16.99
CA VAL C 98 -54.46 -19.50 16.65
C VAL C 98 -55.27 -20.34 15.68
N ASP C 99 -56.51 -20.66 16.02
CA ASP C 99 -57.41 -21.39 15.15
C ASP C 99 -57.80 -20.45 14.00
N ILE C 100 -56.97 -20.42 12.97
CA ILE C 100 -57.11 -19.47 11.89
C ILE C 100 -58.32 -19.71 11.03
N LYS C 101 -58.82 -20.94 11.03
CA LYS C 101 -59.99 -21.28 10.26
C LYS C 101 -61.22 -20.75 10.96
N ALA C 102 -61.29 -20.96 12.27
CA ALA C 102 -62.37 -20.42 13.06
C ALA C 102 -62.39 -18.89 12.91
N ALA C 103 -61.20 -18.29 13.04
CA ALA C 103 -61.07 -16.85 12.90
C ALA C 103 -61.63 -16.37 11.57
N GLY C 104 -61.14 -16.95 10.48
CA GLY C 104 -61.57 -16.53 9.16
C GLY C 104 -63.09 -16.63 9.03
N GLU C 105 -63.66 -17.69 9.60
CA GLU C 105 -65.11 -17.91 9.52
C GLU C 105 -65.85 -16.80 10.27
N LEU C 106 -65.24 -16.32 11.35
CA LEU C 106 -65.82 -15.24 12.18
C LEU C 106 -65.50 -13.84 11.64
N GLY C 107 -64.91 -13.80 10.45
CA GLY C 107 -64.52 -12.55 9.81
C GLY C 107 -63.29 -11.90 10.41
N ILE C 108 -62.38 -12.69 10.97
CA ILE C 108 -61.13 -12.17 11.50
C ILE C 108 -59.94 -12.59 10.64
N ALA C 109 -59.13 -11.61 10.23
CA ALA C 109 -57.97 -11.93 9.40
C ALA C 109 -56.80 -12.18 10.32
N VAL C 110 -55.98 -13.17 10.00
CA VAL C 110 -54.82 -13.48 10.81
C VAL C 110 -53.57 -13.41 9.97
N CYS C 111 -52.56 -12.73 10.51
CA CYS C 111 -51.30 -12.55 9.82
C CYS C 111 -50.14 -12.97 10.68
N ASN C 112 -49.03 -13.25 10.02
CA ASN C 112 -47.80 -13.54 10.74
C ASN C 112 -46.65 -12.71 10.21
N ILE C 113 -45.51 -12.85 10.85
CA ILE C 113 -44.28 -12.27 10.34
C ILE C 113 -43.35 -13.38 9.90
N PRO C 114 -43.30 -13.64 8.59
CA PRO C 114 -42.68 -14.88 8.11
C PRO C 114 -41.19 -14.82 7.88
N SER C 115 -40.56 -13.66 7.96
CA SER C 115 -39.23 -13.54 7.38
C SER C 115 -38.23 -12.79 8.24
N ALA C 116 -38.51 -12.68 9.54
CA ALA C 116 -37.67 -11.86 10.42
C ALA C 116 -36.60 -12.61 11.20
N ALA C 117 -36.78 -13.91 11.39
CA ALA C 117 -35.84 -14.68 12.19
C ALA C 117 -35.43 -15.96 11.48
N VAL C 118 -35.53 -15.97 10.14
CA VAL C 118 -35.22 -17.16 9.38
C VAL C 118 -33.77 -17.53 9.62
N GLU C 119 -32.88 -16.58 9.35
CA GLU C 119 -31.45 -16.83 9.46
C GLU C 119 -30.97 -16.96 10.88
N GLU C 120 -31.54 -16.17 11.78
CA GLU C 120 -31.23 -16.33 13.18
C GLU C 120 -31.48 -17.78 13.61
N THR C 121 -32.66 -18.29 13.23
CA THR C 121 -33.14 -19.61 13.61
C THR C 121 -32.38 -20.71 12.92
N ALA C 122 -32.02 -20.47 11.66
CA ALA C 122 -31.23 -21.45 10.95
C ALA C 122 -29.89 -21.59 11.64
N ASP C 123 -29.27 -20.46 11.99
CA ASP C 123 -27.97 -20.44 12.66
C ASP C 123 -27.97 -21.18 14.00
N SER C 124 -28.99 -20.94 14.83
CA SER C 124 -29.09 -21.66 16.09
C SER C 124 -29.27 -23.14 15.85
N THR C 125 -30.06 -23.47 14.82
CA THR C 125 -30.30 -24.87 14.52
C THR C 125 -28.98 -25.55 14.21
N ILE C 126 -28.18 -24.92 13.36
CA ILE C 126 -26.86 -25.44 13.02
C ILE C 126 -26.02 -25.57 14.27
N CYS C 127 -26.12 -24.57 15.14
CA CYS C 127 -25.41 -24.59 16.40
C CYS C 127 -25.79 -25.83 17.23
N HIS C 128 -27.10 -26.11 17.34
CA HIS C 128 -27.58 -27.30 18.04
C HIS C 128 -27.01 -28.59 17.44
N ILE C 129 -27.09 -28.69 16.11
CA ILE C 129 -26.52 -29.82 15.38
C ILE C 129 -25.01 -29.98 15.65
N LEU C 130 -24.27 -28.89 15.56
CA LEU C 130 -22.83 -28.98 15.80
C LEU C 130 -22.50 -29.32 17.25
N ASN C 131 -23.30 -28.82 18.19
CA ASN C 131 -23.13 -29.21 19.60
C ASN C 131 -23.34 -30.69 19.84
N LEU C 132 -24.25 -31.32 19.09
CA LEU C 132 -24.43 -32.76 19.24
C LEU C 132 -23.25 -33.50 18.66
N TYR C 133 -22.83 -33.07 17.48
CA TYR C 133 -21.76 -33.74 16.73
C TYR C 133 -20.37 -33.53 17.33
N ARG C 134 -20.13 -32.36 17.89
CA ARG C 134 -18.81 -31.97 18.40
C ARG C 134 -18.80 -31.83 19.93
N ARG C 135 -19.98 -31.84 20.54
CA ARG C 135 -20.11 -32.01 21.98
C ARG C 135 -19.53 -30.85 22.76
N ASN C 136 -19.51 -29.70 22.11
CA ASN C 136 -18.96 -28.49 22.71
C ASN C 136 -19.66 -28.16 24.03
N THR C 137 -20.99 -28.22 24.01
CA THR C 137 -21.78 -27.86 25.19
C THR C 137 -21.55 -28.83 26.34
N TRP C 138 -21.57 -30.12 26.05
CA TRP C 138 -21.35 -31.13 27.07
C TRP C 138 -19.91 -31.10 27.63
N LEU C 139 -18.93 -30.78 26.78
CA LEU C 139 -17.53 -30.67 27.23
C LEU C 139 -17.35 -29.43 28.11
N TYR C 140 -18.01 -28.36 27.73
CA TYR C 140 -18.04 -27.18 28.55
C TYR C 140 -18.62 -27.54 29.93
N GLN C 141 -19.71 -28.31 29.94
CA GLN C 141 -20.35 -28.74 31.19
C GLN C 141 -19.41 -29.63 32.01
N ALA C 142 -18.73 -30.55 31.34
CA ALA C 142 -17.78 -31.45 31.99
C ALA C 142 -16.68 -30.63 32.68
N LEU C 143 -16.27 -29.53 32.07
CA LEU C 143 -15.23 -28.73 32.69
C LEU C 143 -15.74 -27.97 33.93
N ARG C 144 -16.91 -27.35 33.85
CA ARG C 144 -17.49 -26.68 35.03
C ARG C 144 -17.80 -27.68 36.15
N GLU C 145 -18.08 -28.93 35.79
CA GLU C 145 -18.28 -29.98 36.78
C GLU C 145 -16.94 -30.39 37.41
N GLY C 146 -15.85 -29.86 36.88
CA GLY C 146 -14.52 -30.03 37.46
C GLY C 146 -13.76 -31.20 36.86
N THR C 147 -14.19 -31.69 35.70
CA THR C 147 -13.53 -32.85 35.09
C THR C 147 -12.14 -32.44 34.64
N ARG C 148 -11.12 -33.25 34.99
CA ARG C 148 -9.73 -32.97 34.60
C ARG C 148 -9.27 -33.75 33.38
N VAL C 149 -8.88 -33.05 32.32
CA VAL C 149 -8.59 -33.73 31.06
C VAL C 149 -7.11 -33.51 30.73
N GLN C 150 -6.28 -34.41 31.26
CA GLN C 150 -4.85 -34.26 31.19
C GLN C 150 -4.24 -35.02 30.00
N SER C 151 -4.60 -36.30 29.88
CA SER C 151 -4.01 -37.20 28.89
C SER C 151 -4.80 -37.23 27.57
N VAL C 152 -4.13 -37.66 26.51
CA VAL C 152 -4.77 -37.79 25.21
C VAL C 152 -5.84 -38.85 25.29
N GLU C 153 -5.57 -39.86 26.10
CA GLU C 153 -6.50 -40.94 26.30
C GLU C 153 -7.74 -40.38 26.99
N GLN C 154 -7.52 -39.53 27.99
CA GLN C 154 -8.62 -38.93 28.71
C GLN C 154 -9.45 -38.07 27.79
N ILE C 155 -8.79 -37.41 26.85
CA ILE C 155 -9.47 -36.55 25.89
C ILE C 155 -10.41 -37.37 25.03
N ARG C 156 -9.93 -38.49 24.50
CA ARG C 156 -10.79 -39.34 23.67
C ARG C 156 -11.97 -39.84 24.49
N GLU C 157 -11.73 -40.15 25.76
CA GLU C 157 -12.79 -40.65 26.63
C GLU C 157 -13.87 -39.58 26.83
N VAL C 158 -13.46 -38.40 27.31
CA VAL C 158 -14.41 -37.32 27.63
C VAL C 158 -15.16 -36.82 26.42
N ALA C 159 -14.50 -36.78 25.27
CA ALA C 159 -15.15 -36.32 24.04
C ALA C 159 -15.71 -37.52 23.29
N SER C 160 -15.77 -38.66 23.97
CA SER C 160 -16.26 -39.88 23.36
C SER C 160 -17.65 -39.62 22.77
N GLY C 161 -17.85 -40.09 21.55
CA GLY C 161 -19.09 -39.90 20.83
C GLY C 161 -19.00 -38.76 19.83
N ALA C 162 -18.03 -37.88 20.00
CA ALA C 162 -17.84 -36.82 19.02
C ALA C 162 -17.64 -37.50 17.66
N ALA C 163 -18.33 -37.01 16.64
CA ALA C 163 -18.32 -37.66 15.32
C ALA C 163 -17.82 -36.75 14.17
N ARG C 164 -17.30 -37.37 13.13
CA ARG C 164 -16.93 -36.68 11.89
C ARG C 164 -18.18 -36.38 11.08
N ILE C 165 -18.33 -35.13 10.67
CA ILE C 165 -19.56 -34.73 10.00
C ILE C 165 -19.61 -35.14 8.52
N ARG C 166 -18.53 -34.94 7.77
CA ARG C 166 -18.58 -35.22 6.34
C ARG C 166 -19.07 -36.62 5.98
N GLY C 167 -20.11 -36.71 5.16
CA GLY C 167 -20.61 -38.00 4.73
C GLY C 167 -21.90 -38.41 5.40
N GLU C 168 -22.16 -37.85 6.57
CA GLU C 168 -23.39 -38.09 7.31
C GLU C 168 -24.53 -37.48 6.53
N THR C 169 -25.73 -38.04 6.69
CA THR C 169 -26.91 -37.51 6.02
C THR C 169 -27.80 -36.74 6.99
N LEU C 170 -28.09 -35.48 6.63
CA LEU C 170 -28.95 -34.61 7.41
C LEU C 170 -30.31 -34.56 6.75
N GLY C 171 -31.30 -35.02 7.48
CA GLY C 171 -32.64 -35.09 6.94
C GLY C 171 -33.53 -34.06 7.56
N LEU C 172 -34.08 -33.21 6.69
CA LEU C 172 -34.92 -32.13 7.14
C LEU C 172 -36.37 -32.46 6.90
N ILE C 173 -37.17 -32.41 7.95
CA ILE C 173 -38.61 -32.54 7.83
C ILE C 173 -39.21 -31.15 7.74
N GLY C 174 -39.57 -30.74 6.53
CA GLY C 174 -39.97 -29.36 6.28
C GLY C 174 -38.88 -28.57 5.57
N PHE C 175 -39.18 -28.11 4.37
CA PHE C 175 -38.21 -27.43 3.52
C PHE C 175 -38.78 -26.10 3.07
N GLY C 176 -39.11 -25.27 4.05
CA GLY C 176 -39.53 -23.91 3.77
C GLY C 176 -38.36 -22.95 3.96
N ARG C 177 -38.60 -21.84 4.66
CA ARG C 177 -37.63 -20.78 4.82
C ARG C 177 -36.47 -21.22 5.70
N THR C 178 -36.79 -21.74 6.87
CA THR C 178 -35.79 -22.18 7.82
C THR C 178 -35.12 -23.45 7.35
N GLY C 179 -35.88 -24.38 6.76
CA GLY C 179 -35.31 -25.62 6.26
C GLY C 179 -34.25 -25.38 5.20
N GLN C 180 -34.61 -24.57 4.20
CA GLN C 180 -33.70 -24.25 3.11
C GLN C 180 -32.47 -23.50 3.63
N ALA C 181 -32.67 -22.60 4.58
CA ALA C 181 -31.60 -21.82 5.19
C ALA C 181 -30.63 -22.74 5.89
N VAL C 182 -31.17 -23.78 6.53
CA VAL C 182 -30.35 -24.77 7.20
C VAL C 182 -29.52 -25.58 6.20
N ALA C 183 -30.15 -26.04 5.12
CA ALA C 183 -29.45 -26.79 4.08
C ALA C 183 -28.27 -26.00 3.51
N VAL C 184 -28.50 -24.73 3.22
CA VAL C 184 -27.49 -23.87 2.64
C VAL C 184 -26.23 -23.76 3.52
N ARG C 185 -26.45 -23.84 4.83
CA ARG C 185 -25.36 -23.75 5.79
C ARG C 185 -24.75 -25.13 6.00
N ALA C 186 -25.58 -26.16 5.88
CA ALA C 186 -25.18 -27.53 6.16
C ALA C 186 -24.21 -28.10 5.12
N LYS C 187 -24.37 -27.65 3.88
CA LYS C 187 -23.59 -28.13 2.74
C LYS C 187 -22.08 -28.02 2.95
N ALA C 188 -21.65 -26.87 3.45
CA ALA C 188 -20.24 -26.59 3.55
C ALA C 188 -19.56 -27.51 4.56
N PHE C 189 -20.32 -28.05 5.51
CA PHE C 189 -19.73 -28.94 6.50
C PHE C 189 -19.59 -30.36 5.95
N GLY C 190 -20.18 -30.61 4.79
CA GLY C 190 -20.13 -31.91 4.14
C GLY C 190 -21.32 -32.83 4.42
N PHE C 191 -22.36 -32.32 5.07
CA PHE C 191 -23.58 -33.07 5.29
C PHE C 191 -24.13 -33.33 3.93
N SER C 192 -24.70 -34.51 3.75
CA SER C 192 -25.51 -34.78 2.58
C SER C 192 -26.96 -34.47 2.96
N VAL C 193 -27.57 -33.51 2.26
CA VAL C 193 -28.85 -33.00 2.70
C VAL C 193 -30.00 -33.53 1.90
N ILE C 194 -31.02 -33.99 2.64
CA ILE C 194 -32.26 -34.54 2.08
C ILE C 194 -33.44 -34.01 2.91
N PHE C 195 -34.59 -33.91 2.27
CA PHE C 195 -35.78 -33.40 2.94
C PHE C 195 -37.08 -34.11 2.57
N TYR C 196 -38.04 -34.03 3.47
CA TYR C 196 -39.38 -34.52 3.22
C TYR C 196 -40.32 -33.35 3.46
N ASP C 197 -41.09 -33.02 2.44
CA ASP C 197 -42.03 -31.93 2.57
C ASP C 197 -43.15 -32.14 1.57
N PRO C 198 -44.26 -32.72 2.05
CA PRO C 198 -45.35 -33.18 1.19
C PRO C 198 -46.27 -32.08 0.67
N TYR C 199 -46.05 -30.84 1.08
CA TYR C 199 -46.87 -29.74 0.60
C TYR C 199 -46.10 -28.88 -0.39
N LEU C 200 -44.76 -29.03 -0.39
CA LEU C 200 -43.91 -28.26 -1.29
C LEU C 200 -44.12 -28.59 -2.75
N GLN C 201 -43.99 -27.54 -3.54
CA GLN C 201 -44.11 -27.68 -4.97
C GLN C 201 -42.90 -28.48 -5.49
N ASP C 202 -43.05 -29.12 -6.64
CA ASP C 202 -41.97 -29.89 -7.23
C ASP C 202 -40.93 -28.97 -7.84
N GLY C 203 -39.65 -29.27 -7.64
CA GLY C 203 -38.60 -28.57 -8.34
C GLY C 203 -37.57 -27.91 -7.45
N ILE C 204 -38.00 -27.44 -6.29
CA ILE C 204 -37.12 -26.69 -5.40
C ILE C 204 -35.87 -27.50 -5.02
N GLU C 205 -36.03 -28.80 -4.91
CA GLU C 205 -34.94 -29.71 -4.61
C GLU C 205 -33.82 -29.57 -5.65
N ARG C 206 -34.22 -29.32 -6.90
CA ARG C 206 -33.30 -29.17 -8.02
C ARG C 206 -32.62 -27.81 -7.88
N SER C 207 -33.41 -26.79 -7.58
CA SER C 207 -32.87 -25.45 -7.42
C SER C 207 -31.76 -25.43 -6.41
N LEU C 208 -31.98 -26.00 -5.25
CA LEU C 208 -30.97 -25.94 -4.20
C LEU C 208 -29.96 -27.09 -4.23
N GLY C 209 -30.07 -27.96 -5.24
CA GLY C 209 -29.14 -29.07 -5.37
C GLY C 209 -29.13 -30.03 -4.18
N VAL C 210 -30.31 -30.46 -3.72
CA VAL C 210 -30.38 -31.45 -2.64
C VAL C 210 -31.31 -32.61 -2.99
N GLN C 211 -31.27 -33.66 -2.20
CA GLN C 211 -32.15 -34.81 -2.45
C GLN C 211 -33.52 -34.68 -1.76
N ARG C 212 -34.57 -35.15 -2.42
CA ARG C 212 -35.89 -35.16 -1.83
C ARG C 212 -36.44 -36.58 -1.71
N VAL C 213 -36.98 -36.92 -0.54
CA VAL C 213 -37.67 -38.19 -0.40
C VAL C 213 -39.14 -37.91 -0.15
N TYR C 214 -40.00 -38.88 -0.44
CA TYR C 214 -41.43 -38.61 -0.49
C TYR C 214 -42.25 -39.31 0.57
N THR C 215 -41.58 -39.96 1.52
CA THR C 215 -42.28 -40.44 2.70
C THR C 215 -41.42 -40.21 3.92
N LEU C 216 -42.08 -39.90 5.01
CA LEU C 216 -41.39 -39.64 6.27
C LEU C 216 -40.49 -40.82 6.63
N GLN C 217 -40.93 -42.01 6.29
CA GLN C 217 -40.19 -43.23 6.56
C GLN C 217 -38.82 -43.25 5.83
N ASP C 218 -38.85 -42.92 4.53
CA ASP C 218 -37.63 -42.86 3.75
C ASP C 218 -36.68 -41.87 4.34
N LEU C 219 -37.21 -40.73 4.79
CA LEU C 219 -36.37 -39.69 5.34
C LEU C 219 -35.73 -40.15 6.64
N LEU C 220 -36.51 -40.83 7.48
CA LEU C 220 -36.02 -41.27 8.77
C LEU C 220 -35.01 -42.42 8.64
N TYR C 221 -35.22 -43.28 7.64
CA TYR C 221 -34.35 -44.43 7.38
C TYR C 221 -32.94 -44.01 7.00
N GLN C 222 -32.83 -42.94 6.23
CA GLN C 222 -31.57 -42.51 5.62
C GLN C 222 -30.79 -41.51 6.45
N SER C 223 -31.40 -40.99 7.52
CA SER C 223 -30.81 -39.85 8.24
C SER C 223 -30.03 -40.20 9.51
N ASP C 224 -28.83 -39.66 9.61
CA ASP C 224 -28.02 -39.77 10.81
C ASP C 224 -28.44 -38.68 11.77
N CYS C 225 -28.88 -37.56 11.20
CA CYS C 225 -29.40 -36.48 12.01
C CYS C 225 -30.71 -36.01 11.37
N VAL C 226 -31.77 -35.99 12.17
CA VAL C 226 -33.09 -35.53 11.70
C VAL C 226 -33.36 -34.18 12.38
N SER C 227 -33.70 -33.18 11.58
CA SER C 227 -33.95 -31.86 12.13
C SER C 227 -35.28 -31.37 11.61
N LEU C 228 -36.14 -30.95 12.55
CA LEU C 228 -37.50 -30.50 12.24
C LEU C 228 -37.62 -29.01 11.92
N HIS C 229 -38.28 -28.72 10.81
CA HIS C 229 -38.54 -27.38 10.34
C HIS C 229 -39.91 -27.26 9.69
N CYS C 230 -40.87 -28.04 10.15
CA CYS C 230 -42.23 -27.94 9.60
C CYS C 230 -43.09 -27.21 10.61
N ASN C 231 -44.09 -26.50 10.12
CA ASN C 231 -45.02 -25.80 11.00
C ASN C 231 -45.98 -26.80 11.61
N LEU C 232 -46.39 -26.56 12.85
CA LEU C 232 -47.30 -27.48 13.50
C LEU C 232 -48.67 -27.23 12.88
N ASN C 233 -49.30 -28.33 12.46
CA ASN C 233 -50.58 -28.26 11.76
C ASN C 233 -51.54 -29.40 12.12
N GLU C 234 -52.68 -29.45 11.44
CA GLU C 234 -53.76 -30.42 11.74
C GLU C 234 -53.32 -31.88 11.69
N HIS C 235 -52.36 -32.18 10.82
CA HIS C 235 -52.03 -33.57 10.46
C HIS C 235 -50.69 -34.05 11.00
N ASN C 236 -49.93 -33.17 11.65
CA ASN C 236 -48.61 -33.55 12.11
C ASN C 236 -48.35 -33.43 13.60
N HIS C 237 -49.38 -33.43 14.42
CA HIS C 237 -49.15 -33.49 15.86
C HIS C 237 -48.50 -34.84 16.19
N HIS C 238 -47.50 -34.82 17.05
CA HIS C 238 -46.69 -36.00 17.37
C HIS C 238 -46.17 -36.75 16.13
N LEU C 239 -45.74 -36.00 15.11
CA LEU C 239 -45.09 -36.58 13.94
C LEU C 239 -43.99 -37.58 14.33
N ILE C 240 -43.15 -37.18 15.27
CA ILE C 240 -42.14 -38.05 15.85
C ILE C 240 -42.72 -38.73 17.09
N ASN C 241 -43.12 -39.98 16.96
CA ASN C 241 -43.82 -40.66 18.04
C ASN C 241 -43.18 -42.01 18.27
N ASP C 242 -43.80 -42.82 19.11
CA ASP C 242 -43.20 -44.09 19.46
C ASP C 242 -43.07 -44.98 18.22
N PHE C 243 -44.02 -44.88 17.31
CA PHE C 243 -43.96 -45.68 16.10
C PHE C 243 -42.84 -45.17 15.17
N THR C 244 -42.75 -43.85 14.97
CA THR C 244 -41.79 -43.25 14.03
C THR C 244 -40.33 -43.27 14.54
N ILE C 245 -40.17 -43.15 15.85
CA ILE C 245 -38.82 -43.24 16.41
C ILE C 245 -38.18 -44.58 16.03
N LYS C 246 -38.99 -45.63 15.97
CA LYS C 246 -38.48 -46.94 15.59
C LYS C 246 -38.08 -46.96 14.12
N GLN C 247 -38.58 -46.01 13.33
CA GLN C 247 -38.21 -45.96 11.93
C GLN C 247 -36.85 -45.26 11.74
N MET C 248 -36.35 -44.62 12.80
CA MET C 248 -35.08 -43.91 12.73
C MET C 248 -33.85 -44.80 12.86
N ARG C 249 -32.73 -44.34 12.29
CA ARG C 249 -31.50 -45.10 12.40
C ARG C 249 -31.05 -45.21 13.85
N GLN C 250 -30.53 -46.39 14.17
CA GLN C 250 -29.91 -46.66 15.47
C GLN C 250 -28.87 -45.59 15.77
N GLY C 251 -29.05 -44.87 16.87
CA GLY C 251 -28.07 -43.90 17.33
C GLY C 251 -27.99 -42.59 16.55
N ALA C 252 -29.08 -42.23 15.88
CA ALA C 252 -29.19 -40.98 15.14
C ALA C 252 -29.36 -39.80 16.10
N PHE C 253 -29.27 -38.59 15.56
CA PHE C 253 -29.49 -37.36 16.32
C PHE C 253 -30.86 -36.81 15.93
N LEU C 254 -31.50 -36.16 16.89
CA LEU C 254 -32.76 -35.43 16.64
C LEU C 254 -32.61 -33.97 17.10
N VAL C 255 -33.00 -33.04 16.24
CA VAL C 255 -33.00 -31.62 16.55
C VAL C 255 -34.37 -31.06 16.25
N ASN C 256 -34.91 -30.28 17.18
CA ASN C 256 -36.21 -29.65 16.97
C ASN C 256 -36.22 -28.20 17.43
N ALA C 257 -36.14 -27.28 16.47
CA ALA C 257 -36.27 -25.86 16.74
C ALA C 257 -37.53 -25.29 16.08
N ALA C 258 -38.48 -26.17 15.78
CA ALA C 258 -39.72 -25.76 15.13
C ALA C 258 -40.88 -25.60 16.15
N ARG C 259 -41.60 -26.68 16.44
CA ARG C 259 -42.69 -26.65 17.43
C ARG C 259 -42.73 -27.87 18.32
N GLY C 260 -42.97 -27.65 19.60
CA GLY C 260 -42.83 -28.71 20.58
C GLY C 260 -43.81 -29.86 20.45
N GLY C 261 -44.96 -29.60 19.81
CA GLY C 261 -45.99 -30.59 19.62
C GLY C 261 -45.67 -31.63 18.57
N LEU C 262 -44.62 -31.38 17.79
CA LEU C 262 -44.22 -32.30 16.73
C LEU C 262 -43.61 -33.59 17.25
N VAL C 263 -43.15 -33.55 18.50
CA VAL C 263 -42.43 -34.67 19.09
C VAL C 263 -43.10 -35.23 20.34
N ASP C 264 -43.35 -36.53 20.36
CA ASP C 264 -43.85 -37.17 21.57
C ASP C 264 -42.69 -37.37 22.52
N GLU C 265 -42.58 -36.47 23.50
CA GLU C 265 -41.46 -36.50 24.41
C GLU C 265 -41.39 -37.77 25.25
N LYS C 266 -42.54 -38.42 25.50
CA LYS C 266 -42.53 -39.70 26.21
C LYS C 266 -41.71 -40.72 25.40
N ALA C 267 -41.99 -40.79 24.11
CA ALA C 267 -41.28 -41.70 23.22
C ALA C 267 -39.81 -41.37 23.18
N LEU C 268 -39.52 -40.08 22.98
CA LEU C 268 -38.14 -39.62 22.87
C LEU C 268 -37.36 -39.94 24.13
N ALA C 269 -37.96 -39.71 25.29
CA ALA C 269 -37.31 -40.00 26.55
C ALA C 269 -36.82 -41.44 26.52
N GLN C 270 -37.71 -42.34 26.08
CA GLN C 270 -37.36 -43.76 26.05
C GLN C 270 -36.18 -44.01 25.10
N ALA C 271 -36.23 -43.38 23.93
CA ALA C 271 -35.20 -43.57 22.89
C ALA C 271 -33.82 -43.18 23.41
N LEU C 272 -33.81 -42.09 24.14
CA LEU C 272 -32.58 -41.58 24.75
C LEU C 272 -32.07 -42.54 25.82
N LYS C 273 -32.96 -42.94 26.72
CA LYS C 273 -32.61 -43.89 27.78
C LYS C 273 -32.05 -45.20 27.21
N GLU C 274 -32.69 -45.71 26.15
CA GLU C 274 -32.34 -47.00 25.57
C GLU C 274 -31.18 -46.94 24.56
N GLY C 275 -30.65 -45.74 24.31
CA GLY C 275 -29.54 -45.56 23.40
C GLY C 275 -29.97 -45.55 21.93
N ARG C 276 -31.26 -45.74 21.67
CA ARG C 276 -31.76 -45.78 20.29
C ARG C 276 -31.54 -44.43 19.60
N ILE C 277 -31.62 -43.37 20.40
CA ILE C 277 -31.27 -42.02 19.95
C ILE C 277 -30.01 -41.60 20.70
N ARG C 278 -28.94 -41.27 19.96
CA ARG C 278 -27.66 -40.99 20.58
C ARG C 278 -27.78 -39.67 21.32
N GLY C 279 -28.61 -38.78 20.80
CA GLY C 279 -28.81 -37.49 21.44
C GLY C 279 -29.85 -36.62 20.76
N ALA C 280 -30.37 -35.66 21.52
CA ALA C 280 -31.36 -34.73 20.98
C ALA C 280 -31.09 -33.29 21.44
N ALA C 281 -31.43 -32.34 20.58
CA ALA C 281 -31.33 -30.93 20.92
C ALA C 281 -32.67 -30.28 20.62
N LEU C 282 -33.30 -29.77 21.67
CA LEU C 282 -34.65 -29.22 21.59
C LEU C 282 -34.70 -27.77 22.06
N ASP C 283 -35.12 -26.90 21.14
CA ASP C 283 -35.32 -25.49 21.46
C ASP C 283 -36.77 -25.25 21.80
N VAL C 284 -37.59 -26.23 21.55
CA VAL C 284 -39.01 -26.08 21.73
C VAL C 284 -39.52 -27.39 22.34
N HIS C 285 -40.63 -27.31 23.07
CA HIS C 285 -41.15 -28.44 23.84
C HIS C 285 -42.68 -28.45 23.88
N GLU C 286 -43.26 -29.63 24.15
CA GLU C 286 -44.71 -29.83 24.24
C GLU C 286 -45.35 -28.88 25.23
N SER C 287 -44.69 -28.71 26.37
CA SER C 287 -45.12 -27.76 27.39
C SER C 287 -44.02 -26.76 27.68
N GLU C 288 -44.28 -25.50 27.36
CA GLU C 288 -43.35 -24.42 27.67
C GLU C 288 -43.97 -23.55 28.74
N PRO C 289 -43.15 -22.97 29.64
CA PRO C 289 -41.69 -22.96 29.65
C PRO C 289 -41.04 -24.27 30.10
N PHE C 290 -39.93 -24.61 29.48
CA PHE C 290 -39.28 -25.86 29.82
C PHE C 290 -38.52 -25.79 31.14
N SER C 291 -38.53 -26.91 31.86
CA SER C 291 -37.71 -27.13 33.06
C SER C 291 -37.11 -28.54 33.02
N PHE C 292 -35.86 -28.67 33.45
CA PHE C 292 -35.21 -29.97 33.49
C PHE C 292 -35.75 -30.78 34.68
N ALA C 293 -36.32 -30.09 35.65
CA ALA C 293 -36.81 -30.75 36.87
C ALA C 293 -38.20 -31.39 36.70
N GLN C 294 -38.92 -31.00 35.64
CA GLN C 294 -40.30 -31.41 35.47
C GLN C 294 -40.54 -31.98 34.07
N GLY C 295 -41.40 -32.99 33.98
CA GLY C 295 -41.86 -33.52 32.70
C GLY C 295 -41.23 -34.84 32.30
N PRO C 296 -41.64 -35.35 31.14
CA PRO C 296 -41.23 -36.67 30.65
C PRO C 296 -39.73 -36.76 30.33
N LEU C 297 -39.08 -35.65 29.98
CA LEU C 297 -37.63 -35.68 29.69
C LEU C 297 -36.83 -35.45 30.96
N LYS C 298 -37.52 -35.44 32.10
CA LYS C 298 -36.90 -35.10 33.38
C LYS C 298 -35.46 -35.67 33.54
N ASP C 299 -35.30 -36.99 33.49
CA ASP C 299 -34.00 -37.60 33.75
C ASP C 299 -33.42 -38.28 32.48
N ALA C 300 -33.68 -37.66 31.33
CA ALA C 300 -33.27 -38.23 30.05
C ALA C 300 -31.83 -37.87 29.77
N PRO C 301 -31.06 -38.85 29.27
CA PRO C 301 -29.63 -38.62 28.97
C PRO C 301 -29.42 -37.97 27.62
N ASN C 302 -28.24 -37.40 27.45
CA ASN C 302 -27.85 -36.85 26.16
C ASN C 302 -28.84 -35.86 25.57
N LEU C 303 -29.39 -34.99 26.44
CA LEU C 303 -30.38 -34.02 26.03
C LEU C 303 -29.80 -32.62 26.16
N ILE C 304 -29.97 -31.82 25.12
CA ILE C 304 -29.73 -30.39 25.18
C ILE C 304 -31.04 -29.65 24.98
N CYS C 305 -31.25 -28.60 25.75
CA CYS C 305 -32.42 -27.77 25.60
C CYS C 305 -32.12 -26.29 25.75
N THR C 306 -32.81 -25.51 24.91
CA THR C 306 -32.79 -24.07 25.02
C THR C 306 -34.22 -23.55 25.07
N PRO C 307 -34.44 -22.42 25.75
CA PRO C 307 -35.80 -22.00 26.04
C PRO C 307 -36.48 -21.18 24.93
N HIS C 308 -36.63 -21.75 23.74
CA HIS C 308 -37.31 -21.06 22.65
C HIS C 308 -36.65 -19.71 22.32
N THR C 309 -35.36 -19.78 22.02
CA THR C 309 -34.56 -18.62 21.73
C THR C 309 -34.01 -18.65 20.32
N ALA C 310 -34.31 -19.71 19.57
CA ALA C 310 -33.74 -19.88 18.23
C ALA C 310 -33.91 -18.64 17.38
N TRP C 311 -35.03 -17.97 17.56
CA TRP C 311 -35.41 -16.79 16.77
C TRP C 311 -34.70 -15.50 17.19
N TYR C 312 -34.27 -15.42 18.45
CA TYR C 312 -33.95 -14.11 19.02
C TYR C 312 -32.60 -13.48 18.68
N SER C 313 -32.66 -12.23 18.22
CA SER C 313 -31.51 -11.33 18.16
C SER C 313 -32.12 -9.93 18.29
N GLU C 314 -31.34 -8.95 18.75
CA GLU C 314 -31.87 -7.60 18.91
C GLU C 314 -32.54 -7.12 17.62
N GLN C 315 -31.83 -7.34 16.52
CA GLN C 315 -32.20 -6.79 15.24
C GLN C 315 -33.48 -7.46 14.76
N ALA C 316 -33.58 -8.77 15.01
CA ALA C 316 -34.73 -9.55 14.56
C ALA C 316 -35.99 -9.19 15.31
N SER C 317 -35.85 -9.03 16.63
CA SER C 317 -36.97 -8.68 17.49
C SER C 317 -37.55 -7.33 17.06
N LEU C 318 -36.66 -6.37 16.78
CA LEU C 318 -37.06 -5.05 16.34
C LEU C 318 -37.77 -5.13 15.00
N GLU C 319 -37.18 -5.91 14.08
CA GLU C 319 -37.71 -6.04 12.72
C GLU C 319 -39.13 -6.57 12.69
N MET C 320 -39.40 -7.60 13.49
CA MET C 320 -40.69 -8.28 13.46
C MET C 320 -41.76 -7.47 14.16
N ARG C 321 -41.37 -6.78 15.22
CA ARG C 321 -42.30 -5.88 15.88
C ARG C 321 -42.72 -4.75 14.95
N GLU C 322 -41.76 -4.17 14.25
CA GLU C 322 -42.05 -3.11 13.31
C GLU C 322 -43.00 -3.60 12.21
N ALA C 323 -42.77 -4.82 11.74
CA ALA C 323 -43.56 -5.45 10.68
C ALA C 323 -45.00 -5.71 11.14
N ALA C 324 -45.15 -6.12 12.39
CA ALA C 324 -46.46 -6.43 12.92
C ALA C 324 -47.30 -5.16 13.00
N ALA C 325 -46.70 -4.13 13.56
CA ALA C 325 -47.38 -2.85 13.70
C ALA C 325 -47.75 -2.32 12.33
N THR C 326 -46.86 -2.49 11.38
CA THR C 326 -47.11 -1.94 10.07
C THR C 326 -48.30 -2.63 9.43
N GLU C 327 -48.42 -3.93 9.68
CA GLU C 327 -49.51 -4.73 9.14
C GLU C 327 -50.83 -4.23 9.67
N ILE C 328 -50.88 -3.99 10.98
CA ILE C 328 -52.06 -3.41 11.60
C ILE C 328 -52.43 -2.09 10.92
N ARG C 329 -51.43 -1.24 10.70
CA ARG C 329 -51.65 0.05 10.05
C ARG C 329 -52.34 -0.21 8.72
N ARG C 330 -51.97 -1.28 8.03
CA ARG C 330 -52.62 -1.64 6.77
C ARG C 330 -54.08 -2.06 6.98
N ALA C 331 -54.32 -2.87 8.01
CA ALA C 331 -55.66 -3.37 8.31
C ALA C 331 -56.60 -2.18 8.56
N ILE C 332 -56.05 -1.15 9.20
CA ILE C 332 -56.80 0.05 9.53
C ILE C 332 -57.03 1.00 8.35
N THR C 333 -55.98 1.31 7.61
CA THR C 333 -56.07 2.28 6.53
C THR C 333 -56.69 1.73 5.25
N GLY C 334 -56.83 0.42 5.14
CA GLY C 334 -57.24 -0.19 3.88
C GLY C 334 -58.33 -1.23 4.01
N ARG C 335 -58.44 -2.08 2.98
CA ARG C 335 -59.43 -3.15 2.99
C ARG C 335 -58.83 -4.49 3.45
N ILE C 336 -59.55 -5.14 4.37
CA ILE C 336 -59.19 -6.44 4.90
C ILE C 336 -59.99 -7.48 4.14
N PRO C 337 -59.33 -8.52 3.60
CA PRO C 337 -57.92 -8.93 3.76
C PRO C 337 -56.99 -8.53 2.60
N GLU C 338 -57.48 -7.77 1.63
CA GLU C 338 -56.73 -7.47 0.41
C GLU C 338 -55.46 -6.65 0.65
N SER C 339 -55.52 -5.76 1.62
CA SER C 339 -54.41 -4.84 1.88
C SER C 339 -53.27 -5.48 2.66
N LEU C 340 -53.49 -6.68 3.18
CA LEU C 340 -52.50 -7.33 4.05
C LEU C 340 -51.35 -8.03 3.29
N ARG C 341 -50.14 -7.93 3.83
CA ARG C 341 -48.97 -8.47 3.15
C ARG C 341 -48.89 -9.97 3.36
N ASN C 342 -49.12 -10.39 4.59
CA ASN C 342 -48.96 -11.79 4.95
C ASN C 342 -50.14 -12.37 5.73
N CYS C 343 -51.32 -12.37 5.10
CA CYS C 343 -52.51 -12.98 5.69
C CYS C 343 -52.54 -14.46 5.35
N VAL C 344 -52.58 -15.28 6.40
CA VAL C 344 -52.43 -16.71 6.27
C VAL C 344 -53.75 -17.46 6.30
N ASN C 345 -54.86 -16.74 6.22
CA ASN C 345 -56.15 -17.35 6.32
C ASN C 345 -57.18 -16.72 5.39
N LYS C 346 -56.92 -16.78 4.09
CA LYS C 346 -57.97 -16.47 3.12
C LYS C 346 -58.89 -17.70 2.96
N GLU C 347 -59.50 -18.09 4.08
CA GLU C 347 -60.76 -18.85 4.13
C GLU C 347 -61.58 -17.90 4.99
N PHE C 348 -61.37 -16.63 4.66
CA PHE C 348 -61.90 -15.45 5.37
C PHE C 348 -63.32 -15.18 4.97
N PHE C 349 -64.11 -14.70 5.92
CA PHE C 349 -65.55 -14.53 5.74
C PHE C 349 -66.23 -15.89 5.66
N ARG D 20 14.98 -55.78 14.82
CA ARG D 20 13.80 -55.25 15.52
C ARG D 20 14.10 -53.89 16.17
N PRO D 21 14.22 -52.82 15.36
CA PRO D 21 14.46 -51.45 15.84
C PRO D 21 13.36 -50.97 16.78
N LEU D 22 13.70 -50.18 17.80
CA LEU D 22 12.73 -49.80 18.83
C LEU D 22 12.01 -48.48 18.53
N VAL D 23 10.69 -48.52 18.55
CA VAL D 23 9.89 -47.31 18.36
C VAL D 23 9.04 -47.08 19.59
N ALA D 24 9.20 -45.90 20.20
CA ALA D 24 8.58 -45.60 21.48
C ALA D 24 7.50 -44.54 21.36
N LEU D 25 6.36 -44.82 21.98
CA LEU D 25 5.26 -43.87 22.12
C LEU D 25 5.43 -43.10 23.42
N LEU D 26 5.84 -41.83 23.36
CA LEU D 26 6.29 -41.18 24.59
C LEU D 26 5.19 -40.91 25.61
N ASP D 27 4.13 -40.22 25.22
CA ASP D 27 3.10 -39.79 26.17
C ASP D 27 1.72 -40.44 25.99
N GLY D 28 1.68 -41.75 25.81
CA GLY D 28 0.42 -42.45 25.68
C GLY D 28 0.49 -43.89 26.17
N ARG D 29 -0.67 -44.50 26.37
CA ARG D 29 -0.73 -45.90 26.77
C ARG D 29 -1.15 -46.74 25.56
N ASP D 30 -2.22 -46.32 24.91
CA ASP D 30 -2.72 -47.08 23.77
C ASP D 30 -1.73 -47.08 22.58
N CYS D 31 -1.54 -48.24 21.97
CA CYS D 31 -0.60 -48.38 20.84
C CYS D 31 -1.18 -49.36 19.83
N THR D 32 -2.50 -49.54 19.90
CA THR D 32 -3.20 -50.64 19.25
C THR D 32 -3.48 -50.43 17.76
N VAL D 33 -3.47 -49.17 17.32
CA VAL D 33 -3.64 -48.85 15.91
C VAL D 33 -2.28 -48.91 15.18
N GLU D 34 -1.22 -48.61 15.92
CA GLU D 34 0.10 -48.43 15.33
C GLU D 34 0.83 -49.76 15.24
N MET D 35 0.64 -50.61 16.26
CA MET D 35 1.34 -51.89 16.36
C MET D 35 1.19 -52.70 15.09
N PRO D 36 -0.05 -53.05 14.71
CA PRO D 36 -0.24 -53.93 13.56
C PRO D 36 0.46 -53.42 12.31
N ILE D 37 0.53 -52.12 12.12
CA ILE D 37 1.17 -51.58 10.92
C ILE D 37 2.66 -51.82 10.96
N LEU D 38 3.19 -52.03 12.17
CA LEU D 38 4.63 -52.16 12.32
C LEU D 38 5.07 -53.55 12.79
N LYS D 39 4.10 -54.41 13.15
CA LYS D 39 4.42 -55.72 13.73
C LYS D 39 5.57 -56.39 12.98
N ASP D 40 5.49 -56.34 11.65
CA ASP D 40 6.48 -56.99 10.78
C ASP D 40 7.84 -56.23 10.60
N LEU D 41 7.95 -54.98 11.04
CA LEU D 41 9.18 -54.17 10.81
C LEU D 41 9.84 -53.55 12.07
N ALA D 42 9.09 -53.35 13.15
CA ALA D 42 9.68 -52.73 14.35
C ALA D 42 8.99 -53.15 15.65
N THR D 43 9.73 -53.08 16.76
CA THR D 43 9.18 -53.28 18.09
C THR D 43 8.56 -51.98 18.59
N VAL D 44 7.30 -52.04 19.00
CA VAL D 44 6.58 -50.85 19.42
C VAL D 44 6.39 -50.82 20.94
N ALA D 45 6.71 -49.70 21.57
CA ALA D 45 6.57 -49.57 23.03
C ALA D 45 6.02 -48.20 23.41
N PHE D 46 5.45 -48.12 24.62
CA PHE D 46 4.93 -46.85 25.13
C PHE D 46 5.51 -46.50 26.49
N CYS D 47 5.56 -45.21 26.77
CA CYS D 47 6.15 -44.69 28.01
C CYS D 47 5.10 -44.07 28.93
N ASP D 48 3.96 -43.68 28.37
CA ASP D 48 2.87 -43.07 29.15
C ASP D 48 3.46 -42.01 30.11
N ALA D 49 4.45 -41.29 29.59
CA ALA D 49 5.20 -40.28 30.33
C ALA D 49 4.61 -38.88 30.16
N GLN D 50 4.42 -38.16 31.27
CA GLN D 50 3.97 -36.78 31.22
C GLN D 50 5.20 -35.88 31.10
N SER D 51 6.38 -36.47 31.26
CA SER D 51 7.65 -35.79 31.05
C SER D 51 8.74 -36.76 30.60
N THR D 52 9.71 -36.24 29.85
CA THR D 52 10.87 -37.02 29.44
C THR D 52 11.56 -37.55 30.71
N GLN D 53 11.37 -36.82 31.83
CA GLN D 53 11.97 -37.22 33.10
C GLN D 53 11.52 -38.64 33.47
N GLU D 54 10.37 -39.02 32.92
CA GLU D 54 9.76 -40.33 33.13
C GLU D 54 10.08 -41.34 31.98
N ILE D 55 10.84 -40.89 30.98
CA ILE D 55 11.18 -41.76 29.84
C ILE D 55 12.14 -42.85 30.29
N HIS D 56 11.74 -44.11 30.07
CA HIS D 56 12.57 -45.24 30.50
C HIS D 56 13.94 -45.14 29.84
N GLU D 57 14.98 -45.54 30.58
CA GLU D 57 16.35 -45.46 30.09
C GLU D 57 16.51 -46.30 28.83
N LYS D 58 15.87 -47.46 28.80
CA LYS D 58 15.99 -48.34 27.64
C LYS D 58 15.53 -47.62 26.38
N VAL D 59 14.43 -46.86 26.48
CA VAL D 59 13.92 -46.12 25.32
C VAL D 59 14.83 -44.95 24.93
N LEU D 60 15.18 -44.14 25.92
CA LEU D 60 16.01 -42.97 25.70
C LEU D 60 17.37 -43.38 25.09
N ASN D 61 17.88 -44.53 25.53
CA ASN D 61 19.18 -45.04 25.12
C ASN D 61 19.18 -45.86 23.80
N GLU D 62 18.13 -46.67 23.55
CA GLU D 62 18.13 -47.63 22.44
C GLU D 62 16.92 -47.51 21.49
N ALA D 63 16.23 -46.37 21.52
CA ALA D 63 15.04 -46.18 20.68
C ALA D 63 15.40 -45.37 19.43
N VAL D 64 15.02 -45.92 18.27
CA VAL D 64 15.34 -45.30 17.00
C VAL D 64 14.26 -44.30 16.58
N GLY D 65 13.01 -44.55 16.97
CA GLY D 65 11.92 -43.68 16.57
C GLY D 65 10.94 -43.37 17.69
N ALA D 66 10.38 -42.16 17.65
CA ALA D 66 9.42 -41.72 18.67
C ALA D 66 8.16 -41.12 18.05
N MET D 67 7.03 -41.40 18.69
CA MET D 67 5.74 -40.80 18.38
C MET D 67 5.23 -40.16 19.65
N MET D 68 4.70 -38.95 19.54
CA MET D 68 4.26 -38.21 20.72
C MET D 68 3.06 -37.34 20.38
N TYR D 69 2.29 -37.02 21.42
CA TYR D 69 1.17 -36.10 21.30
C TYR D 69 1.66 -34.70 21.70
N HIS D 70 0.77 -33.87 22.21
CA HIS D 70 1.09 -32.48 22.52
C HIS D 70 1.36 -32.27 24.00
N THR D 71 1.20 -33.32 24.81
CA THR D 71 1.21 -33.17 26.26
C THR D 71 2.63 -33.20 26.85
N ILE D 72 3.62 -33.47 26.01
CA ILE D 72 5.01 -33.48 26.45
C ILE D 72 5.87 -32.54 25.61
N THR D 73 6.97 -32.10 26.18
CA THR D 73 7.85 -31.17 25.48
C THR D 73 9.26 -31.72 25.30
N LEU D 74 9.82 -31.49 24.12
CA LEU D 74 11.19 -31.89 23.84
C LEU D 74 12.02 -30.65 23.55
N THR D 75 12.79 -30.26 24.56
CA THR D 75 13.74 -29.14 24.48
C THR D 75 15.09 -29.56 23.89
N ARG D 76 16.00 -28.60 23.85
CA ARG D 76 17.37 -28.88 23.42
C ARG D 76 17.97 -29.95 24.32
N GLU D 77 17.91 -29.70 25.64
CA GLU D 77 18.43 -30.64 26.63
C GLU D 77 17.79 -32.02 26.50
N ASP D 78 16.46 -32.03 26.41
CA ASP D 78 15.74 -33.30 26.32
C ASP D 78 16.16 -34.07 25.07
N LEU D 79 16.08 -33.43 23.92
CA LEU D 79 16.40 -34.11 22.67
C LEU D 79 17.85 -34.58 22.69
N GLU D 80 18.72 -33.81 23.33
CA GLU D 80 20.13 -34.17 23.39
C GLU D 80 20.31 -35.48 24.15
N LYS D 81 19.36 -35.79 25.03
CA LYS D 81 19.45 -37.02 25.83
C LYS D 81 19.20 -38.28 25.00
N PHE D 82 18.62 -38.14 23.81
CA PHE D 82 18.31 -39.34 22.99
C PHE D 82 19.56 -39.82 22.23
N LYS D 83 19.97 -41.07 22.50
CA LYS D 83 21.20 -41.60 21.93
C LYS D 83 21.07 -42.28 20.55
N ALA D 84 19.87 -42.69 20.17
CA ALA D 84 19.67 -43.45 18.92
C ALA D 84 18.56 -42.87 18.03
N LEU D 85 17.78 -41.96 18.60
CA LEU D 85 16.65 -41.38 17.89
C LEU D 85 17.05 -40.71 16.57
N ARG D 86 16.37 -41.09 15.49
CA ARG D 86 16.56 -40.49 14.18
C ARG D 86 15.28 -39.79 13.70
N VAL D 87 14.12 -40.17 14.25
CA VAL D 87 12.86 -39.53 13.82
C VAL D 87 11.85 -39.31 14.95
N ILE D 88 11.21 -38.14 14.94
CA ILE D 88 10.08 -37.85 15.84
C ILE D 88 8.87 -37.55 15.00
N VAL D 89 7.75 -38.20 15.31
CA VAL D 89 6.53 -37.95 14.56
C VAL D 89 5.43 -37.47 15.49
N ARG D 90 5.03 -36.23 15.31
CA ARG D 90 3.94 -35.65 16.11
C ARG D 90 2.60 -36.21 15.62
N ILE D 91 1.90 -36.89 16.50
CA ILE D 91 0.55 -37.35 16.21
C ILE D 91 -0.33 -36.12 16.44
N GLY D 92 -0.50 -35.34 15.36
CA GLY D 92 -1.12 -34.04 15.44
C GLY D 92 -0.47 -33.09 14.46
N SER D 93 -1.01 -31.89 14.33
CA SER D 93 -0.47 -30.92 13.38
C SER D 93 0.52 -29.97 14.03
N GLY D 94 0.34 -29.70 15.32
CA GLY D 94 1.20 -28.74 16.00
C GLY D 94 2.52 -29.36 16.45
N TYR D 95 3.62 -28.62 16.33
CA TYR D 95 4.93 -29.13 16.75
C TYR D 95 5.73 -28.06 17.51
N ASP D 96 5.01 -27.10 18.07
CA ASP D 96 5.57 -26.07 18.95
C ASP D 96 6.17 -26.67 20.21
N ASN D 97 5.72 -27.87 20.57
CA ASN D 97 6.19 -28.55 21.76
C ASN D 97 7.50 -29.31 21.51
N VAL D 98 8.06 -29.15 20.32
CA VAL D 98 9.38 -29.70 20.00
C VAL D 98 10.33 -28.66 19.41
N ASP D 99 11.53 -28.52 19.98
CA ASP D 99 12.54 -27.64 19.40
C ASP D 99 13.08 -28.25 18.10
N ILE D 100 12.40 -27.96 17.00
CA ILE D 100 12.69 -28.60 15.72
C ILE D 100 14.06 -28.25 15.12
N LYS D 101 14.62 -27.11 15.54
CA LYS D 101 15.94 -26.69 15.08
C LYS D 101 17.02 -27.54 15.75
N ALA D 102 16.91 -27.69 17.07
CA ALA D 102 17.82 -28.53 17.81
C ALA D 102 17.73 -29.94 17.27
N ALA D 103 16.51 -30.40 17.04
CA ALA D 103 16.31 -31.72 16.45
C ALA D 103 17.11 -31.82 15.14
N GLY D 104 16.94 -30.84 14.26
CA GLY D 104 17.62 -30.83 12.96
C GLY D 104 19.14 -30.85 13.08
N GLU D 105 19.64 -30.08 14.04
CA GLU D 105 21.07 -30.01 14.29
C GLU D 105 21.61 -31.35 14.82
N LEU D 106 20.80 -32.07 15.59
CA LEU D 106 21.19 -33.38 16.09
C LEU D 106 20.86 -34.48 15.09
N GLY D 107 20.50 -34.10 13.88
CA GLY D 107 20.24 -35.08 12.83
C GLY D 107 18.96 -35.86 13.03
N ILE D 108 17.99 -35.24 13.69
CA ILE D 108 16.69 -35.86 13.96
C ILE D 108 15.65 -35.23 13.09
N ALA D 109 14.88 -36.06 12.40
CA ALA D 109 13.83 -35.54 11.56
C ALA D 109 12.59 -35.43 12.41
N VAL D 110 11.86 -34.34 12.26
CA VAL D 110 10.64 -34.16 13.00
C VAL D 110 9.53 -34.04 11.98
N CYS D 111 8.45 -34.79 12.21
CA CYS D 111 7.34 -34.79 11.30
C CYS D 111 6.08 -34.49 12.06
N ASN D 112 5.05 -34.11 11.31
CA ASN D 112 3.75 -33.99 11.88
C ASN D 112 2.74 -34.68 10.99
N ILE D 113 1.51 -34.73 11.47
CA ILE D 113 0.37 -35.17 10.70
C ILE D 113 -0.48 -33.94 10.54
N PRO D 114 -0.50 -33.37 9.32
CA PRO D 114 -1.09 -32.05 9.08
C PRO D 114 -2.57 -32.02 8.68
N SER D 115 -3.20 -33.16 8.39
CA SER D 115 -4.47 -33.15 7.66
C SER D 115 -5.53 -34.13 8.15
N ALA D 116 -5.40 -34.59 9.39
CA ALA D 116 -6.29 -35.66 9.86
C ALA D 116 -7.50 -35.10 10.57
N ALA D 117 -7.34 -33.90 11.13
CA ALA D 117 -8.37 -33.26 11.93
C ALA D 117 -8.69 -31.86 11.39
N VAL D 118 -8.47 -31.64 10.09
CA VAL D 118 -8.72 -30.33 9.53
C VAL D 118 -10.20 -29.95 9.65
N GLU D 119 -11.07 -30.78 9.10
CA GLU D 119 -12.50 -30.48 9.10
C GLU D 119 -13.14 -30.57 10.49
N GLU D 120 -12.67 -31.53 11.29
CA GLU D 120 -13.09 -31.64 12.68
C GLU D 120 -12.87 -30.34 13.45
N THR D 121 -11.70 -29.74 13.23
CA THR D 121 -11.28 -28.51 13.94
C THR D 121 -12.09 -27.33 13.43
N ALA D 122 -12.34 -27.28 12.12
CA ALA D 122 -13.11 -26.20 11.56
C ALA D 122 -14.53 -26.24 12.09
N ASP D 123 -15.14 -27.43 12.07
CA ASP D 123 -16.50 -27.65 12.54
C ASP D 123 -16.62 -27.25 14.00
N SER D 124 -15.65 -27.67 14.79
CA SER D 124 -15.61 -27.32 16.21
C SER D 124 -15.42 -25.81 16.39
N THR D 125 -14.60 -25.20 15.54
CA THR D 125 -14.38 -23.76 15.64
C THR D 125 -15.69 -23.02 15.38
N ILE D 126 -16.35 -23.39 14.28
CA ILE D 126 -17.65 -22.82 13.91
C ILE D 126 -18.65 -23.00 15.03
N CYS D 127 -18.64 -24.15 15.69
CA CYS D 127 -19.48 -24.36 16.85
C CYS D 127 -19.20 -23.32 17.93
N HIS D 128 -17.93 -23.06 18.20
CA HIS D 128 -17.54 -22.03 19.16
C HIS D 128 -18.10 -20.67 18.77
N ILE D 129 -17.92 -20.30 17.50
CA ILE D 129 -18.40 -19.04 17.01
C ILE D 129 -19.93 -18.95 17.21
N LEU D 130 -20.64 -19.98 16.77
CA LEU D 130 -22.10 -20.01 16.88
C LEU D 130 -22.60 -20.03 18.34
N ASN D 131 -21.87 -20.71 19.22
CA ASN D 131 -22.23 -20.69 20.64
C ASN D 131 -22.12 -19.28 21.20
N LEU D 132 -21.16 -18.50 20.71
CA LEU D 132 -20.98 -17.11 21.13
C LEU D 132 -22.03 -16.19 20.54
N TYR D 133 -22.35 -16.38 19.27
CA TYR D 133 -23.31 -15.52 18.60
C TYR D 133 -24.76 -15.80 18.95
N ARG D 134 -25.07 -17.07 19.21
CA ARG D 134 -26.43 -17.52 19.47
C ARG D 134 -26.65 -17.93 20.92
N ARG D 135 -25.57 -18.14 21.67
CA ARG D 135 -25.66 -18.37 23.10
C ARG D 135 -26.23 -19.71 23.49
N ASN D 136 -26.13 -20.70 22.60
CA ASN D 136 -26.69 -22.01 22.86
C ASN D 136 -26.13 -22.65 24.14
N THR D 137 -24.83 -22.63 24.32
CA THR D 137 -24.24 -23.29 25.48
C THR D 137 -24.67 -22.58 26.76
N TRP D 138 -24.62 -21.26 26.78
CA TRP D 138 -25.00 -20.51 27.97
C TRP D 138 -26.46 -20.68 28.32
N LEU D 139 -27.31 -20.78 27.31
CA LEU D 139 -28.74 -20.95 27.56
C LEU D 139 -29.03 -22.31 28.17
N TYR D 140 -28.33 -23.33 27.69
CA TYR D 140 -28.39 -24.66 28.29
C TYR D 140 -27.99 -24.56 29.76
N GLN D 141 -26.94 -23.79 30.03
CA GLN D 141 -26.48 -23.62 31.40
C GLN D 141 -27.57 -22.96 32.26
N ALA D 142 -28.19 -21.92 31.73
CA ALA D 142 -29.22 -21.17 32.45
C ALA D 142 -30.38 -22.10 32.80
N LEU D 143 -30.70 -23.00 31.88
CA LEU D 143 -31.79 -23.92 32.14
C LEU D 143 -31.36 -24.92 33.18
N ARG D 144 -30.12 -25.40 33.11
CA ARG D 144 -29.65 -26.30 34.15
C ARG D 144 -29.65 -25.63 35.52
N GLU D 145 -29.38 -24.32 35.55
CA GLU D 145 -29.38 -23.55 36.80
C GLU D 145 -30.81 -23.28 37.30
N GLY D 146 -31.82 -23.61 36.51
CA GLY D 146 -33.20 -23.53 36.94
C GLY D 146 -33.94 -22.26 36.55
N THR D 147 -33.40 -21.50 35.60
CA THR D 147 -34.09 -20.30 35.15
C THR D 147 -35.36 -20.65 34.38
N ARG D 148 -36.48 -20.08 34.77
CA ARG D 148 -37.75 -20.32 34.08
C ARG D 148 -38.05 -19.20 33.11
N VAL D 149 -38.24 -19.55 31.83
CA VAL D 149 -38.41 -18.51 30.81
C VAL D 149 -39.77 -18.62 30.15
N GLN D 150 -40.76 -17.92 30.72
CA GLN D 150 -42.16 -18.04 30.30
C GLN D 150 -42.57 -16.99 29.26
N SER D 151 -42.30 -15.72 29.57
CA SER D 151 -42.71 -14.61 28.71
C SER D 151 -41.63 -14.19 27.71
N VAL D 152 -42.06 -13.53 26.64
CA VAL D 152 -41.16 -13.10 25.60
C VAL D 152 -40.11 -12.15 26.16
N GLU D 153 -40.51 -11.35 27.15
CA GLU D 153 -39.61 -10.42 27.79
C GLU D 153 -38.51 -11.21 28.48
N GLN D 154 -38.90 -12.30 29.14
CA GLN D 154 -37.94 -13.20 29.77
C GLN D 154 -37.02 -13.89 28.76
N ILE D 155 -37.55 -14.19 27.58
CA ILE D 155 -36.74 -14.81 26.54
C ILE D 155 -35.66 -13.86 26.09
N ARG D 156 -36.05 -12.63 25.83
CA ARG D 156 -35.11 -11.59 25.45
C ARG D 156 -34.11 -11.38 26.56
N GLU D 157 -34.56 -11.42 27.81
CA GLU D 157 -33.66 -11.19 28.93
C GLU D 157 -32.62 -12.30 28.96
N VAL D 158 -33.09 -13.54 29.00
CA VAL D 158 -32.17 -14.66 29.11
C VAL D 158 -31.24 -14.77 27.90
N ALA D 159 -31.74 -14.41 26.72
CA ALA D 159 -30.96 -14.53 25.48
C ALA D 159 -30.23 -13.24 25.12
N SER D 160 -30.18 -12.29 26.04
CA SER D 160 -29.56 -10.99 25.77
C SER D 160 -28.13 -11.14 25.28
N GLY D 161 -27.81 -10.38 24.24
CA GLY D 161 -26.53 -10.41 23.59
C GLY D 161 -26.55 -11.29 22.35
N ALA D 162 -27.53 -12.18 22.23
CA ALA D 162 -27.64 -13.00 21.03
C ALA D 162 -27.76 -12.09 19.81
N ALA D 163 -26.95 -12.35 18.79
CA ALA D 163 -26.79 -11.41 17.68
C ALA D 163 -27.07 -12.01 16.33
N ARG D 164 -27.45 -11.13 15.39
CA ARG D 164 -27.63 -11.46 13.99
C ARG D 164 -26.24 -11.53 13.36
N ILE D 165 -25.96 -12.60 12.64
CA ILE D 165 -24.63 -12.84 12.11
C ILE D 165 -24.34 -12.13 10.79
N ARG D 166 -25.28 -12.18 9.85
CA ARG D 166 -25.05 -11.59 8.53
C ARG D 166 -24.63 -10.12 8.58
N GLY D 167 -23.51 -9.83 7.96
CA GLY D 167 -22.97 -8.48 7.95
C GLY D 167 -21.79 -8.40 8.88
N GLU D 168 -21.72 -9.30 9.85
CA GLU D 168 -20.59 -9.32 10.77
C GLU D 168 -19.37 -9.69 9.97
N THR D 169 -18.21 -9.23 10.43
CA THR D 169 -16.94 -9.58 9.80
C THR D 169 -16.18 -10.55 10.69
N LEU D 170 -15.80 -11.68 10.10
CA LEU D 170 -15.02 -12.69 10.80
C LEU D 170 -13.57 -12.61 10.35
N GLY D 171 -12.67 -12.31 11.29
CA GLY D 171 -11.26 -12.14 10.94
C GLY D 171 -10.43 -13.31 11.37
N LEU D 172 -9.77 -13.97 10.41
CA LEU D 172 -8.95 -15.15 10.69
C LEU D 172 -7.47 -14.78 10.77
N ILE D 173 -6.86 -15.11 11.90
CA ILE D 173 -5.43 -14.93 12.08
C ILE D 173 -4.76 -16.26 11.76
N GLY D 174 -4.19 -16.34 10.56
CA GLY D 174 -3.70 -17.61 10.03
C GLY D 174 -4.67 -18.19 9.02
N PHE D 175 -4.22 -18.37 7.79
CA PHE D 175 -5.08 -18.86 6.74
C PHE D 175 -4.47 -20.07 6.06
N GLY D 176 -4.17 -21.10 6.84
CA GLY D 176 -3.68 -22.35 6.32
C GLY D 176 -4.85 -23.29 6.16
N ARG D 177 -4.70 -24.50 6.66
CA ARG D 177 -5.69 -25.57 6.49
C ARG D 177 -6.97 -25.35 7.28
N THR D 178 -6.85 -25.08 8.57
CA THR D 178 -8.03 -24.92 9.39
C THR D 178 -8.73 -23.59 9.08
N GLY D 179 -7.94 -22.53 8.93
CA GLY D 179 -8.44 -21.20 8.63
C GLY D 179 -9.23 -21.20 7.33
N GLN D 180 -8.68 -21.85 6.31
CA GLN D 180 -9.38 -21.95 5.04
C GLN D 180 -10.68 -22.72 5.17
N ALA D 181 -10.65 -23.78 5.99
CA ALA D 181 -11.80 -24.66 6.24
C ALA D 181 -12.92 -23.89 6.95
N VAL D 182 -12.51 -23.05 7.88
CA VAL D 182 -13.44 -22.22 8.60
C VAL D 182 -14.09 -21.23 7.67
N ALA D 183 -13.29 -20.66 6.78
CA ALA D 183 -13.78 -19.71 5.81
C ALA D 183 -14.90 -20.29 4.95
N VAL D 184 -14.68 -21.51 4.47
CA VAL D 184 -15.66 -22.17 3.62
C VAL D 184 -17.00 -22.37 4.32
N ARG D 185 -16.96 -22.55 5.63
CA ARG D 185 -18.18 -22.77 6.41
C ARG D 185 -18.81 -21.45 6.79
N ALA D 186 -17.98 -20.46 7.05
CA ALA D 186 -18.44 -19.19 7.60
C ALA D 186 -19.21 -18.38 6.58
N LYS D 187 -18.87 -18.53 5.30
CA LYS D 187 -19.50 -17.73 4.27
C LYS D 187 -21.02 -17.89 4.25
N ALA D 188 -21.51 -19.13 4.38
CA ALA D 188 -22.93 -19.39 4.20
C ALA D 188 -23.83 -18.77 5.30
N PHE D 189 -23.22 -18.51 6.45
CA PHE D 189 -23.93 -17.86 7.55
C PHE D 189 -24.02 -16.36 7.31
N GLY D 190 -23.32 -15.88 6.29
CA GLY D 190 -23.34 -14.47 5.95
C GLY D 190 -22.20 -13.71 6.61
N PHE D 191 -21.27 -14.43 7.20
CA PHE D 191 -20.09 -13.77 7.72
C PHE D 191 -19.38 -13.22 6.52
N SER D 192 -18.82 -12.03 6.70
CA SER D 192 -17.87 -11.51 5.75
C SER D 192 -16.49 -11.89 6.27
N VAL D 193 -15.74 -12.63 5.48
CA VAL D 193 -14.49 -13.23 5.98
C VAL D 193 -13.25 -12.48 5.52
N ILE D 194 -12.39 -12.24 6.50
CA ILE D 194 -11.16 -11.51 6.29
C ILE D 194 -10.04 -12.25 7.03
N PHE D 195 -8.82 -12.22 6.50
CA PHE D 195 -7.71 -12.89 7.17
C PHE D 195 -6.35 -12.16 7.11
N TYR D 196 -5.50 -12.49 8.07
CA TYR D 196 -4.13 -12.00 8.15
C TYR D 196 -3.18 -13.16 8.27
N ASP D 197 -2.27 -13.28 7.31
CA ASP D 197 -1.26 -14.33 7.34
C ASP D 197 -0.05 -13.93 6.53
N PRO D 198 0.97 -13.39 7.21
CA PRO D 198 2.10 -12.75 6.53
C PRO D 198 3.13 -13.72 5.91
N TYR D 199 2.93 -15.03 6.05
CA TYR D 199 3.85 -16.03 5.50
C TYR D 199 3.25 -16.71 4.25
N LEU D 200 1.95 -16.54 4.04
CA LEU D 200 1.29 -17.11 2.89
C LEU D 200 1.70 -16.43 1.60
N GLN D 201 1.80 -17.23 0.55
CA GLN D 201 2.07 -16.69 -0.75
C GLN D 201 0.84 -15.88 -1.18
N ASP D 202 1.05 -14.96 -2.13
CA ASP D 202 0.00 -14.12 -2.67
C ASP D 202 -0.90 -14.90 -3.62
N GLY D 203 -2.21 -14.69 -3.56
CA GLY D 203 -3.08 -15.26 -4.58
C GLY D 203 -4.16 -16.14 -4.01
N ILE D 204 -3.86 -16.74 -2.86
CA ILE D 204 -4.77 -17.66 -2.19
C ILE D 204 -6.10 -16.97 -1.85
N GLU D 205 -5.99 -15.70 -1.46
CA GLU D 205 -7.16 -14.86 -1.19
C GLU D 205 -8.06 -14.80 -2.42
N ARG D 206 -7.46 -14.84 -3.61
CA ARG D 206 -8.19 -14.75 -4.86
C ARG D 206 -8.88 -16.09 -5.10
N SER D 207 -8.15 -17.18 -4.88
CA SER D 207 -8.73 -18.50 -5.10
C SER D 207 -10.01 -18.70 -4.30
N LEU D 208 -9.94 -18.48 -2.99
CA LEU D 208 -11.11 -18.76 -2.16
C LEU D 208 -12.08 -17.59 -2.07
N GLY D 209 -11.80 -16.51 -2.80
CA GLY D 209 -12.68 -15.35 -2.81
C GLY D 209 -12.88 -14.73 -1.44
N VAL D 210 -11.79 -14.53 -0.71
CA VAL D 210 -11.90 -13.86 0.57
C VAL D 210 -10.94 -12.69 0.57
N GLN D 211 -11.16 -11.75 1.48
CA GLN D 211 -10.39 -10.53 1.55
C GLN D 211 -9.17 -10.75 2.43
N ARG D 212 -8.06 -10.13 2.07
CA ARG D 212 -6.82 -10.23 2.85
C ARG D 212 -6.35 -8.87 3.37
N VAL D 213 -5.93 -8.83 4.64
CA VAL D 213 -5.28 -7.64 5.19
C VAL D 213 -3.84 -7.94 5.58
N TYR D 214 -3.02 -6.90 5.63
CA TYR D 214 -1.57 -7.10 5.69
C TYR D 214 -0.92 -6.65 6.99
N THR D 215 -1.74 -6.26 7.96
CA THR D 215 -1.27 -6.09 9.33
C THR D 215 -2.31 -6.60 10.31
N LEU D 216 -1.82 -7.13 11.42
CA LEU D 216 -2.67 -7.63 12.49
C LEU D 216 -3.59 -6.50 13.00
N GLN D 217 -3.07 -5.28 12.99
CA GLN D 217 -3.82 -4.11 13.40
C GLN D 217 -5.07 -3.98 12.55
N ASP D 218 -4.88 -4.06 11.24
CA ASP D 218 -5.99 -3.97 10.30
C ASP D 218 -7.01 -5.07 10.50
N LEU D 219 -6.55 -6.26 10.80
CA LEU D 219 -7.50 -7.34 10.99
C LEU D 219 -8.34 -7.10 12.23
N LEU D 220 -7.71 -6.60 13.29
CA LEU D 220 -8.44 -6.42 14.53
C LEU D 220 -9.43 -5.26 14.42
N TYR D 221 -9.06 -4.20 13.71
CA TYR D 221 -9.95 -3.06 13.52
C TYR D 221 -11.22 -3.41 12.75
N GLN D 222 -11.09 -4.31 11.78
CA GLN D 222 -12.17 -4.60 10.85
C GLN D 222 -13.06 -5.78 11.29
N SER D 223 -12.64 -6.49 12.33
CA SER D 223 -13.29 -7.73 12.73
C SER D 223 -14.26 -7.61 13.90
N ASP D 224 -15.45 -8.18 13.74
CA ASP D 224 -16.41 -8.32 14.83
C ASP D 224 -16.09 -9.59 15.61
N CYS D 225 -15.59 -10.60 14.90
CA CYS D 225 -15.17 -11.84 15.53
C CYS D 225 -13.80 -12.28 15.04
N VAL D 226 -12.90 -12.52 15.99
CA VAL D 226 -11.53 -12.93 15.69
C VAL D 226 -11.31 -14.37 16.08
N SER D 227 -10.82 -15.16 15.13
CA SER D 227 -10.54 -16.57 15.38
C SER D 227 -9.11 -16.91 15.00
N LEU D 228 -8.38 -17.51 15.94
CA LEU D 228 -6.98 -17.81 15.76
C LEU D 228 -6.77 -19.15 15.06
N HIS D 229 -5.93 -19.16 14.01
CA HIS D 229 -5.63 -20.40 13.31
C HIS D 229 -4.19 -20.44 12.81
N CYS D 230 -3.31 -19.81 13.57
CA CYS D 230 -1.93 -19.82 13.22
C CYS D 230 -1.21 -20.78 14.15
N ASN D 231 -0.11 -21.36 13.68
CA ASN D 231 0.73 -22.23 14.49
C ASN D 231 1.56 -21.37 15.43
N LEU D 232 1.88 -21.90 16.62
CA LEU D 232 2.70 -21.16 17.58
C LEU D 232 4.16 -21.19 17.16
N ASN D 233 4.80 -20.02 17.08
CA ASN D 233 6.19 -19.97 16.66
C ASN D 233 6.99 -18.95 17.46
N GLU D 234 8.27 -18.82 17.11
CA GLU D 234 9.23 -17.95 17.81
C GLU D 234 8.75 -16.50 17.87
N HIS D 235 7.90 -16.09 16.93
CA HIS D 235 7.54 -14.68 16.75
C HIS D 235 6.15 -14.25 17.18
N ASN D 236 5.28 -15.19 17.55
CA ASN D 236 3.89 -14.86 17.85
C ASN D 236 3.37 -15.29 19.23
N HIS D 237 4.27 -15.52 20.17
CA HIS D 237 3.86 -15.77 21.54
CA HIS D 237 3.86 -15.79 21.54
C HIS D 237 3.19 -14.52 22.08
N HIS D 238 2.02 -14.71 22.69
CA HIS D 238 1.17 -13.61 23.18
C HIS D 238 0.87 -12.59 22.07
N LEU D 239 0.64 -13.12 20.87
CA LEU D 239 0.21 -12.33 19.73
C LEU D 239 -0.95 -11.41 20.17
N ILE D 240 -1.93 -12.01 20.85
CA ILE D 240 -3.05 -11.32 21.50
C ILE D 240 -2.62 -10.92 22.91
N ASN D 241 -2.38 -9.64 23.14
CA ASN D 241 -1.87 -9.19 24.44
C ASN D 241 -2.60 -7.93 24.95
N ASP D 242 -2.10 -7.36 26.06
CA ASP D 242 -2.74 -6.18 26.64
C ASP D 242 -2.84 -5.08 25.59
N PHE D 243 -1.82 -4.96 24.75
CA PHE D 243 -1.79 -3.93 23.70
C PHE D 243 -2.71 -4.24 22.52
N THR D 244 -2.60 -5.46 21.99
CA THR D 244 -3.30 -5.81 20.77
C THR D 244 -4.78 -5.99 21.04
N ILE D 245 -5.10 -6.48 22.24
CA ILE D 245 -6.50 -6.58 22.62
C ILE D 245 -7.19 -5.22 22.52
N LYS D 246 -6.45 -4.17 22.86
CA LYS D 246 -7.01 -2.82 22.81
C LYS D 246 -7.28 -2.38 21.38
N GLN D 247 -6.67 -3.09 20.42
CA GLN D 247 -6.89 -2.82 19.01
C GLN D 247 -8.16 -3.49 18.54
N MET D 248 -8.68 -4.42 19.33
CA MET D 248 -9.89 -5.12 18.92
C MET D 248 -11.11 -4.26 19.11
N ARG D 249 -12.15 -4.56 18.33
CA ARG D 249 -13.37 -3.78 18.42
C ARG D 249 -14.05 -3.94 19.78
N GLN D 250 -14.63 -2.84 20.26
CA GLN D 250 -15.47 -2.84 21.45
C GLN D 250 -16.53 -3.92 21.29
N GLY D 251 -16.54 -4.88 22.21
CA GLY D 251 -17.54 -5.94 22.21
C GLY D 251 -17.29 -7.00 21.16
N ALA D 252 -16.04 -7.16 20.77
CA ALA D 252 -15.67 -8.19 19.81
C ALA D 252 -15.64 -9.55 20.47
N PHE D 253 -15.65 -10.59 19.64
CA PHE D 253 -15.54 -11.96 20.10
C PHE D 253 -14.18 -12.50 19.77
N LEU D 254 -13.64 -13.31 20.67
CA LEU D 254 -12.38 -13.98 20.42
C LEU D 254 -12.56 -15.49 20.52
N VAL D 255 -12.05 -16.22 19.54
CA VAL D 255 -12.11 -17.66 19.56
C VAL D 255 -10.68 -18.21 19.36
N ASN D 256 -10.28 -19.19 20.15
CA ASN D 256 -8.94 -19.74 19.98
C ASN D 256 -8.94 -21.26 20.03
N ALA D 257 -8.87 -21.88 18.86
CA ALA D 257 -8.75 -23.33 18.79
C ALA D 257 -7.39 -23.73 18.24
N ALA D 258 -6.43 -22.82 18.35
CA ALA D 258 -5.06 -23.07 17.86
C ALA D 258 -4.10 -23.51 18.98
N ARG D 259 -3.42 -22.56 19.61
CA ARG D 259 -2.49 -22.84 20.70
C ARG D 259 -2.64 -21.79 21.78
N GLY D 260 -2.52 -22.19 23.03
CA GLY D 260 -2.81 -21.29 24.14
C GLY D 260 -1.84 -20.16 24.35
N GLY D 261 -0.60 -20.34 23.93
CA GLY D 261 0.42 -19.32 24.14
C GLY D 261 0.15 -18.10 23.30
N LEU D 262 -0.76 -18.24 22.34
CA LEU D 262 -1.07 -17.13 21.46
C LEU D 262 -1.75 -16.00 22.20
N VAL D 263 -2.37 -16.32 23.33
CA VAL D 263 -3.18 -15.32 24.03
C VAL D 263 -2.68 -15.12 25.45
N ASP D 264 -2.43 -13.88 25.84
CA ASP D 264 -2.06 -13.62 27.23
C ASP D 264 -3.34 -13.68 28.03
N GLU D 265 -3.56 -14.81 28.70
CA GLU D 265 -4.83 -15.08 29.35
C GLU D 265 -5.17 -14.04 30.43
N LYS D 266 -4.15 -13.47 31.07
CA LYS D 266 -4.35 -12.39 32.03
C LYS D 266 -5.01 -11.20 31.32
N ALA D 267 -4.48 -10.89 30.15
CA ALA D 267 -4.97 -9.76 29.35
C ALA D 267 -6.41 -9.97 28.98
N LEU D 268 -6.70 -11.18 28.53
CA LEU D 268 -8.06 -11.53 28.14
C LEU D 268 -9.02 -11.38 29.31
N ALA D 269 -8.58 -11.83 30.49
CA ALA D 269 -9.39 -11.77 31.71
C ALA D 269 -9.86 -10.34 31.93
N GLN D 270 -8.95 -9.39 31.86
CA GLN D 270 -9.34 -8.00 32.03
C GLN D 270 -10.29 -7.57 30.95
N ALA D 271 -10.05 -7.96 29.71
CA ALA D 271 -10.91 -7.49 28.64
C ALA D 271 -12.37 -7.95 28.84
N LEU D 272 -12.53 -9.20 29.25
CA LEU D 272 -13.85 -9.80 29.48
C LEU D 272 -14.54 -9.15 30.67
N LYS D 273 -13.79 -9.06 31.76
CA LYS D 273 -14.25 -8.41 32.99
C LYS D 273 -14.68 -6.96 32.72
N GLU D 274 -13.91 -6.27 31.90
CA GLU D 274 -14.18 -4.86 31.59
C GLU D 274 -15.19 -4.66 30.46
N GLY D 275 -15.68 -5.73 29.85
CA GLY D 275 -16.67 -5.56 28.81
C GLY D 275 -16.11 -5.16 27.45
N ARG D 276 -14.79 -4.99 27.38
CA ARG D 276 -14.14 -4.65 26.11
C ARG D 276 -14.26 -5.82 25.15
N ILE D 277 -14.23 -7.03 25.71
CA ILE D 277 -14.51 -8.25 24.94
C ILE D 277 -15.80 -8.89 25.41
N ARG D 278 -16.75 -9.04 24.49
CA ARG D 278 -18.10 -9.49 24.86
C ARG D 278 -18.12 -10.96 25.25
N GLY D 279 -17.25 -11.77 24.65
CA GLY D 279 -17.16 -13.18 24.99
C GLY D 279 -16.05 -13.94 24.26
N ALA D 280 -15.55 -15.00 24.90
CA ALA D 280 -14.44 -15.74 24.34
C ALA D 280 -14.66 -17.23 24.44
N ALA D 281 -14.19 -17.94 23.42
CA ALA D 281 -14.24 -19.38 23.37
C ALA D 281 -12.83 -19.94 23.11
N LEU D 282 -12.35 -20.74 24.06
CA LEU D 282 -11.01 -21.27 24.03
C LEU D 282 -11.02 -22.79 24.08
N ASP D 283 -10.40 -23.44 23.09
CA ASP D 283 -10.24 -24.88 23.11
C ASP D 283 -8.86 -25.23 23.66
N VAL D 284 -8.03 -24.22 23.82
CA VAL D 284 -6.64 -24.41 24.22
C VAL D 284 -6.26 -23.30 25.18
N HIS D 285 -5.31 -23.58 26.06
CA HIS D 285 -4.97 -22.64 27.13
C HIS D 285 -3.47 -22.66 27.39
N GLU D 286 -2.94 -21.57 27.95
CA GLU D 286 -1.50 -21.50 28.21
C GLU D 286 -0.99 -22.71 28.97
N SER D 287 -1.70 -23.11 30.02
CA SER D 287 -1.29 -24.27 30.76
C SER D 287 -2.43 -25.29 30.76
N GLU D 288 -2.19 -26.41 30.10
CA GLU D 288 -3.17 -27.47 30.04
C GLU D 288 -2.73 -28.59 30.96
N PRO D 289 -3.68 -29.28 31.59
CA PRO D 289 -5.14 -29.15 31.41
C PRO D 289 -5.77 -27.91 32.07
N PHE D 290 -6.79 -27.37 31.41
CA PHE D 290 -7.49 -26.19 31.90
C PHE D 290 -8.46 -26.55 33.04
N SER D 291 -8.58 -25.64 34.02
CA SER D 291 -9.60 -25.74 35.08
C SER D 291 -10.18 -24.36 35.40
N PHE D 292 -11.49 -24.31 35.58
CA PHE D 292 -12.17 -23.05 35.84
C PHE D 292 -11.86 -22.53 37.24
N ALA D 293 -11.33 -23.43 38.07
CA ALA D 293 -10.95 -23.11 39.45
C ALA D 293 -9.55 -22.51 39.50
N GLN D 294 -8.82 -22.61 38.39
CA GLN D 294 -7.37 -22.29 38.36
C GLN D 294 -7.00 -21.27 37.29
N GLY D 295 -6.08 -20.38 37.61
CA GLY D 295 -5.50 -19.54 36.58
C GLY D 295 -6.08 -18.15 36.50
N PRO D 296 -5.57 -17.35 35.56
CA PRO D 296 -5.91 -15.93 35.37
C PRO D 296 -7.36 -15.77 34.91
N LEU D 297 -7.93 -16.82 34.32
CA LEU D 297 -9.33 -16.82 33.89
C LEU D 297 -10.27 -17.33 35.00
N LYS D 298 -9.71 -17.51 36.20
CA LYS D 298 -10.43 -18.11 37.32
C LYS D 298 -11.88 -17.64 37.41
N ASP D 299 -12.07 -16.34 37.58
CA ASP D 299 -13.40 -15.79 37.74
C ASP D 299 -13.80 -14.87 36.58
N ALA D 300 -13.41 -15.24 35.36
CA ALA D 300 -13.71 -14.43 34.19
C ALA D 300 -15.12 -14.72 33.64
N PRO D 301 -15.86 -13.66 33.29
CA PRO D 301 -17.22 -13.77 32.75
C PRO D 301 -17.24 -14.08 31.25
N ASN D 302 -18.40 -14.50 30.77
CA ASN D 302 -18.60 -14.71 29.33
C ASN D 302 -17.51 -15.54 28.70
N LEU D 303 -17.07 -16.56 29.41
CA LEU D 303 -16.00 -17.43 28.93
C LEU D 303 -16.57 -18.82 28.65
N ILE D 304 -16.19 -19.37 27.50
CA ILE D 304 -16.39 -20.77 27.15
C ILE D 304 -15.02 -21.42 27.04
N CYS D 305 -14.91 -22.66 27.52
CA CYS D 305 -13.68 -23.41 27.40
C CYS D 305 -13.99 -24.85 27.07
N THR D 306 -13.17 -25.45 26.22
CA THR D 306 -13.26 -26.87 25.98
C THR D 306 -11.85 -27.44 26.17
N PRO D 307 -11.75 -28.73 26.56
CA PRO D 307 -10.46 -29.31 26.97
C PRO D 307 -9.64 -29.88 25.82
N HIS D 308 -9.31 -29.03 24.85
CA HIS D 308 -8.45 -29.42 23.74
C HIS D 308 -9.04 -30.61 22.97
N THR D 309 -10.29 -30.47 22.57
CA THR D 309 -11.01 -31.55 21.91
C THR D 309 -11.38 -31.18 20.48
N ALA D 310 -10.99 -29.99 20.03
CA ALA D 310 -11.36 -29.52 18.70
C ALA D 310 -11.07 -30.56 17.63
N TRP D 311 -9.94 -31.24 17.79
CA TRP D 311 -9.45 -32.21 16.80
C TRP D 311 -10.22 -33.52 16.79
N TYR D 312 -10.85 -33.87 17.92
CA TYR D 312 -11.26 -35.25 18.13
C TYR D 312 -12.52 -35.73 17.40
N SER D 313 -12.38 -36.90 16.77
CA SER D 313 -13.48 -37.73 16.33
C SER D 313 -12.90 -39.17 16.28
N GLU D 314 -13.74 -40.21 16.35
CA GLU D 314 -13.22 -41.57 16.27
C GLU D 314 -12.37 -41.77 15.01
N GLN D 315 -12.95 -41.30 13.91
CA GLN D 315 -12.45 -41.50 12.56
C GLN D 315 -11.14 -40.76 12.38
N ALA D 316 -11.07 -39.55 12.95
CA ALA D 316 -9.88 -38.72 12.87
C ALA D 316 -8.76 -39.31 13.70
N SER D 317 -9.10 -39.76 14.90
CA SER D 317 -8.10 -40.34 15.80
C SER D 317 -7.47 -41.56 15.15
N LEU D 318 -8.29 -42.41 14.54
CA LEU D 318 -7.78 -43.58 13.85
C LEU D 318 -6.84 -43.18 12.71
N GLU D 319 -7.33 -42.26 11.88
CA GLU D 319 -6.61 -41.80 10.69
C GLU D 319 -5.23 -41.20 11.04
N MET D 320 -5.16 -40.36 12.06
CA MET D 320 -3.87 -39.68 12.29
C MET D 320 -2.84 -40.67 12.88
N ARG D 321 -3.29 -41.60 13.72
CA ARG D 321 -2.42 -42.62 14.28
C ARG D 321 -1.87 -43.55 13.20
N GLU D 322 -2.74 -43.99 12.31
CA GLU D 322 -2.33 -44.84 11.19
C GLU D 322 -1.30 -44.10 10.34
N ALA D 323 -1.50 -42.79 10.16
CA ALA D 323 -0.59 -41.95 9.37
C ALA D 323 0.77 -41.78 10.05
N ALA D 324 0.76 -41.61 11.38
CA ALA D 324 2.00 -41.42 12.11
C ALA D 324 2.83 -42.71 12.03
N ALA D 325 2.17 -43.83 12.22
CA ALA D 325 2.84 -45.12 12.16
C ALA D 325 3.49 -45.30 10.81
N THR D 326 2.79 -44.91 9.76
CA THR D 326 3.28 -45.07 8.39
C THR D 326 4.51 -44.20 8.16
N GLU D 327 4.54 -43.03 8.79
CA GLU D 327 5.70 -42.16 8.71
C GLU D 327 6.90 -42.85 9.33
N ILE D 328 6.68 -43.48 10.49
CA ILE D 328 7.73 -44.29 11.10
C ILE D 328 8.18 -45.42 10.14
N ARG D 329 7.23 -46.11 9.53
CA ARG D 329 7.56 -47.20 8.59
C ARG D 329 8.46 -46.68 7.45
N ARG D 330 8.15 -45.49 6.96
CA ARG D 330 8.94 -44.85 5.90
C ARG D 330 10.33 -44.52 6.44
N ALA D 331 10.38 -44.02 7.67
CA ALA D 331 11.63 -43.63 8.31
C ALA D 331 12.54 -44.83 8.48
N ILE D 332 11.96 -45.99 8.79
CA ILE D 332 12.75 -47.22 8.96
C ILE D 332 13.15 -47.75 7.60
N THR D 333 12.18 -47.91 6.72
CA THR D 333 12.36 -48.57 5.43
C THR D 333 13.13 -47.71 4.42
N GLY D 334 13.35 -46.43 4.71
CA GLY D 334 13.98 -45.53 3.75
C GLY D 334 15.04 -44.61 4.34
N ARG D 335 15.40 -43.57 3.59
CA ARG D 335 16.40 -42.61 4.05
C ARG D 335 15.74 -41.41 4.72
N ILE D 336 16.33 -40.97 5.83
CA ILE D 336 15.88 -39.80 6.57
C ILE D 336 16.73 -38.58 6.23
N PRO D 337 16.11 -37.46 5.82
CA PRO D 337 14.69 -37.12 5.75
C PRO D 337 14.08 -37.22 4.35
N GLU D 338 14.86 -37.68 3.37
CA GLU D 338 14.38 -37.63 2.00
C GLU D 338 13.07 -38.44 1.83
N SER D 339 12.97 -39.57 2.53
CA SER D 339 11.82 -40.49 2.41
C SER D 339 10.57 -40.08 3.19
N LEU D 340 10.70 -39.08 4.07
CA LEU D 340 9.59 -38.69 4.95
C LEU D 340 8.57 -37.81 4.22
N ARG D 341 7.29 -38.02 4.50
CA ARG D 341 6.23 -37.32 3.78
C ARG D 341 6.00 -35.91 4.32
N ASN D 342 5.99 -35.76 5.64
CA ASN D 342 5.71 -34.47 6.27
C ASN D 342 6.77 -34.09 7.30
N CYS D 343 8.01 -33.97 6.85
CA CYS D 343 9.07 -33.53 7.74
C CYS D 343 9.03 -32.00 7.81
N VAL D 344 8.95 -31.47 9.02
CA VAL D 344 8.78 -30.04 9.18
C VAL D 344 10.10 -29.36 9.48
N ASN D 345 11.21 -30.09 9.40
CA ASN D 345 12.47 -29.48 9.81
C ASN D 345 13.67 -29.86 8.94
N LYS D 346 13.59 -29.56 7.64
CA LYS D 346 14.77 -29.66 6.80
C LYS D 346 15.68 -28.44 7.03
N GLU D 347 16.12 -28.32 8.28
CA GLU D 347 17.35 -27.62 8.62
C GLU D 347 18.10 -28.71 9.41
N PHE D 348 18.06 -29.94 8.88
CA PHE D 348 18.63 -31.09 9.58
C PHE D 348 20.16 -31.10 9.44
N PRO E 21 11.04 23.82 50.95
CA PRO E 21 10.81 22.57 50.22
C PRO E 21 12.11 22.02 49.65
N LEU E 22 12.25 20.69 49.67
CA LEU E 22 13.51 20.08 49.26
C LEU E 22 13.50 19.60 47.80
N VAL E 23 14.53 20.01 47.06
CA VAL E 23 14.72 19.52 45.70
C VAL E 23 16.07 18.82 45.61
N ALA E 24 16.04 17.56 45.20
CA ALA E 24 17.23 16.73 45.24
C ALA E 24 17.81 16.41 43.86
N LEU E 25 19.13 16.56 43.75
CA LEU E 25 19.87 16.12 42.60
C LEU E 25 20.31 14.69 42.89
N LEU E 26 19.63 13.72 42.29
CA LEU E 26 19.77 12.33 42.72
C LEU E 26 21.12 11.69 42.40
N ASP E 27 21.55 11.71 41.14
CA ASP E 27 22.79 11.00 40.78
C ASP E 27 23.90 11.94 40.35
N GLY E 28 24.09 13.01 41.11
CA GLY E 28 25.14 13.97 40.83
C GLY E 28 25.68 14.61 42.09
N ARG E 29 26.84 15.26 41.95
CA ARG E 29 27.43 16.00 43.06
C ARG E 29 27.28 17.52 42.80
N ASP E 30 27.67 17.96 41.60
CA ASP E 30 27.62 19.39 41.24
C ASP E 30 26.19 19.91 41.15
N CYS E 31 25.97 21.10 41.71
CA CYS E 31 24.65 21.74 41.74
C CYS E 31 24.83 23.25 41.56
N THR E 32 25.92 23.63 40.90
CA THR E 32 26.38 25.01 40.90
C THR E 32 25.56 25.87 39.93
N VAL E 33 24.91 25.21 38.98
CA VAL E 33 24.03 25.90 38.05
C VAL E 33 22.63 26.05 38.66
N GLU E 34 22.23 25.07 39.48
CA GLU E 34 20.86 24.95 39.98
C GLU E 34 20.64 25.75 41.25
N MET E 35 21.67 25.80 42.08
CA MET E 35 21.60 26.49 43.36
C MET E 35 21.07 27.90 43.23
N PRO E 36 21.80 28.73 42.48
CA PRO E 36 21.35 30.10 42.38
C PRO E 36 19.92 30.19 41.84
N ILE E 37 19.57 29.27 40.93
CA ILE E 37 18.27 29.34 40.26
C ILE E 37 17.14 28.95 41.20
N LEU E 38 17.44 28.17 42.24
CA LEU E 38 16.39 27.71 43.17
C LEU E 38 16.59 28.27 44.58
N LYS E 39 17.74 28.91 44.82
CA LYS E 39 18.07 29.39 46.16
C LYS E 39 16.86 30.08 46.78
N ASP E 40 16.23 30.93 45.98
CA ASP E 40 15.18 31.83 46.43
C ASP E 40 13.86 31.13 46.78
N LEU E 41 13.71 29.87 46.42
CA LEU E 41 12.44 29.18 46.66
C LEU E 41 12.56 27.84 47.38
N ALA E 42 13.74 27.20 47.31
CA ALA E 42 13.87 25.84 47.83
C ALA E 42 15.27 25.50 48.36
N THR E 43 15.30 24.49 49.22
CA THR E 43 16.54 23.85 49.64
C THR E 43 16.94 22.84 48.58
N VAL E 44 18.15 23.00 48.05
CA VAL E 44 18.69 22.15 47.00
C VAL E 44 19.78 21.25 47.55
N ALA E 45 19.71 19.97 47.23
CA ALA E 45 20.68 19.01 47.75
C ALA E 45 21.08 18.01 46.68
N PHE E 46 22.20 17.34 46.90
CA PHE E 46 22.64 16.28 46.01
C PHE E 46 22.85 14.98 46.79
N CYS E 47 22.67 13.88 46.08
CA CYS E 47 22.75 12.56 46.69
C CYS E 47 23.95 11.74 46.22
N ASP E 48 24.47 12.04 45.02
CA ASP E 48 25.55 11.27 44.39
C ASP E 48 25.26 9.75 44.42
N ALA E 49 23.99 9.39 44.22
CA ALA E 49 23.56 7.99 44.35
C ALA E 49 23.60 7.27 43.03
N GLN E 50 24.27 6.12 43.01
CA GLN E 50 24.33 5.27 41.82
C GLN E 50 23.19 4.26 41.85
N SER E 51 22.48 4.18 42.97
CA SER E 51 21.31 3.31 43.10
C SER E 51 20.32 3.93 44.08
N THR E 52 19.05 3.59 43.91
CA THR E 52 17.96 4.04 44.77
C THR E 52 18.23 3.74 46.24
N GLN E 53 18.91 2.61 46.48
CA GLN E 53 19.24 2.15 47.84
C GLN E 53 20.10 3.17 48.58
N GLU E 54 20.83 3.98 47.82
CA GLU E 54 21.75 4.97 48.38
C GLU E 54 21.07 6.33 48.61
N ILE E 55 19.80 6.44 48.25
CA ILE E 55 19.08 7.70 48.45
C ILE E 55 18.79 7.87 49.94
N HIS E 56 19.27 8.97 50.52
CA HIS E 56 19.13 9.24 51.95
C HIS E 56 17.65 9.31 52.39
N GLU E 57 17.39 8.84 53.61
CA GLU E 57 16.05 8.77 54.17
C GLU E 57 15.38 10.13 54.22
N LYS E 58 16.16 11.16 54.54
CA LYS E 58 15.64 12.52 54.60
C LYS E 58 15.05 12.87 53.23
N VAL E 59 15.79 12.53 52.19
CA VAL E 59 15.37 12.81 50.82
C VAL E 59 14.13 12.00 50.49
N LEU E 60 14.19 10.70 50.75
CA LEU E 60 13.07 9.83 50.41
C LEU E 60 11.76 10.28 51.05
N ASN E 61 11.87 10.74 52.29
CA ASN E 61 10.70 11.07 53.09
C ASN E 61 10.19 12.47 52.84
N GLU E 62 11.10 13.42 52.61
CA GLU E 62 10.74 14.84 52.59
C GLU E 62 11.08 15.55 51.25
N ALA E 63 11.29 14.76 50.21
CA ALA E 63 11.69 15.41 48.97
C ALA E 63 10.43 15.69 48.18
N VAL E 64 10.28 16.96 47.80
CA VAL E 64 9.15 17.36 46.98
C VAL E 64 9.45 17.23 45.45
N GLY E 65 10.70 17.51 45.05
CA GLY E 65 11.10 17.44 43.66
C GLY E 65 12.49 16.89 43.45
N ALA E 66 12.70 16.17 42.34
CA ALA E 66 14.00 15.56 42.04
C ALA E 66 14.46 15.89 40.61
N MET E 67 15.77 16.02 40.44
CA MET E 67 16.39 16.14 39.13
C MET E 67 17.37 15.01 38.98
N MET E 68 17.41 14.39 37.81
CA MET E 68 18.28 13.23 37.60
C MET E 68 18.79 13.06 36.17
N TYR E 69 19.92 12.38 36.06
CA TYR E 69 20.51 12.04 34.77
C TYR E 69 20.04 10.65 34.39
N HIS E 70 20.85 9.94 33.61
CA HIS E 70 20.48 8.61 33.11
C HIS E 70 21.13 7.48 33.91
N THR E 71 21.98 7.85 34.88
CA THR E 71 22.78 6.88 35.63
C THR E 71 22.02 6.33 36.84
N ILE E 72 20.78 6.78 37.01
CA ILE E 72 19.92 6.22 38.03
C ILE E 72 18.64 5.72 37.36
N THR E 73 18.01 4.74 37.98
CA THR E 73 16.77 4.18 37.46
C THR E 73 15.69 4.29 38.54
N LEU E 74 14.48 4.60 38.10
CA LEU E 74 13.32 4.66 39.00
C LEU E 74 12.25 3.66 38.56
N THR E 75 12.16 2.56 39.29
CA THR E 75 11.10 1.56 39.05
C THR E 75 9.80 1.97 39.79
N ARG E 76 8.74 1.18 39.63
CA ARG E 76 7.49 1.44 40.35
C ARG E 76 7.80 1.37 41.84
N GLU E 77 8.48 0.30 42.22
CA GLU E 77 8.91 0.10 43.60
C GLU E 77 9.75 1.30 44.07
N ASP E 78 10.72 1.72 43.26
CA ASP E 78 11.62 2.80 43.66
C ASP E 78 10.81 4.07 43.95
N LEU E 79 9.95 4.46 43.00
CA LEU E 79 9.14 5.68 43.16
C LEU E 79 8.23 5.57 44.38
N GLU E 80 7.79 4.33 44.64
CA GLU E 80 6.87 4.08 45.76
C GLU E 80 7.52 4.49 47.08
N LYS E 81 8.85 4.51 47.11
CA LYS E 81 9.58 4.92 48.31
C LYS E 81 9.51 6.46 48.57
N PHE E 82 9.27 7.24 47.52
CA PHE E 82 9.24 8.70 47.71
C PHE E 82 7.87 9.11 48.21
N LYS E 83 7.83 9.67 49.43
CA LYS E 83 6.57 10.02 50.08
C LYS E 83 6.03 11.44 49.78
N ALA E 84 6.88 12.33 49.25
CA ALA E 84 6.49 13.74 49.03
C ALA E 84 6.70 14.19 47.59
N LEU E 85 7.42 13.38 46.84
CA LEU E 85 7.77 13.74 45.47
C LEU E 85 6.53 14.03 44.66
N ARG E 86 6.53 15.18 44.00
CA ARG E 86 5.44 15.55 43.12
C ARG E 86 5.96 15.64 41.68
N VAL E 87 7.26 15.90 41.53
CA VAL E 87 7.83 16.03 40.19
C VAL E 87 9.26 15.48 40.05
N ILE E 88 9.52 14.84 38.91
CA ILE E 88 10.86 14.38 38.52
C ILE E 88 11.26 15.06 37.22
N VAL E 89 12.46 15.63 37.16
CA VAL E 89 12.93 16.27 35.92
C VAL E 89 14.24 15.68 35.41
N ARG E 90 14.16 15.02 34.24
CA ARG E 90 15.35 14.47 33.59
C ARG E 90 16.16 15.59 32.96
N ILE E 91 17.41 15.68 33.39
CA ILE E 91 18.38 16.57 32.76
C ILE E 91 18.87 15.83 31.50
N GLY E 92 18.18 16.04 30.38
CA GLY E 92 18.41 15.25 29.18
C GLY E 92 17.09 14.99 28.48
N SER E 93 17.12 14.37 27.31
CA SER E 93 15.89 14.14 26.55
C SER E 93 15.29 12.75 26.78
N GLY E 94 16.13 11.76 27.08
CA GLY E 94 15.69 10.38 27.27
C GLY E 94 15.13 10.10 28.64
N TYR E 95 14.03 9.33 28.73
CA TYR E 95 13.39 9.07 30.03
C TYR E 95 12.97 7.63 30.23
N ASP E 96 13.63 6.72 29.50
CA ASP E 96 13.44 5.29 29.67
C ASP E 96 13.85 4.83 31.06
N ASN E 97 14.71 5.61 31.72
CA ASN E 97 15.16 5.24 33.06
C ASN E 97 14.18 5.67 34.17
N VAL E 98 13.03 6.22 33.78
CA VAL E 98 11.97 6.53 34.75
C VAL E 98 10.67 5.87 34.35
N ASP E 99 10.09 5.08 35.25
CA ASP E 99 8.78 4.49 35.00
C ASP E 99 7.70 5.59 35.07
N ILE E 100 7.48 6.27 33.95
CA ILE E 100 6.57 7.41 33.90
C ILE E 100 5.09 7.04 34.09
N LYS E 101 4.71 5.80 33.76
CA LYS E 101 3.32 5.38 33.91
C LYS E 101 3.05 5.21 35.40
N ALA E 102 3.96 4.50 36.07
CA ALA E 102 3.88 4.32 37.50
C ALA E 102 3.93 5.68 38.20
N ALA E 103 4.87 6.52 37.78
CA ALA E 103 5.03 7.85 38.34
C ALA E 103 3.70 8.61 38.23
N GLY E 104 3.12 8.61 37.04
CA GLY E 104 1.87 9.30 36.81
C GLY E 104 0.78 8.79 37.72
N GLU E 105 0.75 7.48 37.90
CA GLU E 105 -0.24 6.85 38.77
C GLU E 105 -0.02 7.31 40.23
N LEU E 106 1.24 7.55 40.63
CA LEU E 106 1.51 8.02 41.98
C LEU E 106 1.42 9.53 42.06
N GLY E 107 0.89 10.14 41.01
CA GLY E 107 0.65 11.58 41.00
C GLY E 107 1.92 12.39 40.90
N ILE E 108 2.93 11.79 40.28
CA ILE E 108 4.22 12.45 40.07
C ILE E 108 4.41 12.77 38.59
N ALA E 109 4.73 14.03 38.31
CA ALA E 109 4.90 14.48 36.94
C ALA E 109 6.36 14.32 36.57
N VAL E 110 6.60 13.91 35.33
CA VAL E 110 7.96 13.72 34.85
C VAL E 110 8.23 14.63 33.66
N CYS E 111 9.40 15.27 33.68
CA CYS E 111 9.80 16.22 32.65
C CYS E 111 11.13 15.82 32.08
N ASN E 112 11.44 16.32 30.88
CA ASN E 112 12.77 16.17 30.31
C ASN E 112 13.22 17.50 29.74
N ILE E 113 14.46 17.54 29.29
CA ILE E 113 15.00 18.69 28.54
C ILE E 113 15.28 18.23 27.11
N PRO E 114 14.37 18.59 26.19
CA PRO E 114 14.27 18.01 24.85
C PRO E 114 15.08 18.69 23.77
N SER E 115 15.72 19.83 24.04
CA SER E 115 16.16 20.67 22.96
C SER E 115 17.56 21.31 23.13
N ALA E 116 18.37 20.80 24.05
CA ALA E 116 19.65 21.46 24.32
C ALA E 116 20.90 20.86 23.67
N ALA E 117 20.88 19.56 23.43
CA ALA E 117 22.04 18.88 22.87
C ALA E 117 21.68 18.29 21.52
N VAL E 118 20.70 18.88 20.87
CA VAL E 118 20.22 18.34 19.60
C VAL E 118 21.33 18.42 18.55
N GLU E 119 21.87 19.60 18.29
CA GLU E 119 22.89 19.74 17.25
C GLU E 119 24.23 19.11 17.64
N GLU E 120 24.56 19.22 18.91
CA GLU E 120 25.71 18.55 19.46
C GLU E 120 25.65 17.07 19.12
N THR E 121 24.47 16.49 19.28
CA THR E 121 24.27 15.06 19.05
C THR E 121 24.31 14.72 17.57
N ALA E 122 23.71 15.57 16.74
CA ALA E 122 23.68 15.35 15.31
C ALA E 122 25.09 15.37 14.74
N ASP E 123 25.88 16.35 15.18
CA ASP E 123 27.28 16.52 14.78
C ASP E 123 28.08 15.27 15.15
N SER E 124 27.93 14.81 16.39
CA SER E 124 28.62 13.59 16.82
C SER E 124 28.17 12.36 16.03
N THR E 125 26.89 12.27 15.70
CA THR E 125 26.41 11.14 14.93
C THR E 125 27.08 11.16 13.55
N ILE E 126 27.03 12.32 12.89
CA ILE E 126 27.69 12.47 11.58
C ILE E 126 29.18 12.13 11.67
N CYS E 127 29.82 12.54 12.76
CA CYS E 127 31.19 12.20 12.97
C CYS E 127 31.38 10.68 13.01
N HIS E 128 30.54 9.97 13.78
CA HIS E 128 30.57 8.50 13.86
C HIS E 128 30.42 7.86 12.48
N ILE E 129 29.43 8.34 11.72
CA ILE E 129 29.18 7.85 10.37
C ILE E 129 30.43 8.05 9.48
N LEU E 130 30.97 9.25 9.47
CA LEU E 130 32.15 9.54 8.65
C LEU E 130 33.37 8.74 9.11
N ASN E 131 33.50 8.52 10.41
CA ASN E 131 34.61 7.72 10.95
C ASN E 131 34.52 6.30 10.42
N LEU E 132 33.30 5.83 10.22
CA LEU E 132 33.10 4.49 9.66
C LEU E 132 33.44 4.48 8.17
N TYR E 133 32.96 5.48 7.44
CA TYR E 133 33.11 5.55 5.99
C TYR E 133 34.50 5.92 5.52
N ARG E 134 35.21 6.71 6.32
CA ARG E 134 36.55 7.17 5.93
C ARG E 134 37.67 6.56 6.79
N ARG E 135 37.30 5.96 7.91
CA ARG E 135 38.21 5.19 8.74
C ARG E 135 39.21 6.05 9.49
N ASN E 136 38.84 7.30 9.72
CA ASN E 136 39.75 8.25 10.36
C ASN E 136 40.26 7.76 11.71
N THR E 137 39.36 7.29 12.56
CA THR E 137 39.75 6.91 13.91
C THR E 137 40.68 5.72 13.89
N TRP E 138 40.34 4.72 13.09
CA TRP E 138 41.14 3.51 13.02
C TRP E 138 42.51 3.74 12.41
N LEU E 139 42.60 4.67 11.48
CA LEU E 139 43.88 4.98 10.87
C LEU E 139 44.77 5.66 11.91
N TYR E 140 44.16 6.54 12.69
CA TYR E 140 44.84 7.16 13.82
C TYR E 140 45.37 6.13 14.79
N GLN E 141 44.53 5.14 15.08
CA GLN E 141 44.88 4.06 16.00
C GLN E 141 46.06 3.27 15.45
N ALA E 142 45.99 2.94 14.18
CA ALA E 142 47.03 2.18 13.52
C ALA E 142 48.35 2.94 13.57
N LEU E 143 48.31 4.26 13.41
CA LEU E 143 49.56 4.96 13.41
C LEU E 143 50.16 4.92 14.80
N ARG E 144 49.34 5.13 15.82
CA ARG E 144 49.80 5.03 17.19
C ARG E 144 50.33 3.65 17.50
N GLU E 145 49.77 2.66 16.83
CA GLU E 145 50.24 1.28 17.00
C GLU E 145 51.58 1.03 16.29
N GLY E 146 52.05 2.03 15.54
CA GLY E 146 53.36 2.00 14.91
C GLY E 146 53.37 1.51 13.46
N THR E 147 52.21 1.47 12.83
CA THR E 147 52.16 1.02 11.44
C THR E 147 52.89 2.00 10.57
N ARG E 148 53.77 1.50 9.70
CA ARG E 148 54.49 2.35 8.76
C ARG E 148 53.86 2.26 7.38
N VAL E 149 53.38 3.40 6.86
CA VAL E 149 52.63 3.38 5.60
C VAL E 149 53.36 4.18 4.53
N GLN E 150 54.30 3.53 3.83
CA GLN E 150 55.19 4.20 2.88
C GLN E 150 54.65 4.18 1.45
N SER E 151 54.26 3.00 0.99
CA SER E 151 53.82 2.83 -0.39
C SER E 151 52.32 3.04 -0.56
N VAL E 152 51.92 3.32 -1.80
CA VAL E 152 50.52 3.53 -2.08
C VAL E 152 49.78 2.23 -1.80
N GLU E 153 50.41 1.09 -2.09
CA GLU E 153 49.77 -0.19 -1.84
C GLU E 153 49.52 -0.30 -0.34
N GLN E 154 50.51 0.12 0.45
CA GLN E 154 50.33 0.07 1.89
C GLN E 154 49.20 0.96 2.37
N ILE E 155 48.98 2.09 1.68
CA ILE E 155 47.88 3.01 2.00
C ILE E 155 46.51 2.36 1.77
N ARG E 156 46.36 1.74 0.60
CA ARG E 156 45.15 1.03 0.25
C ARG E 156 44.88 -0.10 1.24
N GLU E 157 45.93 -0.79 1.65
CA GLU E 157 45.78 -1.89 2.58
C GLU E 157 45.27 -1.35 3.92
N VAL E 158 45.99 -0.37 4.46
CA VAL E 158 45.68 0.13 5.81
C VAL E 158 44.31 0.77 5.89
N ALA E 159 43.93 1.47 4.82
CA ALA E 159 42.64 2.15 4.73
C ALA E 159 41.59 1.30 3.99
N SER E 160 41.87 0.01 3.75
CA SER E 160 40.94 -0.86 3.03
C SER E 160 39.55 -0.89 3.71
N GLY E 161 38.49 -0.77 2.90
CA GLY E 161 37.13 -0.68 3.43
C GLY E 161 36.60 0.75 3.46
N ALA E 162 37.51 1.71 3.34
CA ALA E 162 37.11 3.11 3.20
C ALA E 162 36.22 3.23 1.97
N ALA E 163 35.08 3.90 2.12
CA ALA E 163 34.06 3.93 1.07
C ALA E 163 33.70 5.32 0.57
N ARG E 164 33.27 5.38 -0.69
CA ARG E 164 32.71 6.58 -1.28
C ARG E 164 31.26 6.78 -0.82
N ILE E 165 30.95 7.96 -0.31
CA ILE E 165 29.65 8.20 0.29
C ILE E 165 28.54 8.50 -0.71
N ARG E 166 28.83 9.34 -1.70
CA ARG E 166 27.78 9.71 -2.64
C ARG E 166 27.13 8.48 -3.25
N GLY E 167 25.81 8.43 -3.14
CA GLY E 167 25.05 7.33 -3.71
C GLY E 167 24.56 6.38 -2.63
N GLU E 168 25.23 6.36 -1.50
CA GLU E 168 24.83 5.50 -0.40
C GLU E 168 23.52 5.94 0.20
N THR E 169 22.77 5.00 0.76
CA THR E 169 21.50 5.30 1.43
C THR E 169 21.65 5.21 2.95
N LEU E 170 21.33 6.33 3.61
CA LEU E 170 21.39 6.41 5.05
C LEU E 170 19.98 6.27 5.62
N GLY E 171 19.73 5.22 6.39
CA GLY E 171 18.40 5.01 6.91
C GLY E 171 18.28 5.34 8.37
N LEU E 172 17.41 6.29 8.68
CA LEU E 172 17.25 6.78 10.03
C LEU E 172 16.06 6.13 10.67
N ILE E 173 16.29 5.48 11.81
CA ILE E 173 15.21 4.91 12.60
C ILE E 173 14.85 5.87 13.71
N GLY E 174 13.74 6.59 13.53
CA GLY E 174 13.36 7.68 14.40
C GLY E 174 13.69 8.99 13.73
N PHE E 175 12.67 9.79 13.45
CA PHE E 175 12.88 11.03 12.74
C PHE E 175 12.31 12.18 13.55
N GLY E 176 12.79 12.29 14.78
CA GLY E 176 12.41 13.38 15.64
C GLY E 176 13.43 14.50 15.52
N ARG E 177 13.88 15.02 16.65
CA ARG E 177 14.76 16.18 16.69
C ARG E 177 16.16 15.88 16.17
N THR E 178 16.75 14.78 16.63
CA THR E 178 18.10 14.47 16.24
C THR E 178 18.10 13.93 14.82
N GLY E 179 17.14 13.08 14.52
CA GLY E 179 17.04 12.42 13.22
C GLY E 179 16.95 13.41 12.09
N GLN E 180 16.11 14.42 12.27
CA GLN E 180 15.97 15.50 11.29
C GLN E 180 17.27 16.29 11.19
N ALA E 181 17.93 16.52 12.32
CA ALA E 181 19.17 17.28 12.32
C ALA E 181 20.25 16.56 11.50
N VAL E 182 20.31 15.24 11.65
CA VAL E 182 21.24 14.41 10.92
C VAL E 182 20.93 14.40 9.42
N ALA E 183 19.65 14.30 9.09
CA ALA E 183 19.21 14.34 7.69
C ALA E 183 19.68 15.62 7.01
N VAL E 184 19.51 16.73 7.70
CA VAL E 184 19.91 18.02 7.17
C VAL E 184 21.40 18.10 6.83
N ARG E 185 22.21 17.41 7.63
CA ARG E 185 23.66 17.46 7.45
C ARG E 185 24.14 16.44 6.45
N ALA E 186 23.44 15.32 6.40
CA ALA E 186 23.82 14.17 5.59
C ALA E 186 23.61 14.41 4.12
N LYS E 187 22.65 15.25 3.78
CA LYS E 187 22.35 15.50 2.39
C LYS E 187 23.55 15.98 1.58
N ALA E 188 24.32 16.89 2.16
CA ALA E 188 25.43 17.54 1.45
C ALA E 188 26.57 16.58 1.07
N PHE E 189 26.67 15.46 1.80
CA PHE E 189 27.68 14.46 1.52
C PHE E 189 27.25 13.52 0.41
N GLY E 190 26.01 13.68 -0.04
CA GLY E 190 25.50 12.87 -1.12
C GLY E 190 24.79 11.64 -0.59
N PHE E 191 24.57 11.59 0.71
CA PHE E 191 23.79 10.51 1.25
C PHE E 191 22.40 10.71 0.70
N SER E 192 21.79 9.62 0.30
CA SER E 192 20.37 9.63 0.04
C SER E 192 19.73 9.15 1.34
N VAL E 193 18.87 9.99 1.90
CA VAL E 193 18.32 9.79 3.24
C VAL E 193 16.87 9.27 3.23
N ILE E 194 16.63 8.23 4.02
CA ILE E 194 15.31 7.63 4.12
C ILE E 194 15.07 7.35 5.60
N PHE E 195 13.82 7.36 6.03
CA PHE E 195 13.53 7.10 7.44
C PHE E 195 12.30 6.26 7.72
N TYR E 196 12.30 5.66 8.91
CA TYR E 196 11.18 4.93 9.44
C TYR E 196 10.83 5.43 10.83
N ASP E 197 9.59 5.91 10.99
CA ASP E 197 9.13 6.39 12.28
C ASP E 197 7.61 6.21 12.33
N PRO E 198 7.15 5.14 12.99
CA PRO E 198 5.73 4.78 12.92
C PRO E 198 4.80 5.64 13.76
N TYR E 199 5.33 6.62 14.49
CA TYR E 199 4.53 7.49 15.34
C TYR E 199 4.41 8.90 14.75
N LEU E 200 5.26 9.25 13.78
CA LEU E 200 5.19 10.56 13.16
C LEU E 200 3.98 10.74 12.27
N GLN E 201 3.52 11.98 12.22
CA GLN E 201 2.44 12.38 11.35
C GLN E 201 2.93 12.33 9.91
N ASP E 202 1.98 12.24 8.99
CA ASP E 202 2.28 12.22 7.57
C ASP E 202 2.69 13.61 7.09
N GLY E 203 3.70 13.69 6.23
CA GLY E 203 3.98 14.95 5.57
C GLY E 203 5.37 15.50 5.81
N ILE E 204 5.89 15.17 6.97
CA ILE E 204 7.18 15.68 7.38
C ILE E 204 8.23 15.22 6.38
N GLU E 205 8.04 14.02 5.84
CA GLU E 205 8.95 13.53 4.82
C GLU E 205 8.99 14.54 3.65
N ARG E 206 7.84 15.13 3.34
CA ARG E 206 7.73 16.04 2.20
C ARG E 206 8.42 17.39 2.46
N SER E 207 8.20 17.97 3.65
CA SER E 207 8.84 19.24 3.97
C SER E 207 10.34 19.17 3.79
N LEU E 208 10.96 18.19 4.44
CA LEU E 208 12.42 18.10 4.45
C LEU E 208 12.96 17.38 3.22
N GLY E 209 12.07 17.00 2.30
CA GLY E 209 12.50 16.40 1.04
C GLY E 209 13.32 15.13 1.17
N VAL E 210 12.85 14.20 2.00
CA VAL E 210 13.50 12.91 2.12
C VAL E 210 12.47 11.82 1.91
N GLN E 211 12.94 10.59 1.69
CA GLN E 211 12.04 9.46 1.49
C GLN E 211 11.66 8.78 2.80
N ARG E 212 10.40 8.36 2.91
CA ARG E 212 9.91 7.66 4.10
C ARG E 212 9.50 6.25 3.77
N VAL E 213 9.91 5.30 4.60
CA VAL E 213 9.42 3.93 4.49
C VAL E 213 8.60 3.58 5.72
N TYR E 214 7.76 2.56 5.60
CA TYR E 214 6.76 2.30 6.61
C TYR E 214 6.91 1.01 7.41
N THR E 215 8.02 0.31 7.21
CA THR E 215 8.39 -0.80 8.07
C THR E 215 9.90 -0.78 8.33
N LEU E 216 10.30 -1.30 9.49
CA LEU E 216 11.70 -1.43 9.87
C LEU E 216 12.38 -2.28 8.82
N GLN E 217 11.63 -3.24 8.30
CA GLN E 217 12.19 -4.12 7.30
C GLN E 217 12.66 -3.39 6.05
N ASP E 218 11.82 -2.54 5.48
CA ASP E 218 12.17 -1.77 4.29
C ASP E 218 13.35 -0.85 4.58
N LEU E 219 13.36 -0.29 5.78
CA LEU E 219 14.44 0.60 6.11
C LEU E 219 15.73 -0.19 6.08
N LEU E 220 15.70 -1.41 6.62
CA LEU E 220 16.92 -2.21 6.71
C LEU E 220 17.36 -2.77 5.37
N TYR E 221 16.41 -3.17 4.54
CA TYR E 221 16.72 -3.66 3.20
C TYR E 221 17.30 -2.55 2.34
N GLN E 222 16.81 -1.32 2.51
CA GLN E 222 17.20 -0.27 1.57
C GLN E 222 18.45 0.51 1.97
N SER E 223 18.91 0.33 3.21
CA SER E 223 19.96 1.16 3.79
C SER E 223 21.38 0.55 3.79
N ASP E 224 22.35 1.36 3.35
CA ASP E 224 23.78 1.01 3.39
C ASP E 224 24.38 1.34 4.75
N CYS E 225 23.84 2.40 5.36
CA CYS E 225 24.21 2.82 6.72
C CYS E 225 22.94 3.12 7.54
N VAL E 226 22.83 2.46 8.68
CA VAL E 226 21.68 2.61 9.57
C VAL E 226 22.05 3.33 10.85
N SER E 227 21.30 4.38 11.19
CA SER E 227 21.53 5.13 12.41
C SER E 227 20.27 5.26 13.26
N LEU E 228 20.41 4.98 14.55
CA LEU E 228 19.31 5.02 15.50
C LEU E 228 19.10 6.40 16.09
N HIS E 229 17.87 6.91 16.06
CA HIS E 229 17.54 8.19 16.68
C HIS E 229 16.14 8.20 17.25
N CYS E 230 15.71 7.03 17.72
CA CYS E 230 14.40 6.87 18.34
C CYS E 230 14.63 6.80 19.83
N ASN E 231 13.62 7.15 20.62
CA ASN E 231 13.73 6.99 22.05
C ASN E 231 13.48 5.54 22.40
N LEU E 232 14.03 5.09 23.51
CA LEU E 232 13.80 3.74 24.01
C LEU E 232 12.38 3.64 24.62
N ASN E 233 11.58 2.66 24.21
CA ASN E 233 10.23 2.50 24.78
C ASN E 233 9.81 1.04 24.97
N GLU E 234 8.59 0.84 25.48
CA GLU E 234 8.04 -0.48 25.82
C GLU E 234 8.09 -1.45 24.64
N HIS E 235 8.04 -0.90 23.42
CA HIS E 235 7.86 -1.71 22.20
C HIS E 235 9.06 -1.85 21.29
N ASN E 236 10.18 -1.19 21.60
CA ASN E 236 11.36 -1.28 20.73
C ASN E 236 12.63 -1.74 21.45
N HIS E 237 12.50 -2.41 22.58
CA HIS E 237 13.68 -3.01 23.22
C HIS E 237 14.27 -4.06 22.30
N HIS E 238 15.58 -4.00 22.13
CA HIS E 238 16.31 -4.86 21.19
C HIS E 238 15.66 -4.83 19.81
N LEU E 239 15.24 -3.65 19.40
CA LEU E 239 14.77 -3.43 18.04
C LEU E 239 15.74 -4.06 17.02
N ILE E 240 17.03 -3.79 17.22
CA ILE E 240 18.13 -4.41 16.45
C ILE E 240 18.49 -5.70 17.18
N ASN E 241 18.09 -6.82 16.59
CA ASN E 241 18.26 -8.12 17.24
C ASN E 241 18.76 -9.17 16.27
N ASP E 242 18.77 -10.40 16.75
CA ASP E 242 19.25 -11.50 15.92
C ASP E 242 18.51 -11.57 14.59
N PHE E 243 17.20 -11.34 14.62
CA PHE E 243 16.35 -11.47 13.45
C PHE E 243 16.58 -10.33 12.45
N THR E 244 16.55 -9.11 12.99
CA THR E 244 16.54 -7.91 12.16
C THR E 244 17.91 -7.64 11.53
N ILE E 245 18.99 -7.98 12.23
CA ILE E 245 20.32 -7.84 11.66
C ILE E 245 20.46 -8.65 10.38
N LYS E 246 19.82 -9.82 10.34
CA LYS E 246 19.89 -10.67 9.16
C LYS E 246 19.16 -9.96 8.00
N GLN E 247 18.34 -8.96 8.35
CA GLN E 247 17.63 -8.17 7.37
C GLN E 247 18.46 -7.03 6.81
N MET E 248 19.58 -6.71 7.46
CA MET E 248 20.42 -5.62 6.99
C MET E 248 21.25 -6.06 5.81
N ARG E 249 21.64 -5.08 5.00
CA ARG E 249 22.46 -5.36 3.84
C ARG E 249 23.82 -5.92 4.23
N GLN E 250 24.32 -6.85 3.42
CA GLN E 250 25.69 -7.33 3.59
C GLN E 250 26.70 -6.17 3.65
N GLY E 251 27.43 -6.10 4.76
CA GLY E 251 28.46 -5.11 4.92
C GLY E 251 27.94 -3.69 5.18
N ALA E 252 26.76 -3.59 5.80
CA ALA E 252 26.16 -2.30 6.16
C ALA E 252 26.83 -1.73 7.39
N PHE E 253 26.60 -0.44 7.67
CA PHE E 253 27.11 0.20 8.87
C PHE E 253 25.97 0.43 9.86
N LEU E 254 26.26 0.29 11.14
CA LEU E 254 25.28 0.57 12.18
C LEU E 254 25.84 1.60 13.12
N VAL E 255 25.04 2.61 13.42
CA VAL E 255 25.43 3.64 14.37
C VAL E 255 24.32 3.75 15.41
N ASN E 256 24.69 3.90 16.67
CA ASN E 256 23.70 4.10 17.72
C ASN E 256 24.06 5.19 18.72
N ALA E 257 23.46 6.37 18.59
CA ALA E 257 23.68 7.43 19.57
C ALA E 257 22.41 7.76 20.34
N ALA E 258 21.48 6.80 20.39
CA ALA E 258 20.20 6.97 21.08
C ALA E 258 20.22 6.33 22.47
N ARG E 259 19.91 5.03 22.54
CA ARG E 259 19.96 4.26 23.78
C ARG E 259 20.48 2.85 23.51
N GLY E 260 21.34 2.36 24.39
CA GLY E 260 21.98 1.08 24.15
C GLY E 260 21.00 -0.08 24.18
N GLY E 261 19.86 0.12 24.85
CA GLY E 261 18.90 -0.95 25.00
C GLY E 261 18.22 -1.29 23.69
N LEU E 262 18.35 -0.40 22.72
CA LEU E 262 17.77 -0.63 21.38
C LEU E 262 18.48 -1.78 20.63
N VAL E 263 19.70 -2.10 21.05
CA VAL E 263 20.51 -3.07 20.33
C VAL E 263 20.89 -4.26 21.20
N ASP E 264 20.70 -5.48 20.69
CA ASP E 264 21.22 -6.68 21.35
C ASP E 264 22.71 -6.80 21.03
N GLU E 265 23.55 -6.37 21.97
CA GLU E 265 24.98 -6.29 21.76
C GLU E 265 25.63 -7.65 21.45
N LYS E 266 25.06 -8.72 21.98
CA LYS E 266 25.53 -10.06 21.66
C LYS E 266 25.36 -10.27 20.16
N ALA E 267 24.18 -9.90 19.64
CA ALA E 267 23.88 -10.06 18.22
C ALA E 267 24.82 -9.22 17.39
N LEU E 268 25.01 -7.98 17.79
CA LEU E 268 25.89 -7.07 17.07
C LEU E 268 27.32 -7.64 17.02
N ALA E 269 27.79 -8.17 18.15
CA ALA E 269 29.13 -8.76 18.25
C ALA E 269 29.35 -9.85 17.19
N GLN E 270 28.41 -10.79 17.09
CA GLN E 270 28.53 -11.89 16.14
C GLN E 270 28.51 -11.32 14.73
N ALA E 271 27.65 -10.33 14.53
CA ALA E 271 27.48 -9.70 13.22
C ALA E 271 28.79 -9.07 12.71
N LEU E 272 29.50 -8.38 13.59
CA LEU E 272 30.78 -7.75 13.24
C LEU E 272 31.84 -8.82 12.94
N LYS E 273 31.94 -9.80 13.84
CA LYS E 273 32.88 -10.92 13.70
C LYS E 273 32.70 -11.68 12.40
N GLU E 274 31.47 -11.91 11.98
CA GLU E 274 31.22 -12.70 10.78
C GLU E 274 31.35 -11.87 9.50
N GLY E 275 31.59 -10.57 9.63
CA GLY E 275 31.70 -9.71 8.47
C GLY E 275 30.34 -9.27 7.91
N ARG E 276 29.25 -9.73 8.53
CA ARG E 276 27.89 -9.41 8.09
C ARG E 276 27.59 -7.91 8.22
N ILE E 277 28.11 -7.31 9.29
CA ILE E 277 28.08 -5.87 9.41
C ILE E 277 29.52 -5.37 9.32
N ARG E 278 29.77 -4.45 8.39
CA ARG E 278 31.13 -4.00 8.11
C ARG E 278 31.71 -3.17 9.26
N GLY E 279 30.86 -2.43 9.97
CA GLY E 279 31.34 -1.67 11.11
C GLY E 279 30.21 -1.01 11.87
N ALA E 280 30.46 -0.73 13.14
CA ALA E 280 29.46 -0.10 13.99
C ALA E 280 30.10 0.98 14.85
N ALA E 281 29.34 2.01 15.14
CA ALA E 281 29.78 3.05 16.06
C ALA E 281 28.71 3.28 17.12
N LEU E 282 29.08 3.07 18.38
CA LEU E 282 28.12 3.14 19.47
C LEU E 282 28.53 4.22 20.46
N ASP E 283 27.63 5.17 20.72
CA ASP E 283 27.87 6.15 21.77
C ASP E 283 27.22 5.70 23.05
N VAL E 284 26.38 4.69 22.97
CA VAL E 284 25.61 4.23 24.11
C VAL E 284 25.52 2.72 24.13
N HIS E 285 25.34 2.13 25.31
CA HIS E 285 25.41 0.67 25.45
C HIS E 285 24.37 0.14 26.45
N GLU E 286 24.02 -1.13 26.31
CA GLU E 286 23.05 -1.79 27.19
C GLU E 286 23.44 -1.60 28.65
N SER E 287 24.71 -1.80 28.97
CA SER E 287 25.17 -1.63 30.33
C SER E 287 26.31 -0.59 30.35
N GLU E 288 26.02 0.57 30.93
CA GLU E 288 27.01 1.65 31.04
C GLU E 288 27.47 1.79 32.46
N PRO E 289 28.73 2.20 32.66
CA PRO E 289 29.67 2.66 31.64
C PRO E 289 30.21 1.51 30.81
N PHE E 290 30.51 1.79 29.55
CA PHE E 290 31.03 0.78 28.62
C PHE E 290 32.49 0.50 28.94
N SER E 291 32.91 -0.75 28.80
CA SER E 291 34.32 -1.08 28.91
C SER E 291 34.74 -2.09 27.83
N PHE E 292 35.90 -1.86 27.22
CA PHE E 292 36.39 -2.77 26.20
C PHE E 292 36.90 -4.05 26.83
N ALA E 293 37.18 -4.00 28.13
CA ALA E 293 37.75 -5.16 28.81
C ALA E 293 36.64 -6.13 29.17
N GLN E 294 35.40 -5.65 29.09
CA GLN E 294 34.25 -6.40 29.58
C GLN E 294 33.13 -6.43 28.55
N GLY E 295 32.43 -7.56 28.50
CA GLY E 295 31.20 -7.64 27.74
C GLY E 295 31.30 -8.35 26.41
N PRO E 296 30.15 -8.47 25.72
CA PRO E 296 29.92 -9.25 24.50
C PRO E 296 30.69 -8.70 23.31
N LEU E 297 30.98 -7.39 23.32
CA LEU E 297 31.76 -6.77 22.25
C LEU E 297 33.26 -6.81 22.56
N LYS E 298 33.61 -7.56 23.61
CA LYS E 298 34.98 -7.59 24.12
C LYS E 298 36.03 -7.57 22.99
N ASP E 299 35.98 -8.58 22.13
CA ASP E 299 36.97 -8.75 21.06
C ASP E 299 36.33 -8.60 19.69
N ALA E 300 35.42 -7.63 19.56
CA ALA E 300 34.72 -7.39 18.30
C ALA E 300 35.52 -6.48 17.37
N PRO E 301 35.56 -6.80 16.08
CA PRO E 301 36.26 -5.96 15.09
C PRO E 301 35.42 -4.78 14.60
N ASN E 302 36.06 -3.82 13.94
CA ASN E 302 35.38 -2.70 13.31
C ASN E 302 34.39 -2.04 14.25
N LEU E 303 34.79 -1.86 15.49
CA LEU E 303 33.94 -1.21 16.47
C LEU E 303 34.52 0.13 16.90
N ILE E 304 33.66 1.14 16.93
CA ILE E 304 33.96 2.41 17.61
C ILE E 304 32.98 2.58 18.77
N CYS E 305 33.49 3.04 19.90
CA CYS E 305 32.67 3.32 21.05
C CYS E 305 33.11 4.60 21.69
N THR E 306 32.13 5.38 22.13
CA THR E 306 32.37 6.56 22.93
C THR E 306 31.51 6.47 24.18
N PRO E 307 31.96 7.06 25.30
CA PRO E 307 31.27 6.84 26.58
C PRO E 307 30.07 7.75 26.82
N HIS E 308 29.10 7.72 25.92
CA HIS E 308 27.91 8.52 26.10
C HIS E 308 28.24 10.00 26.15
N THR E 309 28.89 10.47 25.09
CA THR E 309 29.30 11.85 25.06
C THR E 309 28.64 12.62 23.92
N ALA E 310 27.87 11.92 23.08
CA ALA E 310 27.33 12.55 21.88
C ALA E 310 26.70 13.91 22.19
N TRP E 311 26.12 14.02 23.39
CA TRP E 311 25.39 15.22 23.81
C TRP E 311 26.25 16.41 24.23
N TYR E 312 27.45 16.13 24.69
CA TYR E 312 28.17 17.09 25.51
C TYR E 312 28.82 18.23 24.76
N SER E 313 28.59 19.43 25.28
CA SER E 313 29.41 20.58 24.98
C SER E 313 29.29 21.46 26.23
N GLU E 314 30.24 22.36 26.43
CA GLU E 314 30.16 23.26 27.57
C GLU E 314 28.82 23.97 27.52
N GLN E 315 28.51 24.53 26.35
CA GLN E 315 27.36 25.39 26.19
C GLN E 315 26.07 24.60 26.42
N ALA E 316 26.01 23.37 25.90
CA ALA E 316 24.81 22.54 25.99
C ALA E 316 24.53 22.05 27.39
N SER E 317 25.57 21.62 28.10
CA SER E 317 25.40 21.14 29.46
C SER E 317 24.84 22.29 30.29
N LEU E 318 25.40 23.47 30.08
CA LEU E 318 24.96 24.63 30.83
C LEU E 318 23.47 24.87 30.56
N GLU E 319 23.12 24.87 29.29
CA GLU E 319 21.77 25.16 28.84
C GLU E 319 20.77 24.20 29.47
N MET E 320 21.10 22.92 29.50
CA MET E 320 20.12 21.94 29.97
C MET E 320 19.98 21.99 31.50
N ARG E 321 21.06 22.28 32.21
CA ARG E 321 20.95 22.41 33.67
C ARG E 321 20.10 23.63 34.05
N GLU E 322 20.33 24.75 33.36
CA GLU E 322 19.52 25.94 33.59
C GLU E 322 18.05 25.66 33.29
N ALA E 323 17.78 24.93 32.21
CA ALA E 323 16.39 24.63 31.85
C ALA E 323 15.74 23.71 32.88
N ALA E 324 16.47 22.73 33.36
CA ALA E 324 15.91 21.77 34.31
C ALA E 324 15.58 22.45 35.64
N ALA E 325 16.49 23.29 36.13
CA ALA E 325 16.24 24.01 37.38
C ALA E 325 14.97 24.85 37.20
N THR E 326 14.85 25.49 36.03
CA THR E 326 13.70 26.34 35.73
C THR E 326 12.41 25.52 35.65
N GLU E 327 12.52 24.26 35.23
CA GLU E 327 11.35 23.38 35.23
C GLU E 327 10.89 23.11 36.65
N ILE E 328 11.86 22.82 37.52
CA ILE E 328 11.58 22.64 38.93
C ILE E 328 10.94 23.90 39.51
N ARG E 329 11.52 25.05 39.18
CA ARG E 329 11.05 26.33 39.69
C ARG E 329 9.57 26.56 39.32
N ARG E 330 9.17 26.20 38.10
CA ARG E 330 7.78 26.33 37.67
C ARG E 330 6.89 25.36 38.44
N ALA E 331 7.39 24.15 38.66
CA ALA E 331 6.63 23.15 39.38
C ALA E 331 6.31 23.68 40.78
N ILE E 332 7.26 24.40 41.36
CA ILE E 332 7.08 24.98 42.68
C ILE E 332 6.11 26.15 42.59
N THR E 333 6.38 27.06 41.65
CA THR E 333 5.65 28.33 41.54
C THR E 333 4.24 28.28 40.95
N GLY E 334 3.86 27.17 40.34
CA GLY E 334 2.58 27.10 39.65
C GLY E 334 1.89 25.81 40.00
N ARG E 335 0.91 25.43 39.19
CA ARG E 335 0.21 24.17 39.38
C ARG E 335 0.83 23.05 38.54
N ILE E 336 1.00 21.89 39.14
CA ILE E 336 1.51 20.72 38.45
C ILE E 336 0.30 19.89 38.05
N PRO E 337 0.22 19.46 36.78
CA PRO E 337 1.23 19.55 35.72
C PRO E 337 0.97 20.67 34.69
N GLU E 338 -0.07 21.46 34.89
CA GLU E 338 -0.49 22.41 33.86
C GLU E 338 0.61 23.42 33.53
N SER E 339 1.37 23.83 34.56
CA SER E 339 2.41 24.86 34.46
C SER E 339 3.74 24.39 33.86
N LEU E 340 3.90 23.08 33.69
CA LEU E 340 5.18 22.50 33.23
C LEU E 340 5.38 22.63 31.72
N ARG E 341 6.62 22.93 31.31
CA ARG E 341 6.94 23.22 29.90
C ARG E 341 7.12 21.91 29.06
N ASN E 342 7.81 20.92 29.62
CA ASN E 342 8.07 19.66 28.92
C ASN E 342 7.75 18.43 29.78
N CYS E 343 6.48 18.29 30.17
CA CYS E 343 6.01 17.12 30.90
C CYS E 343 5.70 16.01 29.90
N VAL E 344 6.29 14.84 30.11
CA VAL E 344 6.14 13.74 29.15
C VAL E 344 5.15 12.65 29.59
N ASN E 345 4.43 12.88 30.70
CA ASN E 345 3.57 11.83 31.25
C ASN E 345 2.24 12.31 31.80
N LYS E 346 1.42 12.95 30.96
CA LYS E 346 0.06 13.29 31.36
C LYS E 346 -0.84 12.06 31.30
N GLU E 347 -0.54 11.08 32.15
CA GLU E 347 -1.49 10.03 32.53
C GLU E 347 -1.61 9.96 34.06
N ARG F 20 56.37 -1.73 -29.46
CA ARG F 20 55.32 -0.99 -28.76
C ARG F 20 55.88 0.02 -27.76
N PRO F 21 55.55 1.31 -27.94
CA PRO F 21 56.10 2.35 -27.06
C PRO F 21 55.86 2.01 -25.59
N LEU F 22 56.84 2.31 -24.75
CA LEU F 22 56.81 1.90 -23.36
C LEU F 22 56.25 2.96 -22.40
N VAL F 23 55.34 2.51 -21.54
CA VAL F 23 54.81 3.35 -20.49
C VAL F 23 55.13 2.68 -19.14
N ALA F 24 55.80 3.41 -18.26
CA ALA F 24 56.27 2.86 -16.98
C ALA F 24 55.55 3.49 -15.80
N LEU F 25 55.09 2.68 -14.86
CA LEU F 25 54.55 3.18 -13.62
C LEU F 25 55.68 3.20 -12.59
N LEU F 26 56.11 4.42 -12.23
CA LEU F 26 57.33 4.61 -11.45
C LEU F 26 57.27 4.10 -10.01
N ASP F 27 56.31 4.60 -9.22
CA ASP F 27 56.28 4.29 -7.78
C ASP F 27 55.11 3.41 -7.40
N GLY F 28 54.94 2.33 -8.15
CA GLY F 28 53.93 1.34 -7.87
C GLY F 28 54.36 -0.05 -8.28
N ARG F 29 53.62 -1.04 -7.77
CA ARG F 29 53.80 -2.44 -8.10
C ARG F 29 52.63 -2.90 -8.98
N ASP F 30 51.42 -2.59 -8.53
CA ASP F 30 50.18 -2.96 -9.24
C ASP F 30 50.07 -2.20 -10.57
N CYS F 31 49.62 -2.89 -11.61
CA CYS F 31 49.50 -2.33 -12.95
C CYS F 31 48.26 -2.88 -13.66
N THR F 32 47.34 -3.41 -12.86
CA THR F 32 46.29 -4.25 -13.40
C THR F 32 45.12 -3.44 -13.96
N VAL F 33 44.94 -2.21 -13.50
CA VAL F 33 43.87 -1.35 -14.00
C VAL F 33 44.26 -0.66 -15.30
N GLU F 34 45.55 -0.43 -15.46
CA GLU F 34 46.05 0.33 -16.60
C GLU F 34 46.35 -0.55 -17.81
N MET F 35 46.86 -1.76 -17.57
CA MET F 35 47.31 -2.62 -18.67
C MET F 35 46.26 -2.72 -19.77
N PRO F 36 45.05 -3.24 -19.44
CA PRO F 36 43.94 -3.40 -20.39
C PRO F 36 43.54 -2.11 -21.12
N ILE F 37 43.75 -0.95 -20.51
CA ILE F 37 43.41 0.31 -21.16
C ILE F 37 44.39 0.62 -22.30
N LEU F 38 45.60 0.06 -22.17
CA LEU F 38 46.73 0.39 -23.06
C LEU F 38 47.30 -0.79 -23.85
N LYS F 39 46.86 -2.01 -23.54
CA LYS F 39 47.43 -3.23 -24.12
C LYS F 39 47.71 -3.09 -25.60
N ASP F 40 46.75 -2.55 -26.34
CA ASP F 40 46.83 -2.49 -27.79
C ASP F 40 47.78 -1.43 -28.30
N LEU F 41 48.16 -0.49 -27.44
CA LEU F 41 48.88 0.70 -27.89
C LEU F 41 50.27 0.85 -27.26
N ALA F 42 50.49 0.25 -26.09
CA ALA F 42 51.75 0.44 -25.39
C ALA F 42 52.16 -0.75 -24.54
N THR F 43 53.45 -0.84 -24.29
CA THR F 43 53.98 -1.77 -23.30
C THR F 43 53.85 -1.15 -21.90
N VAL F 44 53.25 -1.88 -20.97
CA VAL F 44 53.08 -1.37 -19.62
C VAL F 44 53.99 -2.10 -18.65
N ALA F 45 54.70 -1.34 -17.83
CA ALA F 45 55.61 -1.91 -16.84
C ALA F 45 55.62 -1.08 -15.56
N PHE F 46 56.09 -1.68 -14.47
CA PHE F 46 56.25 -0.97 -13.21
C PHE F 46 57.67 -1.09 -12.65
N CYS F 47 58.09 -0.08 -11.89
CA CYS F 47 59.44 -0.05 -11.35
C CYS F 47 59.43 -0.28 -9.85
N ASP F 48 58.29 -0.01 -9.22
CA ASP F 48 58.18 -0.12 -7.78
C ASP F 48 59.35 0.63 -7.15
N ALA F 49 59.65 1.82 -7.69
CA ALA F 49 60.77 2.62 -7.20
C ALA F 49 60.34 3.63 -6.15
N GLN F 50 61.00 3.61 -5.00
CA GLN F 50 60.71 4.61 -3.97
C GLN F 50 61.57 5.83 -4.26
N SER F 51 62.54 5.68 -5.14
CA SER F 51 63.44 6.77 -5.53
C SER F 51 63.92 6.62 -6.97
N THR F 52 64.20 7.75 -7.63
CA THR F 52 64.68 7.76 -9.02
C THR F 52 65.96 6.97 -9.23
N GLN F 53 66.78 6.87 -8.18
CA GLN F 53 68.02 6.11 -8.27
C GLN F 53 67.71 4.62 -8.56
N GLU F 54 66.51 4.16 -8.16
CA GLU F 54 66.09 2.77 -8.31
C GLU F 54 65.31 2.46 -9.59
N ILE F 55 65.10 3.47 -10.43
CA ILE F 55 64.45 3.21 -11.71
C ILE F 55 65.40 2.55 -12.71
N HIS F 56 65.02 1.39 -13.25
CA HIS F 56 65.89 0.66 -14.19
C HIS F 56 66.27 1.45 -15.45
N GLU F 57 67.48 1.19 -15.94
CA GLU F 57 68.03 1.91 -17.09
C GLU F 57 67.14 1.83 -18.33
N LYS F 58 66.48 0.68 -18.53
CA LYS F 58 65.61 0.49 -19.69
C LYS F 58 64.49 1.54 -19.76
N VAL F 59 63.87 1.82 -18.61
CA VAL F 59 62.77 2.80 -18.51
C VAL F 59 63.31 4.21 -18.76
N LEU F 60 64.43 4.54 -18.13
CA LEU F 60 65.04 5.85 -18.34
C LEU F 60 65.38 6.03 -19.82
N ASN F 61 65.84 4.96 -20.46
CA ASN F 61 66.27 5.06 -21.85
C ASN F 61 65.13 5.00 -22.85
N GLU F 62 64.10 4.19 -22.58
CA GLU F 62 63.07 3.96 -23.60
C GLU F 62 61.63 4.28 -23.18
N ALA F 63 61.40 4.89 -22.04
CA ALA F 63 60.02 5.06 -21.64
C ALA F 63 59.54 6.33 -22.30
N VAL F 64 58.44 6.23 -23.03
CA VAL F 64 57.90 7.38 -23.73
C VAL F 64 56.91 8.08 -22.83
N GLY F 65 56.30 7.30 -21.95
CA GLY F 65 55.29 7.81 -21.04
C GLY F 65 55.50 7.25 -19.66
N ALA F 66 55.15 8.03 -18.64
CA ALA F 66 55.32 7.61 -17.26
C ALA F 66 54.06 7.90 -16.47
N MET F 67 53.76 7.04 -15.50
CA MET F 67 52.68 7.30 -14.56
C MET F 67 53.26 7.24 -13.15
N MET F 68 52.85 8.16 -12.29
CA MET F 68 53.41 8.17 -10.97
C MET F 68 52.45 8.72 -9.94
N TYR F 69 52.70 8.32 -8.70
CA TYR F 69 51.97 8.81 -7.55
C TYR F 69 52.70 9.99 -6.90
N HIS F 70 52.51 10.17 -5.61
CA HIS F 70 53.08 11.29 -4.88
C HIS F 70 54.32 10.89 -4.07
N THR F 71 54.61 9.59 -4.07
CA THR F 71 55.64 9.00 -3.20
C THR F 71 57.06 9.04 -3.81
N ILE F 72 57.16 9.58 -5.01
CA ILE F 72 58.45 9.80 -5.63
C ILE F 72 58.54 11.25 -6.09
N THR F 73 59.76 11.75 -6.22
CA THR F 73 59.99 13.13 -6.66
C THR F 73 60.84 13.15 -7.91
N LEU F 74 60.49 14.04 -8.83
CA LEU F 74 61.28 14.24 -10.03
C LEU F 74 61.76 15.70 -10.15
N THR F 75 63.05 15.90 -9.84
CA THR F 75 63.68 17.21 -10.03
C THR F 75 64.13 17.39 -11.47
N ARG F 76 64.68 18.57 -11.77
CA ARG F 76 65.20 18.85 -13.10
C ARG F 76 66.26 17.83 -13.50
N GLU F 77 67.15 17.55 -12.56
CA GLU F 77 68.23 16.58 -12.74
C GLU F 77 67.64 15.22 -13.17
N ASP F 78 66.56 14.82 -12.47
CA ASP F 78 65.85 13.55 -12.74
C ASP F 78 65.26 13.52 -14.13
N LEU F 79 64.54 14.56 -14.48
CA LEU F 79 63.89 14.61 -15.78
C LEU F 79 64.93 14.45 -16.88
N GLU F 80 66.11 14.99 -16.62
CA GLU F 80 67.20 14.93 -17.59
C GLU F 80 67.70 13.52 -17.87
N LYS F 81 67.48 12.59 -16.93
CA LYS F 81 67.89 11.19 -17.10
C LYS F 81 67.00 10.46 -18.11
N PHE F 82 65.82 11.02 -18.37
CA PHE F 82 64.90 10.41 -19.31
C PHE F 82 65.25 10.82 -20.73
N LYS F 83 65.60 9.85 -21.57
CA LYS F 83 66.04 10.11 -22.94
C LYS F 83 64.90 10.16 -23.97
N ALA F 84 63.74 9.62 -23.62
CA ALA F 84 62.61 9.48 -24.57
C ALA F 84 61.26 9.98 -24.05
N LEU F 85 61.16 10.23 -22.75
CA LEU F 85 59.89 10.61 -22.15
C LEU F 85 59.23 11.80 -22.85
N ARG F 86 57.94 11.68 -23.14
CA ARG F 86 57.16 12.78 -23.72
C ARG F 86 56.02 13.20 -22.80
N VAL F 87 55.54 12.29 -21.95
CA VAL F 87 54.46 12.65 -21.02
C VAL F 87 54.55 11.95 -19.67
N ILE F 88 54.20 12.71 -18.62
CA ILE F 88 54.12 12.22 -17.26
C ILE F 88 52.70 12.44 -16.81
N VAL F 89 52.09 11.42 -16.20
CA VAL F 89 50.74 11.56 -15.68
C VAL F 89 50.70 11.26 -14.20
N ARG F 90 50.40 12.27 -13.43
CA ARG F 90 50.23 12.11 -12.01
C ARG F 90 48.87 11.48 -11.74
N ILE F 91 48.88 10.31 -11.12
CA ILE F 91 47.67 9.66 -10.68
C ILE F 91 47.25 10.30 -9.37
N GLY F 92 46.47 11.37 -9.47
CA GLY F 92 46.18 12.21 -8.33
C GLY F 92 46.14 13.65 -8.77
N SER F 93 45.73 14.54 -7.88
CA SER F 93 45.55 15.94 -8.21
C SER F 93 46.80 16.80 -7.99
N GLY F 94 47.62 16.44 -7.00
CA GLY F 94 48.81 17.19 -6.66
C GLY F 94 49.97 16.88 -7.60
N TYR F 95 50.75 17.89 -7.96
CA TYR F 95 51.92 17.68 -8.81
C TYR F 95 53.10 18.49 -8.31
N ASP F 96 53.07 18.87 -7.04
CA ASP F 96 54.17 19.59 -6.41
C ASP F 96 55.43 18.74 -6.43
N ASN F 97 55.26 17.41 -6.51
CA ASN F 97 56.39 16.48 -6.52
C ASN F 97 57.03 16.30 -7.89
N VAL F 98 56.57 17.09 -8.86
CA VAL F 98 57.17 17.09 -10.19
C VAL F 98 57.54 18.51 -10.63
N ASP F 99 58.80 18.72 -11.01
CA ASP F 99 59.23 20.02 -11.53
C ASP F 99 58.66 20.21 -12.93
N ILE F 100 57.42 20.69 -12.96
CA ILE F 100 56.65 20.74 -14.19
C ILE F 100 57.21 21.75 -15.18
N LYS F 101 57.93 22.74 -14.68
CA LYS F 101 58.53 23.78 -15.53
C LYS F 101 59.74 23.23 -16.26
N ALA F 102 60.58 22.52 -15.52
CA ALA F 102 61.75 21.87 -16.11
C ALA F 102 61.25 20.90 -17.16
N ALA F 103 60.23 20.11 -16.81
CA ALA F 103 59.66 19.13 -17.72
C ALA F 103 59.27 19.78 -19.02
N GLY F 104 58.46 20.83 -18.93
CA GLY F 104 57.97 21.52 -20.11
C GLY F 104 59.16 22.00 -20.94
N GLU F 105 60.18 22.52 -20.26
CA GLU F 105 61.37 22.99 -20.96
C GLU F 105 62.10 21.83 -21.65
N LEU F 106 62.03 20.63 -21.08
CA LEU F 106 62.64 19.45 -21.70
C LEU F 106 61.68 18.79 -22.72
N GLY F 107 60.56 19.46 -23.01
CA GLY F 107 59.55 18.98 -23.94
C GLY F 107 58.68 17.83 -23.40
N ILE F 108 58.55 17.78 -22.08
CA ILE F 108 57.72 16.77 -21.44
C ILE F 108 56.47 17.38 -20.91
N ALA F 109 55.33 16.77 -21.24
CA ALA F 109 54.06 17.27 -20.77
C ALA F 109 53.73 16.60 -19.45
N VAL F 110 53.17 17.35 -18.52
CA VAL F 110 52.78 16.77 -17.24
C VAL F 110 51.29 16.95 -17.05
N CYS F 111 50.61 15.88 -16.63
CA CYS F 111 49.16 15.90 -16.44
C CYS F 111 48.81 15.42 -15.05
N ASN F 112 47.63 15.79 -14.60
CA ASN F 112 47.16 15.23 -13.34
C ASN F 112 45.75 14.68 -13.48
N ILE F 113 45.27 14.05 -12.43
CA ILE F 113 43.88 13.64 -12.36
C ILE F 113 43.22 14.51 -11.27
N PRO F 114 42.54 15.57 -11.69
CA PRO F 114 42.11 16.64 -10.78
C PRO F 114 40.78 16.40 -10.09
N SER F 115 40.11 15.32 -10.45
CA SER F 115 38.69 15.22 -10.21
C SER F 115 38.20 13.87 -9.69
N ALA F 116 39.12 13.03 -9.22
CA ALA F 116 38.74 11.68 -8.79
C ALA F 116 38.59 11.49 -7.27
N ALA F 117 39.24 12.30 -6.46
CA ALA F 117 39.14 12.10 -5.03
C ALA F 117 38.62 13.34 -4.32
N VAL F 118 37.88 14.18 -5.02
CA VAL F 118 37.44 15.44 -4.46
C VAL F 118 36.52 15.25 -3.25
N GLU F 119 35.42 14.54 -3.47
CA GLU F 119 34.45 14.35 -2.42
C GLU F 119 34.96 13.43 -1.31
N GLU F 120 35.74 12.41 -1.67
CA GLU F 120 36.44 11.62 -0.68
C GLU F 120 37.29 12.49 0.26
N THR F 121 38.03 13.44 -0.33
CA THR F 121 38.94 14.28 0.44
C THR F 121 38.18 15.27 1.29
N ALA F 122 37.09 15.78 0.74
CA ALA F 122 36.25 16.71 1.50
C ALA F 122 35.60 15.97 2.67
N ASP F 123 35.08 14.77 2.44
CA ASP F 123 34.44 13.96 3.49
C ASP F 123 35.45 13.69 4.62
N SER F 124 36.68 13.36 4.25
CA SER F 124 37.71 13.13 5.26
C SER F 124 38.07 14.40 6.02
N THR F 125 38.13 15.52 5.32
CA THR F 125 38.47 16.79 5.95
C THR F 125 37.42 17.12 7.02
N ILE F 126 36.15 17.06 6.64
CA ILE F 126 35.05 17.28 7.59
C ILE F 126 35.10 16.32 8.76
N CYS F 127 35.44 15.07 8.50
CA CYS F 127 35.60 14.07 9.56
C CYS F 127 36.65 14.54 10.57
N HIS F 128 37.80 15.00 10.08
CA HIS F 128 38.89 15.59 10.90
C HIS F 128 38.43 16.80 11.72
N ILE F 129 37.76 17.72 11.04
CA ILE F 129 37.22 18.89 11.70
C ILE F 129 36.26 18.46 12.81
N LEU F 130 35.34 17.56 12.48
CA LEU F 130 34.36 17.08 13.45
C LEU F 130 35.03 16.28 14.55
N ASN F 131 36.09 15.58 14.20
CA ASN F 131 36.86 14.85 15.19
C ASN F 131 37.47 15.79 16.24
N LEU F 132 37.91 16.97 15.80
CA LEU F 132 38.50 17.96 16.68
C LEU F 132 37.45 18.58 17.58
N TYR F 133 36.29 18.87 17.00
CA TYR F 133 35.19 19.53 17.72
C TYR F 133 34.42 18.63 18.70
N ARG F 134 34.27 17.34 18.39
CA ARG F 134 33.45 16.45 19.23
C ARG F 134 34.30 15.46 20.02
N ARG F 135 35.58 15.35 19.65
CA ARG F 135 36.60 14.61 20.39
C ARG F 135 36.34 13.11 20.31
N ASN F 136 35.66 12.70 19.24
CA ASN F 136 35.30 11.30 19.06
C ASN F 136 36.48 10.35 19.11
N THR F 137 37.52 10.67 18.34
CA THR F 137 38.69 9.81 18.28
C THR F 137 39.41 9.75 19.62
N TRP F 138 39.63 10.89 20.25
CA TRP F 138 40.34 10.89 21.52
C TRP F 138 39.55 10.17 22.62
N LEU F 139 38.22 10.28 22.58
CA LEU F 139 37.36 9.58 23.55
C LEU F 139 37.41 8.08 23.29
N TYR F 140 37.43 7.70 22.01
CA TYR F 140 37.62 6.31 21.64
C TYR F 140 38.93 5.78 22.21
N GLN F 141 39.98 6.58 22.04
CA GLN F 141 41.31 6.22 22.51
C GLN F 141 41.26 6.03 24.02
N ALA F 142 40.58 6.96 24.69
CA ALA F 142 40.46 6.96 26.14
C ALA F 142 39.84 5.65 26.63
N LEU F 143 38.87 5.16 25.86
CA LEU F 143 38.19 3.90 26.23
C LEU F 143 39.12 2.72 26.07
N ARG F 144 39.89 2.71 24.99
CA ARG F 144 40.90 1.68 24.78
C ARG F 144 41.96 1.73 25.88
N GLU F 145 42.25 2.94 26.34
CA GLU F 145 43.21 3.13 27.43
C GLU F 145 42.59 2.74 28.78
N GLY F 146 41.29 2.45 28.79
CA GLY F 146 40.65 1.89 29.97
C GLY F 146 40.01 2.92 30.89
N THR F 147 39.76 4.12 30.39
CA THR F 147 39.16 5.16 31.24
C THR F 147 37.72 4.72 31.57
N ARG F 148 37.36 4.74 32.86
CA ARG F 148 36.01 4.35 33.27
C ARG F 148 35.16 5.59 33.46
N VAL F 149 34.05 5.66 32.73
CA VAL F 149 33.22 6.87 32.74
C VAL F 149 31.79 6.55 33.23
N GLN F 150 31.61 6.57 34.56
CA GLN F 150 30.34 6.18 35.17
C GLN F 150 29.47 7.41 35.42
N SER F 151 30.04 8.46 36.01
CA SER F 151 29.22 9.60 36.42
C SER F 151 29.17 10.65 35.33
N VAL F 152 28.18 11.53 35.43
CA VAL F 152 28.08 12.62 34.49
C VAL F 152 29.28 13.56 34.62
N GLU F 153 29.78 13.74 35.86
CA GLU F 153 30.94 14.59 36.07
C GLU F 153 32.14 13.99 35.32
N GLN F 154 32.27 12.67 35.36
CA GLN F 154 33.33 11.99 34.63
C GLN F 154 33.19 12.20 33.13
N ILE F 155 31.95 12.28 32.66
CA ILE F 155 31.68 12.53 31.25
C ILE F 155 32.10 13.95 30.84
N ARG F 156 31.72 14.97 31.62
CA ARG F 156 32.09 16.34 31.28
C ARG F 156 33.60 16.51 31.29
N GLU F 157 34.26 15.87 32.26
CA GLU F 157 35.71 15.97 32.38
C GLU F 157 36.38 15.31 31.18
N VAL F 158 36.05 14.04 30.93
CA VAL F 158 36.73 13.26 29.90
C VAL F 158 36.52 13.84 28.51
N ALA F 159 35.34 14.39 28.29
CA ALA F 159 35.02 15.00 27.00
C ALA F 159 35.27 16.51 27.02
N SER F 160 35.97 17.01 28.04
CA SER F 160 36.19 18.45 28.17
C SER F 160 36.78 18.97 26.87
N GLY F 161 36.28 20.12 26.43
CA GLY F 161 36.74 20.73 25.20
C GLY F 161 35.83 20.45 24.02
N ALA F 162 34.99 19.44 24.15
CA ALA F 162 34.01 19.21 23.11
C ALA F 162 33.19 20.50 22.97
N ALA F 163 33.07 21.01 21.75
CA ALA F 163 32.51 22.35 21.57
C ALA F 163 31.25 22.38 20.71
N ARG F 164 30.43 23.40 20.95
CA ARG F 164 29.27 23.65 20.11
C ARG F 164 29.74 24.32 18.85
N ILE F 165 29.35 23.78 17.71
CA ILE F 165 29.83 24.26 16.43
C ILE F 165 29.13 25.51 15.88
N ARG F 166 27.81 25.60 15.97
CA ARG F 166 27.12 26.71 15.31
C ARG F 166 27.67 28.08 15.77
N GLY F 167 28.08 28.89 14.80
CA GLY F 167 28.63 30.20 15.10
C GLY F 167 30.14 30.27 14.93
N GLU F 168 30.82 29.13 15.04
CA GLU F 168 32.27 29.06 14.88
C GLU F 168 32.55 29.41 13.42
N THR F 169 33.70 30.01 13.16
CA THR F 169 34.06 30.39 11.80
C THR F 169 35.12 29.46 11.22
N LEU F 170 34.79 28.89 10.07
CA LEU F 170 35.71 28.01 9.38
C LEU F 170 36.34 28.76 8.25
N GLY F 171 37.66 28.88 8.32
CA GLY F 171 38.41 29.58 7.31
C GLY F 171 39.16 28.63 6.42
N LEU F 172 38.84 28.70 5.14
CA LEU F 172 39.45 27.83 4.15
C LEU F 172 40.55 28.59 3.42
N ILE F 173 41.76 28.05 3.46
CA ILE F 173 42.85 28.60 2.68
C ILE F 173 42.95 27.80 1.39
N GLY F 174 42.44 28.36 0.30
CA GLY F 174 42.28 27.64 -0.95
C GLY F 174 40.82 27.29 -1.15
N PHE F 175 40.27 27.79 -2.24
CA PHE F 175 38.87 27.58 -2.53
C PHE F 175 38.77 27.01 -3.94
N GLY F 176 39.42 25.86 -4.14
CA GLY F 176 39.30 25.16 -5.39
C GLY F 176 38.26 24.08 -5.27
N ARG F 177 38.60 22.90 -5.75
CA ARG F 177 37.66 21.78 -5.82
C ARG F 177 37.34 21.22 -4.46
N THR F 178 38.36 20.94 -3.67
CA THR F 178 38.16 20.40 -2.34
C THR F 178 37.67 21.46 -1.37
N GLY F 179 38.18 22.68 -1.48
CA GLY F 179 37.77 23.75 -0.59
C GLY F 179 36.28 24.01 -0.72
N GLN F 180 35.82 24.12 -1.96
CA GLN F 180 34.41 24.35 -2.18
C GLN F 180 33.57 23.18 -1.65
N ALA F 181 34.04 21.95 -1.85
CA ALA F 181 33.34 20.76 -1.38
C ALA F 181 33.26 20.76 0.14
N VAL F 182 34.31 21.23 0.79
CA VAL F 182 34.28 21.32 2.24
C VAL F 182 33.25 22.35 2.68
N ALA F 183 33.23 23.47 1.97
CA ALA F 183 32.26 24.53 2.25
C ALA F 183 30.81 24.03 2.16
N VAL F 184 30.52 23.32 1.09
CA VAL F 184 29.19 22.84 0.82
C VAL F 184 28.68 21.93 1.94
N ARG F 185 29.61 21.20 2.55
CA ARG F 185 29.32 20.26 3.61
C ARG F 185 29.30 20.95 4.95
N ALA F 186 30.06 22.04 5.06
CA ALA F 186 30.20 22.74 6.32
C ALA F 186 28.97 23.58 6.72
N LYS F 187 28.28 24.15 5.74
CA LYS F 187 27.18 25.09 6.01
C LYS F 187 26.09 24.50 6.92
N ALA F 188 25.72 23.24 6.69
CA ALA F 188 24.63 22.61 7.43
C ALA F 188 24.96 22.43 8.91
N PHE F 189 26.24 22.45 9.28
CA PHE F 189 26.61 22.33 10.69
C PHE F 189 26.53 23.67 11.45
N GLY F 190 26.31 24.76 10.73
CA GLY F 190 26.18 26.08 11.35
C GLY F 190 27.48 26.88 11.38
N PHE F 191 28.49 26.36 10.66
CA PHE F 191 29.77 27.03 10.48
C PHE F 191 29.60 28.27 9.62
N SER F 192 30.33 29.33 9.96
CA SER F 192 30.47 30.48 9.08
C SER F 192 31.69 30.22 8.21
N VAL F 193 31.48 30.18 6.91
CA VAL F 193 32.56 29.81 6.02
C VAL F 193 33.14 31.00 5.34
N ILE F 194 34.46 31.11 5.42
CA ILE F 194 35.23 32.19 4.83
C ILE F 194 36.43 31.56 4.14
N PHE F 195 36.90 32.17 3.07
CA PHE F 195 38.08 31.62 2.40
C PHE F 195 39.03 32.71 1.89
N TYR F 196 40.29 32.32 1.75
CA TYR F 196 41.32 33.16 1.17
C TYR F 196 41.94 32.40 0.01
N ASP F 197 41.89 33.01 -1.16
CA ASP F 197 42.40 32.42 -2.38
C ASP F 197 42.73 33.54 -3.34
N PRO F 198 44.02 33.95 -3.39
CA PRO F 198 44.46 35.14 -4.14
C PRO F 198 44.58 34.95 -5.65
N TYR F 199 44.34 33.75 -6.18
CA TYR F 199 44.44 33.52 -7.62
C TYR F 199 43.07 33.43 -8.26
N LEU F 200 42.05 33.25 -7.44
CA LEU F 200 40.69 33.10 -7.93
C LEU F 200 40.19 34.42 -8.48
N GLN F 201 39.42 34.36 -9.55
CA GLN F 201 38.75 35.54 -10.08
C GLN F 201 37.61 35.96 -9.15
N ASP F 202 37.17 37.22 -9.21
CA ASP F 202 36.10 37.68 -8.32
C ASP F 202 34.73 37.09 -8.74
N GLY F 203 33.92 36.67 -7.75
CA GLY F 203 32.56 36.22 -7.99
C GLY F 203 32.20 34.84 -7.44
N ILE F 204 33.17 33.95 -7.35
CA ILE F 204 32.91 32.61 -6.83
C ILE F 204 32.29 32.71 -5.44
N GLU F 205 32.71 33.73 -4.68
CA GLU F 205 32.18 33.96 -3.34
C GLU F 205 30.65 34.15 -3.35
N ARG F 206 30.16 34.82 -4.39
CA ARG F 206 28.75 35.17 -4.54
C ARG F 206 27.94 33.95 -4.96
N SER F 207 28.49 33.20 -5.92
CA SER F 207 27.84 31.98 -6.38
C SER F 207 27.56 31.05 -5.23
N LEU F 208 28.58 30.75 -4.43
CA LEU F 208 28.39 29.76 -3.36
C LEU F 208 27.93 30.35 -2.03
N GLY F 209 27.69 31.66 -1.99
CA GLY F 209 27.21 32.34 -0.80
C GLY F 209 28.10 32.22 0.43
N VAL F 210 29.42 32.42 0.27
CA VAL F 210 30.33 32.42 1.42
C VAL F 210 31.19 33.69 1.43
N GLN F 211 31.80 34.00 2.58
CA GLN F 211 32.58 35.24 2.68
C GLN F 211 34.03 35.06 2.27
N ARG F 212 34.56 36.06 1.57
CA ARG F 212 35.94 36.03 1.11
C ARG F 212 36.74 37.14 1.76
N VAL F 213 37.93 36.80 2.22
CA VAL F 213 38.86 37.78 2.73
C VAL F 213 40.05 37.81 1.78
N TYR F 214 40.80 38.91 1.79
CA TYR F 214 41.81 39.13 0.75
C TYR F 214 43.26 39.13 1.25
N THR F 215 43.47 38.82 2.52
CA THR F 215 44.83 38.56 3.03
C THR F 215 44.78 37.37 3.96
N LEU F 216 45.85 36.61 3.97
CA LEU F 216 45.99 35.45 4.83
C LEU F 216 45.75 35.84 6.29
N GLN F 217 46.19 37.05 6.63
CA GLN F 217 46.08 37.62 7.97
C GLN F 217 44.64 37.77 8.43
N ASP F 218 43.80 38.35 7.57
CA ASP F 218 42.38 38.54 7.86
C ASP F 218 41.72 37.19 8.09
N LEU F 219 42.10 36.19 7.29
CA LEU F 219 41.49 34.86 7.42
C LEU F 219 41.84 34.19 8.75
N LEU F 220 43.11 34.26 9.13
CA LEU F 220 43.58 33.60 10.35
C LEU F 220 43.03 34.27 11.60
N TYR F 221 42.87 35.59 11.52
CA TYR F 221 42.36 36.39 12.62
C TYR F 221 40.90 36.05 12.92
N GLN F 222 40.11 35.75 11.88
CA GLN F 222 38.67 35.59 12.06
C GLN F 222 38.24 34.15 12.32
N SER F 223 39.16 33.20 12.15
CA SER F 223 38.81 31.77 12.14
C SER F 223 39.05 31.01 13.42
N ASP F 224 38.05 30.23 13.82
CA ASP F 224 38.21 29.34 14.95
C ASP F 224 38.85 28.06 14.46
N CYS F 225 38.57 27.71 13.21
CA CYS F 225 39.15 26.54 12.59
C CYS F 225 39.66 26.87 11.20
N VAL F 226 40.93 26.56 10.97
CA VAL F 226 41.59 26.81 9.70
C VAL F 226 41.86 25.48 9.04
N SER F 227 41.46 25.37 7.79
CA SER F 227 41.73 24.17 7.02
C SER F 227 42.38 24.57 5.72
N LEU F 228 43.49 23.90 5.41
CA LEU F 228 44.28 24.16 4.21
C LEU F 228 43.73 23.37 3.01
N HIS F 229 43.55 24.03 1.87
CA HIS F 229 43.11 23.32 0.67
C HIS F 229 43.74 23.92 -0.56
N CYS F 230 44.96 24.41 -0.41
CA CYS F 230 45.69 24.98 -1.53
C CYS F 230 46.79 24.04 -1.97
N ASN F 231 47.11 24.09 -3.24
CA ASN F 231 48.16 23.28 -3.78
C ASN F 231 49.50 23.86 -3.38
N LEU F 232 50.47 22.99 -3.12
CA LEU F 232 51.79 23.44 -2.75
C LEU F 232 52.49 24.00 -3.99
N ASN F 233 53.00 25.21 -3.86
CA ASN F 233 53.64 25.90 -4.99
C ASN F 233 54.91 26.67 -4.60
N GLU F 234 55.53 27.35 -5.58
CA GLU F 234 56.79 28.08 -5.37
C GLU F 234 56.65 29.10 -4.24
N HIS F 235 55.43 29.59 -4.01
CA HIS F 235 55.24 30.75 -3.15
C HIS F 235 54.64 30.49 -1.78
N ASN F 236 54.27 29.26 -1.49
CA ASN F 236 53.60 28.98 -0.22
C ASN F 236 54.23 27.91 0.65
N HIS F 237 55.50 27.60 0.45
CA HIS F 237 56.16 26.63 1.33
C HIS F 237 56.15 27.19 2.74
N HIS F 238 55.81 26.36 3.71
CA HIS F 238 55.65 26.82 5.10
C HIS F 238 54.76 28.06 5.21
N LEU F 239 53.65 28.06 4.46
CA LEU F 239 52.63 29.08 4.60
C LEU F 239 52.29 29.28 6.07
N ILE F 240 52.09 28.17 6.76
CA ILE F 240 51.89 28.19 8.21
C ILE F 240 53.26 28.11 8.87
N ASN F 241 53.70 29.21 9.47
CA ASN F 241 55.04 29.29 10.05
C ASN F 241 55.02 29.96 11.42
N ASP F 242 56.20 30.23 11.98
CA ASP F 242 56.30 30.84 13.32
C ASP F 242 55.56 32.15 13.30
N PHE F 243 55.68 32.85 12.19
CA PHE F 243 55.06 34.16 12.08
C PHE F 243 53.55 34.08 11.94
N THR F 244 53.07 33.28 10.98
CA THR F 244 51.65 33.32 10.65
C THR F 244 50.79 32.66 11.73
N ILE F 245 51.32 31.65 12.40
CA ILE F 245 50.62 31.04 13.51
C ILE F 245 50.28 32.05 14.60
N LYS F 246 51.17 33.01 14.82
CA LYS F 246 50.93 34.01 15.85
C LYS F 246 49.72 34.87 15.46
N GLN F 247 49.37 34.84 14.18
CA GLN F 247 48.22 35.57 13.64
C GLN F 247 46.90 34.78 13.78
N MET F 248 47.00 33.51 14.15
CA MET F 248 45.79 32.70 14.32
C MET F 248 45.16 32.99 15.69
N ARG F 249 43.85 32.75 15.80
CA ARG F 249 43.17 32.98 17.08
C ARG F 249 43.70 32.04 18.16
N GLN F 250 43.72 32.56 19.38
CA GLN F 250 44.05 31.79 20.57
C GLN F 250 43.19 30.55 20.68
N GLY F 251 43.84 29.38 20.70
CA GLY F 251 43.15 28.12 20.89
C GLY F 251 42.38 27.66 19.68
N ALA F 252 42.77 28.12 18.49
CA ALA F 252 42.10 27.72 17.26
C ALA F 252 42.48 26.29 16.87
N PHE F 253 41.77 25.72 15.89
CA PHE F 253 42.08 24.39 15.36
C PHE F 253 42.69 24.50 13.97
N LEU F 254 43.62 23.60 13.67
CA LEU F 254 44.24 23.54 12.35
C LEU F 254 44.01 22.17 11.71
N VAL F 255 43.61 22.18 10.44
CA VAL F 255 43.41 20.95 9.69
C VAL F 255 44.18 21.02 8.37
N ASN F 256 44.91 19.97 8.06
CA ASN F 256 45.66 19.93 6.80
C ASN F 256 45.54 18.58 6.10
N ALA F 257 44.70 18.54 5.06
CA ALA F 257 44.59 17.38 4.18
C ALA F 257 45.06 17.77 2.78
N ALA F 258 45.88 18.82 2.69
CA ALA F 258 46.39 19.28 1.40
C ALA F 258 47.82 18.73 1.13
N ARG F 259 48.85 19.46 1.56
CA ARG F 259 50.26 19.02 1.44
C ARG F 259 51.00 19.39 2.72
N GLY F 260 51.82 18.47 3.23
CA GLY F 260 52.44 18.67 4.53
C GLY F 260 53.46 19.81 4.54
N GLY F 261 54.00 20.10 3.37
CA GLY F 261 55.01 21.12 3.24
C GLY F 261 54.45 22.51 3.45
N LEU F 262 53.13 22.60 3.50
CA LEU F 262 52.47 23.86 3.76
C LEU F 262 52.64 24.32 5.21
N VAL F 263 52.99 23.39 6.10
CA VAL F 263 53.03 23.74 7.51
C VAL F 263 54.37 23.49 8.17
N ASP F 264 54.90 24.49 8.85
CA ASP F 264 56.11 24.30 9.65
C ASP F 264 55.78 23.54 10.93
N GLU F 265 56.10 22.24 10.90
CA GLU F 265 55.76 21.36 12.01
C GLU F 265 56.47 21.73 13.29
N LYS F 266 57.65 22.35 13.19
CA LYS F 266 58.34 22.82 14.39
C LYS F 266 57.47 23.86 15.12
N ALA F 267 57.00 24.83 14.33
CA ALA F 267 56.18 25.92 14.83
C ALA F 267 54.86 25.37 15.42
N LEU F 268 54.23 24.46 14.68
CA LEU F 268 52.99 23.84 15.12
C LEU F 268 53.17 23.09 16.43
N ALA F 269 54.26 22.35 16.55
CA ALA F 269 54.56 21.59 17.77
C ALA F 269 54.61 22.54 18.96
N GLN F 270 55.31 23.65 18.82
CA GLN F 270 55.41 24.59 19.94
C GLN F 270 54.03 25.14 20.27
N ALA F 271 53.25 25.46 19.23
CA ALA F 271 51.89 26.01 19.40
C ALA F 271 51.01 25.04 20.18
N LEU F 272 51.10 23.76 19.86
CA LEU F 272 50.33 22.76 20.59
C LEU F 272 50.84 22.72 22.01
N LYS F 273 52.16 22.69 22.16
CA LYS F 273 52.78 22.68 23.48
C LYS F 273 52.31 23.86 24.33
N GLU F 274 52.25 25.06 23.76
CA GLU F 274 51.90 26.23 24.56
C GLU F 274 50.40 26.39 24.70
N GLY F 275 49.62 25.54 24.04
CA GLY F 275 48.18 25.70 24.14
C GLY F 275 47.71 26.80 23.20
N ARG F 276 48.64 27.41 22.46
CA ARG F 276 48.30 28.49 21.53
C ARG F 276 47.38 27.94 20.44
N ILE F 277 47.60 26.68 20.07
CA ILE F 277 46.68 25.96 19.19
C ILE F 277 46.02 24.79 19.95
N ARG F 278 44.68 24.79 19.96
CA ARG F 278 43.93 23.85 20.80
C ARG F 278 44.06 22.43 20.27
N GLY F 279 44.19 22.29 18.96
CA GLY F 279 44.38 20.97 18.37
C GLY F 279 44.58 21.02 16.86
N ALA F 280 45.21 19.98 16.31
CA ALA F 280 45.43 19.93 14.87
C ALA F 280 45.13 18.53 14.36
N ALA F 281 44.66 18.44 13.11
CA ALA F 281 44.42 17.16 12.45
C ALA F 281 45.12 17.16 11.10
N LEU F 282 46.09 16.26 10.93
CA LEU F 282 46.94 16.27 9.75
C LEU F 282 46.93 14.95 8.99
N ASP F 283 46.56 15.01 7.72
CA ASP F 283 46.59 13.83 6.86
C ASP F 283 47.87 13.75 6.06
N VAL F 284 48.64 14.84 6.10
CA VAL F 284 49.83 14.97 5.29
C VAL F 284 50.91 15.62 6.15
N HIS F 285 52.17 15.35 5.82
CA HIS F 285 53.28 15.77 6.67
C HIS F 285 54.49 16.18 5.86
N GLU F 286 55.34 17.03 6.43
CA GLU F 286 56.56 17.49 5.77
C GLU F 286 57.38 16.31 5.28
N SER F 287 57.53 15.30 6.12
CA SER F 287 58.26 14.08 5.74
C SER F 287 57.37 12.85 5.89
N GLU F 288 57.02 12.23 4.78
CA GLU F 288 56.20 11.00 4.80
C GLU F 288 57.06 9.82 4.36
N PRO F 289 56.82 8.61 4.91
CA PRO F 289 55.69 8.27 5.79
C PRO F 289 55.82 8.81 7.20
N PHE F 290 54.68 9.20 7.79
CA PHE F 290 54.63 9.76 9.14
C PHE F 290 54.76 8.69 10.22
N SER F 291 55.42 9.07 11.30
CA SER F 291 55.51 8.26 12.50
C SER F 291 55.37 9.12 13.76
N PHE F 292 54.62 8.63 14.75
CA PHE F 292 54.48 9.37 16.00
C PHE F 292 55.76 9.23 16.82
N ALA F 293 56.57 8.22 16.52
CA ALA F 293 57.80 7.97 17.29
C ALA F 293 58.95 8.87 16.82
N GLN F 294 58.78 9.46 15.63
CA GLN F 294 59.85 10.23 15.00
C GLN F 294 59.33 11.59 14.54
N GLY F 295 60.19 12.60 14.64
CA GLY F 295 59.94 13.92 14.08
C GLY F 295 59.59 14.98 15.10
N PRO F 296 59.35 16.20 14.63
CA PRO F 296 59.12 17.40 15.43
C PRO F 296 57.80 17.38 16.23
N LEU F 297 56.80 16.63 15.76
CA LEU F 297 55.53 16.53 16.46
C LEU F 297 55.56 15.40 17.47
N LYS F 298 56.76 14.83 17.66
CA LYS F 298 56.97 13.65 18.49
C LYS F 298 56.15 13.66 19.77
N ASP F 299 56.39 14.64 20.62
CA ASP F 299 55.72 14.66 21.90
C ASP F 299 54.75 15.84 21.94
N ALA F 300 54.16 16.14 20.79
CA ALA F 300 53.20 17.24 20.67
C ALA F 300 51.82 16.74 21.06
N PRO F 301 51.10 17.53 21.87
CA PRO F 301 49.76 17.20 22.38
C PRO F 301 48.62 17.54 21.42
N ASN F 302 47.45 16.99 21.69
CA ASN F 302 46.24 17.34 20.95
C ASN F 302 46.38 17.24 19.44
N LEU F 303 47.06 16.18 19.01
CA LEU F 303 47.34 15.99 17.61
C LEU F 303 46.60 14.78 17.10
N ILE F 304 45.93 14.93 15.97
CA ILE F 304 45.42 13.80 15.23
C ILE F 304 46.16 13.70 13.90
N CYS F 305 46.51 12.48 13.50
CA CYS F 305 47.16 12.25 12.22
C CYS F 305 46.63 11.00 11.47
N THR F 306 46.52 11.11 10.16
CA THR F 306 46.20 9.97 9.32
C THR F 306 47.23 9.89 8.17
N PRO F 307 47.52 8.68 7.68
CA PRO F 307 48.64 8.48 6.76
C PRO F 307 48.35 8.75 5.28
N HIS F 308 47.94 9.97 4.96
CA HIS F 308 47.71 10.39 3.58
C HIS F 308 46.66 9.51 2.88
N THR F 309 45.50 9.38 3.52
CA THR F 309 44.42 8.50 3.06
C THR F 309 43.15 9.25 2.67
N ALA F 310 43.15 10.57 2.83
CA ALA F 310 41.97 11.39 2.55
C ALA F 310 41.36 11.07 1.20
N TRP F 311 42.20 10.74 0.24
CA TRP F 311 41.79 10.50 -1.15
C TRP F 311 41.10 9.15 -1.35
N TYR F 312 41.42 8.19 -0.49
CA TYR F 312 41.15 6.79 -0.81
C TYR F 312 39.73 6.27 -0.59
N SER F 313 39.24 5.60 -1.63
CA SER F 313 38.11 4.69 -1.57
C SER F 313 38.37 3.71 -2.71
N GLU F 314 37.74 2.53 -2.67
CA GLU F 314 37.87 1.56 -3.74
C GLU F 314 37.49 2.19 -5.08
N GLN F 315 36.37 2.92 -5.09
CA GLN F 315 35.83 3.48 -6.32
C GLN F 315 36.74 4.60 -6.86
N ALA F 316 37.22 5.43 -5.95
CA ALA F 316 38.05 6.60 -6.32
C ALA F 316 39.40 6.16 -6.82
N SER F 317 39.98 5.18 -6.15
CA SER F 317 41.29 4.64 -6.52
C SER F 317 41.23 4.12 -7.95
N LEU F 318 40.19 3.35 -8.25
CA LEU F 318 39.97 2.79 -9.58
C LEU F 318 39.77 3.89 -10.62
N GLU F 319 38.94 4.88 -10.25
CA GLU F 319 38.58 5.97 -11.16
C GLU F 319 39.79 6.71 -11.70
N MET F 320 40.72 7.04 -10.81
CA MET F 320 41.89 7.87 -11.17
C MET F 320 42.93 7.07 -11.98
N ARG F 321 43.06 5.77 -11.68
CA ARG F 321 43.94 4.91 -12.45
C ARG F 321 43.45 4.80 -13.90
N GLU F 322 42.15 4.58 -14.07
CA GLU F 322 41.53 4.52 -15.39
C GLU F 322 41.69 5.86 -16.15
N ALA F 323 41.53 6.98 -15.44
CA ALA F 323 41.67 8.31 -16.03
C ALA F 323 43.11 8.54 -16.48
N ALA F 324 44.07 8.04 -15.69
CA ALA F 324 45.48 8.21 -15.98
C ALA F 324 45.86 7.45 -17.25
N ALA F 325 45.44 6.20 -17.32
CA ALA F 325 45.72 5.36 -18.48
C ALA F 325 45.12 5.99 -19.73
N THR F 326 43.92 6.54 -19.57
CA THR F 326 43.23 7.15 -20.71
C THR F 326 44.00 8.37 -21.21
N GLU F 327 44.60 9.12 -20.29
CA GLU F 327 45.38 10.31 -20.65
C GLU F 327 46.59 9.84 -21.46
N ILE F 328 47.20 8.75 -21.02
CA ILE F 328 48.29 8.15 -21.78
C ILE F 328 47.87 7.86 -23.22
N ARG F 329 46.70 7.26 -23.39
CA ARG F 329 46.17 6.94 -24.72
C ARG F 329 46.09 8.15 -25.63
N ARG F 330 45.65 9.26 -25.05
CA ARG F 330 45.50 10.50 -25.80
C ARG F 330 46.88 10.96 -26.25
N ALA F 331 47.85 10.82 -25.36
CA ALA F 331 49.20 11.24 -25.69
C ALA F 331 49.71 10.45 -26.89
N ILE F 332 49.40 9.17 -26.94
CA ILE F 332 49.88 8.32 -28.01
C ILE F 332 49.11 8.54 -29.30
N THR F 333 47.78 8.47 -29.22
CA THR F 333 46.97 8.46 -30.42
C THR F 333 46.82 9.85 -31.06
N GLY F 334 47.29 10.88 -30.35
CA GLY F 334 47.09 12.23 -30.83
C GLY F 334 48.37 13.02 -30.79
N ARG F 335 48.26 14.34 -30.85
CA ARG F 335 49.45 15.19 -30.77
C ARG F 335 49.61 15.71 -29.34
N ILE F 336 50.84 15.70 -28.87
CA ILE F 336 51.16 16.22 -27.55
C ILE F 336 51.64 17.65 -27.71
N PRO F 337 51.11 18.58 -26.90
CA PRO F 337 50.20 18.42 -25.75
C PRO F 337 48.74 18.73 -26.02
N GLU F 338 48.37 19.02 -27.26
CA GLU F 338 47.03 19.53 -27.56
C GLU F 338 45.94 18.56 -27.15
N SER F 339 46.25 17.27 -27.33
CA SER F 339 45.27 16.18 -27.14
C SER F 339 45.00 15.83 -25.68
N LEU F 340 45.79 16.36 -24.77
CA LEU F 340 45.66 16.01 -23.36
C LEU F 340 44.50 16.75 -22.66
N ARG F 341 43.85 16.03 -21.75
CA ARG F 341 42.66 16.50 -21.07
C ARG F 341 43.00 17.45 -19.91
N ASN F 342 43.98 17.08 -19.10
CA ASN F 342 44.38 17.88 -17.95
C ASN F 342 45.89 18.04 -17.86
N CYS F 343 46.47 18.70 -18.85
CA CYS F 343 47.89 19.00 -18.81
C CYS F 343 48.11 20.27 -18.00
N VAL F 344 48.95 20.21 -16.99
CA VAL F 344 49.09 21.33 -16.10
C VAL F 344 50.32 22.19 -16.37
N ASN F 345 51.03 21.94 -17.47
CA ASN F 345 52.29 22.66 -17.72
C ASN F 345 52.49 23.08 -19.16
N LYS F 346 51.57 23.87 -19.69
CA LYS F 346 51.80 24.54 -20.96
C LYS F 346 52.73 25.75 -20.73
N GLU F 347 53.94 25.43 -20.26
CA GLU F 347 55.14 26.27 -20.38
C GLU F 347 56.13 25.28 -20.99
N PHE F 348 55.76 24.77 -22.17
CA PHE F 348 56.45 23.66 -22.84
C PHE F 348 57.81 24.05 -23.36
N LEU G 22 40.21 62.21 -21.15
CA LEU G 22 38.74 62.17 -21.18
C LEU G 22 38.17 60.73 -21.12
N VAL G 23 37.21 60.54 -20.20
CA VAL G 23 36.50 59.26 -20.03
C VAL G 23 35.00 59.45 -20.29
N ALA G 24 34.50 58.69 -21.27
CA ALA G 24 33.13 58.86 -21.75
C ALA G 24 32.24 57.66 -21.47
N LEU G 25 31.03 57.91 -20.98
CA LEU G 25 30.00 56.87 -20.84
C LEU G 25 29.19 56.87 -22.14
N LEU G 26 29.43 55.87 -22.99
CA LEU G 26 28.95 55.87 -24.38
C LEU G 26 27.43 55.79 -24.56
N ASP G 27 26.78 54.78 -23.97
CA ASP G 27 25.32 54.62 -24.19
C ASP G 27 24.53 54.85 -22.90
N GLY G 28 24.83 55.94 -22.20
CA GLY G 28 24.08 56.30 -21.01
C GLY G 28 24.05 57.81 -20.75
N ARG G 29 23.11 58.23 -19.91
CA ARG G 29 23.01 59.63 -19.51
C ARG G 29 23.48 59.82 -18.06
N ASP G 30 22.92 59.05 -17.12
CA ASP G 30 23.30 59.22 -15.72
C ASP G 30 24.77 58.88 -15.51
N CYS G 31 25.46 59.74 -14.78
CA CYS G 31 26.91 59.58 -14.58
C CYS G 31 27.33 59.99 -13.17
N THR G 32 26.35 59.97 -12.27
CA THR G 32 26.41 60.62 -10.96
C THR G 32 27.17 59.81 -9.92
N VAL G 33 27.34 58.53 -10.19
CA VAL G 33 28.13 57.65 -9.32
C VAL G 33 29.62 57.72 -9.64
N GLU G 34 29.96 58.01 -10.89
CA GLU G 34 31.33 57.87 -11.40
C GLU G 34 32.20 59.09 -11.18
N MET G 35 31.58 60.26 -11.21
CA MET G 35 32.34 61.48 -11.09
C MET G 35 33.19 61.38 -9.82
N PRO G 36 32.58 61.27 -8.63
CA PRO G 36 33.44 61.28 -7.43
C PRO G 36 34.61 60.27 -7.54
N ILE G 37 34.43 59.19 -8.28
CA ILE G 37 35.50 58.21 -8.47
C ILE G 37 36.55 58.71 -9.48
N LEU G 38 36.15 59.63 -10.37
CA LEU G 38 37.09 60.08 -11.40
C LEU G 38 37.44 61.61 -11.42
N LYS G 39 36.72 62.44 -10.64
CA LYS G 39 36.94 63.91 -10.64
C LYS G 39 38.45 64.23 -10.60
N ASP G 40 39.17 63.52 -9.73
CA ASP G 40 40.58 63.81 -9.45
C ASP G 40 41.52 63.44 -10.59
N LEU G 41 41.00 62.70 -11.58
CA LEU G 41 41.84 62.20 -12.66
C LEU G 41 41.33 62.49 -14.08
N ALA G 42 40.03 62.73 -14.26
CA ALA G 42 39.52 62.88 -15.62
C ALA G 42 38.27 63.75 -15.77
N THR G 43 38.07 64.22 -17.00
CA THR G 43 36.79 64.81 -17.41
C THR G 43 35.86 63.67 -17.81
N VAL G 44 34.68 63.65 -17.21
CA VAL G 44 33.67 62.62 -17.47
C VAL G 44 32.46 63.16 -18.24
N ALA G 45 32.09 62.47 -19.31
CA ALA G 45 31.00 62.93 -20.16
C ALA G 45 30.07 61.78 -20.52
N PHE G 46 28.87 62.12 -20.95
CA PHE G 46 27.91 61.10 -21.38
C PHE G 46 27.51 61.37 -22.82
N CYS G 47 27.26 60.30 -23.57
CA CYS G 47 26.92 60.40 -24.99
C CYS G 47 25.46 59.98 -25.24
N ASP G 48 24.91 59.14 -24.38
CA ASP G 48 23.53 58.69 -24.55
C ASP G 48 23.32 58.24 -26.00
N ALA G 49 24.34 57.58 -26.55
CA ALA G 49 24.34 57.14 -27.94
C ALA G 49 23.85 55.70 -28.09
N GLN G 50 22.91 55.49 -29.01
CA GLN G 50 22.44 54.14 -29.32
C GLN G 50 23.28 53.51 -30.44
N SER G 51 24.11 54.32 -31.09
CA SER G 51 24.99 53.84 -32.17
C SER G 51 26.31 54.59 -32.20
N THR G 52 27.36 53.92 -32.68
CA THR G 52 28.65 54.58 -32.77
C THR G 52 28.51 55.86 -33.60
N GLN G 53 27.60 55.83 -34.57
CA GLN G 53 27.40 56.98 -35.47
C GLN G 53 26.99 58.26 -34.73
N GLU G 54 26.33 58.12 -33.58
CA GLU G 54 25.85 59.29 -32.83
C GLU G 54 26.94 59.79 -31.88
N ILE G 55 28.07 59.09 -31.86
CA ILE G 55 29.18 59.50 -30.99
C ILE G 55 29.89 60.73 -31.56
N HIS G 56 29.96 61.78 -30.74
CA HIS G 56 30.55 63.06 -31.15
C HIS G 56 31.99 62.89 -31.63
N GLU G 57 32.37 63.75 -32.58
CA GLU G 57 33.71 63.74 -33.14
C GLU G 57 34.74 63.99 -32.04
N LYS G 58 34.39 64.87 -31.09
CA LYS G 58 35.29 65.21 -29.98
C LYS G 58 35.64 63.97 -29.14
N VAL G 59 34.62 63.19 -28.78
CA VAL G 59 34.83 61.99 -27.97
C VAL G 59 35.57 60.96 -28.82
N LEU G 60 35.02 60.71 -30.00
CA LEU G 60 35.56 59.70 -30.90
C LEU G 60 37.03 59.94 -31.22
N ASN G 61 37.40 61.21 -31.36
CA ASN G 61 38.78 61.63 -31.71
C ASN G 61 39.69 61.79 -30.50
N GLU G 62 39.11 62.22 -29.38
CA GLU G 62 39.87 62.57 -28.19
C GLU G 62 39.34 61.85 -26.94
N ALA G 63 39.78 60.61 -26.71
CA ALA G 63 39.31 59.82 -25.56
C ALA G 63 40.31 58.73 -25.16
N VAL G 64 40.68 58.71 -23.87
CA VAL G 64 41.60 57.71 -23.33
C VAL G 64 40.81 56.52 -22.80
N GLY G 65 39.60 56.79 -22.29
CA GLY G 65 38.77 55.74 -21.73
C GLY G 65 37.27 55.79 -22.04
N ALA G 66 36.67 54.62 -22.14
CA ALA G 66 35.23 54.51 -22.40
C ALA G 66 34.57 53.53 -21.44
N MET G 67 33.34 53.86 -21.03
CA MET G 67 32.49 52.95 -20.27
C MET G 67 31.21 52.77 -21.04
N MET G 68 30.68 51.55 -21.04
CA MET G 68 29.45 51.25 -21.80
C MET G 68 28.62 50.12 -21.20
N TYR G 69 27.34 50.13 -21.52
CA TYR G 69 26.42 49.07 -21.15
C TYR G 69 26.23 48.09 -22.31
N HIS G 70 25.06 47.48 -22.40
CA HIS G 70 24.81 46.48 -23.45
C HIS G 70 24.01 47.08 -24.62
N THR G 71 23.61 48.34 -24.51
CA THR G 71 22.66 48.95 -25.44
C THR G 71 23.29 49.49 -26.73
N ILE G 72 24.62 49.43 -26.83
CA ILE G 72 25.33 49.82 -28.06
C ILE G 72 26.31 48.71 -28.48
N THR G 73 26.70 48.72 -29.75
CA THR G 73 27.67 47.74 -30.23
C THR G 73 28.93 48.36 -30.87
N LEU G 74 30.10 47.78 -30.57
CA LEU G 74 31.36 48.23 -31.13
C LEU G 74 32.01 47.14 -31.98
N THR G 75 31.94 47.35 -33.29
CA THR G 75 32.58 46.45 -34.24
C THR G 75 34.06 46.81 -34.46
N ARG G 76 34.73 46.02 -35.29
CA ARG G 76 36.10 46.31 -35.69
C ARG G 76 36.12 47.68 -36.37
N GLU G 77 35.16 47.88 -37.27
CA GLU G 77 35.03 49.15 -37.98
C GLU G 77 34.88 50.33 -37.01
N ASP G 78 33.95 50.21 -36.07
CA ASP G 78 33.68 51.28 -35.10
C ASP G 78 34.92 51.61 -34.27
N LEU G 79 35.59 50.58 -33.76
CA LEU G 79 36.78 50.77 -32.94
C LEU G 79 37.89 51.49 -33.70
N GLU G 80 37.98 51.24 -35.02
CA GLU G 80 39.03 51.85 -35.81
C GLU G 80 38.89 53.39 -35.80
N LYS G 81 37.68 53.86 -35.52
CA LYS G 81 37.37 55.29 -35.48
C LYS G 81 37.96 56.00 -34.26
N PHE G 82 38.38 55.23 -33.25
CA PHE G 82 38.95 55.81 -32.03
C PHE G 82 40.41 56.13 -32.26
N LYS G 83 40.75 57.41 -32.12
CA LYS G 83 42.11 57.84 -32.39
C LYS G 83 42.94 57.66 -31.12
N ALA G 84 42.27 57.59 -29.98
CA ALA G 84 43.03 57.53 -28.73
C ALA G 84 42.63 56.42 -27.74
N LEU G 85 41.42 55.86 -27.86
CA LEU G 85 40.88 55.02 -26.78
C LEU G 85 41.81 53.90 -26.31
N VAL G 87 41.36 52.08 -23.21
CA VAL G 87 40.69 51.00 -22.47
C VAL G 87 39.17 51.21 -22.40
N ILE G 88 38.44 50.11 -22.56
CA ILE G 88 36.99 50.13 -22.47
C ILE G 88 36.54 49.25 -21.30
N VAL G 89 35.67 49.76 -20.44
CA VAL G 89 35.17 49.00 -19.30
C VAL G 89 33.65 48.80 -19.37
N ARG G 90 33.25 47.55 -19.55
CA ARG G 90 31.83 47.19 -19.57
C ARG G 90 31.24 47.19 -18.18
N ILE G 91 30.23 48.02 -17.96
CA ILE G 91 29.48 47.95 -16.72
C ILE G 91 28.52 46.74 -16.83
N GLY G 92 29.03 45.57 -16.45
CA GLY G 92 28.31 44.32 -16.65
C GLY G 92 29.25 43.20 -17.04
N SER G 93 28.75 41.97 -17.09
CA SER G 93 29.59 40.81 -17.36
C SER G 93 29.68 40.47 -18.85
N GLY G 94 28.63 40.74 -19.61
CA GLY G 94 28.63 40.34 -21.01
C GLY G 94 29.45 41.33 -21.84
N TYR G 95 30.25 40.80 -22.76
CA TYR G 95 31.06 41.65 -23.63
C TYR G 95 31.05 41.19 -25.07
N ASP G 96 30.00 40.48 -25.44
CA ASP G 96 29.82 40.10 -26.82
C ASP G 96 29.65 41.33 -27.71
N ASN G 97 29.21 42.44 -27.13
CA ASN G 97 28.94 43.65 -27.91
C ASN G 97 30.21 44.47 -28.21
N VAL G 98 31.37 43.93 -27.84
CA VAL G 98 32.64 44.57 -28.20
C VAL G 98 33.56 43.54 -28.88
N ASP G 99 34.06 43.86 -30.08
CA ASP G 99 35.00 42.97 -30.78
C ASP G 99 36.33 42.94 -30.02
N ILE G 100 36.43 42.04 -29.04
CA ILE G 100 37.54 42.02 -28.10
C ILE G 100 38.91 41.69 -28.72
N LYS G 101 38.92 41.01 -29.87
CA LYS G 101 40.16 40.68 -30.60
C LYS G 101 40.67 41.90 -31.35
N ALA G 102 39.76 42.59 -32.04
CA ALA G 102 40.08 43.82 -32.74
C ALA G 102 40.59 44.85 -31.73
N ALA G 103 39.91 44.93 -30.59
CA ALA G 103 40.30 45.86 -29.55
C ALA G 103 41.79 45.65 -29.19
N GLY G 104 42.16 44.42 -28.85
CA GLY G 104 43.52 44.11 -28.44
C GLY G 104 44.56 44.43 -29.49
N GLU G 105 44.22 44.12 -30.74
CA GLU G 105 45.12 44.36 -31.87
C GLU G 105 45.35 45.85 -32.11
N LEU G 106 44.32 46.65 -31.84
CA LEU G 106 44.40 48.10 -31.99
C LEU G 106 44.96 48.74 -30.72
N GLY G 107 45.47 47.91 -29.81
CA GLY G 107 46.09 48.41 -28.59
C GLY G 107 45.09 49.00 -27.63
N ILE G 108 43.85 48.51 -27.71
CA ILE G 108 42.74 48.92 -26.86
C ILE G 108 42.42 47.80 -25.88
N ALA G 109 42.35 48.14 -24.59
CA ALA G 109 42.07 47.16 -23.54
C ALA G 109 40.61 47.14 -23.08
N VAL G 110 40.05 45.94 -22.89
CA VAL G 110 38.66 45.82 -22.42
C VAL G 110 38.48 44.99 -21.13
N CYS G 111 37.67 45.51 -20.22
CA CYS G 111 37.39 44.85 -18.95
C CYS G 111 35.88 44.76 -18.77
N ASN G 112 35.45 43.91 -17.85
CA ASN G 112 34.03 43.85 -17.43
C ASN G 112 33.89 43.82 -15.91
N ILE G 113 32.65 43.84 -15.43
CA ILE G 113 32.37 43.70 -13.99
C ILE G 113 31.60 42.39 -13.77
N PRO G 114 32.28 41.35 -13.28
CA PRO G 114 31.74 39.99 -13.33
C PRO G 114 31.02 39.45 -12.09
N SER G 115 30.97 40.13 -10.94
CA SER G 115 30.52 39.39 -9.75
C SER G 115 29.56 40.22 -8.95
N ALA G 116 29.01 41.27 -9.56
CA ALA G 116 27.85 41.90 -8.96
C ALA G 116 26.69 41.37 -9.80
N ALA G 117 25.47 41.56 -9.34
CA ALA G 117 24.34 41.03 -10.09
C ALA G 117 24.47 39.51 -10.33
N VAL G 118 25.26 38.82 -9.52
CA VAL G 118 25.39 37.37 -9.67
C VAL G 118 24.17 36.68 -9.06
N GLU G 119 23.95 36.96 -7.78
CA GLU G 119 22.85 36.37 -7.02
C GLU G 119 21.54 36.97 -7.50
N GLU G 120 21.57 38.24 -7.88
CA GLU G 120 20.41 38.86 -8.50
C GLU G 120 19.91 38.07 -9.70
N THR G 121 20.82 37.69 -10.59
CA THR G 121 20.45 37.01 -11.83
C THR G 121 19.96 35.57 -11.55
N ALA G 122 20.60 34.90 -10.60
CA ALA G 122 20.21 33.57 -10.19
C ALA G 122 18.82 33.64 -9.56
N ASP G 123 18.61 34.62 -8.70
CA ASP G 123 17.32 34.78 -8.08
C ASP G 123 16.21 35.01 -9.11
N SER G 124 16.41 35.92 -10.06
CA SER G 124 15.40 36.13 -11.09
C SER G 124 15.20 34.90 -11.98
N THR G 125 16.30 34.20 -12.24
CA THR G 125 16.22 33.00 -13.08
C THR G 125 15.36 31.93 -12.40
N ILE G 126 15.58 31.65 -11.13
CA ILE G 126 14.76 30.71 -10.39
C ILE G 126 13.30 31.17 -10.40
N CYS G 127 13.09 32.47 -10.26
CA CYS G 127 11.76 33.03 -10.35
C CYS G 127 11.14 32.66 -11.70
N HIS G 128 11.89 32.81 -12.79
CA HIS G 128 11.42 32.43 -14.12
C HIS G 128 11.00 30.96 -14.18
N ILE G 129 11.83 30.07 -13.66
CA ILE G 129 11.54 28.65 -13.66
C ILE G 129 10.25 28.35 -12.88
N LEU G 130 10.14 28.88 -11.67
CA LEU G 130 8.95 28.70 -10.85
C LEU G 130 7.72 29.32 -11.47
N ASN G 131 7.87 30.44 -12.17
CA ASN G 131 6.69 30.97 -12.85
C ASN G 131 6.20 30.02 -13.92
N LEU G 132 7.10 29.32 -14.58
CA LEU G 132 6.71 28.33 -15.58
C LEU G 132 6.08 27.08 -14.96
N TYR G 133 6.68 26.60 -13.88
CA TYR G 133 6.26 25.39 -13.18
C TYR G 133 4.97 25.55 -12.37
N ARG G 134 4.77 26.72 -11.80
CA ARG G 134 3.61 26.95 -10.94
C ARG G 134 2.58 27.92 -11.55
N ARG G 135 2.97 28.63 -12.60
CA ARG G 135 2.06 29.47 -13.38
C ARG G 135 1.52 30.72 -12.67
N ASN G 136 2.29 31.23 -11.70
CA ASN G 136 1.92 32.43 -10.94
C ASN G 136 1.67 33.63 -11.84
N THR G 137 2.56 33.91 -12.78
CA THR G 137 2.34 35.08 -13.62
C THR G 137 1.08 34.92 -14.48
N TRP G 138 0.91 33.77 -15.11
CA TRP G 138 -0.20 33.54 -16.02
C TRP G 138 -1.52 33.53 -15.29
N LEU G 139 -1.52 33.05 -14.06
CA LEU G 139 -2.73 33.05 -13.23
C LEU G 139 -3.10 34.49 -12.81
N TYR G 140 -2.09 35.29 -12.48
CA TYR G 140 -2.27 36.71 -12.21
C TYR G 140 -2.93 37.40 -13.41
N GLN G 141 -2.39 37.10 -14.59
CA GLN G 141 -2.91 37.63 -15.84
C GLN G 141 -4.37 37.18 -16.05
N ALA G 142 -4.66 35.93 -15.73
CA ALA G 142 -6.03 35.42 -15.86
C ALA G 142 -7.00 36.19 -14.97
N LEU G 143 -6.56 36.56 -13.77
CA LEU G 143 -7.41 37.32 -12.86
C LEU G 143 -7.60 38.74 -13.34
N ARG G 144 -6.55 39.37 -13.82
CA ARG G 144 -6.70 40.72 -14.35
C ARG G 144 -7.70 40.69 -15.50
N GLU G 145 -7.67 39.62 -16.30
CA GLU G 145 -8.60 39.49 -17.43
C GLU G 145 -10.02 39.14 -17.01
N GLY G 146 -10.22 38.92 -15.71
CA GLY G 146 -11.56 38.74 -15.18
C GLY G 146 -11.94 37.28 -15.11
N THR G 147 -10.96 36.38 -15.21
CA THR G 147 -11.29 34.96 -15.14
C THR G 147 -11.80 34.72 -13.73
N ARG G 148 -12.96 34.05 -13.64
CA ARG G 148 -13.54 33.72 -12.34
C ARG G 148 -13.30 32.25 -12.00
N VAL G 149 -13.14 31.96 -10.71
CA VAL G 149 -12.77 30.62 -10.22
C VAL G 149 -13.48 30.18 -8.95
N GLN G 150 -14.67 29.59 -9.08
CA GLN G 150 -15.51 29.27 -7.92
C GLN G 150 -15.27 27.84 -7.42
N SER G 151 -15.36 26.89 -8.35
CA SER G 151 -15.24 25.47 -8.01
C SER G 151 -13.82 24.96 -8.18
N VAL G 152 -13.53 23.89 -7.46
CA VAL G 152 -12.22 23.27 -7.49
C VAL G 152 -11.96 22.84 -8.91
N GLU G 153 -13.02 22.46 -9.61
CA GLU G 153 -12.85 22.05 -10.99
C GLU G 153 -12.31 23.25 -11.76
N GLN G 154 -12.86 24.42 -11.48
CA GLN G 154 -12.40 25.63 -12.17
C GLN G 154 -10.94 25.97 -11.84
N ILE G 155 -10.53 25.65 -10.62
CA ILE G 155 -9.16 25.87 -10.19
C ILE G 155 -8.21 25.00 -10.98
N ARG G 156 -8.54 23.73 -11.13
CA ARG G 156 -7.68 22.82 -11.91
C ARG G 156 -7.58 23.29 -13.36
N GLU G 157 -8.68 23.81 -13.92
CA GLU G 157 -8.65 24.25 -15.31
C GLU G 157 -7.66 25.43 -15.48
N VAL G 158 -7.80 26.52 -14.72
CA VAL G 158 -6.92 27.69 -14.90
C VAL G 158 -5.47 27.36 -14.59
N ALA G 159 -5.26 26.50 -13.60
CA ALA G 159 -3.90 26.16 -13.21
C ALA G 159 -3.36 24.98 -14.00
N SER G 160 -4.09 24.57 -15.04
CA SER G 160 -3.71 23.41 -15.81
C SER G 160 -2.26 23.58 -16.25
N GLY G 161 -1.46 22.53 -16.12
CA GLY G 161 -0.04 22.60 -16.47
C GLY G 161 0.86 22.87 -15.28
N ALA G 162 0.29 23.38 -14.19
CA ALA G 162 1.07 23.57 -12.98
C ALA G 162 1.62 22.21 -12.61
N ALA G 163 2.92 22.14 -12.36
CA ALA G 163 3.57 20.85 -12.26
C ALA G 163 4.29 20.59 -10.95
N ARG G 164 4.42 19.32 -10.60
CA ARG G 164 5.23 18.94 -9.46
C ARG G 164 6.71 18.99 -9.86
N ILE G 165 7.48 19.73 -9.07
CA ILE G 165 8.88 20.00 -9.35
C ILE G 165 9.79 18.86 -8.91
N ARG G 166 9.57 18.29 -7.74
CA ARG G 166 10.50 17.26 -7.26
C ARG G 166 10.60 16.11 -8.27
N GLY G 167 11.84 15.86 -8.71
CA GLY G 167 12.12 14.82 -9.68
C GLY G 167 12.45 15.33 -11.08
N GLU G 168 11.97 16.52 -11.42
CA GLU G 168 12.25 17.09 -12.73
C GLU G 168 13.74 17.36 -12.85
N THR G 169 14.25 17.34 -14.07
CA THR G 169 15.66 17.62 -14.29
C THR G 169 15.89 18.98 -14.91
N LEU G 170 16.70 19.77 -14.25
CA LEU G 170 17.07 21.08 -14.72
C LEU G 170 18.46 21.03 -15.31
N GLY G 171 18.55 21.32 -16.60
CA GLY G 171 19.82 21.29 -17.26
C GLY G 171 20.33 22.68 -17.55
N LEU G 172 21.49 22.97 -16.99
CA LEU G 172 22.14 24.26 -17.14
C LEU G 172 23.22 24.17 -18.23
N ILE G 173 23.07 25.02 -19.23
CA ILE G 173 24.06 25.18 -20.29
C ILE G 173 24.98 26.34 -19.92
N GLY G 174 26.19 26.00 -19.48
CA GLY G 174 27.09 27.00 -18.93
C GLY G 174 27.06 26.89 -17.43
N PHE G 175 28.20 26.63 -16.82
CA PHE G 175 28.25 26.43 -15.39
C PHE G 175 29.26 27.35 -14.76
N GLY G 176 29.09 28.64 -15.00
CA GLY G 176 29.94 29.63 -14.40
C GLY G 176 29.37 30.20 -13.11
N ARG G 177 29.41 31.51 -12.99
CA ARG G 177 29.02 32.17 -11.75
C ARG G 177 27.50 32.06 -11.57
N THR G 178 26.75 32.44 -12.59
CA THR G 178 25.29 32.43 -12.50
C THR G 178 24.76 30.98 -12.55
N GLY G 179 25.36 30.14 -13.38
CA GLY G 179 24.91 28.77 -13.45
C GLY G 179 25.04 28.13 -12.09
N GLN G 180 26.21 28.24 -11.48
CA GLN G 180 26.44 27.62 -10.17
C GLN G 180 25.50 28.15 -9.11
N ALA G 181 25.24 29.45 -9.17
CA ALA G 181 24.35 30.08 -8.21
C ALA G 181 22.95 29.49 -8.37
N VAL G 182 22.55 29.24 -9.60
CA VAL G 182 21.25 28.67 -9.86
C VAL G 182 21.16 27.23 -9.35
N ALA G 183 22.21 26.46 -9.59
CA ALA G 183 22.31 25.07 -9.14
C ALA G 183 22.12 24.97 -7.63
N VAL G 184 22.78 25.87 -6.94
CA VAL G 184 22.75 25.95 -5.47
C VAL G 184 21.32 26.19 -4.92
N ARG G 185 20.51 26.90 -5.68
CA ARG G 185 19.15 27.24 -5.28
C ARG G 185 18.16 26.15 -5.68
N ALA G 186 18.45 25.49 -6.79
CA ALA G 186 17.53 24.53 -7.37
C ALA G 186 17.43 23.27 -6.55
N LYS G 187 18.53 22.91 -5.87
CA LYS G 187 18.56 21.65 -5.14
C LYS G 187 17.41 21.54 -4.16
N ALA G 188 17.11 22.62 -3.44
CA ALA G 188 16.11 22.59 -2.36
C ALA G 188 14.67 22.39 -2.84
N PHE G 189 14.40 22.65 -4.12
CA PHE G 189 13.08 22.41 -4.71
C PHE G 189 12.93 20.97 -5.17
N GLY G 190 14.04 20.25 -5.17
CA GLY G 190 14.04 18.85 -5.58
C GLY G 190 14.42 18.61 -7.04
N PHE G 191 14.93 19.63 -7.71
CA PHE G 191 15.43 19.47 -9.07
C PHE G 191 16.66 18.59 -9.05
N SER G 192 16.84 17.77 -10.08
CA SER G 192 18.12 17.10 -10.34
C SER G 192 18.92 17.97 -11.29
N VAL G 193 20.10 18.40 -10.87
CA VAL G 193 20.81 19.39 -11.66
C VAL G 193 21.90 18.73 -12.50
N ILE G 194 21.93 19.08 -13.78
CA ILE G 194 22.93 18.54 -14.67
C ILE G 194 23.42 19.69 -15.56
N PHE G 195 24.68 19.69 -15.98
CA PHE G 195 25.14 20.80 -16.80
C PHE G 195 26.11 20.44 -17.92
N TYR G 196 26.13 21.31 -18.91
CA TYR G 196 27.06 21.19 -20.01
C TYR G 196 27.85 22.49 -20.18
N ASP G 197 29.16 22.38 -20.09
CA ASP G 197 30.05 23.52 -20.23
C ASP G 197 31.42 23.01 -20.74
N PRO G 198 31.66 23.10 -22.05
CA PRO G 198 32.80 22.42 -22.64
C PRO G 198 34.15 23.11 -22.39
N TYR G 199 34.15 24.24 -21.69
CA TYR G 199 35.39 24.94 -21.40
C TYR G 199 35.80 24.80 -19.93
N LEU G 200 34.89 24.36 -19.08
CA LEU G 200 35.18 24.19 -17.64
C LEU G 200 36.15 23.07 -17.36
N GLN G 201 36.96 23.25 -16.31
CA GLN G 201 37.88 22.20 -15.88
C GLN G 201 37.10 21.04 -15.27
N ASP G 202 37.71 19.86 -15.26
CA ASP G 202 37.07 18.70 -14.63
C ASP G 202 37.14 18.90 -13.12
N GLY G 203 36.02 18.62 -12.43
CA GLY G 203 36.03 18.63 -10.96
C GLY G 203 34.97 19.47 -10.26
N ILE G 204 34.56 20.59 -10.88
CA ILE G 204 33.55 21.49 -10.31
C ILE G 204 32.24 20.75 -10.11
N GLU G 205 31.96 19.82 -11.01
CA GLU G 205 30.77 19.00 -10.92
C GLU G 205 30.75 18.26 -9.60
N ARG G 206 31.91 17.76 -9.19
CA ARG G 206 32.03 16.97 -7.96
C ARG G 206 31.96 17.90 -6.75
N SER G 207 32.67 19.03 -6.82
CA SER G 207 32.70 20.00 -5.73
C SER G 207 31.28 20.35 -5.34
N LEU G 208 30.48 20.74 -6.32
CA LEU G 208 29.11 21.17 -6.05
C LEU G 208 28.06 20.04 -6.05
N GLY G 209 28.48 18.78 -6.19
CA GLY G 209 27.58 17.64 -6.16
C GLY G 209 26.47 17.63 -7.20
N VAL G 210 26.80 17.89 -8.46
CA VAL G 210 25.84 17.81 -9.55
C VAL G 210 26.37 16.95 -10.67
N GLN G 211 25.49 16.56 -11.59
CA GLN G 211 25.86 15.72 -12.72
C GLN G 211 26.26 16.59 -13.89
N ARG G 212 27.29 16.13 -14.62
CA ARG G 212 27.79 16.80 -15.80
C ARG G 212 27.65 15.90 -17.01
N VAL G 213 27.18 16.46 -18.12
CA VAL G 213 27.19 15.73 -19.39
C VAL G 213 28.17 16.43 -20.33
N TYR G 214 28.63 15.74 -21.37
CA TYR G 214 29.73 16.25 -22.18
C TYR G 214 29.33 16.58 -23.60
N THR G 215 28.04 16.55 -23.90
CA THR G 215 27.55 17.09 -25.16
C THR G 215 26.28 17.90 -24.92
N LEU G 216 26.05 18.87 -25.78
CA LEU G 216 24.84 19.66 -25.74
C LEU G 216 23.60 18.81 -25.86
N GLN G 217 23.69 17.81 -26.73
CA GLN G 217 22.59 16.90 -26.98
C GLN G 217 22.21 16.11 -25.74
N ASP G 218 23.21 15.59 -25.04
CA ASP G 218 22.97 14.84 -23.82
C ASP G 218 22.24 15.72 -22.83
N LEU G 219 22.65 16.99 -22.75
CA LEU G 219 22.02 17.88 -21.80
C LEU G 219 20.56 18.12 -22.15
N LEU G 220 20.26 18.30 -23.43
CA LEU G 220 18.88 18.57 -23.87
C LEU G 220 18.00 17.33 -23.77
N TYR G 221 18.59 16.19 -24.10
CA TYR G 221 17.90 14.91 -24.05
C TYR G 221 17.46 14.61 -22.62
N GLN G 222 18.28 14.96 -21.63
CA GLN G 222 17.94 14.58 -20.26
C GLN G 222 17.16 15.63 -19.48
N SER G 223 16.99 16.83 -20.03
CA SER G 223 16.42 17.94 -19.26
C SER G 223 14.90 18.19 -19.44
N ASP G 224 14.20 18.33 -18.33
CA ASP G 224 12.81 18.73 -18.35
C ASP G 224 12.76 20.23 -18.49
N CYS G 225 13.76 20.90 -17.90
CA CYS G 225 13.83 22.34 -17.99
C CYS G 225 15.27 22.73 -18.34
N VAL G 226 15.44 23.49 -19.41
CA VAL G 226 16.76 23.91 -19.85
C VAL G 226 16.92 25.41 -19.60
N SER G 227 17.98 25.79 -18.91
CA SER G 227 18.24 27.19 -18.62
C SER G 227 19.64 27.57 -19.04
N LEU G 228 19.73 28.64 -19.83
CA LEU G 228 20.98 29.14 -20.40
C LEU G 228 21.73 30.06 -19.45
N HIS G 229 23.03 29.82 -19.30
CA HIS G 229 23.89 30.66 -18.47
C HIS G 229 25.28 30.78 -19.05
N CYS G 230 25.37 30.77 -20.36
CA CYS G 230 26.66 30.89 -21.03
C CYS G 230 26.82 32.25 -21.66
N ASN G 231 28.05 32.69 -21.79
CA ASN G 231 28.33 33.96 -22.45
C ASN G 231 28.25 33.79 -23.95
N LEU G 232 27.80 34.83 -24.64
CA LEU G 232 27.67 34.78 -26.09
C LEU G 232 29.05 34.92 -26.69
N ASN G 233 29.41 34.00 -27.58
CA ASN G 233 30.74 33.98 -28.18
C ASN G 233 30.76 33.59 -29.66
N GLU G 234 31.97 33.47 -30.21
CA GLU G 234 32.18 33.12 -31.60
C GLU G 234 31.50 31.81 -31.99
N HIS G 235 31.37 30.91 -31.02
CA HIS G 235 31.00 29.52 -31.28
C HIS G 235 29.59 29.07 -30.87
N ASN G 236 28.82 29.92 -30.18
CA ASN G 236 27.50 29.48 -29.71
C ASN G 236 26.31 30.34 -30.12
N HIS G 237 26.45 31.11 -31.20
CA HIS G 237 25.33 31.86 -31.73
C HIS G 237 24.24 30.89 -32.19
N HIS G 238 22.99 31.19 -31.87
CA HIS G 238 21.86 30.30 -32.14
C HIS G 238 22.13 28.91 -31.65
N LEU G 239 22.75 28.82 -30.48
CA LEU G 239 22.91 27.55 -29.80
C LEU G 239 21.60 26.76 -29.80
N ILE G 240 20.50 27.42 -29.42
CA ILE G 240 19.18 26.82 -29.52
C ILE G 240 18.57 27.19 -30.88
N ASN G 241 18.57 26.23 -31.80
CA ASN G 241 18.17 26.48 -33.17
C ASN G 241 17.18 25.40 -33.60
N ASP G 242 16.86 25.34 -34.89
CA ASP G 242 15.89 24.36 -35.40
C ASP G 242 16.33 22.92 -35.08
N PHE G 243 17.63 22.67 -35.14
CA PHE G 243 18.13 21.32 -34.87
C PHE G 243 18.06 21.00 -33.37
N THR G 244 18.58 21.91 -32.57
CA THR G 244 18.79 21.64 -31.15
C THR G 244 17.47 21.61 -30.40
N ILE G 245 16.50 22.39 -30.87
CA ILE G 245 15.17 22.34 -30.30
C ILE G 245 14.56 20.94 -30.41
N LYS G 246 14.80 20.28 -31.54
CA LYS G 246 14.28 18.94 -31.77
C LYS G 246 14.98 17.94 -30.87
N GLN G 247 16.12 18.32 -30.31
CA GLN G 247 16.81 17.42 -29.39
C GLN G 247 16.27 17.50 -27.96
N MET G 248 15.43 18.50 -27.70
CA MET G 248 14.84 18.69 -26.37
C MET G 248 13.64 17.76 -26.14
N ARG G 249 13.36 17.48 -24.88
CA ARG G 249 12.24 16.63 -24.53
C ARG G 249 10.92 17.26 -24.96
N GLN G 250 9.98 16.41 -25.33
CA GLN G 250 8.61 16.83 -25.61
C GLN G 250 8.04 17.57 -24.39
N GLY G 251 7.64 18.85 -24.56
CA GLY G 251 7.04 19.62 -23.49
C GLY G 251 8.04 20.16 -22.46
N ALA G 252 9.30 20.34 -22.86
CA ALA G 252 10.32 20.91 -21.97
C ALA G 252 10.11 22.41 -21.81
N PHE G 253 10.79 22.99 -20.82
CA PHE G 253 10.78 24.44 -20.59
C PHE G 253 12.09 25.05 -21.03
N LEU G 254 12.03 26.23 -21.59
CA LEU G 254 13.24 26.94 -21.92
C LEU G 254 13.26 28.26 -21.16
N VAL G 255 14.40 28.54 -20.54
CA VAL G 255 14.62 29.80 -19.84
C VAL G 255 15.91 30.44 -20.33
N ASN G 256 15.84 31.71 -20.66
CA ASN G 256 17.05 32.41 -21.11
C ASN G 256 17.23 33.76 -20.44
N ALA G 257 18.11 33.81 -19.45
CA ALA G 257 18.50 35.05 -18.82
C ALA G 257 19.97 35.36 -19.12
N ALA G 258 20.49 34.79 -20.20
CA ALA G 258 21.88 35.00 -20.59
C ALA G 258 22.01 36.04 -21.71
N ARG G 259 21.97 35.61 -22.96
CA ARG G 259 22.07 36.53 -24.09
C ARG G 259 21.16 36.11 -25.23
N GLY G 260 20.51 37.08 -25.86
CA GLY G 260 19.48 36.81 -26.84
C GLY G 260 19.99 36.17 -28.11
N GLY G 261 21.26 36.37 -28.42
CA GLY G 261 21.81 35.81 -29.64
C GLY G 261 21.96 34.30 -29.53
N LEU G 262 21.83 33.78 -28.32
CA LEU G 262 21.91 32.33 -28.08
C LEU G 262 20.71 31.59 -28.63
N VAL G 263 19.61 32.29 -28.85
CA VAL G 263 18.40 31.61 -29.26
C VAL G 263 17.85 32.10 -30.60
N ASP G 264 17.59 31.17 -31.51
CA ASP G 264 16.87 31.50 -32.73
C ASP G 264 15.38 31.68 -32.42
N GLU G 265 14.95 32.93 -32.32
CA GLU G 265 13.59 33.21 -31.91
C GLU G 265 12.54 32.71 -32.90
N LYS G 266 12.88 32.66 -34.19
CA LYS G 266 11.95 32.12 -35.18
C LYS G 266 11.64 30.65 -34.85
N ALA G 267 12.70 29.89 -34.56
CA ALA G 267 12.60 28.48 -34.19
C ALA G 267 11.80 28.30 -32.90
N LEU G 268 12.12 29.11 -31.89
CA LEU G 268 11.44 29.03 -30.61
C LEU G 268 9.95 29.30 -30.77
N ALA G 269 9.62 30.29 -31.59
CA ALA G 269 8.24 30.65 -31.88
C ALA G 269 7.45 29.45 -32.40
N GLN G 270 8.03 28.77 -33.38
CA GLN G 270 7.37 27.62 -34.00
C GLN G 270 7.18 26.50 -32.97
N ALA G 271 8.21 26.24 -32.16
CA ALA G 271 8.16 25.18 -31.16
C ALA G 271 7.08 25.39 -30.13
N LEU G 272 6.93 26.64 -29.69
CA LEU G 272 5.92 26.96 -28.68
C LEU G 272 4.54 26.75 -29.25
N LYS G 273 4.30 27.31 -30.44
CA LYS G 273 3.01 27.15 -31.10
C LYS G 273 2.63 25.69 -31.28
N GLU G 274 3.62 24.89 -31.68
CA GLU G 274 3.40 23.48 -32.00
C GLU G 274 3.36 22.63 -30.73
N GLY G 275 3.65 23.24 -29.58
CA GLY G 275 3.64 22.53 -28.32
C GLY G 275 4.91 21.75 -27.99
N ARG G 276 5.89 21.75 -28.89
CA ARG G 276 7.13 21.01 -28.70
C ARG G 276 7.87 21.52 -27.44
N ILE G 277 7.75 22.83 -27.19
CA ILE G 277 8.18 23.42 -25.91
C ILE G 277 6.95 23.96 -25.15
N ARG G 278 6.76 23.49 -23.92
CA ARG G 278 5.55 23.78 -23.16
C ARG G 278 5.46 25.24 -22.71
N GLY G 279 6.62 25.85 -22.46
CA GLY G 279 6.66 27.24 -22.04
C GLY G 279 8.06 27.80 -22.00
N ALA G 280 8.18 29.13 -22.09
CA ALA G 280 9.47 29.79 -22.11
C ALA G 280 9.49 31.06 -21.25
N ALA G 281 10.65 31.36 -20.66
CA ALA G 281 10.87 32.60 -19.92
C ALA G 281 12.13 33.28 -20.42
N LEU G 282 11.98 34.48 -20.98
CA LEU G 282 13.10 35.18 -21.60
C LEU G 282 13.31 36.55 -20.99
N ASP G 283 14.53 36.80 -20.50
CA ASP G 283 14.91 38.13 -20.01
C ASP G 283 15.66 38.88 -21.13
N VAL G 284 16.04 38.15 -22.17
CA VAL G 284 16.88 38.68 -23.22
C VAL G 284 16.48 38.17 -24.60
N HIS G 285 16.74 38.99 -25.63
CA HIS G 285 16.21 38.74 -26.97
C HIS G 285 17.21 39.13 -28.05
N GLU G 286 17.11 38.51 -29.22
CA GLU G 286 18.06 38.82 -30.29
C GLU G 286 18.12 40.31 -30.55
N SER G 287 16.96 40.96 -30.59
CA SER G 287 16.86 42.41 -30.78
C SER G 287 16.16 43.08 -29.62
N GLU G 288 16.91 43.87 -28.86
CA GLU G 288 16.31 44.63 -27.75
C GLU G 288 16.23 46.10 -28.16
N PRO G 289 15.20 46.81 -27.69
CA PRO G 289 14.19 46.40 -26.71
C PRO G 289 13.15 45.44 -27.27
N PHE G 290 12.71 44.52 -26.43
CA PHE G 290 11.71 43.52 -26.84
C PHE G 290 10.32 44.16 -26.90
N SER G 291 9.51 43.72 -27.85
CA SER G 291 8.10 44.10 -27.89
C SER G 291 7.20 42.93 -28.29
N PHE G 292 6.07 42.79 -27.61
CA PHE G 292 5.15 41.71 -27.92
C PHE G 292 4.43 41.98 -29.23
N ALA G 293 4.44 43.24 -29.65
CA ALA G 293 3.78 43.62 -30.90
C ALA G 293 4.71 43.38 -32.11
N GLN G 294 6.00 43.14 -31.86
CA GLN G 294 6.97 43.07 -32.94
C GLN G 294 7.85 41.82 -32.84
N GLY G 295 8.23 41.28 -33.99
CA GLY G 295 9.21 40.22 -34.02
C GLY G 295 8.62 38.83 -34.18
N PRO G 296 9.49 37.81 -34.16
CA PRO G 296 9.12 36.41 -34.42
C PRO G 296 8.24 35.83 -33.33
N LEU G 297 8.33 36.36 -32.12
CA LEU G 297 7.52 35.86 -31.02
C LEU G 297 6.19 36.62 -30.90
N LYS G 298 5.91 37.46 -31.90
CA LYS G 298 4.74 38.36 -31.87
C LYS G 298 3.52 37.67 -31.26
N ASP G 299 3.09 36.57 -31.86
CA ASP G 299 1.88 35.88 -31.42
C ASP G 299 2.15 34.46 -30.90
N ALA G 300 3.29 34.26 -30.22
CA ALA G 300 3.65 32.94 -29.67
C ALA G 300 3.04 32.73 -28.29
N PRO G 301 2.45 31.56 -28.04
CA PRO G 301 1.79 31.24 -26.78
C PRO G 301 2.76 30.82 -25.68
N ASN G 302 2.29 30.85 -24.44
CA ASN G 302 3.07 30.39 -23.31
C ASN G 302 4.45 31.04 -23.24
N LEU G 303 4.49 32.35 -23.46
CA LEU G 303 5.74 33.09 -23.44
C LEU G 303 5.84 34.07 -22.27
N ILE G 304 6.96 34.03 -21.55
CA ILE G 304 7.27 35.08 -20.58
C ILE G 304 8.49 35.89 -21.00
N CYS G 305 8.38 37.20 -20.85
CA CYS G 305 9.51 38.06 -21.16
C CYS G 305 9.64 39.17 -20.11
N THR G 306 10.88 39.47 -19.76
CA THR G 306 11.20 40.59 -18.91
C THR G 306 12.24 41.40 -19.69
N PRO G 307 12.26 42.72 -19.51
CA PRO G 307 13.07 43.55 -20.40
C PRO G 307 14.54 43.69 -19.95
N HIS G 308 15.26 42.58 -19.85
CA HIS G 308 16.68 42.59 -19.46
C HIS G 308 16.88 43.21 -18.06
N THR G 309 16.15 42.66 -17.08
CA THR G 309 16.16 43.18 -15.72
C THR G 309 16.72 42.18 -14.71
N ALA G 310 17.11 41.01 -15.17
CA ALA G 310 17.55 39.95 -14.28
C ALA G 310 18.62 40.44 -13.30
N TRP G 311 19.49 41.31 -13.81
CA TRP G 311 20.66 41.84 -13.09
C TRP G 311 20.31 42.89 -12.04
N TYR G 312 19.21 43.60 -12.25
CA TYR G 312 19.03 44.87 -11.56
C TYR G 312 18.60 44.76 -10.09
N SER G 313 19.30 45.47 -9.22
CA SER G 313 18.85 45.78 -7.86
C SER G 313 19.57 47.08 -7.48
N GLU G 314 19.08 47.85 -6.50
CA GLU G 314 19.76 49.09 -6.14
C GLU G 314 21.24 48.80 -5.82
N GLN G 315 21.44 47.79 -4.98
CA GLN G 315 22.76 47.48 -4.45
C GLN G 315 23.66 46.97 -5.57
N ALA G 316 23.08 46.18 -6.47
CA ALA G 316 23.83 45.60 -7.58
C ALA G 316 24.27 46.64 -8.59
N SER G 317 23.38 47.55 -8.98
CA SER G 317 23.74 48.60 -9.94
C SER G 317 24.80 49.52 -9.39
N LEU G 318 24.62 49.98 -8.15
CA LEU G 318 25.57 50.88 -7.52
C LEU G 318 26.93 50.21 -7.49
N GLU G 319 26.93 48.96 -7.04
CA GLU G 319 28.14 48.17 -6.89
C GLU G 319 28.89 48.03 -8.20
N MET G 320 28.18 47.73 -9.27
CA MET G 320 28.88 47.45 -10.52
C MET G 320 29.39 48.74 -11.16
N ARG G 321 28.64 49.84 -11.02
CA ARG G 321 29.10 51.12 -11.55
C ARG G 321 30.36 51.60 -10.85
N GLU G 322 30.36 51.52 -9.52
CA GLU G 322 31.54 51.89 -8.76
C GLU G 322 32.73 51.02 -9.16
N ALA G 323 32.48 49.75 -9.40
CA ALA G 323 33.57 48.84 -9.79
C ALA G 323 34.13 49.20 -11.16
N ALA G 324 33.24 49.59 -12.07
CA ALA G 324 33.64 49.93 -13.43
C ALA G 324 34.49 51.19 -13.42
N ALA G 325 34.03 52.17 -12.65
CA ALA G 325 34.75 53.42 -12.51
C ALA G 325 36.13 53.14 -11.96
N THR G 326 36.21 52.29 -10.96
CA THR G 326 37.47 52.02 -10.30
C THR G 326 38.42 51.36 -11.28
N GLU G 327 37.88 50.55 -12.18
CA GLU G 327 38.70 49.90 -13.21
C GLU G 327 39.34 50.99 -14.06
N ILE G 328 38.54 51.98 -14.44
CA ILE G 328 39.04 53.16 -15.14
C ILE G 328 40.16 53.87 -14.38
N ARG G 329 39.96 54.08 -13.08
CA ARG G 329 40.95 54.74 -12.26
C ARG G 329 42.27 53.98 -12.33
N ARG G 330 42.23 52.65 -12.32
CA ARG G 330 43.47 51.88 -12.42
C ARG G 330 44.13 52.06 -13.78
N ALA G 331 43.32 52.07 -14.83
CA ALA G 331 43.84 52.18 -16.20
C ALA G 331 44.61 53.48 -16.38
N ILE G 332 44.09 54.54 -15.78
CA ILE G 332 44.73 55.85 -15.87
C ILE G 332 45.94 55.86 -14.92
N THR G 333 45.69 55.49 -13.67
CA THR G 333 46.70 55.55 -12.61
C THR G 333 47.70 54.41 -12.68
N GLY G 334 47.94 53.86 -13.86
CA GLY G 334 48.83 52.71 -14.00
C GLY G 334 49.18 52.30 -15.42
N ARG G 335 49.66 51.07 -15.57
CA ARG G 335 49.98 50.52 -16.88
C ARG G 335 48.84 49.63 -17.41
N ILE G 336 48.51 49.79 -18.68
CA ILE G 336 47.52 48.95 -19.35
C ILE G 336 48.28 47.87 -20.11
N PRO G 337 47.91 46.59 -19.95
CA PRO G 337 46.79 45.99 -19.21
C PRO G 337 47.17 45.41 -17.85
N GLU G 338 48.43 45.53 -17.44
CA GLU G 338 48.89 44.85 -16.23
C GLU G 338 48.14 45.33 -14.98
N SER G 339 47.79 46.61 -14.93
CA SER G 339 47.14 47.21 -13.75
C SER G 339 45.64 46.91 -13.64
N LEU G 340 45.07 46.33 -14.69
CA LEU G 340 43.62 46.07 -14.76
C LEU G 340 43.20 44.80 -13.97
N ARG G 341 42.04 44.86 -13.30
CA ARG G 341 41.57 43.75 -12.45
C ARG G 341 40.88 42.66 -13.25
N ASN G 342 40.00 43.07 -14.15
CA ASN G 342 39.19 42.13 -14.92
C ASN G 342 39.27 42.44 -16.43
N CYS G 343 40.46 42.37 -17.00
CA CYS G 343 40.63 42.55 -18.45
C CYS G 343 40.41 41.22 -19.17
N VAL G 344 39.51 41.22 -20.15
CA VAL G 344 39.11 39.99 -20.83
C VAL G 344 39.77 39.78 -22.19
N ASN G 345 40.73 40.62 -22.55
CA ASN G 345 41.35 40.52 -23.88
C ASN G 345 42.86 40.74 -23.90
N LYS G 346 43.60 39.87 -23.22
CA LYS G 346 45.04 39.82 -23.36
C LYS G 346 45.46 39.08 -24.65
N GLU G 347 45.09 39.64 -25.81
CA GLU G 347 45.77 39.28 -27.07
C GLU G 347 46.34 40.51 -27.78
N ARG H 20 -26.13 0.30 -0.15
CA ARG H 20 -24.72 0.54 -0.27
C ARG H 20 -24.53 1.83 0.49
N PRO H 21 -23.84 1.79 1.64
CA PRO H 21 -23.78 3.02 2.42
C PRO H 21 -23.39 4.14 1.50
N LEU H 22 -23.98 5.30 1.72
CA LEU H 22 -23.81 6.42 0.82
C LEU H 22 -22.68 7.31 1.28
N VAL H 23 -21.79 7.62 0.33
CA VAL H 23 -20.71 8.56 0.55
C VAL H 23 -20.89 9.68 -0.45
N ALA H 24 -21.04 10.90 0.06
CA ALA H 24 -21.38 12.04 -0.76
C ALA H 24 -20.23 13.02 -0.83
N LEU H 25 -19.92 13.47 -2.03
CA LEU H 25 -18.96 14.53 -2.23
C LEU H 25 -19.74 15.84 -2.31
N LEU H 26 -19.61 16.66 -1.27
CA LEU H 26 -20.49 17.81 -1.09
C LEU H 26 -20.31 18.90 -2.13
N ASP H 27 -19.09 19.40 -2.28
CA ASP H 27 -18.87 20.56 -3.14
C ASP H 27 -18.04 20.24 -4.38
N GLY H 28 -18.39 19.17 -5.08
CA GLY H 28 -17.71 18.81 -6.31
C GLY H 28 -18.60 18.08 -7.29
N ARG H 29 -18.14 18.04 -8.54
CA ARG H 29 -18.84 17.32 -9.61
C ARG H 29 -18.08 16.05 -9.97
N ASP H 30 -16.81 16.22 -10.23
CA ASP H 30 -15.95 15.11 -10.65
C ASP H 30 -15.89 14.15 -9.48
N CYS H 31 -16.03 12.88 -9.77
CA CYS H 31 -16.07 11.88 -8.71
C CYS H 31 -15.36 10.60 -9.16
N THR H 32 -14.55 10.76 -10.20
CA THR H 32 -14.01 9.65 -10.98
C THR H 32 -12.80 9.00 -10.35
N VAL H 33 -12.11 9.72 -9.48
CA VAL H 33 -10.93 9.16 -8.83
C VAL H 33 -11.38 8.32 -7.65
N GLU H 34 -12.48 8.77 -7.03
CA GLU H 34 -12.92 8.24 -5.74
C GLU H 34 -13.83 7.02 -5.90
N MET H 35 -14.65 7.04 -6.95
CA MET H 35 -15.59 5.94 -7.12
C MET H 35 -14.87 4.59 -7.09
N PRO H 36 -13.94 4.35 -8.02
CA PRO H 36 -13.29 3.05 -8.11
C PRO H 36 -12.66 2.57 -6.80
N ILE H 37 -12.22 3.48 -5.94
CA ILE H 37 -11.65 3.05 -4.67
C ILE H 37 -12.74 2.60 -3.71
N LEU H 38 -13.97 3.05 -3.93
CA LEU H 38 -15.08 2.77 -3.01
C LEU H 38 -16.25 1.95 -3.60
N LYS H 39 -16.24 1.70 -4.91
CA LYS H 39 -17.35 1.01 -5.59
C LYS H 39 -17.83 -0.23 -4.82
N ASP H 40 -16.88 -1.03 -4.35
CA ASP H 40 -17.20 -2.32 -3.76
C ASP H 40 -17.79 -2.19 -2.36
N LEU H 41 -17.74 -0.99 -1.80
CA LEU H 41 -18.21 -0.77 -0.42
C LEU H 41 -19.28 0.28 -0.26
N ALA H 42 -19.39 1.21 -1.20
CA ALA H 42 -20.34 2.31 -1.01
C ALA H 42 -20.89 2.87 -2.30
N THR H 43 -22.06 3.47 -2.20
CA THR H 43 -22.59 4.26 -3.31
C THR H 43 -21.98 5.66 -3.24
N VAL H 44 -21.38 6.10 -4.34
CA VAL H 44 -20.74 7.40 -4.34
C VAL H 44 -21.55 8.38 -5.16
N ALA H 45 -21.82 9.54 -4.57
CA ALA H 45 -22.59 10.57 -5.25
C ALA H 45 -22.00 11.93 -4.93
N PHE H 46 -22.31 12.91 -5.79
CA PHE H 46 -21.86 14.28 -5.62
C PHE H 46 -23.03 15.23 -5.60
N CYS H 47 -22.86 16.38 -4.94
CA CYS H 47 -23.93 17.38 -4.79
C CYS H 47 -23.67 18.68 -5.54
N ASP H 48 -22.41 19.01 -5.83
CA ASP H 48 -22.09 20.30 -6.43
C ASP H 48 -22.71 21.43 -5.61
N ALA H 49 -22.66 21.30 -4.29
CA ALA H 49 -23.30 22.27 -3.40
C ALA H 49 -22.34 23.36 -2.94
N GLN H 50 -22.74 24.62 -3.05
CA GLN H 50 -21.97 25.73 -2.48
C GLN H 50 -22.50 26.05 -1.06
N SER H 51 -23.64 25.46 -0.71
CA SER H 51 -24.26 25.67 0.59
C SER H 51 -25.02 24.41 1.01
N THR H 52 -25.17 24.21 2.32
CA THR H 52 -25.93 23.07 2.82
C THR H 52 -27.32 23.07 2.19
N GLN H 53 -27.83 24.27 1.90
CA GLN H 53 -29.16 24.44 1.32
C GLN H 53 -29.29 23.73 -0.03
N GLU H 54 -28.20 23.58 -0.77
CA GLU H 54 -28.27 22.93 -2.09
C GLU H 54 -28.03 21.42 -1.99
N ILE H 55 -27.69 20.94 -0.79
CA ILE H 55 -27.55 19.51 -0.59
C ILE H 55 -28.94 18.84 -0.49
N HIS H 56 -29.16 17.81 -1.32
CA HIS H 56 -30.44 17.08 -1.35
C HIS H 56 -30.80 16.41 -0.01
N GLU H 57 -32.09 16.36 0.27
CA GLU H 57 -32.60 15.78 1.50
C GLU H 57 -32.17 14.31 1.59
N LYS H 58 -32.08 13.62 0.46
CA LYS H 58 -31.67 12.21 0.45
C LYS H 58 -30.28 12.04 1.09
N VAL H 59 -29.35 12.90 0.69
CA VAL H 59 -27.97 12.88 1.17
C VAL H 59 -27.91 13.21 2.64
N LEU H 60 -28.66 14.24 3.04
CA LEU H 60 -28.68 14.69 4.43
C LEU H 60 -29.13 13.59 5.38
N ASN H 61 -30.10 12.81 4.93
CA ASN H 61 -30.68 11.78 5.78
C ASN H 61 -29.87 10.47 5.75
N GLU H 62 -29.24 10.15 4.60
CA GLU H 62 -28.66 8.82 4.42
C GLU H 62 -27.16 8.75 4.17
N ALA H 63 -26.44 9.85 4.34
CA ALA H 63 -25.04 9.83 3.98
C ALA H 63 -24.25 9.46 5.20
N VAL H 64 -23.44 8.41 5.05
CA VAL H 64 -22.60 7.89 6.12
C VAL H 64 -21.23 8.56 6.12
N GLY H 65 -20.81 8.99 4.94
CA GLY H 65 -19.54 9.64 4.83
C GLY H 65 -19.66 10.80 3.89
N ALA H 66 -18.86 11.84 4.11
CA ALA H 66 -18.85 12.95 3.18
C ALA H 66 -17.42 13.36 2.89
N MET H 67 -17.18 13.76 1.64
CA MET H 67 -15.90 14.33 1.25
C MET H 67 -16.11 15.73 0.67
N MET H 68 -15.26 16.66 1.06
CA MET H 68 -15.45 18.04 0.67
C MET H 68 -14.15 18.80 0.51
N TYR H 69 -14.24 19.86 -0.29
CA TYR H 69 -13.15 20.77 -0.52
C TYR H 69 -13.26 21.95 0.43
N HIS H 70 -12.79 23.12 0.01
CA HIS H 70 -12.80 24.30 0.88
C HIS H 70 -13.94 25.26 0.54
N THR H 71 -14.72 24.95 -0.52
CA THR H 71 -15.75 25.86 -1.04
C THR H 71 -17.10 25.72 -0.33
N ILE H 72 -17.20 24.83 0.64
CA ILE H 72 -18.43 24.77 1.43
C ILE H 72 -18.10 24.84 2.92
N THR H 73 -19.07 25.28 3.73
CA THR H 73 -18.88 25.37 5.16
C THR H 73 -19.91 24.56 5.95
N LEU H 74 -19.44 23.86 6.97
CA LEU H 74 -20.33 23.10 7.81
C LEU H 74 -20.30 23.63 9.23
N THR H 75 -21.34 24.40 9.57
CA THR H 75 -21.50 24.94 10.92
C THR H 75 -22.12 23.87 11.79
N ARG H 76 -22.29 24.17 13.06
CA ARG H 76 -22.96 23.27 13.99
C ARG H 76 -24.38 22.97 13.49
N GLU H 77 -25.11 24.00 13.08
CA GLU H 77 -26.47 23.81 12.56
C GLU H 77 -26.43 22.85 11.38
N ASP H 78 -25.49 23.09 10.47
CA ASP H 78 -25.38 22.25 9.28
C ASP H 78 -25.13 20.79 9.65
N LEU H 79 -24.16 20.56 10.54
CA LEU H 79 -23.85 19.19 10.96
C LEU H 79 -25.05 18.51 11.64
N GLU H 80 -25.84 19.28 12.38
CA GLU H 80 -27.00 18.74 13.09
C GLU H 80 -28.03 18.19 12.11
N LYS H 81 -28.04 18.71 10.88
CA LYS H 81 -28.97 18.24 9.86
C LYS H 81 -28.62 16.84 9.32
N PHE H 82 -27.38 16.43 9.52
CA PHE H 82 -26.98 15.12 9.02
C PHE H 82 -27.45 14.06 10.00
N LYS H 83 -28.31 13.16 9.50
CA LYS H 83 -28.91 12.13 10.33
C LYS H 83 -28.10 10.83 10.43
N ALA H 84 -27.17 10.61 9.49
CA ALA H 84 -26.42 9.33 9.42
C ALA H 84 -24.88 9.50 9.35
N LEU H 85 -24.42 10.71 9.09
CA LEU H 85 -23.00 10.95 8.85
C LEU H 85 -22.13 10.45 10.00
N ARG H 86 -21.10 9.68 9.66
CA ARG H 86 -20.13 9.19 10.65
C ARG H 86 -18.74 9.75 10.40
N VAL H 87 -18.46 10.13 9.16
CA VAL H 87 -17.16 10.68 8.87
C VAL H 87 -17.20 11.78 7.79
N ILE H 88 -16.36 12.79 8.02
CA ILE H 88 -16.09 13.83 7.02
C ILE H 88 -14.62 13.80 6.70
N VAL H 89 -14.30 13.85 5.41
CA VAL H 89 -12.93 13.89 4.98
C VAL H 89 -12.69 15.13 4.14
N ARG H 90 -11.84 16.02 4.64
CA ARG H 90 -11.43 17.17 3.85
C ARG H 90 -10.41 16.75 2.82
N ILE H 91 -10.75 16.93 1.55
CA ILE H 91 -9.79 16.72 0.48
C ILE H 91 -8.93 17.97 0.43
N GLY H 92 -7.85 17.96 1.21
CA GLY H 92 -7.05 19.16 1.41
C GLY H 92 -6.56 19.18 2.84
N SER H 93 -5.70 20.12 3.18
CA SER H 93 -5.14 20.18 4.54
C SER H 93 -5.96 21.05 5.49
N GLY H 94 -6.61 22.08 4.97
CA GLY H 94 -7.33 23.00 5.80
C GLY H 94 -8.70 22.52 6.22
N TYR H 95 -9.08 22.74 7.46
CA TYR H 95 -10.40 22.32 7.92
C TYR H 95 -11.05 23.41 8.78
N ASP H 96 -10.63 24.66 8.56
CA ASP H 96 -11.22 25.82 9.23
C ASP H 96 -12.70 25.95 8.84
N ASN H 97 -13.05 25.41 7.67
CA ASN H 97 -14.41 25.47 7.16
C ASN H 97 -15.36 24.41 7.74
N VAL H 98 -14.88 23.65 8.73
CA VAL H 98 -15.74 22.68 9.42
C VAL H 98 -15.69 22.88 10.94
N ASP H 99 -16.84 22.99 11.60
CA ASP H 99 -16.87 23.04 13.06
C ASP H 99 -16.55 21.67 13.64
N ILE H 100 -15.27 21.36 13.76
CA ILE H 100 -14.81 20.02 14.16
C ILE H 100 -15.15 19.70 15.63
N LYS H 101 -15.42 20.72 16.43
CA LYS H 101 -15.88 20.53 17.82
C LYS H 101 -17.36 20.08 17.85
N ALA H 102 -18.21 20.74 17.05
CA ALA H 102 -19.60 20.33 16.93
C ALA H 102 -19.65 18.92 16.38
N ALA H 103 -18.91 18.69 15.30
CA ALA H 103 -18.84 17.39 14.63
C ALA H 103 -18.44 16.32 15.63
N GLY H 104 -17.38 16.56 16.38
CA GLY H 104 -16.93 15.60 17.37
C GLY H 104 -18.03 15.30 18.38
N GLU H 105 -18.73 16.34 18.82
CA GLU H 105 -19.78 16.15 19.82
C GLU H 105 -20.94 15.32 19.26
N LEU H 106 -21.21 15.47 17.97
CA LEU H 106 -22.29 14.75 17.30
C LEU H 106 -21.89 13.33 16.87
N GLY H 107 -20.72 12.89 17.33
CA GLY H 107 -20.21 11.56 17.01
C GLY H 107 -19.67 11.44 15.58
N ILE H 108 -19.25 12.55 15.00
CA ILE H 108 -18.66 12.58 13.65
C ILE H 108 -17.16 12.81 13.66
N ALA H 109 -16.43 11.96 12.95
CA ALA H 109 -14.99 12.08 12.86
C ALA H 109 -14.63 12.91 11.63
N VAL H 110 -13.68 13.83 11.81
CA VAL H 110 -13.24 14.70 10.74
C VAL H 110 -11.76 14.46 10.49
N CYS H 111 -11.41 14.32 9.21
CA CYS H 111 -10.04 14.01 8.80
C CYS H 111 -9.61 14.99 7.74
N ASN H 112 -8.31 15.08 7.52
CA ASN H 112 -7.80 15.88 6.42
C ASN H 112 -6.79 15.12 5.59
N ILE H 113 -6.37 15.74 4.50
CA ILE H 113 -5.25 15.22 3.72
C ILE H 113 -4.11 16.23 3.84
N PRO H 114 -3.20 15.99 4.80
CA PRO H 114 -2.20 16.96 5.24
C PRO H 114 -0.86 17.00 4.48
N SER H 115 -0.66 16.12 3.52
CA SER H 115 0.68 15.88 3.01
C SER H 115 0.82 15.72 1.50
N ALA H 116 -0.16 16.14 0.71
CA ALA H 116 -0.10 15.91 -0.74
C ALA H 116 0.42 17.10 -1.54
N ALA H 117 0.30 18.30 -0.97
CA ALA H 117 0.69 19.51 -1.70
C ALA H 117 1.62 20.40 -0.88
N VAL H 118 2.40 19.81 0.02
CA VAL H 118 3.31 20.60 0.85
C VAL H 118 4.30 21.34 -0.03
N GLU H 119 5.02 20.58 -0.84
CA GLU H 119 6.06 21.15 -1.67
C GLU H 119 5.51 21.99 -2.84
N GLU H 120 4.39 21.57 -3.42
CA GLU H 120 3.70 22.39 -4.40
C GLU H 120 3.41 23.76 -3.81
N THR H 121 2.94 23.79 -2.56
CA THR H 121 2.56 25.03 -1.92
C THR H 121 3.81 25.84 -1.58
N ALA H 122 4.84 25.16 -1.08
CA ALA H 122 6.09 25.81 -0.76
C ALA H 122 6.69 26.42 -2.02
N ASP H 123 6.68 25.65 -3.12
CA ASP H 123 7.21 26.13 -4.39
C ASP H 123 6.48 27.39 -4.85
N SER H 124 5.15 27.37 -4.73
CA SER H 124 4.33 28.52 -5.06
C SER H 124 4.59 29.73 -4.16
N THR H 125 4.77 29.46 -2.87
CA THR H 125 5.02 30.49 -1.91
C THR H 125 6.32 31.19 -2.26
N ILE H 126 7.37 30.39 -2.46
CA ILE H 126 8.68 30.92 -2.84
C ILE H 126 8.57 31.71 -4.13
N CYS H 127 7.79 31.20 -5.08
CA CYS H 127 7.57 31.94 -6.30
C CYS H 127 6.96 33.34 -6.01
N HIS H 128 5.92 33.40 -5.17
CA HIS H 128 5.29 34.67 -4.81
C HIS H 128 6.33 35.62 -4.21
N ILE H 129 7.12 35.10 -3.27
CA ILE H 129 8.17 35.87 -2.65
C ILE H 129 9.18 36.43 -3.68
N LEU H 130 9.67 35.60 -4.60
CA LEU H 130 10.62 36.05 -5.62
C LEU H 130 10.02 37.07 -6.58
N ASN H 131 8.75 36.92 -6.87
CA ASN H 131 8.06 37.90 -7.70
C ASN H 131 7.96 39.27 -7.07
N LEU H 132 7.86 39.31 -5.74
CA LEU H 132 7.86 40.57 -5.03
C LEU H 132 9.23 41.22 -5.04
N TYR H 133 10.26 40.42 -4.79
CA TYR H 133 11.63 40.92 -4.70
C TYR H 133 12.26 41.25 -6.05
N ARG H 134 11.89 40.53 -7.10
CA ARG H 134 12.52 40.71 -8.42
C ARG H 134 11.57 41.33 -9.46
N ARG H 135 10.27 41.33 -9.14
CA ARG H 135 9.29 42.04 -9.95
C ARG H 135 9.04 41.37 -11.30
N ASN H 136 9.26 40.07 -11.39
CA ASN H 136 9.05 39.35 -12.64
C ASN H 136 7.61 39.47 -13.17
N THR H 137 6.61 39.28 -12.34
CA THR H 137 5.24 39.36 -12.83
C THR H 137 4.92 40.77 -13.32
N TRP H 138 5.29 41.77 -12.53
CA TRP H 138 5.04 43.17 -12.86
C TRP H 138 5.82 43.64 -14.10
N LEU H 139 7.01 43.11 -14.30
CA LEU H 139 7.79 43.43 -15.48
C LEU H 139 7.14 42.84 -16.74
N TYR H 140 6.66 41.60 -16.61
CA TYR H 140 5.91 40.95 -17.67
C TYR H 140 4.68 41.79 -18.05
N GLN H 141 3.98 42.27 -17.02
CA GLN H 141 2.79 43.11 -17.16
C GLN H 141 3.09 44.42 -17.91
N ALA H 142 4.19 45.07 -17.54
CA ALA H 142 4.61 46.31 -18.18
C ALA H 142 4.82 46.08 -19.68
N LEU H 143 5.42 44.96 -20.02
CA LEU H 143 5.68 44.62 -21.42
C LEU H 143 4.44 44.26 -22.20
N ARG H 144 3.55 43.48 -21.62
CA ARG H 144 2.30 43.17 -22.33
C ARG H 144 1.54 44.45 -22.59
N GLU H 145 1.65 45.37 -21.65
CA GLU H 145 0.98 46.67 -21.75
C GLU H 145 1.64 47.64 -22.76
N GLY H 146 2.81 47.27 -23.29
CA GLY H 146 3.47 48.02 -24.34
C GLY H 146 4.57 48.99 -23.89
N THR H 147 5.08 48.83 -22.68
CA THR H 147 6.17 49.69 -22.25
C THR H 147 7.42 49.39 -23.06
N ARG H 148 8.04 50.44 -23.58
CA ARG H 148 9.26 50.30 -24.35
C ARG H 148 10.48 50.63 -23.48
N VAL H 149 11.35 49.63 -23.29
CA VAL H 149 12.50 49.75 -22.39
C VAL H 149 13.78 49.58 -23.19
N GLN H 150 14.27 50.69 -23.74
CA GLN H 150 15.44 50.69 -24.60
C GLN H 150 16.69 50.98 -23.82
N SER H 151 16.68 52.03 -23.02
CA SER H 151 17.90 52.45 -22.33
C SER H 151 18.00 51.85 -20.94
N VAL H 152 19.23 51.76 -20.43
CA VAL H 152 19.47 51.22 -19.09
C VAL H 152 18.76 52.10 -18.05
N GLU H 153 18.70 53.40 -18.33
CA GLU H 153 18.00 54.32 -17.45
C GLU H 153 16.54 53.92 -17.40
N GLN H 154 15.96 53.62 -18.56
CA GLN H 154 14.58 53.16 -18.63
C GLN H 154 14.39 51.82 -17.89
N ILE H 155 15.43 50.99 -17.93
CA ILE H 155 15.41 49.71 -17.24
C ILE H 155 15.39 49.89 -15.72
N ARG H 156 16.25 50.78 -15.21
CA ARG H 156 16.30 51.00 -13.78
C ARG H 156 14.96 51.52 -13.32
N GLU H 157 14.38 52.37 -14.16
CA GLU H 157 13.11 53.01 -13.86
C GLU H 157 12.02 51.94 -13.78
N VAL H 158 11.91 51.12 -14.83
CA VAL H 158 10.84 50.11 -14.90
C VAL H 158 10.95 49.05 -13.80
N ALA H 159 12.18 48.64 -13.47
CA ALA H 159 12.41 47.59 -12.47
C ALA H 159 12.63 48.15 -11.07
N SER H 160 12.31 49.43 -10.90
CA SER H 160 12.52 50.10 -9.63
C SER H 160 11.80 49.33 -8.53
N GLY H 161 12.52 49.12 -7.43
CA GLY H 161 12.01 48.37 -6.30
C GLY H 161 12.53 46.95 -6.28
N ALA H 162 13.05 46.49 -7.42
CA ALA H 162 13.68 45.17 -7.44
C ALA H 162 14.80 45.23 -6.43
N ALA H 163 14.85 44.27 -5.52
CA ALA H 163 15.78 44.32 -4.40
C ALA H 163 16.69 43.10 -4.35
N ARG H 164 17.86 43.27 -3.73
CA ARG H 164 18.79 42.19 -3.46
C ARG H 164 18.28 41.36 -2.30
N ILE H 165 18.23 40.04 -2.46
CA ILE H 165 17.63 39.18 -1.44
C ILE H 165 18.59 38.88 -0.28
N ARG H 166 19.85 38.61 -0.59
CA ARG H 166 20.81 38.24 0.44
C ARG H 166 20.88 39.28 1.57
N GLY H 167 20.66 38.84 2.80
CA GLY H 167 20.70 39.71 3.96
C GLY H 167 19.32 40.02 4.54
N GLU H 168 18.28 39.96 3.71
CA GLU H 168 16.92 40.24 4.16
C GLU H 168 16.48 39.14 5.11
N THR H 169 15.55 39.48 6.02
CA THR H 169 15.02 38.50 6.96
C THR H 169 13.61 38.06 6.59
N LEU H 170 13.44 36.74 6.43
CA LEU H 170 12.15 36.14 6.11
C LEU H 170 11.54 35.56 7.37
N GLY H 171 10.37 36.07 7.75
CA GLY H 171 9.70 35.64 8.95
C GLY H 171 8.47 34.81 8.66
N LEU H 172 8.47 33.57 9.14
CA LEU H 172 7.36 32.66 8.90
C LEU H 172 6.45 32.57 10.09
N ILE H 173 5.18 32.90 9.85
CA ILE H 173 4.15 32.75 10.88
C ILE H 173 3.52 31.39 10.68
N GLY H 174 3.91 30.48 11.57
CA GLY H 174 3.58 29.08 11.42
C GLY H 174 4.77 28.27 10.91
N PHE H 175 5.19 27.27 11.68
CA PHE H 175 6.34 26.48 11.25
C PHE H 175 5.96 25.02 11.22
N GLY H 176 4.91 24.72 10.46
CA GLY H 176 4.50 23.34 10.26
C GLY H 176 5.09 22.78 8.99
N ARG H 177 4.29 22.08 8.19
CA ARG H 177 4.78 21.39 7.02
C ARG H 177 5.20 22.36 5.95
N THR H 178 4.30 23.27 5.61
CA THR H 178 4.59 24.23 4.56
C THR H 178 5.61 25.27 5.04
N GLY H 179 5.50 25.72 6.28
CA GLY H 179 6.45 26.69 6.80
C GLY H 179 7.85 26.11 6.69
N GLN H 180 8.00 24.87 7.14
CA GLN H 180 9.30 24.21 7.09
C GLN H 180 9.77 24.03 5.65
N ALA H 181 8.85 23.71 4.75
CA ALA H 181 9.21 23.52 3.35
C ALA H 181 9.74 24.81 2.77
N VAL H 182 9.13 25.92 3.15
CA VAL H 182 9.55 27.23 2.67
C VAL H 182 10.91 27.63 3.23
N ALA H 183 11.12 27.37 4.53
CA ALA H 183 12.39 27.67 5.19
C ALA H 183 13.56 27.01 4.49
N VAL H 184 13.40 25.72 4.23
CA VAL H 184 14.44 24.93 3.59
C VAL H 184 14.83 25.44 2.21
N ARG H 185 13.89 26.02 1.49
CA ARG H 185 14.17 26.53 0.16
C ARG H 185 14.74 27.94 0.26
N ALA H 186 14.34 28.67 1.28
CA ALA H 186 14.70 30.07 1.39
C ALA H 186 16.18 30.27 1.72
N LYS H 187 16.74 29.33 2.48
CA LYS H 187 18.09 29.48 2.95
C LYS H 187 19.10 29.78 1.82
N ALA H 188 18.96 29.06 0.71
CA ALA H 188 19.94 29.12 -0.37
C ALA H 188 19.94 30.47 -1.06
N PHE H 189 18.85 31.22 -0.92
CA PHE H 189 18.78 32.54 -1.52
C PHE H 189 19.47 33.62 -0.67
N GLY H 190 19.84 33.25 0.56
CA GLY H 190 20.49 34.16 1.49
C GLY H 190 19.53 34.82 2.48
N PHE H 191 18.30 34.33 2.56
CA PHE H 191 17.35 34.82 3.54
C PHE H 191 17.77 34.40 4.93
N SER H 192 17.62 35.29 5.90
CA SER H 192 17.70 34.88 7.29
C SER H 192 16.29 34.49 7.72
N VAL H 193 16.14 33.24 8.12
CA VAL H 193 14.81 32.67 8.35
C VAL H 193 14.49 32.65 9.82
N ILE H 194 13.33 33.18 10.14
CA ILE H 194 12.90 33.34 11.51
C ILE H 194 11.45 32.93 11.56
N PHE H 195 10.99 32.34 12.66
CA PHE H 195 9.59 31.94 12.70
C PHE H 195 8.95 32.14 14.07
N TYR H 196 7.62 32.25 14.07
CA TYR H 196 6.84 32.30 15.29
C TYR H 196 5.76 31.23 15.23
N ASP H 197 5.76 30.33 16.22
CA ASP H 197 4.77 29.26 16.26
C ASP H 197 4.59 28.84 17.70
N PRO H 198 3.54 29.36 18.33
CA PRO H 198 3.35 29.18 19.77
C PRO H 198 2.83 27.80 20.14
N TYR H 199 2.52 26.97 19.16
CA TYR H 199 2.02 25.63 19.49
C TYR H 199 3.06 24.53 19.29
N LEU H 200 4.15 24.83 18.57
CA LEU H 200 5.19 23.85 18.31
C LEU H 200 5.98 23.48 19.56
N GLN H 201 6.38 22.22 19.64
CA GLN H 201 7.22 21.78 20.73
C GLN H 201 8.61 22.38 20.51
N ASP H 202 9.41 22.44 21.57
CA ASP H 202 10.78 22.96 21.52
C ASP H 202 11.71 21.99 20.82
N GLY H 203 12.60 22.52 19.98
CA GLY H 203 13.66 21.72 19.38
C GLY H 203 13.73 21.78 17.86
N ILE H 204 12.58 21.96 17.22
CA ILE H 204 12.51 21.96 15.77
C ILE H 204 13.42 23.08 15.21
N GLU H 205 13.52 24.19 15.93
CA GLU H 205 14.39 25.29 15.54
C GLU H 205 15.85 24.84 15.46
N ARG H 206 16.24 23.94 16.36
CA ARG H 206 17.61 23.45 16.41
C ARG H 206 17.87 22.47 15.26
N SER H 207 16.91 21.58 15.08
CA SER H 207 16.92 20.58 14.02
C SER H 207 17.15 21.18 12.65
N LEU H 208 16.36 22.19 12.31
CA LEU H 208 16.47 22.88 11.02
C LEU H 208 17.43 24.08 11.01
N GLY H 209 18.07 24.35 12.14
CA GLY H 209 19.05 25.43 12.19
C GLY H 209 18.48 26.79 11.77
N VAL H 210 17.33 27.17 12.32
CA VAL H 210 16.73 28.51 12.06
C VAL H 210 16.45 29.18 13.39
N GLN H 211 16.21 30.49 13.36
CA GLN H 211 15.93 31.25 14.59
C GLN H 211 14.44 31.29 14.93
N ARG H 212 14.13 31.15 16.22
CA ARG H 212 12.74 31.18 16.69
C ARG H 212 12.49 32.40 17.60
N VAL H 213 11.37 33.07 17.36
CA VAL H 213 10.94 34.14 18.22
C VAL H 213 9.70 33.66 18.91
N TYR H 214 9.37 34.28 20.03
CA TYR H 214 8.31 33.78 20.90
C TYR H 214 7.15 34.74 21.05
N THR H 215 7.15 35.79 20.23
CA THR H 215 5.98 36.65 20.08
C THR H 215 5.78 37.04 18.63
N LEU H 216 4.54 37.22 18.24
CA LEU H 216 4.24 37.65 16.90
C LEU H 216 4.90 39.00 16.59
N GLN H 217 4.96 39.87 17.59
CA GLN H 217 5.53 41.22 17.46
C GLN H 217 7.03 41.19 17.13
N ASP H 218 7.77 40.35 17.86
CA ASP H 218 9.19 40.25 17.57
C ASP H 218 9.33 39.82 16.12
N LEU H 219 8.46 38.92 15.66
CA LEU H 219 8.60 38.43 14.31
C LEU H 219 8.34 39.52 13.29
N LEU H 220 7.31 40.31 13.54
CA LEU H 220 6.91 41.35 12.59
C LEU H 220 7.91 42.49 12.55
N TYR H 221 8.48 42.78 13.72
CA TYR H 221 9.46 43.84 13.87
C TYR H 221 10.75 43.54 13.10
N GLN H 222 11.17 42.29 13.10
CA GLN H 222 12.47 41.91 12.56
C GLN H 222 12.43 41.53 11.08
N SER H 223 11.24 41.41 10.51
CA SER H 223 11.10 40.82 9.19
C SER H 223 10.99 41.83 8.04
N ASP H 224 11.73 41.53 6.98
CA ASP H 224 11.61 42.26 5.72
C ASP H 224 10.50 41.64 4.89
N CYS H 225 10.28 40.34 5.06
CA CYS H 225 9.17 39.68 4.39
C CYS H 225 8.46 38.74 5.34
N VAL H 226 7.14 38.92 5.44
CA VAL H 226 6.34 38.09 6.30
C VAL H 226 5.50 37.15 5.45
N SER H 227 5.56 35.86 5.77
CA SER H 227 4.73 34.87 5.07
C SER H 227 3.95 34.02 6.05
N LEU H 228 2.65 33.91 5.79
CA LEU H 228 1.74 33.15 6.63
C LEU H 228 1.72 31.68 6.21
N HIS H 229 1.86 30.81 7.20
CA HIS H 229 1.82 29.36 6.99
C HIS H 229 1.17 28.62 8.17
N CYS H 230 0.21 29.27 8.81
CA CYS H 230 -0.51 28.66 9.93
C CYS H 230 -1.92 28.30 9.51
N ASN H 231 -2.50 27.32 10.19
CA ASN H 231 -3.89 26.94 9.97
C ASN H 231 -4.79 27.95 10.63
N LEU H 232 -5.92 28.25 9.99
CA LEU H 232 -6.88 29.20 10.53
C LEU H 232 -7.66 28.53 11.64
N ASN H 233 -7.69 29.17 12.81
CA ASN H 233 -8.37 28.58 13.97
C ASN H 233 -9.12 29.62 14.83
N GLU H 234 -9.71 29.15 15.93
CA GLU H 234 -10.53 30.01 16.78
C GLU H 234 -9.78 31.26 17.22
N HIS H 235 -8.45 31.18 17.31
CA HIS H 235 -7.74 32.25 17.96
C HIS H 235 -6.96 33.15 17.04
N ASN H 236 -6.88 32.83 15.76
CA ASN H 236 -6.01 33.63 14.88
C ASN H 236 -6.71 34.23 13.67
N HIS H 237 -8.02 34.41 13.78
CA HIS H 237 -8.74 35.12 12.74
C HIS H 237 -8.24 36.55 12.65
N HIS H 238 -8.01 37.04 11.45
CA HIS H 238 -7.46 38.36 11.27
C HIS H 238 -6.18 38.62 12.10
N LEU H 239 -5.32 37.61 12.20
CA LEU H 239 -4.00 37.76 12.79
C LEU H 239 -3.28 38.98 12.23
N ILE H 240 -3.33 39.13 10.90
CA ILE H 240 -2.80 40.32 10.25
C ILE H 240 -3.88 41.38 10.08
N ASN H 241 -3.85 42.39 10.95
CA ASN H 241 -4.87 43.43 11.02
C ASN H 241 -4.22 44.83 11.08
N ASP H 242 -5.04 45.86 11.32
CA ASP H 242 -4.53 47.24 11.35
C ASP H 242 -3.43 47.42 12.39
N PHE H 243 -3.61 46.80 13.55
CA PHE H 243 -2.69 46.95 14.67
C PHE H 243 -1.36 46.24 14.43
N THR H 244 -1.43 44.98 14.04
CA THR H 244 -0.22 44.15 13.89
C THR H 244 0.55 44.55 12.63
N ILE H 245 -0.18 45.02 11.62
CA ILE H 245 0.47 45.55 10.44
C ILE H 245 1.39 46.70 10.86
N LYS H 246 0.92 47.49 11.83
CA LYS H 246 1.67 48.65 12.36
C LYS H 246 2.92 48.22 13.15
N GLN H 247 2.96 46.93 13.51
CA GLN H 247 4.14 46.33 14.14
C GLN H 247 5.17 45.89 13.07
N MET H 248 4.75 45.89 11.82
CA MET H 248 5.62 45.49 10.71
C MET H 248 6.53 46.63 10.24
N ARG H 249 7.67 46.25 9.66
CA ARG H 249 8.62 47.21 9.13
C ARG H 249 8.03 48.00 7.97
N GLN H 250 8.43 49.26 7.90
CA GLN H 250 8.17 50.14 6.76
C GLN H 250 8.64 49.49 5.46
N GLY H 251 7.73 49.30 4.52
CA GLY H 251 8.04 48.78 3.20
C GLY H 251 8.30 47.29 3.17
N ALA H 252 7.71 46.59 4.14
CA ALA H 252 7.86 45.16 4.21
C ALA H 252 6.99 44.54 3.14
N PHE H 253 7.27 43.25 2.89
CA PHE H 253 6.47 42.43 1.98
C PHE H 253 5.62 41.47 2.77
N LEU H 254 4.42 41.23 2.28
CA LEU H 254 3.55 40.24 2.89
C LEU H 254 3.13 39.19 1.86
N VAL H 255 3.25 37.93 2.27
CA VAL H 255 2.78 36.81 1.45
C VAL H 255 1.82 35.93 2.25
N ASN H 256 0.70 35.60 1.62
CA ASN H 256 -0.26 34.72 2.26
C ASN H 256 -0.73 33.64 1.28
N ALA H 257 -0.24 32.43 1.48
CA ALA H 257 -0.75 31.27 0.75
C ALA H 257 -1.43 30.30 1.71
N ALA H 258 -1.86 30.78 2.88
CA ALA H 258 -2.49 29.91 3.87
C ALA H 258 -4.03 30.01 3.80
N ARG H 259 -4.62 30.95 4.53
CA ARG H 259 -6.07 31.16 4.48
C ARG H 259 -6.35 32.65 4.52
N GLY H 260 -7.30 33.11 3.72
CA GLY H 260 -7.55 34.53 3.57
C GLY H 260 -8.09 35.15 4.84
N GLY H 261 -8.65 34.29 5.68
CA GLY H 261 -9.25 34.72 6.92
C GLY H 261 -8.20 35.14 7.90
N LEU H 262 -6.94 34.83 7.61
CA LEU H 262 -5.86 35.27 8.48
C LEU H 262 -5.62 36.77 8.36
N VAL H 263 -6.03 37.35 7.23
CA VAL H 263 -5.73 38.74 6.90
C VAL H 263 -6.93 39.66 6.70
N ASP H 264 -6.96 40.77 7.43
CA ASP H 264 -7.99 41.78 7.23
C ASP H 264 -7.69 42.66 6.01
N GLU H 265 -8.36 42.34 4.90
CA GLU H 265 -8.06 42.95 3.61
C GLU H 265 -8.27 44.46 3.54
N LYS H 266 -9.21 44.97 4.35
CA LYS H 266 -9.45 46.42 4.44
C LYS H 266 -8.19 47.13 4.96
N ALA H 267 -7.62 46.56 6.02
CA ALA H 267 -6.37 47.05 6.61
C ALA H 267 -5.20 46.96 5.63
N LEU H 268 -5.07 45.80 4.98
CA LEU H 268 -4.00 45.59 4.02
C LEU H 268 -4.10 46.59 2.87
N ALA H 269 -5.32 46.81 2.39
CA ALA H 269 -5.55 47.74 1.29
C ALA H 269 -4.98 49.13 1.58
N GLN H 270 -5.32 49.67 2.77
CA GLN H 270 -4.88 51.00 3.16
C GLN H 270 -3.36 51.04 3.31
N ALA H 271 -2.80 49.99 3.91
CA ALA H 271 -1.34 49.92 4.10
C ALA H 271 -0.63 49.99 2.75
N LEU H 272 -1.19 49.30 1.76
CA LEU H 272 -0.61 49.32 0.43
C LEU H 272 -0.72 50.70 -0.21
N LYS H 273 -1.92 51.27 -0.17
CA LYS H 273 -2.17 52.59 -0.72
C LYS H 273 -1.18 53.60 -0.12
N GLU H 274 -0.98 53.49 1.20
CA GLU H 274 -0.15 54.42 1.97
C GLU H 274 1.33 54.10 1.88
N GLY H 275 1.67 53.00 1.20
CA GLY H 275 3.06 52.59 1.05
C GLY H 275 3.64 51.85 2.26
N ARG H 276 2.84 51.67 3.29
CA ARG H 276 3.30 51.03 4.53
C ARG H 276 3.73 49.60 4.22
N ILE H 277 3.07 49.02 3.23
CA ILE H 277 3.47 47.74 2.67
C ILE H 277 3.94 48.00 1.24
N ARG H 278 5.15 47.53 0.92
CA ARG H 278 5.75 47.77 -0.40
C ARG H 278 5.04 46.91 -1.42
N GLY H 279 4.58 45.74 -0.98
CA GLY H 279 3.87 44.86 -1.86
C GLY H 279 3.36 43.63 -1.16
N ALA H 280 2.33 43.03 -1.73
CA ALA H 280 1.74 41.82 -1.16
C ALA H 280 1.47 40.80 -2.27
N ALA H 281 1.59 39.51 -1.92
CA ALA H 281 1.23 38.43 -2.84
C ALA H 281 0.28 37.46 -2.11
N LEU H 282 -0.96 37.37 -2.60
CA LEU H 282 -2.00 36.61 -1.93
C LEU H 282 -2.59 35.51 -2.81
N ASP H 283 -2.54 34.28 -2.34
CA ASP H 283 -3.18 33.14 -3.02
C ASP H 283 -4.55 32.85 -2.45
N VAL H 284 -4.86 33.46 -1.31
CA VAL H 284 -6.10 33.18 -0.62
C VAL H 284 -6.69 34.49 -0.09
N HIS H 285 -8.01 34.49 0.06
CA HIS H 285 -8.75 35.71 0.37
C HIS H 285 -9.92 35.47 1.30
N GLU H 286 -10.33 36.51 2.01
CA GLU H 286 -11.46 36.43 2.92
C GLU H 286 -12.71 35.88 2.26
N SER H 287 -12.95 36.38 1.05
CA SER H 287 -14.04 35.94 0.21
C SER H 287 -13.52 35.45 -1.12
N GLU H 288 -13.64 34.16 -1.36
CA GLU H 288 -13.27 33.58 -2.65
C GLU H 288 -14.57 33.18 -3.33
N PRO H 289 -14.60 33.28 -4.67
CA PRO H 289 -13.49 33.59 -5.58
C PRO H 289 -13.11 35.09 -5.62
N PHE H 290 -11.82 35.35 -5.82
CA PHE H 290 -11.30 36.70 -5.85
C PHE H 290 -11.58 37.41 -7.17
N SER H 291 -11.88 38.71 -7.10
CA SER H 291 -11.99 39.56 -8.30
C SER H 291 -11.33 40.92 -8.09
N PHE H 292 -10.58 41.37 -9.09
CA PHE H 292 -9.94 42.68 -9.01
C PHE H 292 -10.96 43.81 -9.18
N ALA H 293 -12.15 43.47 -9.67
CA ALA H 293 -13.21 44.46 -9.85
C ALA H 293 -14.06 44.67 -8.58
N GLN H 294 -13.99 43.71 -7.64
CA GLN H 294 -14.90 43.71 -6.49
C GLN H 294 -14.14 43.55 -5.17
N GLY H 295 -14.57 44.26 -4.13
CA GLY H 295 -14.03 44.07 -2.80
C GLY H 295 -13.05 45.15 -2.36
N PRO H 296 -12.50 45.00 -1.15
CA PRO H 296 -11.62 45.95 -0.45
C PRO H 296 -10.27 46.17 -1.12
N LEU H 297 -9.79 45.19 -1.88
CA LEU H 297 -8.52 45.36 -2.58
C LEU H 297 -8.75 45.94 -3.98
N LYS H 298 -10.00 46.33 -4.21
CA LYS H 298 -10.45 46.85 -5.50
C LYS H 298 -9.41 47.75 -6.16
N ASP H 299 -8.97 48.82 -5.50
CA ASP H 299 -8.04 49.75 -6.14
C ASP H 299 -6.69 49.78 -5.43
N ALA H 300 -6.26 48.62 -4.95
CA ALA H 300 -5.01 48.52 -4.20
C ALA H 300 -3.80 48.34 -5.13
N PRO H 301 -2.73 49.10 -4.87
CA PRO H 301 -1.48 49.05 -5.64
C PRO H 301 -0.54 47.94 -5.19
N ASN H 302 0.41 47.60 -6.07
CA ASN H 302 1.45 46.62 -5.77
C ASN H 302 0.95 45.31 -5.21
N LEU H 303 -0.13 44.81 -5.81
CA LEU H 303 -0.80 43.60 -5.34
C LEU H 303 -0.67 42.46 -6.35
N ILE H 304 -0.27 41.29 -5.86
CA ILE H 304 -0.38 40.08 -6.67
C ILE H 304 -1.41 39.15 -6.05
N CYS H 305 -2.25 38.56 -6.89
CA CYS H 305 -3.22 37.59 -6.42
C CYS H 305 -3.32 36.41 -7.36
N THR H 306 -3.49 35.23 -6.77
CA THR H 306 -3.78 34.00 -7.50
C THR H 306 -5.02 33.36 -6.87
N PRO H 307 -5.79 32.60 -7.66
CA PRO H 307 -7.08 32.07 -7.18
C PRO H 307 -6.98 30.75 -6.41
N HIS H 308 -6.20 30.72 -5.32
CA HIS H 308 -6.07 29.52 -4.50
C HIS H 308 -5.48 28.32 -5.24
N THR H 309 -4.32 28.52 -5.86
CA THR H 309 -3.69 27.49 -6.67
C THR H 309 -2.34 27.01 -6.12
N ALA H 310 -1.90 27.53 -4.97
CA ALA H 310 -0.60 27.16 -4.43
C ALA H 310 -0.45 25.63 -4.38
N TRP H 311 -1.55 24.96 -4.04
CA TRP H 311 -1.57 23.51 -3.82
C TRP H 311 -1.47 22.70 -5.07
N TYR H 312 -1.90 23.26 -6.18
CA TYR H 312 -2.24 22.45 -7.34
C TYR H 312 -1.08 21.90 -8.21
N SER H 313 -1.13 20.60 -8.45
CA SER H 313 -0.39 19.97 -9.55
C SER H 313 -1.22 18.72 -9.91
N GLU H 314 -1.03 18.18 -11.11
CA GLU H 314 -1.75 16.96 -11.52
C GLU H 314 -1.50 15.86 -10.48
N GLN H 315 -0.25 15.70 -10.08
CA GLN H 315 0.11 14.65 -9.12
C GLN H 315 -0.47 14.88 -7.75
N ALA H 316 -0.44 16.13 -7.28
CA ALA H 316 -0.92 16.44 -5.94
C ALA H 316 -2.45 16.28 -5.86
N SER H 317 -3.15 16.78 -6.86
CA SER H 317 -4.60 16.74 -6.90
C SER H 317 -5.08 15.28 -6.86
N LEU H 318 -4.45 14.47 -7.70
CA LEU H 318 -4.69 13.03 -7.76
C LEU H 318 -4.34 12.34 -6.45
N GLU H 319 -3.17 12.65 -5.91
CA GLU H 319 -2.71 12.00 -4.71
C GLU H 319 -3.70 12.20 -3.58
N MET H 320 -4.15 13.44 -3.40
CA MET H 320 -4.98 13.75 -2.24
C MET H 320 -6.40 13.18 -2.41
N ARG H 321 -6.90 13.15 -3.63
CA ARG H 321 -8.21 12.57 -3.84
C ARG H 321 -8.19 11.09 -3.47
N GLU H 322 -7.16 10.40 -3.95
CA GLU H 322 -6.95 8.99 -3.63
C GLU H 322 -6.81 8.75 -2.12
N ALA H 323 -6.09 9.65 -1.45
CA ALA H 323 -5.88 9.54 -0.01
C ALA H 323 -7.20 9.72 0.74
N ALA H 324 -8.05 10.63 0.24
CA ALA H 324 -9.33 10.94 0.86
C ALA H 324 -10.29 9.77 0.76
N ALA H 325 -10.40 9.21 -0.44
CA ALA H 325 -11.23 8.05 -0.68
C ALA H 325 -10.75 6.90 0.20
N THR H 326 -9.43 6.76 0.31
CA THR H 326 -8.85 5.68 1.10
C THR H 326 -9.20 5.87 2.58
N GLU H 327 -9.23 7.12 3.03
CA GLU H 327 -9.59 7.41 4.41
C GLU H 327 -11.04 7.01 4.65
N ILE H 328 -11.93 7.37 3.73
CA ILE H 328 -13.32 6.95 3.83
C ILE H 328 -13.45 5.44 3.92
N ARG H 329 -12.68 4.75 3.07
CA ARG H 329 -12.70 3.29 3.04
C ARG H 329 -12.38 2.72 4.41
N ARG H 330 -11.36 3.29 5.06
CA ARG H 330 -10.98 2.84 6.38
C ARG H 330 -12.10 3.09 7.37
N ALA H 331 -12.76 4.23 7.25
CA ALA H 331 -13.82 4.58 8.18
C ALA H 331 -14.94 3.54 8.12
N ILE H 332 -15.21 3.03 6.92
CA ILE H 332 -16.28 2.06 6.71
C ILE H 332 -15.91 0.68 7.22
N THR H 333 -14.75 0.20 6.81
CA THR H 333 -14.30 -1.14 7.12
C THR H 333 -13.72 -1.29 8.52
N GLY H 334 -13.45 -0.20 9.20
CA GLY H 334 -12.70 -0.30 10.45
C GLY H 334 -13.38 0.39 11.64
N ARG H 335 -12.55 0.75 12.60
CA ARG H 335 -13.02 1.46 13.77
C ARG H 335 -12.82 2.96 13.64
N ILE H 336 -13.85 3.71 14.02
CA ILE H 336 -13.77 5.15 14.06
C ILE H 336 -13.54 5.61 15.51
N PRO H 337 -12.48 6.39 15.77
CA PRO H 337 -11.51 7.02 14.86
C PRO H 337 -10.15 6.31 14.78
N GLU H 338 -9.98 5.19 15.47
CA GLU H 338 -8.68 4.52 15.60
C GLU H 338 -8.06 4.06 14.28
N SER H 339 -8.89 3.67 13.32
CA SER H 339 -8.39 3.20 12.03
C SER H 339 -8.00 4.37 11.13
N LEU H 340 -8.38 5.57 11.53
CA LEU H 340 -8.19 6.73 10.68
C LEU H 340 -6.73 7.15 10.73
N ARG H 341 -6.22 7.59 9.58
CA ARG H 341 -4.81 7.98 9.46
C ARG H 341 -4.63 9.42 9.93
N ASN H 342 -5.56 10.30 9.52
CA ASN H 342 -5.47 11.72 9.80
C ASN H 342 -6.76 12.36 10.33
N CYS H 343 -7.20 11.87 11.48
CA CYS H 343 -8.36 12.44 12.14
C CYS H 343 -7.91 13.61 13.01
N VAL H 344 -8.51 14.78 12.77
CA VAL H 344 -8.09 16.02 13.43
C VAL H 344 -8.98 16.41 14.60
N ASN H 345 -9.92 15.54 14.96
CA ASN H 345 -10.89 15.91 16.01
C ASN H 345 -11.22 14.81 17.00
N LYS H 346 -10.23 14.33 17.75
CA LYS H 346 -10.50 13.49 18.91
C LYS H 346 -11.00 14.34 20.11
N GLU H 347 -12.15 14.98 19.93
CA GLU H 347 -13.06 15.45 20.99
C GLU H 347 -14.33 14.72 20.61
N PHE H 348 -14.10 13.45 20.28
CA PHE H 348 -15.07 12.62 19.60
C PHE H 348 -16.15 12.01 20.53
N PHE H 349 -17.35 11.78 19.98
CA PHE H 349 -18.51 11.29 20.73
C PHE H 349 -18.71 11.99 22.08
PA NAD I . 0.07 -22.28 -9.25
O1A NAD I . 1.56 -22.30 -9.12
O2A NAD I . -0.75 -21.51 -8.25
O5B NAD I . -0.46 -23.80 -9.23
C5B NAD I . -0.05 -24.74 -10.20
C4B NAD I . -0.01 -26.10 -9.53
O4B NAD I . 0.27 -27.10 -10.50
C3B NAD I . 1.04 -26.24 -8.42
O3B NAD I . 0.45 -26.43 -7.11
C2B NAD I . 1.87 -27.43 -8.83
O2B NAD I . 2.20 -28.31 -7.77
C1B NAD I . 0.98 -28.14 -9.83
N9A NAD I . 1.73 -28.99 -10.77
C8A NAD I . 2.94 -28.77 -11.34
N7A NAD I . 3.28 -29.82 -12.14
C5A NAD I . 2.29 -30.73 -12.07
C6A NAD I . 1.98 -32.06 -12.64
N6A NAD I . 2.79 -32.72 -13.50
N1A NAD I . 0.82 -32.65 -12.29
C2A NAD I . -0.05 -32.07 -11.45
N3A NAD I . 0.17 -30.87 -10.91
C4A NAD I . 1.28 -30.17 -11.17
O3 NAD I . -0.33 -21.93 -10.77
PN NAD I . -1.53 -20.97 -11.20
O1N NAD I . -2.84 -21.56 -10.74
O2N NAD I . -1.12 -19.59 -10.78
O5D NAD I . -1.48 -21.09 -12.79
C5D NAD I . -1.35 -22.39 -13.36
C4D NAD I . -0.72 -22.31 -14.75
O4D NAD I . -1.70 -21.91 -15.70
C3D NAD I . 0.41 -21.30 -14.85
O3D NAD I . 1.66 -21.94 -14.74
C2D NAD I . 0.27 -20.68 -16.21
O2D NAD I . 1.28 -21.21 -17.07
C1D NAD I . -1.11 -21.07 -16.69
N1N NAD I . -1.96 -19.87 -16.83
C2N NAD I . -2.49 -19.56 -18.01
C3N NAD I . -3.27 -18.42 -18.12
C7N NAD I . -3.88 -18.04 -19.42
O7N NAD I . -3.85 -16.88 -19.78
N7N NAD I . -4.42 -18.98 -20.18
C4N NAD I . -3.52 -17.64 -17.01
C5N NAD I . -2.95 -18.00 -15.80
C6N NAD I . -2.17 -19.14 -15.73
C1 KMT J . 0.30 -16.08 -17.50
O1 KMT J . -0.29 -15.46 -16.59
O2 KMT J . 1.41 -16.58 -17.24
C2 KMT J . -0.28 -16.27 -18.86
O5 KMT J . -0.47 -17.42 -19.20
C3 KMT J . -0.59 -15.16 -19.83
C4 KMT J . -0.58 -13.77 -19.32
S1 KMT J . 0.38 -12.55 -20.11
C5 KMT J . 2.05 -13.12 -20.24
PA NAD K . -41.17 -20.58 -11.70
O1A NAD K . -42.65 -20.40 -11.89
O2A NAD K . -40.63 -21.50 -10.63
O5B NAD K . -40.53 -19.15 -11.41
C5B NAD K . -41.00 -18.05 -12.15
C4B NAD K . -40.90 -16.86 -11.22
O4B NAD K . -41.01 -15.62 -11.92
C3B NAD K . -42.02 -16.89 -10.19
O3B NAD K . -41.39 -16.97 -8.89
C2B NAD K . -42.80 -15.61 -10.43
O2B NAD K . -43.22 -14.98 -9.23
C1B NAD K . -41.77 -14.72 -11.11
N9A NAD K . -42.37 -13.63 -11.94
C8A NAD K . -43.49 -13.70 -12.68
N7A NAD K . -43.71 -12.52 -13.30
C5A NAD K . -42.74 -11.68 -12.94
C6A NAD K . -42.41 -10.29 -13.25
N6A NAD K . -43.22 -9.61 -14.08
N1A NAD K . -41.30 -9.77 -12.68
C2A NAD K . -40.52 -10.49 -11.86
N3A NAD K . -40.77 -11.77 -11.54
C4A NAD K . -41.84 -12.41 -12.04
O3 NAD K . -40.59 -20.92 -13.17
PN NAD K . -39.15 -21.52 -13.56
O1N NAD K . -38.00 -20.81 -12.92
O2N NAD K . -39.24 -23.03 -13.57
O5D NAD K . -39.20 -21.10 -15.08
C5D NAD K . -39.41 -19.74 -15.34
C4D NAD K . -39.66 -19.62 -16.81
O4D NAD K . -38.50 -20.03 -17.50
C3D NAD K . -40.78 -20.52 -17.34
O3D NAD K . -42.01 -19.79 -17.42
C2D NAD K . -40.34 -20.89 -18.72
O2D NAD K . -41.15 -20.21 -19.67
C1D NAD K . -38.89 -20.45 -18.79
N1N NAD K . -38.03 -21.55 -19.16
C2N NAD K . -37.37 -21.54 -20.30
C3N NAD K . -36.55 -22.61 -20.63
C7N NAD K . -35.79 -22.63 -21.92
O7N NAD K . -35.78 -23.68 -22.53
N7N NAD K . -35.20 -21.53 -22.37
C4N NAD K . -36.45 -23.69 -19.76
C5N NAD K . -37.17 -23.67 -18.58
C6N NAD K . -37.95 -22.57 -18.30
C1 KMT L . -40.04 -25.14 -20.59
O1 KMT L . -41.00 -24.38 -20.35
O2 KMT L . -39.81 -26.18 -19.93
C2 KMT L . -39.17 -24.81 -21.72
O5 KMT L . -39.01 -23.65 -21.97
C3 KMT L . -38.56 -25.90 -22.51
C4 KMT L . -39.22 -27.23 -22.36
S1 KMT L . -39.98 -27.96 -23.76
C5 KMT L . -41.61 -27.31 -24.08
PA NAD M . -42.41 -22.01 6.20
O1A NAD M . -43.86 -21.78 5.95
O2A NAD M . -41.44 -21.17 5.42
O5B NAD M . -42.08 -23.55 5.86
C5B NAD M . -42.44 -24.67 6.67
C4B NAD M . -42.45 -25.89 5.74
O4B NAD M . -42.79 -27.10 6.44
C3B NAD M . -43.46 -25.73 4.62
O3B NAD M . -42.77 -25.72 3.37
C2B NAD M . -44.42 -26.88 4.81
O2B NAD M . -44.89 -27.40 3.56
C1B NAD M . -43.59 -27.89 5.58
N9A NAD M . -44.42 -28.89 6.31
C8A NAD M . -45.63 -28.70 6.87
N7A NAD M . -46.10 -29.86 7.43
C5A NAD M . -45.18 -30.81 7.21
C6A NAD M . -45.02 -32.26 7.52
N6A NAD M . -45.97 -32.93 8.20
N1A NAD M . -43.88 -32.88 7.11
C2A NAD M . -42.94 -32.22 6.43
N3A NAD M . -43.02 -30.91 6.13
C4A NAD M . -44.08 -30.16 6.47
O3 NAD M . -42.11 -21.93 7.76
PN NAD M . -40.69 -21.43 8.29
O1N NAD M . -39.60 -22.24 7.64
O2N NAD M . -40.62 -19.90 8.33
O5D NAD M . -40.82 -21.91 9.80
C5D NAD M . -40.81 -23.28 10.12
C4D NAD M . -41.42 -23.40 11.51
O4D NAD M . -40.37 -23.19 12.45
C3D NAD M . -42.47 -22.36 11.87
O3D NAD M . -43.78 -22.84 11.64
C2D NAD M . -42.29 -22.10 13.35
O2D NAD M . -43.25 -22.83 14.11
C1D NAD M . -40.89 -22.62 13.65
N1N NAD M . -40.01 -21.55 14.09
C2N NAD M . -39.45 -21.64 15.29
C3N NAD M . -38.61 -20.65 15.75
C7N NAD M . -37.99 -20.79 17.13
O7N NAD M . -37.61 -19.77 17.69
N7N NAD M . -37.88 -21.97 17.72
C4N NAD M . -38.37 -19.55 14.94
C5N NAD M . -38.97 -19.48 13.68
C6N NAD M . -39.80 -20.52 13.28
C1 KMT N . -42.26 -18.15 15.93
O1 KMT N . -41.78 -17.21 15.28
O2 KMT N . -43.30 -18.69 15.52
C2 KMT N . -41.60 -18.59 17.16
O5 KMT N . -41.64 -19.75 17.48
C3 KMT N . -40.90 -17.59 18.02
C4 KMT N . -41.04 -16.16 17.65
S1 KMT N . -41.87 -15.15 18.80
C5 KMT N . -43.60 -15.48 18.75
PA NAD O . -1.20 -24.65 8.74
O1A NAD O . 0.30 -24.86 8.80
O2A NAD O . -2.00 -25.26 7.63
O5B NAD O . -1.48 -23.08 8.69
C5B NAD O . -1.00 -22.23 9.73
C4B NAD O . -0.91 -20.81 9.18
O4B NAD O . -0.62 -19.86 10.20
C3B NAD O . 0.21 -20.67 8.16
O3B NAD O . -0.37 -20.36 6.89
C2B NAD O . 1.08 -19.55 8.67
O2B NAD O . 1.53 -18.72 7.62
C1B NAD O . 0.14 -18.81 9.61
N9A NAD O . 0.78 -18.06 10.69
C8A NAD O . 1.74 -18.49 11.51
N7A NAD O . 2.06 -17.53 12.42
C5A NAD O . 1.28 -16.47 12.16
C6A NAD O . 1.10 -15.14 12.72
N6A NAD O . 1.83 -14.71 13.76
N1A NAD O . 0.17 -14.34 12.15
C2A NAD O . -0.58 -14.73 11.12
N3A NAD O . -0.46 -15.94 10.56
C4A NAD O . 0.44 -16.83 11.02
O3 NAD O . -1.75 -25.14 10.17
PN NAD O . -3.24 -25.59 10.55
O1N NAD O . -4.18 -24.43 10.31
O2N NAD O . -3.54 -27.00 10.07
O5D NAD O . -3.02 -25.67 12.13
C5D NAD O . -3.11 -24.44 12.80
C4D NAD O . -2.83 -24.71 14.26
O4D NAD O . -4.03 -25.09 14.92
C3D NAD O . -1.86 -25.85 14.50
O3D NAD O . -0.50 -25.38 14.48
C2D NAD O . -2.27 -26.35 15.86
O2D NAD O . -1.54 -25.68 16.88
C1D NAD O . -3.71 -25.93 16.03
N1N NAD O . -4.58 -27.09 16.01
C2N NAD O . -5.25 -27.39 17.12
C3N NAD O . -6.09 -28.48 17.14
C7N NAD O . -6.85 -28.83 18.37
O7N NAD O . -7.19 -29.97 18.54
N7N NAD O . -7.13 -27.85 19.26
C4N NAD O . -6.22 -29.26 16.00
C5N NAD O . -5.50 -28.92 14.86
C6N NAD O . -4.68 -27.81 14.90
C1 KMT P . -2.73 -30.79 16.84
O1 KMT P . -1.55 -30.34 16.76
O2 KMT P . -3.23 -31.44 15.88
C2 KMT P . -3.53 -30.56 18.08
O5 KMT P . -3.64 -29.47 18.57
C3 KMT P . -4.21 -31.68 18.77
C4 KMT P . -4.12 -33.10 18.11
S1 KMT P . -3.41 -34.39 19.09
C5 KMT P . -1.72 -34.01 19.44
PA NAD Q . 12.44 12.99 19.83
O1A NAD Q . 11.48 12.59 20.92
O2A NAD Q . 12.25 14.33 19.14
O5B NAD Q . 12.51 11.90 18.66
C5B NAD Q . 12.02 10.60 18.91
C4B NAD Q . 11.48 10.08 17.60
O4B NAD Q . 11.73 8.68 17.51
C3B NAD Q . 9.98 10.31 17.51
O3B NAD Q . 9.69 11.03 16.30
C2B NAD Q . 9.40 8.91 17.55
O2B NAD Q . 8.22 8.74 16.75
C1B NAD Q . 10.55 8.06 17.02
N9A NAD Q . 10.45 6.66 17.48
C8A NAD Q . 10.19 6.25 18.74
N7A NAD Q . 10.17 4.90 18.78
C5A NAD Q . 10.40 4.45 17.52
C6A NAD Q . 10.49 3.14 16.85
N6A NAD Q . 10.34 2.00 17.54
N1A NAD Q . 10.73 3.13 15.53
C2A NAD Q . 10.89 4.26 14.82
N3A NAD Q . 10.81 5.48 15.37
C4A NAD Q . 10.57 5.63 16.68
O3 NAD Q . 13.87 12.75 20.52
PN NAD Q . 15.37 13.09 20.00
O1N NAD Q . 15.51 12.81 18.54
O2N NAD Q . 15.74 14.45 20.57
O5D NAD Q . 16.12 11.98 20.88
C5D NAD Q . 16.43 10.70 20.36
C4D NAD Q . 16.92 9.81 21.51
O4D NAD Q . 18.35 9.72 21.54
C3D NAD Q . 16.51 10.28 22.88
O3D NAD Q . 15.29 9.64 23.24
C2D NAD Q . 17.64 9.89 23.80
O2D NAD Q . 17.37 8.64 24.47
C1D NAD Q . 18.83 9.69 22.88
N1N NAD Q . 19.84 10.75 23.09
C2N NAD Q . 21.10 10.45 23.42
C3N NAD Q . 22.05 11.46 23.62
C7N NAD Q . 23.47 11.12 23.98
O7N NAD Q . 23.99 11.68 24.91
N7N NAD Q . 24.12 10.19 23.29
C4N NAD Q . 21.68 12.78 23.44
C5N NAD Q . 20.36 13.05 23.10
C6N NAD Q . 19.46 12.02 22.92
C1 KMT R . 20.04 12.33 26.71
O1 KMT R . 18.93 11.96 27.17
O2 KMT R . 20.11 13.37 26.00
C2 KMT R . 21.27 11.55 26.99
O5 KMT R . 21.27 10.38 26.67
C3 KMT R . 22.45 12.17 27.65
C4 KMT R . 22.28 13.55 28.22
S1 KMT R . 22.48 13.74 29.96
C5 KMT R . 21.41 12.61 30.81
PA NAD S . 42.55 22.88 -7.00
O1A NAD S . 43.52 22.79 -8.13
O2A NAD S . 41.09 22.67 -7.29
O5B NAD S . 42.70 24.36 -6.42
C5B NAD S . 43.56 24.60 -5.32
C4B NAD S . 43.30 26.02 -4.89
O4B NAD S . 44.31 26.47 -3.99
C3B NAD S . 43.31 26.93 -6.11
O3B NAD S . 42.03 27.54 -6.32
C2B NAD S . 44.41 27.92 -5.80
O2B NAD S . 44.13 29.24 -6.24
C1B NAD S . 44.49 27.84 -4.29
N9A NAD S . 45.76 28.37 -3.79
C8A NAD S . 46.98 28.21 -4.34
N7A NAD S . 47.94 28.86 -3.63
C5A NAD S . 47.32 29.46 -2.60
C6A NAD S . 47.72 30.31 -1.46
N6A NAD S . 49.01 30.62 -1.31
N1A NAD S . 46.75 30.74 -0.61
C2A NAD S . 45.46 30.42 -0.77
N3A NAD S . 45.02 29.65 -1.78
C4A NAD S . 45.87 29.16 -2.71
O3 NAD S . 43.07 21.94 -5.79
PN NAD S . 42.28 20.63 -5.27
O1N NAD S . 41.05 21.11 -4.52
O2N NAD S . 42.12 19.61 -6.39
O5D NAD S . 43.27 20.02 -4.19
C5D NAD S . 43.91 20.87 -3.28
C4D NAD S . 45.22 20.22 -2.86
O4D NAD S . 44.97 19.29 -1.79
C3D NAD S . 45.89 19.39 -3.95
O3D NAD S . 46.82 20.15 -4.71
C2D NAD S . 46.58 18.27 -3.21
O2D NAD S . 47.94 18.55 -2.93
C1D NAD S . 45.83 18.15 -1.90
N1N NAD S . 45.13 16.83 -1.88
C2N NAD S . 45.38 16.00 -0.86
C3N NAD S . 44.76 14.76 -0.81
C7N NAD S . 45.05 13.83 0.32
O7N NAD S . 44.92 12.65 0.12
N7N NAD S . 45.44 14.31 1.50
C4N NAD S . 43.90 14.40 -1.82
C5N NAD S . 43.67 15.29 -2.86
C6N NAD S . 44.30 16.51 -2.86
C1 KMT T . 46.58 13.64 -4.77
O1 KMT T . 45.40 13.48 -5.16
O2 KMT T . 47.42 14.20 -5.51
C2 KMT T . 46.98 13.15 -3.42
O5 KMT T . 47.36 13.95 -2.57
C3 KMT T . 46.93 11.70 -3.10
C4 KMT T . 46.49 10.77 -4.18
S1 KMT T . 47.59 9.47 -4.64
C5 KMT T . 48.97 10.14 -5.52
PA NAD U . 30.80 33.27 -16.34
O1A NAD U . 31.97 33.80 -17.13
O2A NAD U . 30.84 33.18 -14.85
O5B NAD U . 30.53 31.82 -16.89
C5B NAD U . 30.17 31.69 -18.24
C4B NAD U . 30.21 30.22 -18.56
O4B NAD U . 29.63 29.99 -19.83
C3B NAD U . 31.64 29.71 -18.60
O3B NAD U . 31.86 28.71 -17.60
C2B NAD U . 31.80 29.20 -20.02
O2B NAD U . 32.57 28.01 -20.11
C1B NAD U . 30.37 28.90 -20.37
N9A NAD U . 30.12 28.75 -21.81
C8A NAD U . 30.51 29.58 -22.80
N7A NAD U . 30.08 29.09 -24.00
C5A NAD U . 29.42 27.94 -23.76
C6A NAD U . 28.73 26.92 -24.58
N6A NAD U . 28.65 27.05 -25.92
N1A NAD U . 28.18 25.87 -23.93
C2A NAD U . 28.24 25.73 -22.60
N3A NAD U . 28.86 26.61 -21.80
C4A NAD U . 29.46 27.71 -22.32
O3 NAD U . 29.47 34.03 -16.82
PN NAD U . 28.29 34.49 -15.83
O1N NAD U . 27.61 33.30 -15.22
O2N NAD U . 28.76 35.59 -14.92
O5D NAD U . 27.34 35.18 -16.90
C5D NAD U . 26.73 34.37 -17.87
C4D NAD U . 26.17 35.27 -18.95
O4D NAD U . 24.83 35.68 -18.65
C3D NAD U . 26.97 36.54 -19.18
O3D NAD U . 27.87 36.35 -20.25
C2D NAD U . 25.95 37.58 -19.55
O2D NAD U . 25.90 37.71 -20.97
C1D NAD U . 24.63 37.02 -19.09
N1N NAD U . 24.15 37.79 -17.96
C2N NAD U . 22.95 38.35 -18.04
C3N NAD U . 22.44 39.09 -16.96
C7N NAD U . 21.09 39.72 -17.04
O7N NAD U . 20.75 40.49 -16.16
N7N NAD U . 20.26 39.47 -18.06
C4N NAD U . 23.23 39.23 -15.82
C5N NAD U . 24.48 38.62 -15.79
C6N NAD U . 24.92 37.89 -16.88
C1 KMT V . 25.43 41.98 -17.53
O1 KMT V . 25.74 41.96 -16.31
O2 KMT V . 26.31 41.76 -18.40
C2 KMT V . 24.04 42.27 -17.94
O5 KMT V . 23.52 41.66 -18.85
C3 KMT V . 23.28 43.33 -17.21
C4 KMT V . 24.05 44.53 -16.78
S1 KMT V . 23.64 46.08 -17.50
C5 KMT V . 24.71 46.37 -18.86
PA NAD W . 0.54 22.30 9.46
O1A NAD W . -0.38 21.70 10.49
O2A NAD W . 1.62 21.46 8.88
O5B NAD W . 1.25 23.57 10.13
C5B NAD W . 0.54 24.73 10.54
C4B NAD W . 1.29 25.41 11.67
O4B NAD W . 0.68 26.68 11.98
C3B NAD W . 1.26 24.57 12.94
O3B NAD W . 2.56 24.15 13.36
C2B NAD W . 0.62 25.47 13.98
O2B NAD W . 1.21 25.30 15.25
C1B NAD W . 0.83 26.85 13.38
N9A NAD W . -0.10 27.85 13.93
C8A NAD W . -1.40 27.70 14.25
N7A NAD W . -1.91 28.84 14.75
C5A NAD W . -0.92 29.75 14.78
C6A NAD W . -0.76 31.15 15.19
N6A NAD W . -1.81 31.84 15.70
N1A NAD W . 0.46 31.74 15.04
C2A NAD W . 1.51 31.08 14.54
N3A NAD W . 1.43 29.81 14.16
C4A NAD W . 0.27 29.10 14.24
O3 NAD W . -0.30 22.99 8.28
PN NAD W . 0.34 23.05 6.81
O1N NAD W . 1.75 23.56 6.93
O2N NAD W . 0.09 21.76 6.06
O5D NAD W . -0.58 24.11 6.09
C5D NAD W . -0.73 25.39 6.66
C4D NAD W . -2.06 25.97 6.22
O4D NAD W . -1.92 26.38 4.88
C3D NAD W . -3.19 24.97 6.22
O3D NAD W . -3.93 25.04 7.43
C2D NAD W . -4.05 25.35 5.03
O2D NAD W . -5.27 25.94 5.48
C1D NAD W . -3.16 26.29 4.22
N1N NAD W . -2.83 25.73 2.92
C2N NAD W . -3.16 26.35 1.79
C3N NAD W . -2.83 25.80 0.57
C7N NAD W . -3.20 26.47 -0.72
O7N NAD W . -3.35 25.79 -1.71
N7N NAD W . -3.35 27.80 -0.75
C4N NAD W . -2.14 24.59 0.53
C5N NAD W . -1.81 23.97 1.71
C6N NAD W . -2.16 24.57 2.91
C1 KMT X . -5.97 22.87 1.36
O1 KMT X . -6.63 22.80 2.43
O2 KMT X . -5.18 21.95 1.00
C2 KMT X . -6.14 24.03 0.50
O5 KMT X . -6.00 25.12 0.99
C3 KMT X . -6.53 23.85 -0.92
C4 KMT X . -6.78 22.47 -1.42
S1 KMT X . -8.36 22.07 -2.02
C5 KMT X . -9.42 22.08 -0.61
#